data_8YGA
#
_entry.id   8YGA
#
_cell.length_a   1.00
_cell.length_b   1.00
_cell.length_c   1.00
_cell.angle_alpha   90.00
_cell.angle_beta   90.00
_cell.angle_gamma   90.00
#
_symmetry.space_group_name_H-M   'P 1'
#
_entity_poly.entity_id   1
_entity_poly.type   'polypeptide(L)'
_entity_poly.pdbx_seq_one_letter_code
;MVKVDLESKRYGEKLKEVFLMLDNNVVECIKEITESSRNGKLVFFVGAGVSTLSDYPQWWRLVDKYHEELYGSPKKGNYS
SDEYLRIPQIFYNVKGEMAFDGILKDFFQVDKPTNPIHDKILAMNPAHVITTNYDNLIDTACWKRGKYFSVISAEEDVAN
ATSSRYLLKVAGDFRKGFKGENVVLKEDDYLNYDQNYPLISNLMKTIIATHTIVFIGYGLGDYNINMLLNWVRKLQKDSF
HKPFFIRTDPSPIENETLIYYENKGLRIIDAASLIDSNEYDYLERYSAVMDLLIESQENKFITKDDEVIDYIYGKISPLF
ALQYIRKIDLKHVFEYDYHFEVNGTVVRHKNKGFGYMERFFELKESCDERSKLSKKQYERFNALFNFFEKNGVICMAKDA
GTLNTSIEINSLAYHGKYDVMKKFIEEQSVSIEDDYKKAFFLACLGRWEESYDLYSNIILNSIDESNGCVYYLSQINRYR
IYQSITQAVTQFNGLGLLTFGRHYKPFTDEFLARIEREMTNFNIDDLFNGMPFEFQKKYKILEFLSDNQFLYDDTVKLFE
LTNKVRSEMSEGSYSFGMSSDIVVLLRLYDNLRFLYENCLWSVSFHEFHQYIRNSMSLLIEKAEYERTRDIDELGFSFFG
KKSGFFMEYYDFVNISRHFKIDDIKNLERSCSIDKIRFGEQEKIEEYLVGIAEEITKQFSANGMNVVFYTQFISEAKAAL
YFAKYVKLSEEGLGKIVKALLFYFPERDLDIGKRYVWLERLTKCNELPKSIISIIDDFLVLQAEKHIDQNYSEVSSNGLY
SRDYGALIKHFEKNFISKRLSEITLCLTQDKQKQIDFLFKLLPLLSTNAKSHLLSFKSVENINDLMNGIRIGLIDEFTPE
HEELIIEYLETRKVNYIVEKEKGIQTFSSNDYMSTFGIWYFLEEINNSKMEEFIGMDDQYDFFVDPENFDYKKFIPSWLK
NYNDKLLGKIAGNKHMKHHVIEVLKERVKNSNDKRYLEILMNYFI
;
_entity_poly.pdbx_strand_id   A,B,C,D
#
# COMPACT_ATOMS: atom_id res chain seq x y z
N TYR A 11 25.25 -6.85 48.72
CA TYR A 11 24.66 -6.45 47.45
C TYR A 11 23.30 -7.12 47.24
N GLY A 12 23.19 -8.36 47.72
CA GLY A 12 21.93 -9.08 47.57
C GLY A 12 20.80 -8.43 48.36
N GLU A 13 21.09 -7.97 49.58
CA GLU A 13 20.08 -7.30 50.39
C GLU A 13 19.71 -5.95 49.80
N LYS A 14 20.67 -5.27 49.17
CA LYS A 14 20.36 -4.05 48.44
C LYS A 14 19.32 -4.32 47.36
N LEU A 15 19.55 -5.36 46.55
CA LEU A 15 18.59 -5.72 45.53
C LEU A 15 17.26 -6.14 46.16
N LYS A 16 17.30 -6.78 47.33
CA LYS A 16 16.06 -7.17 47.99
C LYS A 16 15.23 -5.96 48.39
N GLU A 17 15.86 -4.96 49.01
CA GLU A 17 15.12 -3.76 49.38
C GLU A 17 14.62 -3.03 48.14
N VAL A 18 15.44 -2.97 47.08
CA VAL A 18 14.97 -2.41 45.83
C VAL A 18 13.71 -3.14 45.36
N PHE A 19 13.74 -4.47 45.42
CA PHE A 19 12.57 -5.26 45.05
C PHE A 19 11.36 -4.89 45.89
N LEU A 20 11.57 -4.61 47.17
CA LEU A 20 10.47 -4.13 47.99
C LEU A 20 9.93 -2.80 47.50
N MET A 21 10.79 -1.93 46.99
CA MET A 21 10.28 -0.65 46.49
C MET A 21 9.92 -0.65 45.00
N LEU A 22 9.99 -1.80 44.31
CA LEU A 22 9.49 -1.84 42.94
C LEU A 22 7.97 -1.85 42.88
N ASP A 23 7.44 -1.15 41.88
CA ASP A 23 6.03 -1.24 41.53
C ASP A 23 5.73 -2.63 40.97
N ASN A 24 4.45 -3.01 41.02
CA ASN A 24 4.05 -4.31 40.49
C ASN A 24 4.31 -4.40 39.00
N ASN A 25 4.31 -3.26 38.30
CA ASN A 25 4.64 -3.27 36.87
C ASN A 25 6.01 -3.89 36.65
N VAL A 26 7.01 -3.41 37.39
CA VAL A 26 8.38 -3.88 37.20
C VAL A 26 8.47 -5.36 37.53
N VAL A 27 7.83 -5.79 38.63
CA VAL A 27 7.96 -7.18 39.05
C VAL A 27 7.28 -8.11 38.05
N GLU A 28 6.14 -7.68 37.49
CA GLU A 28 5.49 -8.48 36.47
C GLU A 28 6.35 -8.58 35.22
N CYS A 29 6.98 -7.46 34.83
CA CYS A 29 7.91 -7.51 33.71
C CYS A 29 9.05 -8.47 34.00
N ILE A 30 9.57 -8.45 35.22
CA ILE A 30 10.66 -9.35 35.60
C ILE A 30 10.21 -10.79 35.46
N LYS A 31 9.01 -11.10 35.96
CA LYS A 31 8.53 -12.48 35.91
C LYS A 31 8.37 -12.96 34.48
N GLU A 32 7.73 -12.13 33.64
CA GLU A 32 7.56 -12.52 32.25
C GLU A 32 8.89 -12.70 31.54
N ILE A 33 9.85 -11.80 31.82
CA ILE A 33 11.15 -11.90 31.18
C ILE A 33 11.86 -13.16 31.61
N THR A 34 11.83 -13.48 32.90
CA THR A 34 12.48 -14.68 33.39
C THR A 34 11.87 -15.92 32.76
N GLU A 35 10.55 -15.98 32.71
CA GLU A 35 9.88 -17.12 32.09
C GLU A 35 10.29 -17.26 30.64
N SER A 36 10.30 -16.15 29.90
CA SER A 36 10.68 -16.20 28.50
C SER A 36 12.11 -16.68 28.33
N SER A 37 12.99 -16.26 29.24
CA SER A 37 14.37 -16.72 29.16
C SER A 37 14.46 -18.22 29.40
N ARG A 38 13.62 -18.74 30.29
CA ARG A 38 13.70 -20.17 30.59
C ARG A 38 13.41 -21.02 29.36
N ASN A 39 12.38 -20.70 28.59
CA ASN A 39 11.97 -21.54 27.48
C ASN A 39 12.72 -21.22 26.20
N GLY A 40 13.71 -20.34 26.25
CA GLY A 40 14.48 -20.02 25.05
C GLY A 40 13.69 -19.29 24.00
N LYS A 41 12.80 -18.40 24.41
CA LYS A 41 12.02 -17.57 23.50
C LYS A 41 12.26 -16.10 23.79
N LEU A 42 13.52 -15.73 23.99
CA LEU A 42 13.92 -14.36 24.29
C LEU A 42 14.96 -13.90 23.29
N VAL A 43 14.88 -12.66 22.86
CA VAL A 43 15.86 -12.05 21.98
C VAL A 43 16.10 -10.61 22.42
N PHE A 44 17.34 -10.17 22.28
CA PHE A 44 17.76 -8.84 22.70
C PHE A 44 17.98 -7.95 21.48
N PHE A 45 17.89 -6.65 21.71
CA PHE A 45 18.26 -5.63 20.73
C PHE A 45 19.35 -4.78 21.34
N VAL A 46 20.60 -5.10 21.05
CA VAL A 46 21.74 -4.36 21.56
C VAL A 46 22.17 -3.35 20.51
N GLY A 47 22.47 -2.13 20.94
CA GLY A 47 22.67 -1.02 20.02
C GLY A 47 23.90 -0.15 20.25
N ALA A 48 23.86 1.06 19.68
CA ALA A 48 25.07 1.88 19.59
C ALA A 48 25.58 2.30 20.96
N GLY A 49 24.68 2.62 21.88
CA GLY A 49 25.12 3.08 23.19
C GLY A 49 25.99 2.07 23.90
N VAL A 50 25.65 0.79 23.77
CA VAL A 50 26.48 -0.25 24.36
C VAL A 50 27.88 -0.17 23.81
N SER A 51 28.02 0.12 22.51
CA SER A 51 29.34 0.39 21.96
C SER A 51 29.93 1.65 22.55
N THR A 52 29.09 2.64 22.87
CA THR A 52 29.61 3.88 23.42
C THR A 52 30.25 3.68 24.78
N LEU A 53 29.78 2.71 25.57
CA LEU A 53 30.48 2.41 26.82
C LEU A 53 31.95 2.10 26.57
N SER A 54 32.23 1.25 25.60
CA SER A 54 33.59 0.80 25.37
C SER A 54 34.39 1.76 24.52
N ASP A 55 33.94 3.02 24.44
CA ASP A 55 34.68 4.10 23.78
C ASP A 55 34.76 3.78 22.29
N TYR A 56 33.77 3.07 21.76
CA TYR A 56 33.71 2.91 20.33
C TYR A 56 33.31 4.24 19.69
N PRO A 57 33.90 4.61 18.56
CA PRO A 57 33.66 5.95 18.00
C PRO A 57 32.19 6.18 17.70
N GLN A 58 31.67 7.29 18.24
CA GLN A 58 30.29 7.66 18.02
C GLN A 58 30.13 8.30 16.63
N TRP A 59 28.87 8.39 16.20
CA TRP A 59 28.60 8.96 14.89
C TRP A 59 28.92 10.44 14.80
N TRP A 60 28.81 11.16 15.92
CA TRP A 60 28.98 12.61 15.90
C TRP A 60 30.40 13.02 15.52
N ARG A 61 31.41 12.32 16.01
CA ARG A 61 32.77 12.66 15.61
C ARG A 61 32.94 12.47 14.11
N LEU A 62 32.39 11.39 13.56
CA LEU A 62 32.52 11.19 12.13
C LEU A 62 31.80 12.28 11.35
N VAL A 63 30.63 12.69 11.82
CA VAL A 63 29.90 13.70 11.06
C VAL A 63 30.63 15.04 11.12
N ASP A 64 31.22 15.39 12.26
CA ASP A 64 31.90 16.67 12.32
C ASP A 64 33.20 16.64 11.52
N LYS A 65 33.88 15.49 11.52
CA LYS A 65 35.05 15.33 10.66
C LYS A 65 34.65 15.52 9.20
N TYR A 66 33.54 14.90 8.79
CA TYR A 66 33.07 15.00 7.42
C TYR A 66 32.75 16.45 7.08
N HIS A 67 32.14 17.16 8.03
CA HIS A 67 31.90 18.59 7.83
C HIS A 67 33.20 19.34 7.63
N GLU A 68 34.20 19.11 8.49
CA GLU A 68 35.38 19.95 8.47
C GLU A 68 36.29 19.64 7.28
N GLU A 69 36.18 18.45 6.68
CA GLU A 69 36.85 18.27 5.40
C GLU A 69 36.38 19.29 4.39
N LEU A 70 35.06 19.50 4.32
CA LEU A 70 34.54 20.61 3.55
C LEU A 70 34.66 21.90 4.35
N TYR A 71 34.45 23.03 3.68
CA TYR A 71 34.51 24.33 4.34
C TYR A 71 35.84 24.56 5.03
N GLY A 72 35.88 25.51 5.97
CA GLY A 72 37.09 25.82 6.70
C GLY A 72 37.08 25.44 8.17
N SER A 73 35.94 25.59 8.83
CA SER A 73 35.88 25.39 10.28
C SER A 73 34.63 24.60 10.69
N PRO A 74 34.64 23.92 11.83
CA PRO A 74 33.44 23.20 12.26
C PRO A 74 32.28 24.14 12.53
N LYS A 75 31.07 23.64 12.29
CA LYS A 75 29.84 24.40 12.46
C LYS A 75 29.71 24.93 13.87
N LYS A 76 29.42 26.23 13.99
CA LYS A 76 29.24 26.83 15.30
C LYS A 76 27.86 26.49 15.85
N GLY A 77 27.80 26.08 17.11
CA GLY A 77 26.55 25.70 17.72
C GLY A 77 26.05 24.36 17.22
N ASN A 78 24.81 24.05 17.60
CA ASN A 78 24.18 22.82 17.14
C ASN A 78 24.06 22.83 15.63
N TYR A 79 24.38 21.70 15.01
CA TYR A 79 24.50 21.63 13.56
C TYR A 79 23.18 21.96 12.88
N SER A 80 22.19 21.08 13.04
CA SER A 80 20.88 21.23 12.44
C SER A 80 20.03 20.04 12.86
N SER A 81 18.76 20.09 12.49
CA SER A 81 17.90 18.91 12.59
C SER A 81 17.98 18.04 11.36
N ASP A 82 18.63 18.52 10.29
CA ASP A 82 18.73 17.80 9.03
C ASP A 82 20.14 17.51 8.60
N GLU A 83 21.06 18.46 8.77
CA GLU A 83 22.44 18.26 8.31
C GLU A 83 23.05 17.01 8.89
N TYR A 84 22.63 16.64 10.11
CA TYR A 84 23.13 15.41 10.73
C TYR A 84 22.90 14.22 9.84
N LEU A 85 21.86 14.28 9.00
CA LEU A 85 21.65 13.29 7.95
C LEU A 85 22.15 13.74 6.59
N ARG A 86 22.31 15.04 6.37
CA ARG A 86 22.59 15.53 5.03
C ARG A 86 24.06 15.47 4.67
N ILE A 87 24.94 15.98 5.55
CA ILE A 87 26.33 16.20 5.16
C ILE A 87 27.00 14.98 4.54
N PRO A 88 26.86 13.77 5.08
CA PRO A 88 27.61 12.64 4.49
C PRO A 88 27.30 12.42 3.02
N GLN A 89 26.02 12.58 2.63
CA GLN A 89 25.70 12.49 1.20
C GLN A 89 26.35 13.61 0.42
N ILE A 90 26.40 14.82 0.98
CA ILE A 90 27.06 15.91 0.27
C ILE A 90 28.49 15.51 -0.06
N PHE A 91 29.21 15.01 0.95
CA PHE A 91 30.60 14.62 0.72
C PHE A 91 30.67 13.52 -0.33
N TYR A 92 29.90 12.45 -0.12
CA TYR A 92 30.05 11.26 -0.96
C TYR A 92 29.74 11.57 -2.42
N ASN A 93 28.68 12.31 -2.67
CA ASN A 93 28.33 12.61 -4.06
C ASN A 93 29.29 13.63 -4.67
N VAL A 94 29.70 14.63 -3.89
CA VAL A 94 30.41 15.76 -4.48
C VAL A 94 31.90 15.49 -4.66
N LYS A 95 32.60 15.06 -3.61
CA LYS A 95 34.06 15.03 -3.68
C LYS A 95 34.62 13.69 -4.15
N GLY A 96 33.79 12.65 -4.26
CA GLY A 96 34.28 11.38 -4.73
C GLY A 96 34.11 10.23 -3.75
N GLU A 97 33.93 9.02 -4.28
CA GLU A 97 33.66 7.88 -3.41
C GLU A 97 34.91 7.38 -2.70
N MET A 98 36.08 7.52 -3.32
CA MET A 98 37.28 6.93 -2.74
C MET A 98 37.63 7.57 -1.40
N ALA A 99 37.41 8.89 -1.28
CA ALA A 99 37.72 9.57 -0.03
C ALA A 99 36.87 9.05 1.12
N PHE A 100 35.62 8.67 0.84
CA PHE A 100 34.77 8.14 1.89
C PHE A 100 35.37 6.87 2.49
N ASP A 101 35.77 5.94 1.63
CA ASP A 101 36.40 4.71 2.11
C ASP A 101 37.72 5.00 2.80
N GLY A 102 38.49 5.96 2.28
CA GLY A 102 39.74 6.32 2.93
C GLY A 102 39.53 6.81 4.35
N ILE A 103 38.59 7.73 4.53
CA ILE A 103 38.30 8.24 5.86
C ILE A 103 37.78 7.14 6.77
N LEU A 104 36.89 6.30 6.24
CA LEU A 104 36.35 5.19 7.03
C LEU A 104 37.47 4.30 7.54
N LYS A 105 38.42 3.97 6.66
CA LYS A 105 39.57 3.18 7.10
C LYS A 105 40.42 3.96 8.10
N ASP A 106 40.48 5.29 7.94
CA ASP A 106 41.31 6.09 8.83
C ASP A 106 40.80 6.06 10.26
N PHE A 107 39.48 6.07 10.47
CA PHE A 107 39.01 6.16 11.84
C PHE A 107 38.00 5.06 12.19
N PHE A 108 38.15 3.87 11.63
CA PHE A 108 37.32 2.75 12.06
C PHE A 108 38.13 1.46 12.11
N GLN A 109 39.35 1.52 12.63
CA GLN A 109 40.17 0.33 12.77
C GLN A 109 40.62 0.04 14.19
N VAL A 110 40.30 0.90 15.15
CA VAL A 110 40.86 0.77 16.48
C VAL A 110 40.25 -0.43 17.19
N ASP A 111 41.10 -1.32 17.69
CA ASP A 111 40.66 -2.46 18.48
C ASP A 111 40.50 -2.02 19.94
N LYS A 112 39.33 -2.28 20.50
CA LYS A 112 39.06 -1.91 21.88
C LYS A 112 38.44 -3.09 22.60
N PRO A 113 38.72 -3.24 23.90
CA PRO A 113 38.29 -4.44 24.61
C PRO A 113 36.80 -4.44 24.93
N THR A 114 36.35 -5.59 25.42
CA THR A 114 34.97 -5.76 25.82
C THR A 114 34.74 -5.13 27.19
N ASN A 115 33.47 -4.82 27.48
CA ASN A 115 33.04 -4.32 28.77
C ASN A 115 31.96 -5.24 29.32
N PRO A 116 31.80 -5.30 30.65
CA PRO A 116 30.97 -6.36 31.25
C PRO A 116 29.53 -6.34 30.80
N ILE A 117 29.03 -5.22 30.28
CA ILE A 117 27.63 -5.16 29.87
C ILE A 117 27.34 -6.23 28.83
N HIS A 118 28.22 -6.37 27.85
CA HIS A 118 28.05 -7.41 26.84
C HIS A 118 28.08 -8.78 27.49
N ASP A 119 28.95 -8.97 28.48
CA ASP A 119 29.02 -10.27 29.14
C ASP A 119 27.69 -10.63 29.77
N LYS A 120 27.10 -9.69 30.52
CA LYS A 120 25.81 -10.00 31.13
C LYS A 120 24.71 -10.12 30.09
N ILE A 121 24.88 -9.47 28.93
CA ILE A 121 23.91 -9.63 27.86
C ILE A 121 23.94 -11.07 27.35
N LEU A 122 25.14 -11.60 27.12
CA LEU A 122 25.26 -12.96 26.64
C LEU A 122 24.95 -14.00 27.71
N ALA A 123 25.02 -13.61 28.98
CA ALA A 123 24.88 -14.59 30.05
C ALA A 123 23.51 -15.26 30.06
N MET A 124 22.46 -14.49 29.83
CA MET A 124 21.09 -14.94 30.08
C MET A 124 20.56 -15.90 29.03
N ASN A 125 21.42 -16.51 28.22
CA ASN A 125 21.03 -17.41 27.14
C ASN A 125 20.20 -16.68 26.09
N PRO A 126 20.79 -15.75 25.37
CA PRO A 126 20.04 -15.00 24.36
C PRO A 126 19.88 -15.79 23.07
N ALA A 127 18.85 -16.64 22.99
CA ALA A 127 18.62 -17.54 21.87
C ALA A 127 18.96 -16.94 20.50
N HIS A 128 18.67 -15.65 20.32
CA HIS A 128 19.04 -14.93 19.11
C HIS A 128 19.63 -13.59 19.49
N VAL A 129 20.42 -13.00 18.59
CA VAL A 129 20.96 -11.66 18.80
C VAL A 129 20.67 -10.84 17.56
N ILE A 130 20.06 -9.67 17.74
CA ILE A 130 19.75 -8.74 16.65
C ILE A 130 20.35 -7.40 16.99
N THR A 131 21.29 -6.93 16.15
CA THR A 131 22.01 -5.71 16.44
C THR A 131 21.95 -4.77 15.26
N THR A 132 22.07 -3.47 15.56
CA THR A 132 22.33 -2.46 14.55
C THR A 132 23.74 -1.92 14.64
N ASN A 133 24.50 -2.33 15.65
CA ASN A 133 25.91 -1.97 15.70
C ASN A 133 26.63 -2.47 14.46
N TYR A 134 27.49 -1.65 13.90
CA TYR A 134 28.26 -2.01 12.73
C TYR A 134 29.72 -2.21 13.07
N ASP A 135 29.98 -2.83 14.22
CA ASP A 135 31.32 -3.19 14.65
C ASP A 135 31.33 -4.64 15.10
N ASN A 136 32.45 -5.32 14.87
CA ASN A 136 32.58 -6.74 15.17
C ASN A 136 33.13 -6.96 16.58
N LEU A 137 32.53 -6.30 17.57
CA LEU A 137 32.93 -6.52 18.95
C LEU A 137 32.09 -7.60 19.61
N ILE A 138 30.78 -7.55 19.40
CA ILE A 138 29.90 -8.58 19.94
C ILE A 138 30.29 -9.94 19.41
N ASP A 139 30.86 -9.99 18.20
CA ASP A 139 31.37 -11.25 17.68
C ASP A 139 32.51 -11.78 18.55
N THR A 140 33.42 -10.90 18.94
CA THR A 140 34.55 -11.34 19.78
C THR A 140 34.05 -11.77 21.15
N ALA A 141 33.03 -11.09 21.67
CA ALA A 141 32.43 -11.54 22.91
C ALA A 141 31.85 -12.93 22.76
N CYS A 142 31.18 -13.19 21.63
CA CYS A 142 30.63 -14.52 21.38
C CYS A 142 31.75 -15.55 21.29
N TRP A 143 32.88 -15.15 20.70
CA TRP A 143 34.03 -16.04 20.61
C TRP A 143 34.52 -16.44 22.00
N LYS A 144 34.75 -15.45 22.86
CA LYS A 144 35.22 -15.77 24.21
C LYS A 144 34.24 -16.63 24.96
N ARG A 145 32.95 -16.28 24.91
CA ARG A 145 31.94 -17.14 25.53
C ARG A 145 31.63 -18.36 24.69
N GLY A 146 32.15 -18.43 23.47
CA GLY A 146 32.09 -19.66 22.69
C GLY A 146 30.70 -20.13 22.35
N LYS A 147 29.74 -19.22 22.29
CA LYS A 147 28.39 -19.54 21.83
C LYS A 147 28.39 -19.39 20.32
N TYR A 148 28.49 -20.50 19.61
CA TYR A 148 28.68 -20.46 18.16
C TYR A 148 27.42 -19.91 17.49
N PHE A 149 27.59 -18.89 16.67
CA PHE A 149 26.49 -18.14 16.08
C PHE A 149 26.76 -17.91 14.60
N SER A 150 25.69 -17.66 13.86
CA SER A 150 25.77 -17.42 12.43
C SER A 150 25.81 -15.92 12.16
N VAL A 151 26.82 -15.48 11.42
CA VAL A 151 26.97 -14.08 11.06
C VAL A 151 26.35 -13.87 9.69
N ILE A 152 25.32 -13.03 9.63
CA ILE A 152 24.60 -12.73 8.40
C ILE A 152 24.80 -11.25 8.10
N SER A 153 25.71 -10.96 7.18
CA SER A 153 26.11 -9.57 6.91
C SER A 153 25.31 -8.97 5.77
N ALA A 154 25.39 -9.57 4.60
CA ALA A 154 24.70 -9.08 3.41
C ALA A 154 23.69 -10.13 2.96
N GLU A 155 23.11 -9.90 1.78
CA GLU A 155 22.05 -10.77 1.29
C GLU A 155 22.58 -12.11 0.79
N GLU A 156 23.89 -12.31 0.77
CA GLU A 156 24.49 -13.48 0.16
C GLU A 156 24.48 -14.71 1.07
N ASP A 157 23.88 -14.60 2.26
CA ASP A 157 24.02 -15.69 3.24
C ASP A 157 22.72 -16.16 3.86
N VAL A 158 21.57 -15.56 3.53
CA VAL A 158 20.33 -15.88 4.23
C VAL A 158 19.98 -17.36 4.15
N ALA A 159 20.12 -17.97 2.98
CA ALA A 159 19.80 -19.38 2.84
C ALA A 159 20.98 -20.27 3.23
N ASN A 160 22.12 -19.69 3.52
CA ASN A 160 23.35 -20.44 3.83
C ASN A 160 23.63 -20.46 5.33
N ALA A 161 22.57 -20.61 6.13
CA ALA A 161 22.70 -20.58 7.58
C ALA A 161 23.20 -21.93 8.07
N THR A 162 24.46 -21.98 8.51
CA THR A 162 25.06 -23.19 9.03
C THR A 162 24.89 -23.32 10.54
N SER A 163 23.67 -23.16 11.00
CA SER A 163 23.34 -23.23 12.43
C SER A 163 21.83 -23.17 12.56
N SER A 164 21.35 -23.07 13.81
CA SER A 164 19.97 -22.72 14.09
C SER A 164 19.87 -21.54 15.04
N ARG A 165 20.97 -20.81 15.23
CA ARG A 165 21.00 -19.62 16.07
C ARG A 165 21.53 -18.44 15.26
N TYR A 166 20.83 -17.31 15.32
CA TYR A 166 21.10 -16.20 14.43
C TYR A 166 21.70 -15.00 15.14
N LEU A 167 22.65 -14.37 14.47
CA LEU A 167 23.29 -13.10 14.85
C LEU A 167 23.04 -12.14 13.69
N LEU A 168 21.96 -11.39 13.76
CA LEU A 168 21.49 -10.59 12.63
C LEU A 168 22.06 -9.18 12.73
N LYS A 169 22.96 -8.84 11.80
CA LYS A 169 23.53 -7.51 11.67
C LYS A 169 22.67 -6.74 10.67
N VAL A 170 21.60 -6.09 11.17
CA VAL A 170 20.66 -5.44 10.28
C VAL A 170 21.33 -4.34 9.48
N ALA A 171 22.25 -3.61 10.10
CA ALA A 171 22.96 -2.57 9.37
C ALA A 171 24.13 -3.13 8.58
N GLY A 172 24.50 -4.39 8.80
CA GLY A 172 25.65 -4.95 8.15
C GLY A 172 26.95 -4.60 8.87
N ASP A 173 28.02 -5.29 8.49
CA ASP A 173 29.31 -5.17 9.15
C ASP A 173 30.39 -4.87 8.13
N PHE A 174 31.65 -4.92 8.58
CA PHE A 174 32.81 -4.78 7.72
C PHE A 174 33.55 -6.09 7.53
N ARG A 175 32.85 -7.21 7.65
CA ARG A 175 33.50 -8.51 7.50
C ARG A 175 34.15 -8.66 6.13
N LYS A 176 33.42 -8.32 5.07
CA LYS A 176 33.95 -8.44 3.73
C LYS A 176 35.05 -7.44 3.44
N GLY A 177 35.17 -6.39 4.23
CA GLY A 177 36.19 -5.38 4.04
C GLY A 177 35.72 -4.02 4.51
N PHE A 178 36.56 -3.00 4.29
CA PHE A 178 36.29 -1.63 4.69
C PHE A 178 35.92 -0.84 3.44
N LYS A 179 34.65 -0.92 3.04
CA LYS A 179 34.23 -0.26 1.81
C LYS A 179 32.74 0.06 1.97
N GLY A 180 32.28 1.06 1.23
CA GLY A 180 31.02 1.71 1.57
C GLY A 180 29.81 0.80 1.58
N GLU A 181 29.57 0.09 0.48
CA GLU A 181 28.26 -0.54 0.31
C GLU A 181 28.00 -1.68 1.28
N ASN A 182 29.01 -2.15 2.00
CA ASN A 182 28.79 -3.24 2.93
C ASN A 182 27.97 -2.83 4.15
N VAL A 183 27.79 -1.52 4.39
CA VAL A 183 27.01 -1.04 5.51
C VAL A 183 26.11 0.10 5.06
N VAL A 184 25.11 0.40 5.88
CA VAL A 184 24.09 1.37 5.51
C VAL A 184 24.18 2.60 6.41
N LEU A 185 24.82 3.64 5.90
CA LEU A 185 25.05 4.87 6.64
C LEU A 185 24.39 6.08 6.01
N LYS A 186 24.44 6.20 4.69
CA LYS A 186 23.98 7.38 3.99
C LYS A 186 22.46 7.42 3.93
N GLU A 187 21.92 8.59 3.57
CA GLU A 187 20.47 8.71 3.40
C GLU A 187 20.02 8.12 2.08
N ASP A 188 20.88 8.08 1.07
CA ASP A 188 20.54 7.39 -0.17
C ASP A 188 20.29 5.91 0.09
N ASP A 189 21.14 5.30 0.91
CA ASP A 189 20.90 3.92 1.31
C ASP A 189 19.61 3.81 2.12
N TYR A 190 19.35 4.77 3.00
CA TYR A 190 18.14 4.71 3.81
C TYR A 190 16.90 4.73 2.95
N LEU A 191 16.88 5.55 1.90
CA LEU A 191 15.66 5.69 1.11
C LEU A 191 15.32 4.41 0.37
N ASN A 192 16.29 3.82 -0.32
CA ASN A 192 16.09 2.53 -0.96
C ASN A 192 16.44 1.38 -0.01
N TYR A 193 15.87 1.41 1.19
CA TYR A 193 16.20 0.38 2.16
C TYR A 193 15.56 -0.95 1.82
N ASP A 194 14.28 -0.93 1.42
CA ASP A 194 13.59 -2.16 1.09
C ASP A 194 14.19 -2.80 -0.15
N GLN A 195 14.55 -2.01 -1.15
CA GLN A 195 14.92 -2.52 -2.46
C GLN A 195 16.34 -3.08 -2.53
N ASN A 196 17.00 -3.31 -1.39
CA ASN A 196 18.32 -3.90 -1.41
C ASN A 196 18.48 -5.15 -0.56
N TYR A 197 17.74 -5.27 0.54
CA TYR A 197 17.82 -6.46 1.39
C TYR A 197 16.42 -6.98 1.71
N PRO A 198 15.68 -7.48 0.70
CA PRO A 198 14.37 -8.07 0.96
C PRO A 198 14.41 -9.14 2.04
N LEU A 199 15.28 -10.14 1.83
CA LEU A 199 15.30 -11.30 2.72
C LEU A 199 15.71 -10.90 4.13
N ILE A 200 16.67 -9.99 4.26
CA ILE A 200 17.09 -9.54 5.59
C ILE A 200 15.94 -8.89 6.32
N SER A 201 15.20 -8.01 5.62
CA SER A 201 14.07 -7.34 6.26
C SER A 201 12.99 -8.34 6.65
N ASN A 202 12.72 -9.29 5.76
CA ASN A 202 11.70 -10.30 6.07
C ASN A 202 12.10 -11.13 7.28
N LEU A 203 13.37 -11.52 7.34
CA LEU A 203 13.84 -12.30 8.48
C LEU A 203 13.78 -11.48 9.75
N MET A 204 14.10 -10.19 9.66
CA MET A 204 14.01 -9.34 10.84
C MET A 204 12.58 -9.28 11.34
N LYS A 205 11.64 -9.13 10.42
CA LYS A 205 10.23 -9.12 10.81
C LYS A 205 9.82 -10.43 11.47
N THR A 206 10.22 -11.56 10.89
CA THR A 206 9.81 -12.85 11.43
C THR A 206 10.42 -13.10 12.80
N ILE A 207 11.71 -12.78 12.95
CA ILE A 207 12.33 -12.87 14.26
C ILE A 207 11.59 -12.00 15.26
N ILE A 208 11.19 -10.80 14.83
CA ILE A 208 10.48 -9.88 15.70
C ILE A 208 9.16 -10.50 16.16
N ALA A 209 8.50 -11.25 15.26
CA ALA A 209 7.11 -11.64 15.49
C ALA A 209 7.00 -12.70 16.58
N THR A 210 7.66 -13.84 16.39
CA THR A 210 7.31 -15.09 17.08
C THR A 210 8.17 -15.36 18.31
N HIS A 211 8.62 -14.31 19.00
CA HIS A 211 9.42 -14.49 20.21
C HIS A 211 9.08 -13.37 21.17
N THR A 212 9.91 -13.19 22.20
CA THR A 212 9.83 -12.06 23.10
C THR A 212 11.11 -11.24 22.95
N ILE A 213 10.99 -9.93 23.15
CA ILE A 213 12.02 -8.99 22.75
C ILE A 213 12.30 -8.03 23.88
N VAL A 214 13.58 -7.74 24.10
CA VAL A 214 13.99 -6.74 25.10
C VAL A 214 14.97 -5.79 24.43
N PHE A 215 14.76 -4.50 24.62
CA PHE A 215 15.59 -3.49 23.98
C PHE A 215 16.63 -2.94 24.95
N ILE A 216 17.76 -2.50 24.39
CA ILE A 216 18.81 -1.85 25.17
C ILE A 216 19.71 -1.10 24.21
N GLY A 217 20.40 -0.09 24.71
CA GLY A 217 21.32 0.66 23.89
C GLY A 217 20.68 1.54 22.85
N TYR A 218 19.38 1.83 23.01
CA TYR A 218 18.64 2.69 22.10
C TYR A 218 18.11 3.90 22.86
N GLY A 219 17.89 4.98 22.12
CA GLY A 219 17.30 6.17 22.69
C GLY A 219 15.81 6.06 22.83
N LEU A 220 15.07 7.13 22.52
CA LEU A 220 13.62 7.08 22.56
C LEU A 220 12.98 7.53 21.26
N GLY A 221 13.76 7.98 20.29
CA GLY A 221 13.21 8.41 19.03
C GLY A 221 14.08 8.08 17.84
N ASP A 222 15.08 7.22 18.04
CA ASP A 222 16.01 6.89 16.98
C ASP A 222 15.26 6.35 15.76
N TYR A 223 15.89 6.49 14.59
CA TYR A 223 15.21 6.20 13.33
C TYR A 223 14.65 4.78 13.31
N ASN A 224 15.50 3.80 13.62
CA ASN A 224 15.10 2.41 13.46
C ASN A 224 13.94 2.04 14.38
N ILE A 225 13.99 2.49 15.64
CA ILE A 225 12.97 2.05 16.58
C ILE A 225 11.62 2.65 16.21
N ASN A 226 11.60 3.92 15.82
CA ASN A 226 10.35 4.51 15.35
C ASN A 226 9.82 3.76 14.14
N MET A 227 10.69 3.40 13.20
CA MET A 227 10.23 2.68 12.02
C MET A 227 9.57 1.35 12.41
N LEU A 228 10.25 0.58 13.27
CA LEU A 228 9.74 -0.73 13.64
C LEU A 228 8.41 -0.60 14.37
N LEU A 229 8.33 0.33 15.31
CA LEU A 229 7.10 0.46 16.10
C LEU A 229 5.96 0.95 15.22
N ASN A 230 6.27 1.84 14.27
CA ASN A 230 5.31 2.23 13.24
C ASN A 230 4.72 0.99 12.57
N TRP A 231 5.60 0.17 11.99
CA TRP A 231 5.13 -1.02 11.31
C TRP A 231 4.22 -1.84 12.22
N VAL A 232 4.71 -2.15 13.41
CA VAL A 232 4.04 -3.11 14.28
C VAL A 232 2.65 -2.60 14.66
N ARG A 233 2.58 -1.37 15.14
CA ARG A 233 1.31 -0.87 15.65
C ARG A 233 0.35 -0.50 14.54
N LYS A 234 0.85 -0.26 13.32
CA LYS A 234 -0.09 0.13 12.28
C LYS A 234 -0.55 -1.03 11.42
N LEU A 235 0.15 -2.16 11.45
CA LEU A 235 -0.29 -3.29 10.65
C LEU A 235 -0.89 -4.42 11.48
N GLN A 236 -0.15 -4.93 12.46
CA GLN A 236 -0.58 -6.10 13.20
C GLN A 236 -1.81 -5.79 14.05
N LYS A 237 -2.75 -6.73 14.11
CA LYS A 237 -4.09 -6.42 14.60
C LYS A 237 -4.20 -6.46 16.12
N ASP A 238 -4.15 -7.66 16.73
CA ASP A 238 -4.20 -7.76 18.18
C ASP A 238 -3.38 -8.92 18.75
N SER A 239 -2.58 -9.61 17.96
CA SER A 239 -1.98 -10.88 18.36
C SER A 239 -0.46 -10.83 18.32
N PHE A 240 0.13 -9.79 18.88
CA PHE A 240 1.57 -9.71 19.00
C PHE A 240 1.97 -9.64 20.46
N HIS A 241 3.18 -10.05 20.76
CA HIS A 241 3.72 -9.89 22.11
C HIS A 241 4.45 -8.56 22.19
N LYS A 242 3.97 -7.69 23.06
CA LYS A 242 4.50 -6.34 23.13
C LYS A 242 5.97 -6.37 23.53
N PRO A 243 6.86 -5.77 22.75
CA PRO A 243 8.28 -5.75 23.13
C PRO A 243 8.50 -4.92 24.38
N PHE A 244 9.62 -5.20 25.03
CA PHE A 244 10.02 -4.50 26.26
C PHE A 244 11.14 -3.51 25.95
N PHE A 245 11.26 -2.51 26.82
CA PHE A 245 12.27 -1.49 26.64
C PHE A 245 12.92 -1.15 27.98
N ILE A 246 14.18 -0.72 27.91
CA ILE A 246 14.94 -0.27 29.07
C ILE A 246 15.43 1.13 28.74
N ARG A 247 14.88 2.13 29.40
CA ARG A 247 15.32 3.51 29.16
C ARG A 247 16.61 3.77 29.92
N THR A 248 17.57 4.36 29.22
CA THR A 248 18.91 4.58 29.75
C THR A 248 19.29 6.04 29.63
N ASP A 249 18.42 6.89 29.99
CA ASP A 249 18.76 8.29 29.93
C ASP A 249 19.06 8.84 31.31
N PRO A 250 19.98 9.79 31.44
CA PRO A 250 20.24 10.40 32.75
C PRO A 250 19.24 11.49 33.10
N SER A 251 17.97 11.10 33.18
CA SER A 251 16.89 12.00 33.57
C SER A 251 15.64 11.16 33.78
N PRO A 252 14.80 11.51 34.76
CA PRO A 252 13.54 10.79 34.93
C PRO A 252 12.57 11.13 33.82
N ILE A 253 12.04 10.09 33.16
CA ILE A 253 11.03 10.28 32.13
C ILE A 253 9.76 10.87 32.73
N GLU A 254 9.02 11.57 31.89
CA GLU A 254 7.74 12.14 32.31
C GLU A 254 6.65 11.08 32.22
N ASN A 255 5.66 11.22 33.10
CA ASN A 255 4.69 10.16 33.33
C ASN A 255 3.83 9.93 32.08
N GLU A 256 3.32 11.00 31.48
CA GLU A 256 2.41 10.87 30.34
C GLU A 256 3.08 10.18 29.17
N THR A 257 4.40 10.35 29.03
CA THR A 257 5.14 9.65 27.99
C THR A 257 5.00 8.15 28.14
N LEU A 258 4.99 7.65 29.38
CA LEU A 258 4.80 6.23 29.58
C LEU A 258 3.45 5.78 29.04
N ILE A 259 2.39 6.54 29.30
CA ILE A 259 1.08 6.18 28.76
C ILE A 259 1.12 6.20 27.24
N TYR A 260 1.74 7.22 26.66
CA TYR A 260 1.75 7.35 25.21
C TYR A 260 2.46 6.17 24.56
N TYR A 261 3.67 5.86 25.03
CA TYR A 261 4.41 4.72 24.50
C TYR A 261 3.68 3.40 24.74
N GLU A 262 3.08 3.24 25.92
CA GLU A 262 2.33 2.01 26.18
C GLU A 262 1.18 1.88 25.20
N ASN A 263 0.49 2.99 24.92
CA ASN A 263 -0.61 2.96 23.97
C ASN A 263 -0.13 2.61 22.57
N LYS A 264 1.07 3.06 22.18
CA LYS A 264 1.52 2.59 20.87
C LYS A 264 2.11 1.18 20.95
N GLY A 265 2.05 0.54 22.11
CA GLY A 265 2.39 -0.87 22.19
C GLY A 265 3.82 -1.17 22.61
N LEU A 266 4.29 -0.51 23.66
CA LEU A 266 5.65 -0.75 24.14
C LEU A 266 5.69 -0.48 25.62
N ARG A 267 6.37 -1.36 26.35
CA ARG A 267 6.47 -1.24 27.81
C ARG A 267 7.84 -0.66 28.15
N ILE A 268 7.86 0.24 29.13
CA ILE A 268 9.07 0.92 29.55
C ILE A 268 9.42 0.46 30.95
N ILE A 269 10.66 0.05 31.16
CA ILE A 269 11.17 -0.21 32.49
C ILE A 269 12.25 0.81 32.79
N ASP A 270 11.89 1.84 33.56
CA ASP A 270 12.76 2.99 33.77
C ASP A 270 13.96 2.64 34.63
N ALA A 271 15.07 3.31 34.37
CA ALA A 271 16.25 3.20 35.20
C ALA A 271 16.31 4.28 36.27
N ALA A 272 15.80 5.47 35.99
CA ALA A 272 15.74 6.51 37.01
C ALA A 272 14.84 6.10 38.17
N SER A 273 13.71 5.47 37.88
CA SER A 273 12.84 4.91 38.91
C SER A 273 13.48 3.71 39.60
N LEU A 274 14.72 3.40 39.27
CA LEU A 274 15.40 2.20 39.75
C LEU A 274 16.62 2.49 40.60
N ILE A 275 17.41 3.52 40.27
CA ILE A 275 18.60 3.86 41.03
C ILE A 275 18.91 5.32 40.76
N ASP A 276 19.55 5.98 41.73
CA ASP A 276 19.93 7.37 41.62
C ASP A 276 21.44 7.47 41.63
N SER A 277 22.02 7.81 40.49
CA SER A 277 23.45 7.98 40.36
C SER A 277 23.72 9.27 39.59
N ASN A 278 24.99 9.60 39.46
CA ASN A 278 25.35 10.82 38.74
C ASN A 278 25.17 10.61 37.24
N GLU A 279 25.11 11.73 36.51
CA GLU A 279 24.85 11.67 35.08
C GLU A 279 25.94 10.86 34.36
N TYR A 280 27.19 11.10 34.70
CA TYR A 280 28.30 10.40 34.07
C TYR A 280 28.64 9.10 34.78
N ASP A 281 27.61 8.28 34.97
CA ASP A 281 27.74 6.92 35.48
C ASP A 281 26.91 5.97 34.63
N TYR A 282 27.04 6.11 33.31
CA TYR A 282 26.31 5.24 32.38
C TYR A 282 26.53 3.77 32.72
N LEU A 283 27.78 3.41 33.00
CA LEU A 283 28.10 2.02 33.33
C LEU A 283 27.28 1.55 34.52
N GLU A 284 27.17 2.39 35.55
CA GLU A 284 26.41 1.99 36.72
C GLU A 284 24.94 1.78 36.37
N ARG A 285 24.36 2.66 35.55
CA ARG A 285 22.97 2.50 35.16
C ARG A 285 22.76 1.17 34.45
N TYR A 286 23.56 0.90 33.42
CA TYR A 286 23.42 -0.35 32.69
C TYR A 286 23.62 -1.54 33.59
N SER A 287 24.65 -1.50 34.45
CA SER A 287 24.92 -2.63 35.31
C SER A 287 23.77 -2.89 36.25
N ALA A 288 23.20 -1.83 36.84
CA ALA A 288 22.11 -2.01 37.77
C ALA A 288 20.90 -2.61 37.09
N VAL A 289 20.51 -2.06 35.94
CA VAL A 289 19.33 -2.58 35.27
C VAL A 289 19.55 -4.03 34.86
N MET A 290 20.74 -4.33 34.33
CA MET A 290 21.01 -5.70 33.90
C MET A 290 21.06 -6.66 35.09
N ASP A 291 21.75 -6.28 36.17
CA ASP A 291 21.84 -7.19 37.30
C ASP A 291 20.49 -7.39 37.97
N LEU A 292 19.54 -6.47 37.75
CA LEU A 292 18.19 -6.75 38.21
C LEU A 292 17.58 -7.87 37.37
N LEU A 293 18.33 -8.39 36.40
CA LEU A 293 17.89 -9.60 35.73
C LEU A 293 18.76 -10.81 36.08
N ILE A 294 20.01 -10.60 36.49
CA ILE A 294 20.95 -11.72 36.60
C ILE A 294 20.66 -12.57 37.82
N GLU A 295 19.70 -12.17 38.65
CA GLU A 295 19.44 -12.86 39.91
C GLU A 295 18.61 -14.11 39.65
N SER A 296 18.71 -14.67 38.45
CA SER A 296 17.71 -15.59 37.91
C SER A 296 17.77 -16.91 38.68
N GLN A 297 17.49 -16.81 39.98
CA GLN A 297 17.29 -18.00 40.81
C GLN A 297 15.89 -18.05 41.37
N GLU A 298 15.16 -16.93 41.32
CA GLU A 298 13.69 -16.84 41.48
C GLU A 298 13.14 -17.75 42.57
N ASN A 299 13.81 -17.80 43.72
CA ASN A 299 13.24 -18.39 44.92
C ASN A 299 12.88 -17.34 45.96
N LYS A 300 13.38 -16.11 45.82
CA LYS A 300 12.94 -15.01 46.65
C LYS A 300 11.64 -14.42 46.13
N PHE A 301 11.18 -14.89 44.97
CA PHE A 301 10.12 -14.23 44.25
C PHE A 301 8.80 -14.36 44.99
N ILE A 302 8.40 -13.27 45.66
CA ILE A 302 7.22 -13.22 46.54
C ILE A 302 7.32 -14.24 47.67
N THR A 303 7.53 -13.73 48.88
CA THR A 303 7.51 -14.55 50.09
C THR A 303 6.11 -14.67 50.68
N LYS A 304 5.10 -14.11 50.03
CA LYS A 304 3.71 -14.23 50.49
C LYS A 304 3.31 -15.69 50.49
N ASP A 305 2.49 -16.08 51.47
CA ASP A 305 2.18 -17.48 51.74
C ASP A 305 1.50 -18.18 50.56
N ASP A 306 0.54 -17.51 49.92
CA ASP A 306 -0.22 -18.15 48.85
C ASP A 306 0.67 -18.54 47.68
N GLU A 307 1.71 -17.76 47.39
CA GLU A 307 2.51 -18.07 46.22
C GLU A 307 3.37 -19.31 46.42
N VAL A 308 3.61 -19.71 47.66
CA VAL A 308 4.20 -21.03 47.89
C VAL A 308 3.31 -22.10 47.28
N ILE A 309 2.02 -22.05 47.58
CA ILE A 309 1.07 -23.01 47.05
C ILE A 309 0.96 -22.87 45.53
N ASP A 310 0.97 -21.63 45.03
CA ASP A 310 0.85 -21.42 43.59
C ASP A 310 2.04 -22.01 42.84
N TYR A 311 3.26 -21.76 43.33
CA TYR A 311 4.46 -22.31 42.70
C TYR A 311 4.45 -23.83 42.75
N ILE A 312 4.13 -24.39 43.92
CA ILE A 312 4.09 -25.83 44.03
C ILE A 312 3.05 -26.41 43.06
N TYR A 313 1.87 -25.80 42.99
CA TYR A 313 0.84 -26.26 42.08
C TYR A 313 1.32 -26.19 40.64
N GLY A 314 1.91 -25.06 40.24
CA GLY A 314 2.42 -24.93 38.89
C GLY A 314 3.46 -25.99 38.56
N LYS A 315 4.16 -26.50 39.57
CA LYS A 315 5.14 -27.53 39.29
C LYS A 315 4.59 -28.95 39.32
N ILE A 316 3.60 -29.25 40.16
CA ILE A 316 3.16 -30.63 40.32
C ILE A 316 1.84 -30.92 39.62
N SER A 317 0.98 -29.91 39.48
CA SER A 317 -0.38 -30.13 39.02
C SER A 317 -0.52 -30.94 37.73
N PRO A 318 0.28 -30.75 36.69
CA PRO A 318 0.06 -31.54 35.46
C PRO A 318 -0.03 -33.04 35.73
N LEU A 319 0.43 -33.51 36.88
CA LEU A 319 0.52 -34.92 37.17
C LEU A 319 -0.75 -35.51 37.77
N PHE A 320 -1.91 -34.85 37.62
CA PHE A 320 -3.13 -35.51 38.08
C PHE A 320 -3.41 -36.80 37.33
N ALA A 321 -2.98 -36.89 36.07
CA ALA A 321 -3.34 -38.04 35.25
C ALA A 321 -2.81 -39.34 35.85
N LEU A 322 -1.55 -39.34 36.28
CA LEU A 322 -0.94 -40.55 36.79
C LEU A 322 -1.51 -40.90 38.14
N GLN A 323 -1.91 -42.16 38.31
CA GLN A 323 -2.44 -42.61 39.59
C GLN A 323 -1.37 -42.65 40.67
N TYR A 324 -0.11 -42.82 40.28
CA TYR A 324 0.99 -42.82 41.23
C TYR A 324 2.27 -42.45 40.48
N ILE A 325 3.23 -41.93 41.23
CA ILE A 325 4.54 -41.59 40.69
C ILE A 325 5.61 -42.04 41.69
N ARG A 326 6.73 -42.53 41.17
CA ARG A 326 7.78 -43.02 42.06
C ARG A 326 8.40 -41.88 42.86
N LYS A 327 8.69 -42.16 44.12
CA LYS A 327 9.35 -41.16 44.94
C LYS A 327 10.73 -40.82 44.39
N ILE A 328 11.45 -41.81 43.87
CA ILE A 328 12.81 -41.56 43.38
C ILE A 328 12.78 -40.63 42.18
N ASP A 329 11.77 -40.74 41.32
CA ASP A 329 11.68 -39.81 40.21
C ASP A 329 11.20 -38.44 40.66
N LEU A 330 10.43 -38.38 41.76
CA LEU A 330 9.91 -37.12 42.25
C LEU A 330 11.04 -36.14 42.50
N LYS A 331 12.24 -36.63 42.80
CA LYS A 331 13.42 -35.77 42.82
C LYS A 331 13.54 -34.97 41.54
N HIS A 332 13.30 -35.60 40.39
CA HIS A 332 13.47 -34.91 39.13
C HIS A 332 12.42 -33.82 38.90
N VAL A 333 11.35 -33.79 39.71
CA VAL A 333 10.32 -32.79 39.51
C VAL A 333 10.82 -31.40 39.89
N PHE A 334 11.62 -31.30 40.95
CA PHE A 334 11.96 -30.00 41.54
C PHE A 334 13.39 -29.58 41.28
N GLU A 335 14.06 -30.18 40.30
CA GLU A 335 15.36 -29.71 39.82
C GLU A 335 16.38 -29.71 40.96
N TYR A 336 16.71 -30.92 41.42
CA TYR A 336 17.83 -31.18 42.31
C TYR A 336 17.67 -30.50 43.68
N ASP A 337 16.57 -29.80 43.92
CA ASP A 337 16.46 -28.97 45.11
C ASP A 337 16.42 -29.80 46.39
N TYR A 338 15.67 -30.91 46.37
CA TYR A 338 15.49 -31.73 47.56
C TYR A 338 15.71 -33.20 47.22
N HIS A 339 16.23 -33.93 48.21
CA HIS A 339 16.34 -35.38 48.15
C HIS A 339 15.09 -35.94 48.80
N PHE A 340 14.27 -36.61 47.99
CA PHE A 340 13.08 -37.30 48.49
C PHE A 340 13.43 -38.76 48.70
N GLU A 341 13.24 -39.24 49.94
CA GLU A 341 13.63 -40.58 50.30
C GLU A 341 12.44 -41.52 50.31
N VAL A 342 12.73 -42.82 50.27
CA VAL A 342 11.68 -43.82 50.14
C VAL A 342 10.79 -43.92 51.37
N ASN A 343 11.26 -43.48 52.52
CA ASN A 343 10.47 -43.53 53.74
C ASN A 343 9.57 -42.32 53.94
N GLY A 344 9.63 -41.34 53.06
CA GLY A 344 8.80 -40.17 53.14
C GLY A 344 9.44 -38.94 53.73
N THR A 345 10.73 -38.97 54.03
CA THR A 345 11.43 -37.84 54.63
C THR A 345 12.14 -37.06 53.52
N VAL A 346 11.93 -35.75 53.50
CA VAL A 346 12.53 -34.89 52.50
C VAL A 346 13.70 -34.14 53.13
N VAL A 347 14.82 -34.09 52.43
CA VAL A 347 16.02 -33.42 52.92
C VAL A 347 16.43 -32.35 51.92
N ARG A 348 16.59 -31.12 52.40
CA ARG A 348 17.01 -30.05 51.51
C ARG A 348 18.38 -30.36 50.93
N HIS A 349 18.49 -30.19 49.61
CA HIS A 349 19.77 -30.42 48.95
C HIS A 349 20.29 -29.16 48.25
N LYS A 350 19.49 -28.52 47.40
CA LYS A 350 19.97 -27.44 46.57
C LYS A 350 19.19 -26.13 46.71
N ASN A 351 18.23 -26.07 47.63
CA ASN A 351 17.49 -24.83 47.83
C ASN A 351 18.38 -23.80 48.52
N LYS A 352 18.56 -22.65 47.89
CA LYS A 352 19.37 -21.57 48.42
C LYS A 352 18.56 -20.29 48.58
N GLY A 353 17.28 -20.45 48.93
CA GLY A 353 16.40 -19.32 49.11
C GLY A 353 15.27 -19.67 50.04
N PHE A 354 14.14 -19.01 49.82
CA PHE A 354 12.95 -19.30 50.60
C PHE A 354 12.57 -20.76 50.46
N GLY A 355 12.28 -21.41 51.59
CA GLY A 355 11.87 -22.79 51.57
C GLY A 355 10.37 -22.96 51.44
N TYR A 356 9.90 -23.16 50.21
CA TYR A 356 8.49 -23.45 49.98
C TYR A 356 8.11 -24.82 50.52
N MET A 357 8.94 -25.82 50.23
CA MET A 357 8.69 -27.16 50.70
C MET A 357 8.71 -27.18 52.22
N GLU A 358 9.69 -26.52 52.81
CA GLU A 358 9.77 -26.42 54.28
C GLU A 358 8.45 -25.93 54.86
N ARG A 359 7.84 -24.92 54.25
CA ARG A 359 6.60 -24.38 54.79
C ARG A 359 5.37 -25.21 54.41
N PHE A 360 5.45 -26.07 53.40
CA PHE A 360 4.26 -26.84 53.04
C PHE A 360 3.85 -27.80 54.16
N PHE A 361 4.78 -28.62 54.65
CA PHE A 361 4.45 -29.48 55.77
C PHE A 361 4.02 -28.65 56.97
N GLU A 362 4.63 -27.47 57.14
CA GLU A 362 4.30 -26.64 58.28
C GLU A 362 2.86 -26.14 58.21
N LEU A 363 2.41 -25.71 57.03
CA LEU A 363 1.04 -25.20 56.96
C LEU A 363 0.04 -26.35 56.96
N LYS A 364 0.48 -27.57 56.63
CA LYS A 364 -0.37 -28.71 56.94
C LYS A 364 -0.49 -28.90 58.45
N GLU A 365 0.63 -28.82 59.15
CA GLU A 365 0.62 -29.05 60.60
C GLU A 365 -0.24 -28.03 61.32
N SER A 366 -0.11 -26.76 60.97
CA SER A 366 -0.82 -25.69 61.66
C SER A 366 -2.22 -25.56 61.06
N CYS A 367 -3.22 -26.07 61.77
CA CYS A 367 -4.60 -25.96 61.31
C CYS A 367 -5.10 -24.52 61.41
N ASP A 368 -4.74 -23.82 62.48
CA ASP A 368 -5.18 -22.44 62.66
C ASP A 368 -4.59 -21.52 61.60
N GLU A 369 -3.31 -21.71 61.26
CA GLU A 369 -2.68 -20.86 60.25
C GLU A 369 -3.30 -21.05 58.88
N ARG A 370 -3.94 -22.21 58.66
CA ARG A 370 -4.56 -22.48 57.37
C ARG A 370 -5.64 -21.45 57.03
N SER A 371 -6.25 -20.85 58.05
CA SER A 371 -7.29 -19.85 57.79
C SER A 371 -6.73 -18.60 57.14
N LYS A 372 -5.42 -18.36 57.28
CA LYS A 372 -4.80 -17.15 56.73
C LYS A 372 -4.49 -17.33 55.25
N LEU A 373 -5.51 -17.75 54.51
CA LEU A 373 -5.38 -17.95 53.06
C LEU A 373 -6.70 -17.56 52.41
N SER A 374 -6.64 -17.24 51.13
CA SER A 374 -7.83 -16.90 50.37
C SER A 374 -8.59 -18.19 49.99
N LYS A 375 -9.83 -18.01 49.57
CA LYS A 375 -10.71 -19.15 49.32
C LYS A 375 -10.18 -20.05 48.21
N LYS A 376 -9.71 -19.47 47.10
CA LYS A 376 -9.29 -20.26 45.95
C LYS A 376 -8.18 -21.24 46.33
N GLN A 377 -7.26 -20.83 47.20
CA GLN A 377 -6.23 -21.73 47.71
C GLN A 377 -6.67 -22.42 48.99
N TYR A 378 -7.88 -22.98 48.97
CA TYR A 378 -8.31 -23.94 49.98
C TYR A 378 -8.53 -25.32 49.40
N GLU A 379 -9.46 -25.44 48.45
CA GLU A 379 -9.65 -26.71 47.76
C GLU A 379 -8.35 -27.13 47.07
N ARG A 380 -7.65 -26.15 46.48
CA ARG A 380 -6.33 -26.42 45.92
C ARG A 380 -5.44 -27.09 46.96
N PHE A 381 -5.34 -26.50 48.15
CA PHE A 381 -4.57 -27.14 49.22
C PHE A 381 -5.11 -28.52 49.51
N ASN A 382 -6.43 -28.65 49.56
CA ASN A 382 -7.03 -29.97 49.79
C ASN A 382 -6.55 -30.97 48.77
N ALA A 383 -6.52 -30.57 47.48
CA ALA A 383 -5.99 -31.47 46.48
C ALA A 383 -4.55 -31.81 46.77
N LEU A 384 -3.74 -30.79 47.09
CA LEU A 384 -2.34 -31.04 47.41
C LEU A 384 -2.22 -31.88 48.68
N PHE A 385 -3.26 -31.92 49.51
CA PHE A 385 -3.26 -32.81 50.65
C PHE A 385 -3.40 -34.25 50.21
N ASN A 386 -4.31 -34.52 49.28
CA ASN A 386 -4.55 -35.90 48.86
C ASN A 386 -3.33 -36.46 48.15
N PHE A 387 -2.74 -35.66 47.25
CA PHE A 387 -1.69 -36.15 46.37
C PHE A 387 -0.55 -36.77 47.16
N PHE A 388 0.16 -35.95 47.94
CA PHE A 388 1.28 -36.47 48.73
C PHE A 388 0.81 -37.48 49.77
N GLU A 389 -0.49 -37.46 50.11
CA GLU A 389 -1.02 -38.51 50.97
C GLU A 389 -0.97 -39.85 50.26
N LYS A 390 -1.47 -39.89 49.02
CA LYS A 390 -1.44 -41.14 48.28
C LYS A 390 -0.01 -41.55 47.96
N ASN A 391 0.84 -40.59 47.60
CA ASN A 391 2.24 -40.90 47.38
C ASN A 391 2.92 -41.30 48.68
N GLY A 392 2.58 -40.66 49.79
CA GLY A 392 3.16 -41.01 51.07
C GLY A 392 4.43 -40.28 51.42
N VAL A 393 4.40 -38.95 51.37
CA VAL A 393 5.51 -38.11 51.83
C VAL A 393 5.11 -37.57 53.19
N ILE A 394 5.76 -38.07 54.24
CA ILE A 394 5.21 -37.90 55.58
C ILE A 394 5.62 -36.57 56.18
N CYS A 395 6.93 -36.35 56.36
CA CYS A 395 7.39 -35.19 57.13
C CYS A 395 8.83 -34.86 56.75
N MET A 396 9.28 -33.71 57.24
CA MET A 396 10.70 -33.38 57.26
C MET A 396 11.47 -34.44 58.04
N ALA A 397 12.78 -34.49 57.76
CA ALA A 397 13.66 -35.38 58.52
C ALA A 397 13.76 -34.94 59.97
N LYS A 398 13.70 -33.63 60.22
CA LYS A 398 13.81 -33.13 61.58
C LYS A 398 12.62 -33.58 62.43
N ASP A 399 11.42 -33.55 61.87
CA ASP A 399 10.22 -34.00 62.55
C ASP A 399 9.89 -35.45 62.26
N ALA A 400 10.89 -36.28 61.98
CA ALA A 400 10.66 -37.66 61.56
C ALA A 400 10.42 -38.54 62.79
N GLY A 401 9.19 -39.03 62.92
CA GLY A 401 8.84 -39.94 64.00
C GLY A 401 8.84 -41.39 63.54
N THR A 402 7.98 -42.18 64.16
CA THR A 402 7.82 -43.59 63.81
C THR A 402 7.12 -43.71 62.47
N LEU A 403 7.85 -44.15 61.45
CA LEU A 403 7.32 -44.22 60.09
C LEU A 403 7.21 -45.66 59.63
N ASN A 404 6.02 -46.02 59.15
CA ASN A 404 5.73 -47.34 58.62
C ASN A 404 5.31 -47.23 57.17
N THR A 405 5.35 -48.37 56.46
CA THR A 405 4.95 -48.42 55.06
C THR A 405 4.00 -49.58 54.85
N SER A 406 2.76 -49.27 54.48
CA SER A 406 1.76 -50.27 54.15
C SER A 406 1.55 -50.21 52.63
N ILE A 407 2.17 -51.14 51.91
CA ILE A 407 2.06 -51.17 50.46
C ILE A 407 0.64 -51.51 50.07
N GLU A 408 0.09 -50.77 49.11
CA GLU A 408 -1.31 -50.91 48.72
C GLU A 408 -1.40 -50.95 47.20
N ILE A 409 -0.63 -51.85 46.58
CA ILE A 409 -0.80 -52.11 45.15
C ILE A 409 -2.25 -52.50 44.92
N ASN A 410 -2.99 -51.68 44.18
CA ASN A 410 -4.40 -51.90 43.94
C ASN A 410 -4.69 -52.48 42.56
N SER A 411 -3.66 -52.91 41.83
CA SER A 411 -3.85 -53.45 40.50
C SER A 411 -4.53 -54.81 40.58
N LEU A 412 -5.75 -54.89 40.02
CA LEU A 412 -6.43 -56.17 39.94
C LEU A 412 -5.58 -57.20 39.22
N ALA A 413 -4.84 -56.77 38.22
CA ALA A 413 -3.93 -57.66 37.52
C ALA A 413 -2.85 -58.18 38.45
N TYR A 414 -2.31 -57.30 39.30
CA TYR A 414 -1.27 -57.75 40.22
C TYR A 414 -1.84 -58.78 41.19
N HIS A 415 -3.07 -58.56 41.65
CA HIS A 415 -3.73 -59.57 42.48
C HIS A 415 -3.97 -60.87 41.72
N GLY A 416 -3.86 -60.85 40.40
CA GLY A 416 -4.05 -62.05 39.63
C GLY A 416 -5.43 -62.63 39.74
N LYS A 417 -6.44 -61.78 39.89
CA LYS A 417 -7.82 -62.21 40.05
C LYS A 417 -8.47 -62.00 38.69
N TYR A 418 -8.26 -62.96 37.78
CA TYR A 418 -8.72 -62.81 36.41
C TYR A 418 -10.21 -63.06 36.23
N ASP A 419 -10.87 -63.72 37.18
CA ASP A 419 -12.30 -63.96 37.03
C ASP A 419 -13.07 -62.64 36.97
N VAL A 420 -12.70 -61.68 37.82
CA VAL A 420 -13.30 -60.35 37.70
C VAL A 420 -12.77 -59.64 36.47
N MET A 421 -11.54 -59.95 36.07
CA MET A 421 -10.94 -59.27 34.92
C MET A 421 -11.72 -59.56 33.65
N LYS A 422 -12.11 -60.82 33.44
CA LYS A 422 -12.80 -61.17 32.21
C LYS A 422 -14.16 -60.47 32.11
N LYS A 423 -14.91 -60.43 33.22
CA LYS A 423 -16.19 -59.73 33.20
C LYS A 423 -15.99 -58.24 33.00
N PHE A 424 -14.93 -57.68 33.59
CA PHE A 424 -14.62 -56.29 33.34
C PHE A 424 -14.32 -56.05 31.87
N ILE A 425 -13.71 -57.04 31.21
CA ILE A 425 -13.34 -56.87 29.80
C ILE A 425 -14.59 -56.69 28.94
N GLU A 426 -15.57 -57.58 29.09
CA GLU A 426 -16.79 -57.47 28.30
C GLU A 426 -17.83 -56.67 29.08
N GLU A 427 -17.49 -55.40 29.30
CA GLU A 427 -18.40 -54.43 29.85
C GLU A 427 -18.37 -53.19 28.98
N GLN A 428 -19.48 -52.46 28.96
CA GLN A 428 -19.60 -51.32 28.05
C GLN A 428 -18.63 -50.23 28.46
N SER A 429 -17.85 -49.75 27.50
CA SER A 429 -16.79 -48.79 27.77
C SER A 429 -17.38 -47.40 27.98
N VAL A 430 -16.85 -46.67 28.94
CA VAL A 430 -17.34 -45.35 29.28
C VAL A 430 -16.34 -44.25 28.94
N SER A 431 -15.04 -44.57 28.87
CA SER A 431 -14.04 -43.53 28.69
C SER A 431 -12.81 -44.12 28.03
N ILE A 432 -11.96 -43.23 27.53
CA ILE A 432 -10.68 -43.64 26.98
C ILE A 432 -9.76 -44.19 28.07
N GLU A 433 -9.87 -43.66 29.29
CA GLU A 433 -9.12 -44.23 30.41
C GLU A 433 -9.57 -45.64 30.70
N ASP A 434 -10.88 -45.87 30.69
CA ASP A 434 -11.41 -47.22 30.85
C ASP A 434 -10.92 -48.12 29.73
N ASP A 435 -10.89 -47.59 28.50
CA ASP A 435 -10.37 -48.37 27.38
C ASP A 435 -8.90 -48.72 27.61
N TYR A 436 -8.13 -47.81 28.17
CA TYR A 436 -6.72 -48.08 28.45
C TYR A 436 -6.58 -49.20 29.46
N LYS A 437 -7.40 -49.17 30.51
CA LYS A 437 -7.34 -50.26 31.50
C LYS A 437 -7.77 -51.58 30.88
N LYS A 438 -8.80 -51.54 30.03
CA LYS A 438 -9.19 -52.76 29.31
C LYS A 438 -8.05 -53.26 28.45
N ALA A 439 -7.32 -52.35 27.81
CA ALA A 439 -6.19 -52.76 26.99
C ALA A 439 -5.15 -53.48 27.82
N PHE A 440 -4.82 -52.92 28.97
CA PHE A 440 -3.81 -53.55 29.83
C PHE A 440 -4.28 -54.93 30.27
N PHE A 441 -5.54 -55.05 30.69
CA PHE A 441 -6.02 -56.33 31.16
C PHE A 441 -6.12 -57.35 30.04
N LEU A 442 -6.49 -56.91 28.83
CA LEU A 442 -6.50 -57.81 27.69
C LEU A 442 -5.11 -58.31 27.38
N ALA A 443 -4.12 -57.39 27.36
CA ALA A 443 -2.76 -57.78 27.07
C ALA A 443 -2.23 -58.76 28.11
N CYS A 444 -2.61 -58.55 29.37
CA CYS A 444 -2.26 -59.54 30.39
C CYS A 444 -3.05 -60.83 30.21
N LEU A 445 -4.21 -60.76 29.56
CA LEU A 445 -5.09 -61.93 29.48
C LEU A 445 -4.60 -62.96 28.48
N GLY A 446 -4.18 -62.53 27.29
CA GLY A 446 -3.72 -63.48 26.30
C GLY A 446 -4.16 -63.14 24.89
N ARG A 447 -5.18 -62.30 24.76
CA ARG A 447 -5.66 -61.88 23.44
C ARG A 447 -4.85 -60.67 22.98
N TRP A 448 -3.62 -60.94 22.53
CA TRP A 448 -2.75 -59.87 22.07
C TRP A 448 -3.33 -59.15 20.87
N GLU A 449 -3.92 -59.89 19.93
CA GLU A 449 -4.51 -59.26 18.76
C GLU A 449 -5.66 -58.35 19.15
N GLU A 450 -6.50 -58.80 20.09
CA GLU A 450 -7.59 -57.96 20.56
C GLU A 450 -7.07 -56.71 21.25
N SER A 451 -6.02 -56.87 22.08
CA SER A 451 -5.45 -55.72 22.75
C SER A 451 -4.89 -54.72 21.76
N TYR A 452 -4.20 -55.22 20.73
CA TYR A 452 -3.64 -54.32 19.72
C TYR A 452 -4.74 -53.66 18.90
N ASP A 453 -5.83 -54.38 18.67
CA ASP A 453 -6.98 -53.78 18.01
C ASP A 453 -7.52 -52.61 18.83
N LEU A 454 -7.68 -52.81 20.12
CA LEU A 454 -8.21 -51.74 20.94
C LEU A 454 -7.21 -50.58 21.00
N TYR A 455 -5.91 -50.89 21.03
CA TYR A 455 -4.91 -49.85 20.98
C TYR A 455 -4.99 -49.07 19.68
N SER A 456 -5.19 -49.77 18.57
CA SER A 456 -5.31 -49.12 17.28
C SER A 456 -6.52 -48.20 17.23
N ASN A 457 -7.60 -48.53 17.93
CA ASN A 457 -8.70 -47.57 17.92
C ASN A 457 -8.41 -46.40 18.85
N ILE A 458 -7.84 -46.66 20.03
CA ILE A 458 -7.70 -45.56 20.99
C ILE A 458 -6.66 -44.55 20.51
N ILE A 459 -5.63 -45.01 19.79
CA ILE A 459 -4.63 -44.05 19.31
C ILE A 459 -5.29 -43.06 18.37
N LEU A 460 -6.18 -43.55 17.51
CA LEU A 460 -6.93 -42.67 16.62
C LEU A 460 -7.87 -41.77 17.39
N ASN A 461 -8.53 -42.30 18.44
CA ASN A 461 -9.52 -41.51 19.14
C ASN A 461 -8.92 -40.44 20.05
N SER A 462 -7.74 -40.71 20.61
CA SER A 462 -7.23 -39.88 21.69
C SER A 462 -6.68 -38.53 21.23
N ILE A 463 -6.42 -38.38 19.93
CA ILE A 463 -5.84 -37.13 19.43
C ILE A 463 -6.78 -35.95 19.59
N ASP A 464 -8.07 -36.21 19.80
CA ASP A 464 -9.05 -35.13 19.92
C ASP A 464 -8.74 -34.21 21.09
N GLU A 465 -8.37 -34.76 22.24
CA GLU A 465 -8.29 -34.00 23.47
C GLU A 465 -6.89 -33.40 23.67
N SER A 466 -6.70 -32.76 24.82
CA SER A 466 -5.44 -32.19 25.26
C SER A 466 -4.73 -33.17 26.20
N ASN A 467 -3.69 -32.67 26.87
CA ASN A 467 -2.89 -33.39 27.88
C ASN A 467 -2.67 -34.86 27.49
N GLY A 468 -2.20 -35.06 26.26
CA GLY A 468 -2.09 -36.37 25.68
C GLY A 468 -0.98 -37.24 26.26
N CYS A 469 -1.01 -37.45 27.57
CA CYS A 469 -0.14 -38.45 28.15
C CYS A 469 -0.52 -39.84 27.64
N VAL A 470 -1.83 -40.12 27.60
CA VAL A 470 -2.30 -41.43 27.16
C VAL A 470 -1.83 -41.69 25.75
N TYR A 471 -1.64 -40.64 24.96
CA TYR A 471 -1.02 -40.79 23.65
C TYR A 471 0.33 -41.49 23.79
N TYR A 472 1.19 -40.98 24.68
CA TYR A 472 2.50 -41.57 24.84
C TYR A 472 2.40 -42.99 25.37
N LEU A 473 1.52 -43.20 26.34
CA LEU A 473 1.42 -44.53 26.93
C LEU A 473 0.98 -45.54 25.88
N SER A 474 -0.03 -45.20 25.08
CA SER A 474 -0.49 -46.12 24.04
C SER A 474 0.60 -46.37 23.01
N GLN A 475 1.32 -45.33 22.61
CA GLN A 475 2.38 -45.51 21.63
C GLN A 475 3.44 -46.48 22.13
N ILE A 476 3.95 -46.23 23.34
CA ILE A 476 5.01 -47.07 23.87
C ILE A 476 4.51 -48.49 24.06
N ASN A 477 3.27 -48.64 24.54
CA ASN A 477 2.78 -49.98 24.81
C ASN A 477 2.60 -50.74 23.51
N ARG A 478 2.16 -50.04 22.46
CA ARG A 478 2.05 -50.63 21.13
C ARG A 478 3.40 -51.12 20.64
N TYR A 479 4.44 -50.29 20.81
CA TYR A 479 5.77 -50.72 20.37
C TYR A 479 6.22 -51.96 21.13
N ARG A 480 6.06 -51.96 22.45
CA ARG A 480 6.50 -53.10 23.24
C ARG A 480 5.71 -54.35 22.87
N ILE A 481 4.42 -54.20 22.57
CA ILE A 481 3.63 -55.39 22.25
C ILE A 481 3.95 -55.91 20.86
N TYR A 482 4.33 -55.05 19.91
CA TYR A 482 4.87 -55.59 18.67
C TYR A 482 6.17 -56.34 18.94
N GLN A 483 7.03 -55.79 19.80
CA GLN A 483 8.23 -56.54 20.14
C GLN A 483 7.88 -57.93 20.65
N SER A 484 6.88 -58.00 21.52
CA SER A 484 6.44 -59.28 22.07
C SER A 484 5.89 -60.19 20.98
N ILE A 485 5.11 -59.63 20.06
CA ILE A 485 4.56 -60.42 18.95
C ILE A 485 5.68 -60.98 18.09
N THR A 486 6.70 -60.16 17.81
CA THR A 486 7.81 -60.61 16.99
C THR A 486 8.58 -61.73 17.67
N GLN A 487 8.90 -61.58 18.95
CA GLN A 487 9.61 -62.63 19.66
C GLN A 487 8.76 -63.89 19.72
N ALA A 488 7.44 -63.72 19.83
CA ALA A 488 6.54 -64.87 19.81
C ALA A 488 6.66 -65.62 18.48
N VAL A 489 6.25 -64.98 17.38
CA VAL A 489 6.30 -65.63 16.07
C VAL A 489 7.70 -66.12 15.76
N THR A 490 8.71 -65.59 16.46
CA THR A 490 10.04 -66.16 16.34
C THR A 490 10.13 -67.55 16.98
N GLN A 491 9.94 -67.64 18.30
CA GLN A 491 10.25 -68.93 18.92
C GLN A 491 9.14 -69.95 18.70
N PHE A 492 7.91 -69.48 18.53
CA PHE A 492 6.78 -70.34 18.23
C PHE A 492 7.05 -71.18 16.99
N ASN A 493 7.23 -70.53 15.84
CA ASN A 493 7.50 -71.27 14.62
C ASN A 493 8.91 -71.82 14.57
N GLY A 494 9.81 -71.31 15.41
CA GLY A 494 11.12 -71.92 15.53
C GLY A 494 11.04 -73.33 16.10
N LEU A 495 10.18 -73.53 17.09
CA LEU A 495 10.02 -74.86 17.67
C LEU A 495 9.02 -75.72 16.91
N GLY A 496 7.90 -75.15 16.47
CA GLY A 496 7.03 -75.87 15.55
C GLY A 496 6.04 -76.79 16.24
N LEU A 497 5.90 -77.99 15.69
CA LEU A 497 4.89 -78.94 16.16
C LEU A 497 5.16 -79.39 17.59
N LEU A 498 6.44 -79.60 17.92
CA LEU A 498 6.79 -80.08 19.26
C LEU A 498 6.41 -79.09 20.35
N THR A 499 6.13 -77.84 19.98
CA THR A 499 5.78 -76.84 20.98
C THR A 499 4.52 -77.21 21.74
N PHE A 500 3.48 -77.67 21.03
CA PHE A 500 2.24 -78.05 21.67
C PHE A 500 1.61 -79.28 21.03
N GLY A 501 2.42 -80.10 20.36
CA GLY A 501 1.90 -81.29 19.72
C GLY A 501 1.09 -81.03 18.47
N ARG A 502 1.22 -79.84 17.88
CA ARG A 502 0.51 -79.50 16.66
C ARG A 502 1.20 -78.30 16.02
N HIS A 503 1.14 -78.23 14.69
CA HIS A 503 1.54 -77.04 13.95
C HIS A 503 0.40 -76.03 14.02
N TYR A 504 0.04 -75.67 15.25
CA TYR A 504 -1.09 -74.80 15.53
C TYR A 504 -0.64 -73.34 15.53
N LYS A 505 -1.07 -72.60 14.52
CA LYS A 505 -0.74 -71.17 14.45
C LYS A 505 -1.89 -70.35 15.04
N PRO A 506 -1.72 -69.75 16.21
CA PRO A 506 -2.77 -68.87 16.75
C PRO A 506 -2.97 -67.65 15.86
N PHE A 507 -1.90 -67.26 15.18
CA PHE A 507 -1.83 -65.99 14.49
C PHE A 507 -1.79 -66.19 12.99
N THR A 508 -2.35 -65.23 12.25
CA THR A 508 -2.44 -65.27 10.80
C THR A 508 -1.63 -64.13 10.19
N ASP A 509 -1.77 -63.97 8.87
CA ASP A 509 -0.93 -63.02 8.15
C ASP A 509 -1.56 -61.64 8.02
N GLU A 510 -2.86 -61.50 8.32
CA GLU A 510 -3.58 -60.25 8.09
C GLU A 510 -3.01 -59.12 8.95
N PHE A 511 -3.07 -59.32 10.26
CA PHE A 511 -2.56 -58.34 11.22
C PHE A 511 -1.10 -58.01 10.98
N LEU A 512 -0.35 -58.99 10.46
CA LEU A 512 1.06 -58.78 10.14
C LEU A 512 1.26 -57.57 9.26
N ALA A 513 0.42 -57.40 8.23
CA ALA A 513 0.67 -56.34 7.26
C ALA A 513 0.70 -54.97 7.94
N ARG A 514 -0.37 -54.64 8.67
CA ARG A 514 -0.42 -53.35 9.32
C ARG A 514 0.69 -53.18 10.34
N ILE A 515 0.94 -54.19 11.17
CA ILE A 515 1.96 -54.00 12.19
C ILE A 515 3.33 -53.79 11.56
N GLU A 516 3.67 -54.59 10.54
CA GLU A 516 5.01 -54.48 9.97
C GLU A 516 5.18 -53.12 9.33
N ARG A 517 4.17 -52.65 8.57
CA ARG A 517 4.34 -51.36 7.92
C ARG A 517 4.55 -50.26 8.96
N GLU A 518 3.65 -50.18 9.95
CA GLU A 518 3.68 -49.02 10.83
C GLU A 518 4.93 -49.01 11.71
N MET A 519 5.30 -50.14 12.33
CA MET A 519 6.50 -50.12 13.19
C MET A 519 7.81 -50.29 12.41
N THR A 520 7.74 -50.70 11.15
CA THR A 520 8.94 -50.63 10.33
C THR A 520 9.25 -49.19 9.96
N ASN A 521 8.21 -48.40 9.69
CA ASN A 521 8.43 -46.97 9.52
C ASN A 521 8.93 -46.33 10.81
N PHE A 522 8.37 -46.73 11.94
CA PHE A 522 8.48 -45.98 13.19
C PHE A 522 9.84 -46.17 13.86
N ASN A 523 10.21 -45.22 14.71
CA ASN A 523 11.39 -45.31 15.59
C ASN A 523 11.01 -44.78 16.97
N ILE A 524 11.20 -45.60 18.01
CA ILE A 524 10.96 -45.14 19.37
C ILE A 524 11.92 -44.04 19.80
N ASP A 525 13.17 -44.09 19.35
CA ASP A 525 14.25 -43.32 19.97
C ASP A 525 14.16 -41.83 19.69
N ASP A 526 13.00 -41.34 19.25
CA ASP A 526 12.82 -39.90 19.11
C ASP A 526 11.46 -39.41 19.58
N LEU A 527 10.63 -40.29 20.17
CA LEU A 527 9.22 -39.95 20.34
C LEU A 527 9.02 -38.73 21.25
N PHE A 528 9.62 -38.74 22.44
CA PHE A 528 9.57 -37.55 23.30
C PHE A 528 10.13 -36.31 22.61
N ASN A 529 11.13 -36.48 21.76
CA ASN A 529 11.66 -35.31 21.05
C ASN A 529 10.58 -34.64 20.21
N GLY A 530 9.64 -35.42 19.68
CA GLY A 530 8.58 -34.84 18.88
C GLY A 530 7.41 -34.28 19.66
N MET A 531 7.29 -34.66 20.92
CA MET A 531 6.15 -34.23 21.72
C MET A 531 6.26 -32.73 21.95
N PRO A 532 5.16 -31.99 21.80
CA PRO A 532 5.21 -30.53 21.95
C PRO A 532 5.79 -30.08 23.27
N PHE A 533 6.37 -28.87 23.25
CA PHE A 533 7.21 -28.40 24.33
C PHE A 533 6.47 -28.30 25.65
N GLU A 534 5.19 -27.90 25.59
CA GLU A 534 4.40 -27.89 26.82
C GLU A 534 4.40 -29.24 27.49
N PHE A 535 4.30 -30.31 26.70
CA PHE A 535 4.24 -31.66 27.27
C PHE A 535 5.55 -32.02 27.95
N GLN A 536 6.69 -31.67 27.34
CA GLN A 536 7.98 -32.08 27.91
C GLN A 536 8.35 -31.22 29.12
N LYS A 537 7.95 -29.95 29.11
CA LYS A 537 8.05 -29.16 30.34
C LYS A 537 7.18 -29.74 31.44
N LYS A 538 5.94 -30.13 31.12
CA LYS A 538 5.04 -30.61 32.15
C LYS A 538 5.40 -32.03 32.58
N TYR A 539 5.77 -32.89 31.64
CA TYR A 539 5.88 -34.32 31.92
C TYR A 539 7.27 -34.88 31.66
N LYS A 540 8.29 -34.21 32.19
CA LYS A 540 9.64 -34.72 32.04
C LYS A 540 9.78 -36.11 32.64
N ILE A 541 8.89 -36.48 33.56
CA ILE A 541 9.03 -37.73 34.29
C ILE A 541 8.95 -38.92 33.35
N LEU A 542 7.91 -38.98 32.53
CA LEU A 542 7.64 -40.17 31.74
C LEU A 542 8.53 -40.22 30.49
N GLU A 543 9.82 -39.97 30.71
CA GLU A 543 10.77 -40.02 29.62
C GLU A 543 11.68 -41.23 29.68
N PHE A 544 12.03 -41.67 30.88
CA PHE A 544 12.83 -42.86 31.03
C PHE A 544 12.10 -44.12 30.57
N LEU A 545 10.78 -44.04 30.44
CA LEU A 545 10.02 -45.19 29.95
C LEU A 545 10.30 -45.47 28.49
N SER A 546 10.71 -44.44 27.74
CA SER A 546 11.00 -44.63 26.32
C SER A 546 12.22 -45.52 26.13
N ASP A 547 13.33 -45.19 26.80
CA ASP A 547 14.52 -46.02 26.75
C ASP A 547 14.43 -47.07 27.85
N ASN A 548 15.53 -47.77 28.11
CA ASN A 548 15.55 -48.83 29.10
C ASN A 548 15.97 -48.37 30.48
N GLN A 549 16.64 -47.23 30.59
CA GLN A 549 17.41 -46.89 31.79
C GLN A 549 16.57 -46.83 33.06
N PHE A 550 15.26 -46.67 32.96
CA PHE A 550 14.46 -46.49 34.16
C PHE A 550 14.52 -47.72 35.05
N LEU A 551 14.72 -48.89 34.47
CA LEU A 551 14.81 -50.09 35.27
C LEU A 551 16.14 -50.26 35.96
N TYR A 552 17.14 -49.44 35.65
CA TYR A 552 18.50 -49.83 35.99
C TYR A 552 19.26 -48.78 36.79
N ASP A 553 18.82 -47.53 36.73
CA ASP A 553 19.44 -46.51 37.56
C ASP A 553 19.20 -46.77 39.04
N ASP A 554 18.27 -47.67 39.35
CA ASP A 554 18.12 -48.15 40.72
C ASP A 554 19.01 -49.34 41.03
N THR A 555 19.28 -50.19 40.05
CA THR A 555 20.05 -51.40 40.31
C THR A 555 21.52 -51.13 40.60
N VAL A 556 22.03 -49.96 40.22
CA VAL A 556 23.37 -49.61 40.66
C VAL A 556 23.43 -49.66 42.18
N LYS A 557 22.40 -49.15 42.84
CA LYS A 557 22.27 -49.32 44.28
C LYS A 557 22.16 -50.79 44.66
N LEU A 558 21.53 -51.60 43.80
CA LEU A 558 21.47 -53.04 44.06
C LEU A 558 22.86 -53.63 44.21
N PHE A 559 23.75 -53.40 43.24
CA PHE A 559 25.09 -53.97 43.38
C PHE A 559 25.86 -53.28 44.49
N GLU A 560 25.68 -51.98 44.64
CA GLU A 560 26.38 -51.26 45.71
C GLU A 560 26.04 -51.84 47.07
N LEU A 561 24.83 -52.37 47.23
CA LEU A 561 24.45 -52.89 48.53
C LEU A 561 24.69 -54.38 48.66
N THR A 562 24.65 -55.13 47.56
CA THR A 562 24.89 -56.57 47.69
C THR A 562 26.30 -56.85 48.20
N ASN A 563 27.29 -56.11 47.69
CA ASN A 563 28.65 -56.29 48.16
C ASN A 563 28.82 -55.87 49.62
N LYS A 564 28.18 -54.76 50.00
CA LYS A 564 28.31 -54.30 51.38
C LYS A 564 27.66 -55.28 52.35
N VAL A 565 26.48 -55.79 52.00
CA VAL A 565 25.83 -56.79 52.83
C VAL A 565 26.65 -58.07 52.88
N ARG A 566 27.22 -58.47 51.74
CA ARG A 566 28.05 -59.67 51.72
C ARG A 566 29.30 -59.52 52.56
N SER A 567 29.86 -58.31 52.65
CA SER A 567 31.00 -58.06 53.52
C SER A 567 30.60 -58.07 54.99
N GLU A 568 29.50 -57.39 55.33
CA GLU A 568 29.00 -57.43 56.70
C GLU A 568 28.62 -58.85 57.11
N MET A 569 28.31 -59.69 56.12
CA MET A 569 27.91 -61.07 56.39
C MET A 569 28.99 -61.82 57.12
N SER A 570 30.21 -61.81 56.57
CA SER A 570 31.34 -62.48 57.20
C SER A 570 31.93 -61.63 58.33
N GLU A 571 31.96 -60.30 58.18
CA GLU A 571 32.57 -59.46 59.20
C GLU A 571 31.79 -59.50 60.51
N GLY A 572 30.53 -59.89 60.49
CA GLY A 572 29.73 -59.95 61.70
C GLY A 572 29.31 -58.61 62.25
N SER A 573 29.48 -57.53 61.49
CA SER A 573 29.07 -56.21 61.94
C SER A 573 27.55 -56.11 62.01
N TYR A 574 27.08 -55.12 62.77
CA TYR A 574 25.66 -54.92 62.98
C TYR A 574 25.18 -53.69 62.22
N SER A 575 23.91 -53.73 61.80
CA SER A 575 23.28 -52.65 61.09
C SER A 575 22.26 -51.94 61.97
N PHE A 576 22.02 -50.67 61.67
CA PHE A 576 21.13 -49.84 62.48
C PHE A 576 20.36 -48.89 61.58
N GLY A 577 19.22 -48.43 62.08
CA GLY A 577 18.42 -47.46 61.34
C GLY A 577 17.86 -48.05 60.07
N MET A 578 17.79 -47.21 59.04
CA MET A 578 17.28 -47.63 57.72
C MET A 578 18.35 -48.46 57.04
N SER A 579 18.42 -49.74 57.42
CA SER A 579 19.42 -50.63 56.85
C SER A 579 19.06 -50.96 55.41
N SER A 580 20.06 -51.43 54.67
CA SER A 580 19.93 -51.59 53.23
C SER A 580 18.76 -52.50 52.85
N ASP A 581 18.43 -53.46 53.71
CA ASP A 581 17.38 -54.42 53.38
C ASP A 581 16.04 -53.75 53.18
N ILE A 582 15.61 -52.94 54.16
CA ILE A 582 14.34 -52.26 54.03
C ILE A 582 14.39 -51.24 52.90
N VAL A 583 15.58 -50.66 52.67
CA VAL A 583 15.72 -49.69 51.59
C VAL A 583 15.41 -50.33 50.24
N VAL A 584 16.08 -51.44 49.95
CA VAL A 584 15.85 -52.10 48.67
C VAL A 584 14.44 -52.67 48.61
N LEU A 585 13.92 -53.15 49.74
CA LEU A 585 12.61 -53.77 49.76
C LEU A 585 11.53 -52.73 49.43
N LEU A 586 11.64 -51.56 50.05
CA LEU A 586 10.80 -50.42 49.70
C LEU A 586 10.96 -50.03 48.25
N ARG A 587 12.20 -49.96 47.76
CA ARG A 587 12.43 -49.57 46.37
C ARG A 587 11.72 -50.52 45.43
N LEU A 588 11.81 -51.81 45.72
CA LEU A 588 11.11 -52.82 44.93
C LEU A 588 9.62 -52.54 44.91
N TYR A 589 9.02 -52.33 46.10
CA TYR A 589 7.59 -52.04 46.12
C TYR A 589 7.25 -50.81 45.29
N ASP A 590 8.04 -49.74 45.41
CA ASP A 590 7.70 -48.52 44.68
C ASP A 590 7.73 -48.78 43.18
N ASN A 591 8.75 -49.48 42.71
CA ASN A 591 8.84 -49.79 41.29
C ASN A 591 7.62 -50.58 40.84
N LEU A 592 7.27 -51.64 41.58
CA LEU A 592 6.13 -52.45 41.16
C LEU A 592 4.86 -51.63 41.13
N ARG A 593 4.64 -50.83 42.17
CA ARG A 593 3.38 -50.11 42.25
C ARG A 593 3.25 -49.11 41.12
N PHE A 594 4.32 -48.38 40.84
CA PHE A 594 4.30 -47.46 39.70
C PHE A 594 3.95 -48.20 38.42
N LEU A 595 4.66 -49.30 38.17
CA LEU A 595 4.49 -50.01 36.92
C LEU A 595 3.06 -50.51 36.76
N TYR A 596 2.50 -51.11 37.80
CA TYR A 596 1.17 -51.70 37.63
C TYR A 596 0.06 -50.66 37.65
N GLU A 597 0.18 -49.63 38.48
CA GLU A 597 -0.87 -48.62 38.50
C GLU A 597 -0.93 -47.88 37.18
N ASN A 598 0.23 -47.68 36.54
CA ASN A 598 0.27 -46.91 35.30
C ASN A 598 -0.11 -47.72 34.06
N CYS A 599 -0.18 -49.05 34.17
CA CYS A 599 -0.61 -49.93 33.09
C CYS A 599 0.29 -49.78 31.85
N LEU A 600 1.54 -50.20 32.01
CA LEU A 600 2.48 -50.33 30.92
C LEU A 600 2.95 -51.77 30.83
N TRP A 601 3.05 -52.30 29.61
CA TRP A 601 3.29 -53.73 29.44
C TRP A 601 4.71 -54.13 29.78
N SER A 602 5.59 -53.16 30.06
CA SER A 602 7.00 -53.43 30.29
C SER A 602 7.24 -54.43 31.39
N VAL A 603 6.22 -54.74 32.20
CA VAL A 603 6.39 -55.71 33.28
C VAL A 603 6.54 -57.11 32.73
N SER A 604 6.34 -57.29 31.42
CA SER A 604 6.34 -58.60 30.80
C SER A 604 7.71 -59.04 30.31
N PHE A 605 8.74 -58.22 30.47
CA PHE A 605 10.04 -58.57 29.91
C PHE A 605 10.92 -59.23 30.96
N HIS A 606 12.01 -59.84 30.48
CA HIS A 606 12.89 -60.64 31.33
C HIS A 606 13.61 -59.79 32.36
N GLU A 607 13.94 -58.55 32.00
CA GLU A 607 14.80 -57.73 32.85
C GLU A 607 14.15 -57.42 34.19
N PHE A 608 12.90 -56.98 34.16
CA PHE A 608 12.20 -56.66 35.41
C PHE A 608 12.14 -57.88 36.29
N HIS A 609 11.80 -59.03 35.70
CA HIS A 609 11.85 -60.28 36.44
C HIS A 609 13.18 -60.43 37.15
N GLN A 610 14.26 -60.56 36.37
CA GLN A 610 15.56 -60.88 36.95
C GLN A 610 15.93 -59.89 38.05
N TYR A 611 15.54 -58.62 37.87
CA TYR A 611 15.76 -57.63 38.91
C TYR A 611 15.06 -58.04 40.19
N ILE A 612 13.80 -58.48 40.05
CA ILE A 612 13.03 -58.88 41.23
C ILE A 612 13.66 -60.10 41.88
N ARG A 613 14.12 -61.06 41.06
CA ARG A 613 14.75 -62.26 41.62
C ARG A 613 15.96 -61.87 42.47
N ASN A 614 16.89 -61.10 41.92
CA ASN A 614 18.04 -60.78 42.76
C ASN A 614 17.63 -60.04 44.02
N SER A 615 16.69 -59.09 43.90
CA SER A 615 16.33 -58.29 45.07
C SER A 615 15.79 -59.16 46.19
N MET A 616 14.68 -59.84 45.94
CA MET A 616 14.08 -60.67 46.98
C MET A 616 14.97 -61.86 47.35
N SER A 617 15.89 -62.26 46.48
CA SER A 617 16.92 -63.22 46.87
C SER A 617 17.80 -62.65 47.97
N LEU A 618 18.26 -61.42 47.80
CA LEU A 618 19.05 -60.78 48.85
C LEU A 618 18.25 -60.67 50.14
N LEU A 619 16.97 -60.32 50.02
CA LEU A 619 16.12 -60.28 51.21
C LEU A 619 16.06 -61.61 51.93
N ILE A 620 15.86 -62.71 51.20
CA ILE A 620 15.73 -63.98 51.90
C ILE A 620 17.06 -64.40 52.50
N GLU A 621 18.18 -64.11 51.83
CA GLU A 621 19.47 -64.49 52.40
C GLU A 621 19.75 -63.69 53.68
N LYS A 622 19.38 -62.41 53.67
CA LYS A 622 19.52 -61.61 54.89
C LYS A 622 18.65 -62.17 56.00
N ALA A 623 17.43 -62.60 55.66
CA ALA A 623 16.55 -63.20 56.67
C ALA A 623 17.15 -64.48 57.23
N GLU A 624 17.72 -65.31 56.36
CA GLU A 624 18.30 -66.57 56.82
C GLU A 624 19.46 -66.33 57.77
N TYR A 625 20.30 -65.33 57.48
CA TYR A 625 21.36 -65.00 58.43
C TYR A 625 20.79 -64.43 59.73
N GLU A 626 19.81 -63.54 59.64
CA GLU A 626 19.22 -62.94 60.82
C GLU A 626 18.57 -63.99 61.71
N ARG A 627 18.19 -65.13 61.13
CA ARG A 627 17.63 -66.21 61.91
C ARG A 627 18.59 -66.70 62.98
N THR A 628 19.85 -66.91 62.61
CA THR A 628 20.83 -67.54 63.50
C THR A 628 21.97 -66.61 63.88
N ARG A 629 21.82 -65.30 63.72
CA ARG A 629 22.90 -64.37 64.06
C ARG A 629 23.19 -64.42 65.56
N ASP A 630 24.47 -64.38 65.90
CA ASP A 630 24.89 -64.38 67.31
C ASP A 630 24.52 -63.05 67.94
N ILE A 631 23.76 -63.11 69.03
CA ILE A 631 23.27 -61.90 69.70
C ILE A 631 24.29 -61.50 70.77
N ASP A 632 24.87 -60.31 70.61
CA ASP A 632 25.73 -59.76 71.65
C ASP A 632 24.91 -58.92 72.62
N GLU A 633 25.60 -58.29 73.57
CA GLU A 633 24.91 -57.48 74.58
C GLU A 633 24.19 -56.31 73.94
N LEU A 634 24.86 -55.61 73.02
CA LEU A 634 24.20 -54.51 72.31
C LEU A 634 23.07 -55.03 71.42
N GLY A 635 23.29 -56.17 70.77
CA GLY A 635 22.23 -56.75 69.96
C GLY A 635 21.02 -57.15 70.78
N PHE A 636 21.24 -57.71 71.97
CA PHE A 636 20.11 -58.06 72.83
C PHE A 636 19.43 -56.81 73.38
N SER A 637 20.19 -55.75 73.64
CA SER A 637 19.59 -54.52 74.14
C SER A 637 18.73 -53.84 73.07
N PHE A 638 19.16 -53.91 71.82
CA PHE A 638 18.47 -53.16 70.77
C PHE A 638 17.43 -53.98 70.02
N PHE A 639 17.77 -55.18 69.57
CA PHE A 639 16.90 -55.99 68.72
C PHE A 639 16.67 -57.37 69.34
N GLY A 640 16.30 -57.39 70.62
CA GLY A 640 15.96 -58.65 71.26
C GLY A 640 14.68 -59.24 70.71
N LYS A 641 14.46 -60.52 71.06
CA LYS A 641 13.30 -61.27 70.58
C LYS A 641 13.27 -61.32 69.05
N LYS A 642 14.29 -62.00 68.51
CA LYS A 642 14.53 -62.13 67.07
C LYS A 642 13.23 -62.20 66.27
N SER A 643 13.12 -61.32 65.28
CA SER A 643 11.97 -61.26 64.38
C SER A 643 12.48 -61.41 62.96
N GLY A 644 12.52 -62.64 62.47
CA GLY A 644 12.95 -62.88 61.11
C GLY A 644 12.02 -62.23 60.11
N PHE A 645 12.56 -62.00 58.90
CA PHE A 645 11.79 -61.33 57.86
C PHE A 645 10.52 -62.12 57.56
N PHE A 646 9.38 -61.55 57.92
CA PHE A 646 8.11 -62.21 57.66
C PHE A 646 7.82 -62.22 56.17
N MET A 647 7.47 -63.39 55.66
CA MET A 647 7.21 -63.57 54.24
C MET A 647 5.71 -63.37 54.06
N GLU A 648 5.35 -62.25 53.45
CA GLU A 648 3.97 -61.82 53.37
C GLU A 648 3.38 -62.16 51.99
N TYR A 649 2.13 -61.73 51.77
CA TYR A 649 1.45 -62.04 50.52
C TYR A 649 2.11 -61.36 49.33
N TYR A 650 2.56 -60.12 49.50
CA TYR A 650 3.11 -59.37 48.39
C TYR A 650 4.39 -60.00 47.89
N ASP A 651 5.32 -60.27 48.81
CA ASP A 651 6.53 -61.00 48.47
C ASP A 651 6.20 -62.37 47.89
N PHE A 652 5.15 -63.01 48.42
CA PHE A 652 4.78 -64.35 47.95
C PHE A 652 4.34 -64.29 46.48
N VAL A 653 3.53 -63.30 46.13
CA VAL A 653 3.16 -63.13 44.73
C VAL A 653 4.40 -62.88 43.89
N ASN A 654 5.31 -62.05 44.40
CA ASN A 654 6.54 -61.77 43.68
C ASN A 654 7.32 -63.04 43.36
N ILE A 655 7.57 -63.88 44.37
CA ILE A 655 8.32 -65.12 44.14
C ILE A 655 7.54 -66.05 43.22
N SER A 656 6.23 -66.16 43.46
CA SER A 656 5.43 -67.15 42.74
C SER A 656 5.37 -66.83 41.27
N ARG A 657 5.27 -65.55 40.92
CA ARG A 657 4.83 -65.22 39.58
C ARG A 657 5.94 -65.42 38.55
N HIS A 658 7.19 -65.13 38.92
CA HIS A 658 8.25 -65.02 37.92
C HIS A 658 9.47 -65.87 38.22
N PHE A 659 9.37 -66.85 39.12
CA PHE A 659 10.50 -67.72 39.41
C PHE A 659 10.53 -68.94 38.50
N LYS A 660 11.71 -69.54 38.43
CA LYS A 660 11.98 -70.80 37.76
C LYS A 660 12.41 -71.85 38.77
N ILE A 661 12.15 -73.13 38.44
CA ILE A 661 12.38 -74.22 39.40
C ILE A 661 13.82 -74.22 39.87
N ASP A 662 14.76 -74.01 38.97
CA ASP A 662 16.15 -73.92 39.39
C ASP A 662 16.39 -72.73 40.30
N ASP A 663 15.72 -71.62 40.00
CA ASP A 663 15.93 -70.41 40.79
C ASP A 663 15.44 -70.60 42.22
N ILE A 664 14.22 -71.11 42.39
CA ILE A 664 13.78 -71.44 43.74
C ILE A 664 14.63 -72.57 44.30
N LYS A 665 15.12 -73.46 43.44
CA LYS A 665 15.79 -74.64 43.93
C LYS A 665 17.06 -74.24 44.65
N ASN A 666 17.84 -73.33 44.06
CA ASN A 666 19.12 -72.96 44.67
C ASN A 666 18.91 -72.24 45.99
N LEU A 667 17.71 -71.71 46.24
CA LEU A 667 17.40 -71.19 47.56
C LEU A 667 17.51 -72.26 48.63
N GLU A 668 16.97 -73.47 48.37
CA GLU A 668 17.00 -74.50 49.40
C GLU A 668 18.41 -74.92 49.74
N ARG A 669 19.29 -75.07 48.74
CA ARG A 669 20.68 -75.38 49.08
C ARG A 669 21.33 -74.18 49.74
N SER A 670 20.86 -72.97 49.43
CA SER A 670 21.41 -71.77 50.04
C SER A 670 20.78 -71.45 51.39
N CYS A 671 19.50 -71.76 51.58
CA CYS A 671 18.81 -71.33 52.79
C CYS A 671 17.80 -72.40 53.21
N SER A 672 17.47 -72.40 54.50
CA SER A 672 16.49 -73.34 55.05
C SER A 672 15.15 -72.62 55.16
N ILE A 673 14.43 -72.60 54.05
CA ILE A 673 13.15 -71.90 54.00
C ILE A 673 12.11 -72.63 54.84
N ASP A 674 12.49 -73.78 55.41
CA ASP A 674 11.64 -74.43 56.40
C ASP A 674 11.58 -73.65 57.70
N LYS A 675 12.56 -72.77 57.96
CA LYS A 675 12.68 -72.08 59.23
C LYS A 675 12.35 -70.59 59.13
N ILE A 676 11.43 -70.23 58.23
CA ILE A 676 10.98 -68.85 58.08
C ILE A 676 9.48 -68.83 58.32
N ARG A 677 9.02 -67.90 59.17
CA ARG A 677 7.64 -67.87 59.59
C ARG A 677 6.77 -67.09 58.61
N PHE A 678 5.49 -67.46 58.55
CA PHE A 678 4.58 -67.02 57.51
C PHE A 678 3.42 -66.25 58.11
N GLY A 679 2.81 -65.39 57.28
CA GLY A 679 1.64 -64.64 57.67
C GLY A 679 0.63 -64.55 56.52
N GLU A 680 -0.58 -64.11 56.88
CA GLU A 680 -1.68 -63.94 55.92
C GLU A 680 -1.97 -65.23 55.17
N GLN A 681 -2.27 -66.28 55.93
CA GLN A 681 -2.53 -67.58 55.32
C GLN A 681 -3.80 -67.57 54.48
N GLU A 682 -4.81 -66.82 54.92
CA GLU A 682 -6.08 -66.81 54.23
C GLU A 682 -5.96 -66.23 52.82
N LYS A 683 -5.28 -65.08 52.69
CA LYS A 683 -5.22 -64.46 51.37
C LYS A 683 -4.38 -65.31 50.41
N ILE A 684 -3.30 -65.91 50.92
CA ILE A 684 -2.48 -66.73 50.05
C ILE A 684 -3.25 -67.98 49.64
N GLU A 685 -4.05 -68.57 50.54
CA GLU A 685 -4.77 -69.77 50.12
C GLU A 685 -5.89 -69.41 49.15
N GLU A 686 -6.44 -68.19 49.27
CA GLU A 686 -7.36 -67.72 48.25
C GLU A 686 -6.67 -67.64 46.89
N TYR A 687 -5.44 -67.11 46.86
CA TYR A 687 -4.73 -67.05 45.59
C TYR A 687 -4.48 -68.45 45.05
N LEU A 688 -4.08 -69.38 45.92
CA LEU A 688 -3.79 -70.74 45.48
C LEU A 688 -5.03 -71.42 44.91
N VAL A 689 -6.15 -71.31 45.61
CA VAL A 689 -7.37 -71.94 45.12
C VAL A 689 -7.81 -71.32 43.81
N GLY A 690 -7.63 -69.99 43.68
CA GLY A 690 -7.93 -69.36 42.40
C GLY A 690 -7.07 -69.89 41.28
N ILE A 691 -5.77 -70.07 41.55
CA ILE A 691 -4.85 -70.60 40.55
C ILE A 691 -5.29 -72.00 40.15
N ALA A 692 -5.69 -72.81 41.13
CA ALA A 692 -6.18 -74.15 40.82
C ALA A 692 -7.43 -74.10 39.96
N GLU A 693 -8.31 -73.14 40.23
CA GLU A 693 -9.53 -73.02 39.43
C GLU A 693 -9.20 -72.64 37.99
N GLU A 694 -8.25 -71.73 37.80
CA GLU A 694 -7.82 -71.37 36.45
C GLU A 694 -7.21 -72.57 35.74
N ILE A 695 -6.44 -73.38 36.47
CA ILE A 695 -5.96 -74.65 35.92
C ILE A 695 -7.14 -75.49 35.44
N THR A 696 -8.18 -75.58 36.27
CA THR A 696 -9.31 -76.45 35.94
C THR A 696 -10.01 -76.00 34.66
N LYS A 697 -10.42 -74.74 34.60
CA LYS A 697 -11.12 -74.26 33.39
C LYS A 697 -10.21 -74.25 32.17
N GLN A 698 -8.97 -73.79 32.31
CA GLN A 698 -8.09 -73.68 31.15
C GLN A 698 -7.86 -75.04 30.49
N PHE A 699 -7.90 -76.11 31.27
CA PHE A 699 -7.62 -77.45 30.77
C PHE A 699 -8.85 -78.35 30.82
N SER A 700 -10.03 -77.76 30.92
CA SER A 700 -11.28 -78.51 30.78
C SER A 700 -11.94 -78.33 29.42
N ALA A 701 -11.86 -77.14 28.84
CA ALA A 701 -12.45 -76.89 27.53
C ALA A 701 -11.50 -77.33 26.42
N ASN A 702 -12.05 -77.46 25.22
CA ASN A 702 -11.27 -77.88 24.08
C ASN A 702 -10.38 -76.77 23.52
N GLY A 703 -10.86 -75.53 23.54
CA GLY A 703 -10.09 -74.41 23.04
C GLY A 703 -9.33 -73.70 24.15
N MET A 704 -8.00 -73.70 24.05
CA MET A 704 -7.13 -73.19 25.10
C MET A 704 -6.20 -72.14 24.51
N ASN A 705 -6.09 -71.00 25.18
CA ASN A 705 -5.27 -69.90 24.70
C ASN A 705 -3.78 -70.27 24.77
N VAL A 706 -3.20 -70.59 23.61
CA VAL A 706 -1.85 -71.14 23.57
C VAL A 706 -0.83 -70.15 24.15
N VAL A 707 -0.97 -68.87 23.81
CA VAL A 707 0.00 -67.88 24.26
C VAL A 707 -0.05 -67.74 25.78
N PHE A 708 -1.25 -67.75 26.36
CA PHE A 708 -1.39 -67.55 27.79
C PHE A 708 -0.80 -68.71 28.59
N TYR A 709 -0.73 -69.91 27.98
CA TYR A 709 -0.15 -71.07 28.64
C TYR A 709 1.27 -70.79 29.12
N THR A 710 2.09 -70.17 28.26
CA THR A 710 3.48 -69.95 28.61
C THR A 710 3.60 -69.14 29.88
N GLN A 711 2.90 -68.02 29.97
CA GLN A 711 2.98 -67.18 31.15
C GLN A 711 2.23 -67.76 32.34
N PHE A 712 1.25 -68.63 32.11
CA PHE A 712 0.41 -69.13 33.20
C PHE A 712 1.02 -70.33 33.91
N ILE A 713 1.48 -71.33 33.16
CA ILE A 713 2.19 -72.44 33.76
C ILE A 713 3.43 -71.96 34.53
N SER A 714 4.14 -70.98 33.97
CA SER A 714 5.33 -70.46 34.64
C SER A 714 5.02 -69.99 36.05
N GLU A 715 3.90 -69.30 36.24
CA GLU A 715 3.52 -68.85 37.58
C GLU A 715 2.97 -69.97 38.45
N ALA A 716 2.08 -70.80 37.90
CA ALA A 716 1.43 -71.82 38.74
C ALA A 716 2.44 -72.81 39.29
N LYS A 717 3.36 -73.27 38.45
CA LYS A 717 4.36 -74.23 38.90
C LYS A 717 5.24 -73.67 40.02
N ALA A 718 5.77 -72.46 39.83
CA ALA A 718 6.62 -71.85 40.85
C ALA A 718 5.84 -71.63 42.14
N ALA A 719 4.60 -71.14 42.02
CA ALA A 719 3.80 -70.86 43.21
C ALA A 719 3.53 -72.11 44.02
N LEU A 720 3.00 -73.15 43.38
CA LEU A 720 2.68 -74.35 44.15
C LEU A 720 3.94 -75.04 44.64
N TYR A 721 5.08 -74.83 43.98
CA TYR A 721 6.31 -75.42 44.48
C TYR A 721 6.78 -74.69 45.73
N PHE A 722 6.63 -73.37 45.75
CA PHE A 722 6.91 -72.66 46.99
C PHE A 722 5.95 -73.07 48.10
N ALA A 723 4.71 -73.41 47.74
CA ALA A 723 3.62 -73.57 48.71
C ALA A 723 3.85 -74.68 49.74
N LYS A 724 5.01 -75.33 49.71
CA LYS A 724 5.23 -76.44 50.63
C LYS A 724 5.20 -75.98 52.09
N TYR A 725 5.80 -74.82 52.38
CA TYR A 725 5.86 -74.37 53.77
C TYR A 725 4.56 -73.77 54.26
N VAL A 726 3.56 -73.64 53.39
CA VAL A 726 2.30 -72.99 53.76
C VAL A 726 1.34 -74.02 54.31
N LYS A 727 0.90 -73.81 55.55
CA LYS A 727 -0.14 -74.65 56.12
C LYS A 727 -1.46 -74.43 55.39
N LEU A 728 -2.21 -75.52 55.17
CA LEU A 728 -3.42 -75.47 54.39
C LEU A 728 -4.57 -76.14 55.12
N SER A 729 -5.78 -75.65 54.88
CA SER A 729 -6.99 -76.20 55.45
C SER A 729 -7.39 -77.44 54.67
N GLU A 730 -8.61 -77.92 54.88
CA GLU A 730 -9.06 -79.14 54.21
C GLU A 730 -9.64 -78.84 52.83
N GLU A 731 -10.69 -78.00 52.79
CA GLU A 731 -11.36 -77.75 51.52
C GLU A 731 -10.43 -77.10 50.50
N GLY A 732 -9.65 -76.10 50.94
CA GLY A 732 -8.73 -75.45 50.04
C GLY A 732 -7.65 -76.39 49.53
N LEU A 733 -7.08 -77.20 50.42
CA LEU A 733 -6.09 -78.18 50.00
C LEU A 733 -6.68 -79.19 49.03
N GLY A 734 -7.96 -79.53 49.19
CA GLY A 734 -8.59 -80.43 48.23
C GLY A 734 -8.56 -79.89 46.82
N LYS A 735 -8.84 -78.60 46.66
CA LYS A 735 -8.81 -77.98 45.34
C LYS A 735 -7.42 -78.08 44.73
N ILE A 736 -6.39 -77.74 45.51
CA ILE A 736 -5.03 -77.72 45.01
C ILE A 736 -4.59 -79.12 44.62
N VAL A 737 -4.88 -80.11 45.47
CA VAL A 737 -4.44 -81.47 45.15
C VAL A 737 -5.20 -82.02 43.96
N LYS A 738 -6.49 -81.70 43.84
CA LYS A 738 -7.25 -82.15 42.67
C LYS A 738 -6.66 -81.59 41.39
N ALA A 739 -6.36 -80.29 41.38
CA ALA A 739 -5.79 -79.67 40.20
C ALA A 739 -4.43 -80.26 39.88
N LEU A 740 -3.57 -80.40 40.88
CA LEU A 740 -2.22 -80.90 40.65
C LEU A 740 -2.23 -82.34 40.16
N LEU A 741 -3.08 -83.18 40.75
CA LEU A 741 -3.08 -84.60 40.42
C LEU A 741 -3.86 -84.92 39.16
N PHE A 742 -4.72 -84.03 38.69
CA PHE A 742 -5.57 -84.43 37.57
C PHE A 742 -5.44 -83.57 36.33
N TYR A 743 -5.41 -82.25 36.47
CA TYR A 743 -5.59 -81.38 35.31
C TYR A 743 -4.34 -80.67 34.85
N PHE A 744 -3.28 -80.65 35.65
CA PHE A 744 -2.07 -80.00 35.17
C PHE A 744 -1.46 -80.84 34.05
N PRO A 745 -0.99 -80.18 32.98
CA PRO A 745 -0.56 -80.93 31.80
C PRO A 745 0.53 -81.94 32.11
N GLU A 746 0.43 -83.10 31.48
CA GLU A 746 1.53 -84.06 31.46
C GLU A 746 2.74 -83.49 30.73
N ARG A 747 2.53 -82.58 29.78
CA ARG A 747 3.65 -82.08 28.98
C ARG A 747 4.68 -81.36 29.84
N ASP A 748 4.22 -80.41 30.66
CA ASP A 748 5.13 -79.64 31.50
C ASP A 748 5.31 -80.27 32.88
N LEU A 749 4.64 -81.38 33.16
CA LEU A 749 4.72 -82.01 34.47
C LEU A 749 4.70 -83.52 34.27
N ASP A 750 5.88 -84.13 34.25
CA ASP A 750 5.98 -85.56 34.04
C ASP A 750 5.55 -86.32 35.29
N ILE A 751 5.17 -87.58 35.06
CA ILE A 751 4.53 -88.40 36.10
C ILE A 751 5.40 -88.47 37.35
N GLY A 752 6.70 -88.65 37.19
CA GLY A 752 7.58 -88.74 38.35
C GLY A 752 7.62 -87.48 39.19
N LYS A 753 7.69 -86.33 38.51
CA LYS A 753 7.70 -85.08 39.27
C LYS A 753 6.33 -84.75 39.81
N ARG A 754 5.26 -85.28 39.21
CA ARG A 754 3.96 -85.27 39.89
C ARG A 754 4.08 -85.87 41.28
N TYR A 755 4.70 -87.05 41.37
CA TYR A 755 4.77 -87.74 42.65
C TYR A 755 5.67 -87.00 43.63
N VAL A 756 6.84 -86.55 43.16
CA VAL A 756 7.71 -85.78 44.05
C VAL A 756 6.99 -84.54 44.54
N TRP A 757 6.22 -83.91 43.65
CA TRP A 757 5.40 -82.75 43.97
C TRP A 757 4.44 -83.05 45.11
N LEU A 758 3.67 -84.14 44.96
CA LEU A 758 2.65 -84.47 45.96
C LEU A 758 3.29 -84.88 47.29
N GLU A 759 4.40 -85.62 47.23
CA GLU A 759 5.09 -86.01 48.45
C GLU A 759 5.62 -84.80 49.19
N ARG A 760 6.19 -83.84 48.45
CA ARG A 760 6.67 -82.62 49.09
C ARG A 760 5.53 -81.84 49.72
N LEU A 761 4.38 -81.77 49.04
CA LEU A 761 3.24 -81.06 49.60
C LEU A 761 2.72 -81.73 50.87
N THR A 762 2.68 -83.07 50.89
CA THR A 762 2.02 -83.77 52.00
C THR A 762 2.76 -83.65 53.33
N LYS A 763 4.01 -83.18 53.35
CA LYS A 763 4.73 -83.05 54.61
C LYS A 763 4.07 -82.02 55.52
N CYS A 764 3.60 -80.91 54.94
CA CYS A 764 3.10 -79.80 55.75
C CYS A 764 1.80 -80.17 56.46
N ASN A 765 0.84 -80.73 55.73
CA ASN A 765 -0.49 -81.00 56.24
C ASN A 765 -0.74 -82.50 56.24
N GLU A 766 -1.26 -83.02 57.36
CA GLU A 766 -1.62 -84.42 57.45
C GLU A 766 -2.78 -84.73 56.51
N LEU A 767 -2.81 -85.97 56.02
CA LEU A 767 -3.71 -86.35 54.93
C LEU A 767 -4.87 -87.17 55.47
N PRO A 768 -6.09 -86.63 55.48
CA PRO A 768 -7.25 -87.45 55.86
C PRO A 768 -7.65 -88.39 54.73
N LYS A 769 -8.77 -89.10 54.90
CA LYS A 769 -9.27 -89.97 53.84
C LYS A 769 -9.81 -89.17 52.66
N SER A 770 -10.14 -87.89 52.88
CA SER A 770 -10.74 -87.09 51.83
C SER A 770 -9.82 -86.93 50.63
N ILE A 771 -8.51 -86.85 50.87
CA ILE A 771 -7.54 -86.73 49.79
C ILE A 771 -6.98 -88.08 49.36
N ILE A 772 -6.95 -89.07 50.27
CA ILE A 772 -6.56 -90.40 49.84
C ILE A 772 -7.59 -90.96 48.87
N SER A 773 -8.85 -90.52 48.97
CA SER A 773 -9.84 -90.87 47.95
C SER A 773 -9.49 -90.28 46.60
N ILE A 774 -9.01 -89.04 46.58
CA ILE A 774 -8.59 -88.41 45.32
C ILE A 774 -7.41 -89.17 44.73
N ILE A 775 -6.46 -89.56 45.56
CA ILE A 775 -5.32 -90.35 45.07
C ILE A 775 -5.78 -91.71 44.56
N ASP A 776 -6.78 -92.31 45.22
CA ASP A 776 -7.34 -93.56 44.74
C ASP A 776 -7.96 -93.35 43.35
N ASP A 777 -8.67 -92.23 43.17
CA ASP A 777 -9.24 -91.93 41.85
C ASP A 777 -8.13 -91.78 40.81
N PHE A 778 -7.04 -91.13 41.17
CA PHE A 778 -5.91 -91.00 40.25
C PHE A 778 -5.36 -92.37 39.85
N LEU A 779 -5.19 -93.26 40.83
CA LEU A 779 -4.67 -94.60 40.53
C LEU A 779 -5.66 -95.39 39.68
N VAL A 780 -6.96 -95.21 39.91
CA VAL A 780 -7.95 -95.88 39.09
C VAL A 780 -7.89 -95.37 37.65
N LEU A 781 -7.71 -94.06 37.48
CA LEU A 781 -7.55 -93.50 36.15
C LEU A 781 -6.30 -94.07 35.47
N GLN A 782 -5.21 -94.20 36.22
CA GLN A 782 -4.00 -94.81 35.67
C GLN A 782 -4.23 -96.26 35.28
N ALA A 783 -4.97 -97.01 36.09
CA ALA A 783 -5.29 -98.39 35.75
C ALA A 783 -6.12 -98.47 34.48
N GLU A 784 -7.07 -97.55 34.33
CA GLU A 784 -7.85 -97.48 33.10
C GLU A 784 -6.96 -97.16 31.90
N LYS A 785 -5.97 -96.28 32.09
CA LYS A 785 -5.02 -95.98 31.02
C LYS A 785 -4.22 -97.23 30.65
N HIS A 786 -3.80 -98.00 31.64
CA HIS A 786 -2.95 -99.17 31.42
C HIS A 786 -3.69 -100.35 30.79
N ILE A 787 -4.96 -100.17 30.38
CA ILE A 787 -5.66 -101.24 29.70
C ILE A 787 -5.00 -101.54 28.35
N ASP A 788 -4.65 -100.51 27.61
CA ASP A 788 -4.05 -100.69 26.29
C ASP A 788 -2.69 -101.37 26.40
N GLN A 789 -2.41 -102.26 25.45
CA GLN A 789 -1.16 -103.00 25.43
C GLN A 789 -0.02 -102.22 24.80
N ASN A 790 -0.29 -101.02 24.26
CA ASN A 790 0.74 -100.19 23.65
C ASN A 790 1.08 -98.96 24.48
N TYR A 791 0.35 -98.70 25.57
CA TYR A 791 0.61 -97.53 26.38
C TYR A 791 1.88 -97.69 27.20
N SER A 792 2.60 -96.59 27.38
CA SER A 792 3.85 -96.60 28.13
C SER A 792 4.00 -95.28 28.87
N GLU A 793 4.86 -95.28 29.88
CA GLU A 793 5.09 -94.12 30.72
C GLU A 793 6.58 -93.78 30.79
N VAL A 794 6.86 -92.50 30.97
CA VAL A 794 8.23 -91.99 30.99
C VAL A 794 8.61 -91.66 32.43
N SER A 795 9.90 -91.80 32.73
CA SER A 795 10.42 -91.51 34.06
C SER A 795 11.70 -90.69 33.90
N SER A 796 11.56 -89.37 34.05
CA SER A 796 12.71 -88.48 33.88
C SER A 796 13.74 -88.70 34.99
N ASN A 797 13.29 -88.67 36.25
CA ASN A 797 14.15 -89.01 37.38
C ASN A 797 14.01 -90.46 37.79
N GLY A 798 13.00 -91.15 37.28
CA GLY A 798 12.78 -92.55 37.56
C GLY A 798 11.72 -92.74 38.62
N LEU A 799 10.48 -92.97 38.19
CA LEU A 799 9.35 -93.07 39.12
C LEU A 799 8.17 -93.68 38.38
N TYR A 800 7.14 -94.01 39.16
CA TYR A 800 5.91 -94.65 38.70
C TYR A 800 4.92 -94.52 39.84
N SER A 801 3.78 -95.22 39.74
CA SER A 801 2.87 -95.32 40.87
C SER A 801 3.43 -96.21 41.98
N ARG A 802 4.55 -96.89 41.73
CA ARG A 802 5.19 -97.71 42.75
C ARG A 802 5.50 -96.90 44.00
N ASP A 803 5.85 -95.62 43.83
CA ASP A 803 6.12 -94.76 44.96
C ASP A 803 4.86 -94.05 45.45
N TYR A 804 3.87 -93.88 44.58
CA TYR A 804 2.56 -93.42 45.03
C TYR A 804 1.99 -94.38 46.07
N GLY A 805 2.15 -95.68 45.83
CA GLY A 805 1.69 -96.65 46.81
C GLY A 805 2.38 -96.53 48.14
N ALA A 806 3.70 -96.29 48.12
CA ALA A 806 4.43 -96.08 49.37
C ALA A 806 3.97 -94.82 50.07
N LEU A 807 3.71 -93.76 49.30
CA LEU A 807 3.18 -92.53 49.88
C LEU A 807 1.85 -92.78 50.58
N ILE A 808 0.97 -93.55 49.94
CA ILE A 808 -0.32 -93.86 50.56
C ILE A 808 -0.12 -94.72 51.81
N LYS A 809 0.77 -95.71 51.73
CA LYS A 809 0.98 -96.63 52.84
C LYS A 809 1.56 -95.90 54.05
N HIS A 810 2.36 -94.86 53.80
CA HIS A 810 2.95 -94.12 54.92
C HIS A 810 1.89 -93.49 55.81
N PHE A 811 0.85 -92.92 55.20
CA PHE A 811 -0.19 -92.23 55.95
C PHE A 811 -1.31 -93.17 56.39
N GLU A 812 -1.99 -93.79 55.41
CA GLU A 812 -3.11 -94.67 55.69
C GLU A 812 -2.64 -96.11 55.68
N LYS A 813 -2.80 -96.79 56.83
CA LYS A 813 -2.40 -98.19 56.92
C LYS A 813 -3.34 -99.09 56.14
N ASN A 814 -4.63 -99.06 56.48
CA ASN A 814 -5.63 -99.90 55.84
C ASN A 814 -6.12 -99.21 54.58
N PHE A 815 -5.29 -99.25 53.55
CA PHE A 815 -5.67 -98.79 52.22
C PHE A 815 -5.86 -99.99 51.30
N ILE A 816 -7.12 -100.38 51.10
CA ILE A 816 -7.45 -101.44 50.15
C ILE A 816 -8.54 -100.90 49.23
N SER A 817 -8.15 -100.56 48.01
CA SER A 817 -9.08 -99.92 47.08
C SER A 817 -10.13 -100.92 46.62
N LYS A 818 -11.40 -100.55 46.75
CA LYS A 818 -12.47 -101.39 46.26
C LYS A 818 -12.45 -101.46 44.75
N ARG A 819 -12.27 -100.32 44.08
CA ARG A 819 -12.29 -100.28 42.62
C ARG A 819 -11.18 -101.13 42.02
N LEU A 820 -9.96 -100.98 42.55
CA LEU A 820 -8.87 -101.81 42.08
C LEU A 820 -9.15 -103.29 42.36
N SER A 821 -9.74 -103.58 43.51
CA SER A 821 -10.06 -104.97 43.85
C SER A 821 -11.03 -105.57 42.86
N GLU A 822 -12.04 -104.81 42.44
CA GLU A 822 -13.02 -105.33 41.48
C GLU A 822 -12.43 -105.46 40.08
N ILE A 823 -11.64 -104.47 39.66
CA ILE A 823 -11.09 -104.51 38.30
C ILE A 823 -10.03 -105.61 38.16
N THR A 824 -9.21 -105.81 39.19
CA THR A 824 -8.06 -106.72 39.08
C THR A 824 -8.47 -108.18 38.93
N LEU A 825 -9.59 -108.58 39.54
CA LEU A 825 -9.96 -109.99 39.54
C LEU A 825 -10.32 -110.52 38.17
N CYS A 826 -10.52 -109.66 37.17
CA CYS A 826 -10.92 -110.07 35.83
C CYS A 826 -9.79 -110.01 34.82
N LEU A 827 -8.53 -110.00 35.29
CA LEU A 827 -7.39 -109.92 34.37
C LEU A 827 -7.34 -111.14 33.46
N THR A 828 -7.57 -112.33 34.01
CA THR A 828 -7.50 -113.59 33.28
C THR A 828 -6.17 -113.74 32.54
N GLN A 829 -6.15 -113.41 31.26
CA GLN A 829 -4.96 -113.56 30.43
C GLN A 829 -4.87 -112.38 29.47
N ASP A 830 -3.89 -112.45 28.57
CA ASP A 830 -3.66 -111.48 27.49
C ASP A 830 -3.73 -110.04 28.00
N LYS A 831 -3.07 -109.78 29.14
CA LYS A 831 -2.97 -108.42 29.67
C LYS A 831 -1.52 -107.94 29.69
N GLN A 832 -0.61 -108.72 30.29
CA GLN A 832 0.83 -108.42 30.28
C GLN A 832 1.17 -107.10 30.96
N LYS A 833 0.72 -105.98 30.38
CA LYS A 833 1.07 -104.68 30.94
C LYS A 833 0.25 -104.37 32.18
N GLN A 834 -1.07 -104.59 32.11
CA GLN A 834 -1.94 -104.27 33.23
C GLN A 834 -1.64 -105.16 34.43
N ILE A 835 -1.35 -106.45 34.20
CA ILE A 835 -1.01 -107.33 35.31
C ILE A 835 0.28 -106.89 35.97
N ASP A 836 1.24 -106.41 35.19
CA ASP A 836 2.48 -105.88 35.77
C ASP A 836 2.21 -104.63 36.59
N PHE A 837 1.37 -103.73 36.07
CA PHE A 837 1.03 -102.52 36.81
C PHE A 837 0.37 -102.84 38.13
N LEU A 838 -0.57 -103.79 38.13
CA LEU A 838 -1.25 -104.17 39.36
C LEU A 838 -0.34 -104.96 40.29
N PHE A 839 0.64 -105.69 39.75
CA PHE A 839 1.63 -106.35 40.59
C PHE A 839 2.53 -105.33 41.27
N LYS A 840 2.76 -104.19 40.62
CA LYS A 840 3.51 -103.11 41.26
C LYS A 840 2.78 -102.55 42.48
N LEU A 841 1.48 -102.83 42.61
CA LEU A 841 0.66 -102.37 43.73
C LEU A 841 0.33 -103.49 44.71
N LEU A 842 1.31 -104.35 44.99
CA LEU A 842 1.07 -105.49 45.87
C LEU A 842 0.54 -105.15 47.25
N PRO A 843 1.04 -104.12 47.97
CA PRO A 843 0.56 -103.92 49.35
C PRO A 843 -0.95 -103.76 49.48
N LEU A 844 -1.60 -103.11 48.54
CA LEU A 844 -3.05 -102.91 48.56
C LEU A 844 -3.74 -104.10 47.91
N LEU A 845 -5.01 -103.93 47.52
CA LEU A 845 -5.73 -104.84 46.63
C LEU A 845 -6.31 -106.07 47.35
N SER A 846 -6.35 -106.02 48.68
CA SER A 846 -7.08 -106.99 49.50
C SER A 846 -6.42 -108.37 49.53
N THR A 847 -6.54 -109.07 50.66
CA THR A 847 -5.82 -110.33 50.84
C THR A 847 -6.31 -111.41 49.90
N ASN A 848 -7.63 -111.63 49.84
CA ASN A 848 -8.17 -112.73 49.03
C ASN A 848 -7.90 -112.49 47.55
N ALA A 849 -8.19 -111.27 47.07
CA ALA A 849 -7.93 -110.96 45.66
C ALA A 849 -6.44 -111.04 45.36
N LYS A 850 -5.59 -110.57 46.28
CA LYS A 850 -4.15 -110.62 46.07
C LYS A 850 -3.68 -112.06 45.93
N SER A 851 -4.16 -112.94 46.81
CA SER A 851 -3.78 -114.35 46.72
C SER A 851 -4.26 -114.96 45.41
N HIS A 852 -5.49 -114.62 45.00
CA HIS A 852 -6.02 -115.15 43.75
C HIS A 852 -5.17 -114.71 42.55
N LEU A 853 -4.77 -113.44 42.53
CA LEU A 853 -4.02 -112.92 41.40
C LEU A 853 -2.52 -113.20 41.46
N LEU A 854 -2.01 -113.61 42.62
CA LEU A 854 -0.59 -113.97 42.71
C LEU A 854 -0.37 -115.46 42.54
N SER A 855 -1.35 -116.29 42.91
CA SER A 855 -1.28 -117.69 42.54
C SER A 855 -1.24 -117.85 41.02
N PHE A 856 -2.09 -117.10 40.32
CA PHE A 856 -1.96 -116.96 38.87
C PHE A 856 -0.78 -116.05 38.54
N LYS A 857 -0.02 -116.44 37.52
CA LYS A 857 1.11 -115.65 37.04
C LYS A 857 2.12 -115.40 38.16
N SER A 858 2.66 -116.49 38.71
CA SER A 858 3.68 -116.40 39.75
C SER A 858 5.06 -116.49 39.12
N VAL A 859 5.80 -115.39 39.16
CA VAL A 859 7.12 -115.32 38.54
C VAL A 859 8.07 -114.60 39.49
N GLU A 860 9.28 -115.12 39.61
CA GLU A 860 10.34 -114.54 40.44
C GLU A 860 11.63 -114.40 39.64
N ASN A 861 11.50 -114.00 38.38
CA ASN A 861 12.67 -113.90 37.51
C ASN A 861 13.47 -112.64 37.85
N ILE A 862 14.52 -112.40 37.05
CA ILE A 862 15.37 -111.22 37.28
C ILE A 862 14.59 -109.95 36.99
N ASN A 863 13.65 -109.98 36.03
CA ASN A 863 12.96 -108.77 35.62
C ASN A 863 12.04 -108.21 36.69
N ASP A 864 11.63 -109.02 37.67
CA ASP A 864 10.87 -108.54 38.81
C ASP A 864 11.64 -108.56 40.11
N LEU A 865 12.92 -108.92 40.08
CA LEU A 865 13.69 -109.09 41.32
C LEU A 865 13.86 -107.78 42.05
N MET A 866 14.10 -106.68 41.33
CA MET A 866 14.30 -105.40 42.00
C MET A 866 13.04 -104.97 42.75
N ASN A 867 11.87 -105.17 42.15
CA ASN A 867 10.63 -104.80 42.80
C ASN A 867 10.22 -105.82 43.87
N GLY A 868 10.74 -107.04 43.79
CA GLY A 868 10.36 -108.05 44.77
C GLY A 868 10.77 -107.69 46.19
N ILE A 869 12.01 -107.23 46.36
CA ILE A 869 12.46 -106.79 47.68
C ILE A 869 11.68 -105.56 48.12
N ARG A 870 11.35 -104.67 47.16
CA ARG A 870 10.61 -103.46 47.50
C ARG A 870 9.20 -103.77 48.01
N ILE A 871 8.53 -104.77 47.42
CA ILE A 871 7.17 -105.11 47.79
C ILE A 871 7.09 -106.22 48.83
N GLY A 872 8.22 -106.75 49.26
CA GLY A 872 8.21 -107.76 50.31
C GLY A 872 7.72 -109.12 49.89
N LEU A 873 7.82 -109.47 48.61
CA LEU A 873 7.48 -110.81 48.16
C LEU A 873 8.64 -111.78 48.28
N ILE A 874 9.87 -111.29 48.33
CA ILE A 874 11.08 -112.10 48.38
C ILE A 874 11.81 -111.78 49.68
N ASP A 875 11.05 -111.55 50.75
CA ASP A 875 11.51 -110.88 51.96
C ASP A 875 12.95 -111.25 52.36
N GLU A 876 13.21 -112.52 52.66
CA GLU A 876 14.52 -112.86 53.20
C GLU A 876 15.56 -113.11 52.12
N PHE A 877 15.42 -114.20 51.37
CA PHE A 877 16.44 -114.63 50.41
C PHE A 877 15.95 -115.94 49.79
N THR A 878 16.42 -116.23 48.57
CA THR A 878 16.25 -117.52 47.92
C THR A 878 17.52 -117.82 47.14
N PRO A 879 18.08 -119.04 47.27
CA PRO A 879 19.33 -119.37 46.56
C PRO A 879 19.18 -119.33 45.05
N GLU A 880 17.99 -119.69 44.56
CA GLU A 880 17.71 -119.52 43.14
C GLU A 880 17.86 -118.06 42.72
N HIS A 881 17.65 -117.13 43.64
CA HIS A 881 17.93 -115.73 43.34
C HIS A 881 19.41 -115.41 43.37
N GLU A 882 20.23 -116.14 44.15
CA GLU A 882 21.67 -116.07 43.91
C GLU A 882 22.01 -116.51 42.50
N GLU A 883 21.39 -117.59 42.04
CA GLU A 883 21.65 -118.04 40.67
C GLU A 883 21.22 -117.00 39.65
N LEU A 884 20.05 -116.38 39.86
CA LEU A 884 19.58 -115.35 38.94
C LEU A 884 20.49 -114.12 38.96
N ILE A 885 20.92 -113.68 40.15
CA ILE A 885 21.79 -112.53 40.25
C ILE A 885 23.14 -112.82 39.59
N ILE A 886 23.69 -114.02 39.80
CA ILE A 886 24.94 -114.39 39.15
C ILE A 886 24.75 -114.52 37.64
N GLU A 887 23.60 -114.99 37.16
CA GLU A 887 23.33 -114.99 35.73
C GLU A 887 23.31 -113.58 35.17
N TYR A 888 22.65 -112.65 35.88
CA TYR A 888 22.62 -111.27 35.45
C TYR A 888 24.02 -110.67 35.43
N LEU A 889 24.82 -110.96 36.45
CA LEU A 889 26.17 -110.42 36.54
C LEU A 889 27.12 -111.08 35.54
N GLU A 890 26.87 -112.32 35.12
CA GLU A 890 27.65 -112.96 34.07
C GLU A 890 27.28 -112.43 32.69
N THR A 891 25.99 -112.16 32.47
CA THR A 891 25.59 -111.43 31.28
C THR A 891 26.24 -110.06 31.25
N ARG A 892 26.30 -109.40 32.41
CA ARG A 892 27.02 -108.14 32.53
C ARG A 892 28.51 -108.31 32.26
N LYS A 893 29.10 -109.40 32.74
CA LYS A 893 30.51 -109.68 32.48
C LYS A 893 30.79 -109.76 30.99
N VAL A 894 30.01 -110.58 30.28
CA VAL A 894 30.23 -110.74 28.84
C VAL A 894 29.95 -109.43 28.11
N ASN A 895 28.83 -108.78 28.44
CA ASN A 895 28.45 -107.55 27.76
C ASN A 895 29.47 -106.45 28.00
N TYR A 896 30.00 -106.36 29.23
CA TYR A 896 30.97 -105.32 29.55
C TYR A 896 32.34 -105.62 28.95
N ILE A 897 32.71 -106.90 28.85
CA ILE A 897 33.92 -107.25 28.12
C ILE A 897 33.80 -106.82 26.67
N VAL A 898 32.63 -107.02 26.07
CA VAL A 898 32.41 -106.55 24.70
C VAL A 898 32.40 -105.02 24.63
N GLU A 899 31.77 -104.35 25.59
CA GLU A 899 31.60 -102.90 25.54
C GLU A 899 32.89 -102.15 25.78
N LYS A 900 33.75 -102.65 26.67
CA LYS A 900 35.05 -102.03 26.88
C LYS A 900 35.89 -102.08 25.60
N GLU A 901 35.76 -103.18 24.84
CA GLU A 901 36.32 -103.20 23.50
C GLU A 901 35.64 -102.16 22.61
N LYS A 902 34.32 -102.05 22.72
CA LYS A 902 33.57 -101.02 22.00
C LYS A 902 33.78 -99.63 22.58
N GLY A 903 34.22 -99.53 23.82
CA GLY A 903 34.38 -98.24 24.47
C GLY A 903 33.09 -97.50 24.74
N ILE A 904 32.07 -98.20 25.23
CA ILE A 904 30.77 -97.59 25.53
C ILE A 904 30.42 -97.89 26.98
N GLN A 905 30.07 -96.85 27.73
CA GLN A 905 29.62 -96.98 29.12
C GLN A 905 28.14 -96.62 29.17
N THR A 906 27.30 -97.61 29.46
CA THR A 906 25.85 -97.44 29.48
C THR A 906 25.43 -97.00 30.88
N PHE A 907 25.04 -95.73 31.02
CA PHE A 907 24.52 -95.20 32.28
C PHE A 907 23.03 -95.48 32.34
N SER A 908 22.69 -96.75 32.55
CA SER A 908 21.30 -97.18 32.57
C SER A 908 20.58 -96.63 33.79
N SER A 909 19.36 -96.12 33.59
CA SER A 909 18.53 -95.72 34.71
C SER A 909 18.14 -96.92 35.57
N ASN A 910 18.06 -98.10 34.96
CA ASN A 910 17.81 -99.34 35.68
C ASN A 910 19.09 -100.12 35.98
N ASP A 911 20.21 -99.42 36.17
CA ASP A 911 21.46 -100.08 36.53
C ASP A 911 21.38 -100.56 37.98
N TYR A 912 20.68 -101.67 38.20
CA TYR A 912 20.46 -102.16 39.56
C TYR A 912 21.71 -102.78 40.16
N MET A 913 22.79 -102.88 39.40
CA MET A 913 24.05 -103.41 39.93
C MET A 913 24.58 -102.55 41.08
N SER A 914 24.32 -101.24 41.03
CA SER A 914 24.67 -100.40 42.17
C SER A 914 23.92 -100.83 43.43
N THR A 915 22.63 -101.17 43.29
CA THR A 915 21.88 -101.58 44.46
C THR A 915 22.23 -103.00 44.87
N PHE A 916 22.70 -103.82 43.92
CA PHE A 916 23.30 -105.11 44.28
C PHE A 916 24.50 -104.89 45.19
N GLY A 917 25.38 -103.96 44.82
CA GLY A 917 26.49 -103.61 45.70
C GLY A 917 26.00 -103.04 47.02
N ILE A 918 24.89 -102.31 47.00
CA ILE A 918 24.35 -101.72 48.23
C ILE A 918 23.92 -102.81 49.20
N TRP A 919 23.10 -103.78 48.74
CA TRP A 919 22.73 -104.85 49.66
C TRP A 919 23.89 -105.77 49.98
N TYR A 920 24.89 -105.85 49.11
CA TYR A 920 26.10 -106.59 49.48
C TYR A 920 26.82 -105.93 50.64
N PHE A 921 26.92 -104.60 50.63
CA PHE A 921 27.53 -103.92 51.76
C PHE A 921 26.71 -104.10 53.03
N LEU A 922 25.41 -104.35 52.88
CA LEU A 922 24.55 -104.73 54.00
C LEU A 922 24.75 -106.18 54.42
N GLU A 923 25.67 -106.90 53.75
CA GLU A 923 25.93 -108.32 53.99
C GLU A 923 24.72 -109.20 53.71
N GLU A 924 23.81 -108.73 52.86
CA GLU A 924 22.68 -109.56 52.43
C GLU A 924 23.08 -110.58 51.38
N ILE A 925 24.24 -110.40 50.73
CA ILE A 925 24.73 -111.32 49.71
C ILE A 925 26.10 -111.81 50.16
N ASN A 926 26.32 -113.13 50.07
CA ASN A 926 27.55 -113.74 50.56
C ASN A 926 28.19 -114.64 49.51
N ASN A 927 28.21 -114.19 48.25
CA ASN A 927 28.86 -114.94 47.18
C ASN A 927 30.20 -114.31 46.84
N SER A 928 31.22 -115.16 46.67
CA SER A 928 32.57 -114.67 46.41
C SER A 928 32.76 -114.18 44.98
N LYS A 929 31.86 -114.56 44.06
CA LYS A 929 32.00 -114.16 42.67
C LYS A 929 31.95 -112.64 42.49
N MET A 930 31.41 -111.92 43.47
CA MET A 930 31.38 -110.47 43.39
C MET A 930 32.79 -109.88 43.42
N GLU A 931 33.74 -110.61 44.01
CA GLU A 931 35.15 -110.21 43.90
C GLU A 931 35.63 -110.31 42.46
N GLU A 932 35.18 -111.34 41.73
CA GLU A 932 35.50 -111.45 40.32
C GLU A 932 34.90 -110.30 39.52
N PHE A 933 33.76 -109.78 39.97
CA PHE A 933 33.10 -108.65 39.31
C PHE A 933 33.59 -107.31 39.84
N ILE A 934 34.90 -107.08 39.78
CA ILE A 934 35.49 -105.82 40.23
C ILE A 934 36.11 -105.10 39.04
N GLY A 935 35.75 -103.84 38.86
CA GLY A 935 36.32 -103.02 37.82
C GLY A 935 35.35 -102.39 36.84
N MET A 936 34.05 -102.44 37.10
CA MET A 936 33.08 -101.85 36.17
C MET A 936 32.55 -100.50 36.64
N ASP A 937 32.29 -100.35 37.95
CA ASP A 937 31.71 -99.12 38.47
C ASP A 937 32.42 -98.70 39.74
N ASP A 938 32.57 -97.38 39.91
CA ASP A 938 33.28 -96.86 41.07
C ASP A 938 32.53 -97.16 42.37
N GLN A 939 31.20 -96.97 42.36
CA GLN A 939 30.41 -97.24 43.55
C GLN A 939 30.47 -98.72 43.93
N TYR A 940 30.36 -99.60 42.93
CA TYR A 940 30.44 -101.03 43.20
C TYR A 940 31.80 -101.44 43.73
N ASP A 941 32.87 -100.90 43.15
CA ASP A 941 34.22 -101.21 43.63
C ASP A 941 34.41 -100.69 45.06
N PHE A 942 33.92 -99.49 45.35
CA PHE A 942 34.05 -98.94 46.69
C PHE A 942 33.28 -99.77 47.71
N PHE A 943 32.06 -100.20 47.37
CA PHE A 943 31.26 -100.98 48.31
C PHE A 943 31.78 -102.40 48.48
N VAL A 944 32.30 -103.02 47.43
CA VAL A 944 32.73 -104.40 47.49
C VAL A 944 34.15 -104.52 48.01
N ASP A 945 35.09 -103.78 47.42
CA ASP A 945 36.50 -103.85 47.78
C ASP A 945 37.02 -102.44 48.03
N PRO A 946 36.67 -101.85 49.18
CA PRO A 946 37.18 -100.50 49.50
C PRO A 946 38.67 -100.47 49.79
N GLU A 947 39.29 -101.63 50.03
CA GLU A 947 40.70 -101.65 50.41
C GLU A 947 41.59 -101.12 49.30
N ASN A 948 41.34 -101.54 48.06
CA ASN A 948 42.15 -101.12 46.92
C ASN A 948 41.48 -100.07 46.05
N PHE A 949 40.30 -99.58 46.44
CA PHE A 949 39.62 -98.57 45.65
C PHE A 949 40.37 -97.24 45.69
N ASP A 950 40.45 -96.58 44.54
CA ASP A 950 41.09 -95.28 44.43
C ASP A 950 40.07 -94.20 44.75
N TYR A 951 40.32 -93.44 45.81
CA TYR A 951 39.39 -92.43 46.29
C TYR A 951 39.53 -91.10 45.57
N LYS A 952 40.45 -90.98 44.62
CA LYS A 952 40.50 -89.77 43.80
C LYS A 952 39.27 -89.67 42.90
N LYS A 953 38.66 -90.81 42.57
CA LYS A 953 37.43 -90.82 41.78
C LYS A 953 36.18 -90.52 42.61
N PHE A 954 36.33 -90.38 43.93
CA PHE A 954 35.17 -90.15 44.79
C PHE A 954 34.53 -88.81 44.48
N ILE A 955 33.21 -88.80 44.39
CA ILE A 955 32.42 -87.58 44.21
C ILE A 955 31.46 -87.45 45.37
N PRO A 956 31.44 -86.31 46.08
CA PRO A 956 30.50 -86.17 47.20
C PRO A 956 29.05 -86.24 46.79
N SER A 957 28.74 -86.02 45.50
CA SER A 957 27.36 -85.99 45.04
C SER A 957 26.63 -87.30 45.30
N TRP A 958 27.34 -88.42 45.43
CA TRP A 958 26.67 -89.67 45.75
C TRP A 958 26.04 -89.62 47.14
N LEU A 959 26.73 -88.98 48.09
CA LEU A 959 26.34 -89.04 49.50
C LEU A 959 24.92 -88.55 49.75
N LYS A 960 24.23 -88.02 48.73
CA LYS A 960 22.87 -87.53 48.90
C LYS A 960 21.81 -88.60 48.66
N ASN A 961 22.17 -89.80 48.21
CA ASN A 961 21.19 -90.83 47.88
C ASN A 961 21.10 -91.95 48.91
N TYR A 962 21.91 -91.91 49.96
CA TYR A 962 21.91 -92.96 50.97
C TYR A 962 20.95 -92.62 52.11
N ASN A 963 20.53 -93.67 52.84
CA ASN A 963 19.66 -93.50 53.99
C ASN A 963 20.47 -93.62 55.28
N ASP A 964 19.76 -93.58 56.41
CA ASP A 964 20.43 -93.54 57.71
C ASP A 964 21.21 -94.83 57.99
N LYS A 965 20.62 -95.99 57.74
CA LYS A 965 21.29 -97.25 58.01
C LYS A 965 22.53 -97.41 57.15
N LEU A 966 22.41 -97.13 55.86
CA LEU A 966 23.54 -97.28 54.95
C LEU A 966 24.65 -96.28 55.30
N LEU A 967 24.28 -95.04 55.63
CA LEU A 967 25.29 -94.06 56.02
C LEU A 967 26.00 -94.47 57.30
N GLY A 968 25.26 -94.98 58.29
CA GLY A 968 25.88 -95.43 59.52
C GLY A 968 26.84 -96.58 59.30
N LYS A 969 26.42 -97.58 58.52
CA LYS A 969 27.30 -98.72 58.30
C LYS A 969 28.46 -98.37 57.37
N ILE A 970 28.29 -97.36 56.51
CA ILE A 970 29.43 -96.83 55.76
C ILE A 970 30.44 -96.22 56.71
N ALA A 971 29.97 -95.34 57.60
CA ALA A 971 30.86 -94.72 58.58
C ALA A 971 31.49 -95.75 59.52
N GLY A 972 30.86 -96.91 59.68
CA GLY A 972 31.46 -97.95 60.49
C GLY A 972 32.64 -98.65 59.85
N ASN A 973 32.79 -98.54 58.54
CA ASN A 973 33.90 -99.20 57.85
C ASN A 973 35.22 -98.51 58.19
N LYS A 974 36.28 -99.32 58.31
CA LYS A 974 37.58 -98.80 58.77
C LYS A 974 38.45 -98.26 57.63
N HIS A 975 38.29 -98.75 56.40
CA HIS A 975 39.12 -98.32 55.28
C HIS A 975 38.76 -96.90 54.84
N MET A 976 37.47 -96.58 54.85
CA MET A 976 36.93 -95.40 54.19
C MET A 976 36.89 -94.16 55.08
N LYS A 977 37.05 -94.33 56.40
CA LYS A 977 36.77 -93.23 57.32
C LYS A 977 37.66 -92.02 57.06
N HIS A 978 38.97 -92.23 56.95
CA HIS A 978 39.90 -91.10 56.83
C HIS A 978 39.69 -90.35 55.52
N HIS A 979 39.64 -91.08 54.41
CA HIS A 979 39.50 -90.45 53.10
C HIS A 979 38.18 -89.70 52.98
N VAL A 980 37.09 -90.34 53.43
CA VAL A 980 35.79 -89.68 53.30
C VAL A 980 35.68 -88.52 54.28
N ILE A 981 36.33 -88.58 55.44
CA ILE A 981 36.36 -87.42 56.34
C ILE A 981 37.07 -86.26 55.66
N GLU A 982 38.20 -86.52 55.00
CA GLU A 982 38.88 -85.46 54.27
C GLU A 982 38.02 -84.90 53.16
N VAL A 983 37.33 -85.77 52.42
CA VAL A 983 36.47 -85.32 51.32
C VAL A 983 35.33 -84.46 51.85
N LEU A 984 34.71 -84.86 52.96
CA LEU A 984 33.65 -84.09 53.55
C LEU A 984 34.15 -82.73 54.03
N LYS A 985 35.33 -82.69 54.64
CA LYS A 985 35.92 -81.41 55.04
C LYS A 985 36.09 -80.50 53.84
N GLU A 986 36.69 -81.03 52.76
CA GLU A 986 36.92 -80.22 51.57
C GLU A 986 35.59 -79.73 50.98
N ARG A 987 34.58 -80.59 50.96
CA ARG A 987 33.31 -80.23 50.35
C ARG A 987 32.56 -79.19 51.17
N VAL A 988 32.54 -79.36 52.50
CA VAL A 988 31.83 -78.41 53.35
C VAL A 988 32.54 -77.06 53.36
N LYS A 989 33.88 -77.07 53.23
CA LYS A 989 34.59 -75.80 53.17
C LYS A 989 34.42 -75.14 51.82
N ASN A 990 34.31 -75.93 50.75
CA ASN A 990 34.24 -75.42 49.40
C ASN A 990 32.82 -75.27 48.86
N SER A 991 31.80 -75.66 49.64
CA SER A 991 30.44 -75.59 49.16
C SER A 991 29.54 -74.99 50.24
N ASN A 992 28.46 -74.35 49.80
CA ASN A 992 27.48 -73.76 50.69
C ASN A 992 26.29 -74.66 50.96
N ASP A 993 26.28 -75.87 50.40
CA ASP A 993 25.19 -76.81 50.66
C ASP A 993 25.26 -77.30 52.10
N LYS A 994 24.09 -77.58 52.68
CA LYS A 994 24.02 -78.02 54.07
C LYS A 994 24.03 -79.53 54.24
N ARG A 995 23.80 -80.29 53.17
CA ARG A 995 23.75 -81.75 53.31
C ARG A 995 25.10 -82.31 53.74
N TYR A 996 26.19 -81.80 53.15
CA TYR A 996 27.51 -82.28 53.51
C TYR A 996 27.82 -82.01 54.98
N LEU A 997 27.53 -80.79 55.45
CA LEU A 997 27.77 -80.47 56.85
C LEU A 997 26.90 -81.33 57.76
N GLU A 998 25.64 -81.54 57.37
CA GLU A 998 24.74 -82.34 58.20
C GLU A 998 25.23 -83.78 58.32
N ILE A 999 25.69 -84.36 57.22
CA ILE A 999 26.23 -85.71 57.28
C ILE A 999 27.50 -85.75 58.12
N LEU A 1000 28.38 -84.75 57.94
CA LEU A 1000 29.64 -84.74 58.66
C LEU A 1000 29.42 -84.64 60.17
N MET A 1001 28.50 -83.77 60.58
CA MET A 1001 28.24 -83.58 62.01
C MET A 1001 27.48 -84.75 62.60
N ASN A 1002 26.48 -85.28 61.88
CA ASN A 1002 25.56 -86.24 62.47
C ASN A 1002 26.21 -87.60 62.65
N TYR A 1003 27.07 -88.01 61.72
CA TYR A 1003 27.61 -89.36 61.71
C TYR A 1003 29.13 -89.43 61.86
N PHE A 1004 29.85 -88.60 61.12
CA PHE A 1004 31.31 -88.72 61.05
C PHE A 1004 32.03 -88.01 62.19
N ILE A 1005 31.31 -87.35 63.10
CA ILE A 1005 31.93 -86.71 64.25
C ILE A 1005 31.23 -87.12 65.54
N TYR B 11 7.17 -54.69 -9.74
CA TYR B 11 6.90 -53.27 -9.93
C TYR B 11 8.13 -52.44 -9.60
N GLY B 12 8.94 -52.95 -8.67
CA GLY B 12 10.21 -52.29 -8.39
C GLY B 12 11.17 -52.39 -9.57
N GLU B 13 11.14 -53.51 -10.28
CA GLU B 13 12.02 -53.69 -11.43
C GLU B 13 11.75 -52.67 -12.52
N LYS B 14 10.47 -52.37 -12.77
CA LYS B 14 10.15 -51.32 -13.73
C LYS B 14 10.67 -49.97 -13.24
N LEU B 15 10.65 -49.75 -11.92
CA LEU B 15 11.27 -48.55 -11.37
C LEU B 15 12.77 -48.53 -11.68
N LYS B 16 13.43 -49.67 -11.55
CA LYS B 16 14.85 -49.75 -11.90
C LYS B 16 15.06 -49.37 -13.35
N GLU B 17 14.23 -49.91 -14.24
CA GLU B 17 14.39 -49.64 -15.67
C GLU B 17 14.19 -48.16 -15.98
N VAL B 18 13.14 -47.55 -15.42
CA VAL B 18 12.94 -46.12 -15.72
C VAL B 18 14.08 -45.31 -15.14
N PHE B 19 14.57 -45.69 -13.96
CA PHE B 19 15.72 -45.01 -13.38
C PHE B 19 16.91 -45.06 -14.33
N LEU B 20 17.20 -46.25 -14.86
CA LEU B 20 18.29 -46.36 -15.83
C LEU B 20 17.92 -45.82 -17.19
N MET B 21 16.71 -45.29 -17.35
CA MET B 21 16.31 -44.65 -18.60
C MET B 21 15.87 -43.21 -18.38
N LEU B 22 16.36 -42.58 -17.32
CA LEU B 22 16.09 -41.17 -17.09
C LEU B 22 17.09 -40.30 -17.86
N ASP B 23 16.74 -39.03 -18.01
CA ASP B 23 17.63 -38.06 -18.65
C ASP B 23 18.64 -37.51 -17.65
N ASN B 24 19.77 -37.04 -18.17
CA ASN B 24 20.82 -36.50 -17.32
C ASN B 24 20.40 -35.20 -16.63
N ASN B 25 19.32 -34.56 -17.07
CA ASN B 25 18.80 -33.41 -16.32
C ASN B 25 18.05 -33.88 -15.07
N VAL B 26 17.51 -35.08 -15.11
CA VAL B 26 16.74 -35.60 -13.98
C VAL B 26 17.65 -35.94 -12.81
N VAL B 27 18.78 -36.59 -13.08
CA VAL B 27 19.56 -37.23 -12.02
C VAL B 27 20.07 -36.21 -11.00
N GLU B 28 20.51 -35.05 -11.48
CA GLU B 28 20.98 -34.03 -10.54
C GLU B 28 19.85 -33.60 -9.62
N CYS B 29 18.65 -33.44 -10.17
CA CYS B 29 17.51 -33.07 -9.34
C CYS B 29 17.24 -34.14 -8.29
N ILE B 30 17.30 -35.42 -8.69
CA ILE B 30 17.04 -36.48 -7.72
C ILE B 30 18.09 -36.46 -6.61
N LYS B 31 19.37 -36.34 -6.96
CA LYS B 31 20.36 -36.41 -5.88
C LYS B 31 20.27 -35.16 -5.00
N GLU B 32 19.95 -34.01 -5.61
CA GLU B 32 19.75 -32.81 -4.80
C GLU B 32 18.62 -33.04 -3.81
N ILE B 33 17.50 -33.61 -4.27
CA ILE B 33 16.37 -33.84 -3.38
C ILE B 33 16.75 -34.77 -2.26
N THR B 34 17.46 -35.85 -2.57
CA THR B 34 17.73 -36.83 -1.52
C THR B 34 18.74 -36.30 -0.49
N GLU B 35 19.78 -35.57 -0.93
CA GLU B 35 20.65 -34.97 0.07
C GLU B 35 19.92 -33.89 0.87
N SER B 36 18.97 -33.19 0.26
CA SER B 36 18.19 -32.23 1.02
C SER B 36 17.39 -32.93 2.12
N SER B 37 16.81 -34.09 1.79
CA SER B 37 16.08 -34.84 2.81
C SER B 37 17.01 -35.32 3.91
N ARG B 38 18.22 -35.77 3.54
CA ARG B 38 19.13 -36.38 4.51
C ARG B 38 19.43 -35.44 5.67
N ASN B 39 19.47 -34.14 5.41
CA ASN B 39 19.70 -33.18 6.47
C ASN B 39 18.43 -32.78 7.20
N GLY B 40 17.30 -33.40 6.85
CA GLY B 40 16.04 -32.96 7.42
C GLY B 40 15.69 -31.55 7.06
N LYS B 41 16.03 -31.13 5.84
CA LYS B 41 15.85 -29.77 5.38
C LYS B 41 15.08 -29.75 4.05
N LEU B 42 13.97 -30.47 4.00
CA LEU B 42 13.06 -30.45 2.86
C LEU B 42 11.70 -29.97 3.35
N VAL B 43 11.02 -29.16 2.54
CA VAL B 43 9.68 -28.68 2.87
C VAL B 43 8.80 -28.78 1.64
N PHE B 44 7.70 -29.51 1.73
CA PHE B 44 6.79 -29.62 0.60
C PHE B 44 5.82 -28.45 0.58
N PHE B 45 5.10 -28.33 -0.53
CA PHE B 45 4.06 -27.32 -0.74
C PHE B 45 2.92 -28.03 -1.47
N VAL B 46 1.96 -28.53 -0.71
CA VAL B 46 0.96 -29.44 -1.23
C VAL B 46 -0.38 -28.74 -1.32
N GLY B 47 -1.09 -28.96 -2.41
CA GLY B 47 -2.38 -28.33 -2.62
C GLY B 47 -3.46 -29.22 -3.22
N ALA B 48 -4.30 -28.63 -4.07
CA ALA B 48 -5.51 -29.30 -4.55
C ALA B 48 -5.21 -30.48 -5.47
N GLY B 49 -4.00 -30.56 -6.02
CA GLY B 49 -3.68 -31.66 -6.91
C GLY B 49 -3.85 -33.01 -6.24
N VAL B 50 -3.34 -33.15 -5.02
CA VAL B 50 -3.54 -34.39 -4.29
C VAL B 50 -4.99 -34.53 -3.86
N SER B 51 -5.62 -33.42 -3.47
CA SER B 51 -7.01 -33.50 -2.99
C SER B 51 -7.93 -34.03 -4.07
N THR B 52 -7.61 -33.77 -5.34
CA THR B 52 -8.37 -34.34 -6.43
C THR B 52 -8.44 -35.86 -6.34
N LEU B 53 -7.37 -36.50 -5.90
CA LEU B 53 -7.35 -37.96 -5.86
C LEU B 53 -8.38 -38.50 -4.89
N SER B 54 -8.51 -37.86 -3.73
CA SER B 54 -9.35 -38.39 -2.66
C SER B 54 -10.83 -38.12 -2.88
N ASP B 55 -11.23 -37.78 -4.10
CA ASP B 55 -12.62 -37.41 -4.41
C ASP B 55 -13.09 -36.25 -3.55
N TYR B 56 -12.16 -35.39 -3.14
CA TYR B 56 -12.58 -34.21 -2.42
C TYR B 56 -13.24 -33.23 -3.38
N PRO B 57 -14.40 -32.69 -2.99
CA PRO B 57 -15.20 -31.93 -3.94
C PRO B 57 -14.45 -30.73 -4.51
N GLN B 58 -14.65 -30.48 -5.79
CA GLN B 58 -13.88 -29.49 -6.52
C GLN B 58 -14.61 -28.16 -6.61
N TRP B 59 -13.84 -27.09 -6.66
CA TRP B 59 -14.38 -25.74 -6.55
C TRP B 59 -15.29 -25.42 -7.73
N TRP B 60 -14.92 -25.87 -8.93
CA TRP B 60 -15.74 -25.57 -10.10
C TRP B 60 -17.16 -26.09 -9.90
N ARG B 61 -17.30 -27.23 -9.24
CA ARG B 61 -18.63 -27.73 -8.91
C ARG B 61 -19.36 -26.74 -8.02
N LEU B 62 -18.65 -26.12 -7.08
CA LEU B 62 -19.24 -25.06 -6.26
C LEU B 62 -19.69 -23.90 -7.14
N VAL B 63 -18.89 -23.56 -8.16
CA VAL B 63 -19.27 -22.48 -9.05
C VAL B 63 -20.57 -22.82 -9.77
N ASP B 64 -20.73 -24.07 -10.21
CA ASP B 64 -21.98 -24.42 -10.87
C ASP B 64 -23.15 -24.38 -9.90
N LYS B 65 -22.95 -24.79 -8.65
CA LYS B 65 -24.02 -24.64 -7.67
C LYS B 65 -24.40 -23.18 -7.48
N TYR B 66 -23.42 -22.28 -7.38
CA TYR B 66 -23.76 -20.87 -7.26
C TYR B 66 -24.50 -20.37 -8.48
N HIS B 67 -24.02 -20.75 -9.67
CA HIS B 67 -24.64 -20.35 -10.91
C HIS B 67 -26.11 -20.76 -10.95
N GLU B 68 -26.39 -22.01 -10.58
CA GLU B 68 -27.76 -22.47 -10.54
C GLU B 68 -28.56 -21.83 -9.41
N GLU B 69 -27.90 -21.35 -8.37
CA GLU B 69 -28.64 -20.69 -7.31
C GLU B 69 -29.09 -19.30 -7.74
N LEU B 70 -28.28 -18.60 -8.54
CA LEU B 70 -28.66 -17.29 -9.03
C LEU B 70 -29.20 -17.30 -10.45
N TYR B 71 -29.05 -18.40 -11.19
CA TYR B 71 -29.66 -18.53 -12.50
C TYR B 71 -30.51 -19.80 -12.57
N GLY B 72 -30.94 -20.18 -13.77
CA GLY B 72 -31.72 -21.39 -13.93
C GLY B 72 -30.99 -22.48 -14.69
N SER B 73 -30.05 -22.09 -15.53
CA SER B 73 -29.29 -23.02 -16.36
C SER B 73 -27.86 -22.51 -16.45
N PRO B 74 -26.91 -23.40 -16.71
CA PRO B 74 -25.52 -22.96 -16.84
C PRO B 74 -25.31 -22.20 -18.14
N LYS B 75 -24.24 -21.39 -18.15
CA LYS B 75 -23.87 -20.70 -19.37
C LYS B 75 -23.63 -21.71 -20.48
N LYS B 76 -24.14 -21.41 -21.66
CA LYS B 76 -24.04 -22.33 -22.79
C LYS B 76 -22.57 -22.44 -23.19
N GLY B 77 -21.95 -23.56 -22.84
CA GLY B 77 -20.54 -23.77 -23.03
C GLY B 77 -19.76 -23.40 -21.79
N ASN B 78 -18.44 -23.32 -21.97
CA ASN B 78 -17.56 -22.89 -20.90
C ASN B 78 -17.93 -21.46 -20.48
N TYR B 79 -17.84 -21.18 -19.19
CA TYR B 79 -18.27 -19.88 -18.67
C TYR B 79 -17.46 -18.76 -19.28
N SER B 80 -16.17 -18.69 -18.95
CA SER B 80 -15.26 -17.67 -19.45
C SER B 80 -13.88 -17.94 -18.88
N SER B 81 -12.89 -17.22 -19.40
CA SER B 81 -11.62 -17.08 -18.74
C SER B 81 -11.63 -15.93 -17.73
N ASP B 82 -12.81 -15.33 -17.51
CA ASP B 82 -12.92 -14.12 -16.71
C ASP B 82 -14.11 -14.12 -15.76
N GLU B 83 -14.95 -15.15 -15.76
CA GLU B 83 -16.16 -15.13 -14.94
C GLU B 83 -16.17 -16.18 -13.84
N TYR B 84 -15.10 -16.96 -13.68
CA TYR B 84 -15.03 -17.84 -12.51
C TYR B 84 -14.95 -17.03 -11.22
N LEU B 85 -14.20 -15.92 -11.24
CA LEU B 85 -13.95 -15.19 -10.01
C LEU B 85 -15.19 -14.44 -9.52
N ARG B 86 -15.89 -13.77 -10.43
CA ARG B 86 -16.89 -12.78 -10.03
C ARG B 86 -18.18 -13.39 -9.52
N ILE B 87 -18.56 -14.58 -10.01
CA ILE B 87 -19.89 -15.12 -9.68
C ILE B 87 -20.10 -15.29 -8.18
N PRO B 88 -19.19 -15.91 -7.43
CA PRO B 88 -19.43 -15.98 -5.97
C PRO B 88 -19.55 -14.62 -5.33
N GLN B 89 -18.83 -13.63 -5.86
CA GLN B 89 -18.93 -12.28 -5.32
C GLN B 89 -20.33 -11.74 -5.50
N ILE B 90 -20.88 -11.88 -6.70
CA ILE B 90 -22.26 -11.47 -6.94
C ILE B 90 -23.17 -12.18 -5.96
N PHE B 91 -22.96 -13.49 -5.80
CA PHE B 91 -23.83 -14.29 -4.95
C PHE B 91 -23.86 -13.75 -3.52
N TYR B 92 -22.67 -13.53 -2.95
CA TYR B 92 -22.63 -12.98 -1.60
C TYR B 92 -23.25 -11.59 -1.59
N ASN B 93 -22.89 -10.75 -2.56
CA ASN B 93 -23.25 -9.35 -2.46
C ASN B 93 -24.75 -9.14 -2.51
N VAL B 94 -25.46 -9.89 -3.36
CA VAL B 94 -26.90 -9.68 -3.43
C VAL B 94 -27.69 -10.62 -2.51
N LYS B 95 -27.33 -11.90 -2.41
CA LYS B 95 -28.06 -12.81 -1.54
C LYS B 95 -27.57 -12.82 -0.10
N GLY B 96 -26.39 -12.28 0.19
CA GLY B 96 -25.99 -12.07 1.57
C GLY B 96 -25.08 -13.17 2.10
N GLU B 97 -24.72 -13.00 3.38
CA GLU B 97 -23.76 -13.88 4.03
C GLU B 97 -24.37 -15.24 4.36
N MET B 98 -25.61 -15.25 4.86
CA MET B 98 -26.16 -16.47 5.43
C MET B 98 -26.31 -17.57 4.37
N ALA B 99 -26.74 -17.19 3.17
CA ALA B 99 -26.86 -18.19 2.10
C ALA B 99 -25.49 -18.74 1.75
N PHE B 100 -24.47 -17.88 1.74
CA PHE B 100 -23.10 -18.33 1.48
C PHE B 100 -22.66 -19.35 2.53
N ASP B 101 -22.94 -19.05 3.80
CA ASP B 101 -22.61 -19.98 4.87
C ASP B 101 -23.34 -21.30 4.69
N GLY B 102 -24.63 -21.23 4.36
CA GLY B 102 -25.42 -22.45 4.23
C GLY B 102 -24.93 -23.32 3.09
N ILE B 103 -24.65 -22.70 1.94
CA ILE B 103 -24.14 -23.46 0.80
C ILE B 103 -22.82 -24.10 1.14
N LEU B 104 -21.91 -23.35 1.79
CA LEU B 104 -20.64 -23.94 2.21
C LEU B 104 -20.88 -25.15 3.10
N LYS B 105 -21.79 -25.00 4.07
CA LYS B 105 -22.04 -26.09 5.02
C LYS B 105 -22.58 -27.33 4.32
N ASP B 106 -23.58 -27.16 3.43
CA ASP B 106 -24.12 -28.31 2.73
C ASP B 106 -23.05 -28.98 1.88
N PHE B 107 -22.32 -28.19 1.11
CA PHE B 107 -21.49 -28.72 0.06
C PHE B 107 -20.25 -29.38 0.64
N PHE B 108 -19.70 -28.83 1.72
CA PHE B 108 -18.35 -29.18 2.13
C PHE B 108 -18.29 -30.21 3.25
N GLN B 109 -19.37 -30.40 4.01
CA GLN B 109 -19.32 -31.25 5.18
C GLN B 109 -19.46 -32.70 4.75
N VAL B 110 -18.32 -33.36 4.51
CA VAL B 110 -18.27 -34.76 4.14
C VAL B 110 -17.05 -35.35 4.82
N ASP B 111 -17.04 -36.67 5.00
CA ASP B 111 -15.91 -37.37 5.59
C ASP B 111 -15.36 -38.32 4.54
N LYS B 112 -14.05 -38.26 4.34
CA LYS B 112 -13.34 -39.06 3.35
C LYS B 112 -12.14 -39.75 4.00
N PRO B 113 -11.64 -40.82 3.38
CA PRO B 113 -10.39 -41.41 3.87
C PRO B 113 -9.17 -40.78 3.21
N THR B 114 -7.99 -41.33 3.49
CA THR B 114 -6.73 -40.78 3.02
C THR B 114 -6.18 -41.63 1.88
N ASN B 115 -5.70 -40.96 0.82
CA ASN B 115 -5.08 -41.67 -0.28
C ASN B 115 -3.59 -41.87 -0.02
N PRO B 116 -2.99 -42.92 -0.59
CA PRO B 116 -1.62 -43.28 -0.20
C PRO B 116 -0.58 -42.23 -0.55
N ILE B 117 -0.88 -41.33 -1.49
CA ILE B 117 0.08 -40.28 -1.83
C ILE B 117 0.42 -39.46 -0.60
N HIS B 118 -0.56 -39.21 0.25
CA HIS B 118 -0.32 -38.48 1.48
C HIS B 118 0.72 -39.19 2.33
N ASP B 119 0.55 -40.50 2.52
CA ASP B 119 1.48 -41.27 3.31
C ASP B 119 2.87 -41.23 2.71
N LYS B 120 2.96 -41.34 1.39
CA LYS B 120 4.25 -41.20 0.73
C LYS B 120 4.88 -39.85 1.05
N ILE B 121 4.11 -38.78 0.93
CA ILE B 121 4.67 -37.44 1.10
C ILE B 121 5.18 -37.26 2.53
N LEU B 122 4.40 -37.71 3.50
CA LEU B 122 4.84 -37.62 4.89
C LEU B 122 6.02 -38.55 5.18
N ALA B 123 6.15 -39.65 4.45
CA ALA B 123 7.17 -40.63 4.75
C ALA B 123 8.58 -40.07 4.58
N MET B 124 8.74 -38.98 3.84
CA MET B 124 10.04 -38.37 3.65
C MET B 124 10.39 -37.40 4.76
N ASN B 125 9.81 -37.58 5.95
CA ASN B 125 9.93 -36.78 7.16
C ASN B 125 10.15 -35.30 6.87
N PRO B 126 9.18 -34.63 6.24
CA PRO B 126 9.33 -33.20 5.98
C PRO B 126 9.37 -32.41 7.27
N ALA B 127 10.08 -31.27 7.23
CA ALA B 127 10.20 -30.43 8.40
C ALA B 127 8.98 -29.55 8.60
N HIS B 128 8.56 -28.83 7.56
CA HIS B 128 7.38 -27.99 7.63
C HIS B 128 6.54 -28.21 6.38
N VAL B 129 5.23 -28.00 6.51
CA VAL B 129 4.30 -28.18 5.40
C VAL B 129 3.46 -26.93 5.26
N ILE B 130 3.37 -26.41 4.03
CA ILE B 130 2.57 -25.23 3.74
C ILE B 130 1.58 -25.59 2.63
N THR B 131 0.29 -25.46 2.93
CA THR B 131 -0.74 -25.95 2.02
C THR B 131 -1.81 -24.91 1.76
N THR B 132 -2.46 -25.04 0.60
CA THR B 132 -3.66 -24.29 0.27
C THR B 132 -4.90 -25.17 0.32
N ASN B 133 -4.76 -26.44 0.65
CA ASN B 133 -5.89 -27.34 0.71
C ASN B 133 -6.86 -26.88 1.79
N TYR B 134 -8.07 -26.54 1.38
CA TYR B 134 -9.08 -26.11 2.34
C TYR B 134 -9.44 -27.21 3.31
N ASP B 135 -9.08 -28.45 3.00
CA ASP B 135 -9.54 -29.61 3.74
C ASP B 135 -8.74 -29.79 5.02
N ASN B 136 -9.15 -30.78 5.81
CA ASN B 136 -8.43 -31.26 6.97
C ASN B 136 -7.76 -32.60 6.70
N LEU B 137 -7.70 -33.02 5.44
CA LEU B 137 -7.22 -34.33 5.09
C LEU B 137 -5.73 -34.49 5.40
N ILE B 138 -4.92 -33.50 5.02
CA ILE B 138 -3.49 -33.57 5.29
C ILE B 138 -3.24 -33.59 6.80
N ASP B 139 -4.07 -32.85 7.56
CA ASP B 139 -3.94 -32.86 9.00
C ASP B 139 -4.20 -34.26 9.53
N THR B 140 -5.23 -34.94 9.01
CA THR B 140 -5.51 -36.31 9.41
C THR B 140 -4.35 -37.22 9.10
N ALA B 141 -3.76 -37.06 7.92
CA ALA B 141 -2.59 -37.86 7.55
C ALA B 141 -1.45 -37.65 8.54
N CYS B 142 -1.23 -36.40 8.95
CA CYS B 142 -0.23 -36.17 9.98
C CYS B 142 -0.59 -36.88 11.28
N TRP B 143 -1.87 -36.84 11.65
CA TRP B 143 -2.28 -37.41 12.92
C TRP B 143 -2.07 -38.92 12.96
N LYS B 144 -2.39 -39.61 11.86
CA LYS B 144 -2.31 -41.07 11.87
C LYS B 144 -0.87 -41.54 12.08
N ARG B 145 0.09 -40.93 11.41
CA ARG B 145 1.47 -41.40 11.41
C ARG B 145 2.21 -41.08 12.67
N GLY B 146 1.56 -40.70 13.76
CA GLY B 146 2.23 -40.50 15.01
C GLY B 146 3.01 -39.22 15.14
N LYS B 147 3.35 -38.56 14.03
CA LYS B 147 3.98 -37.26 14.11
C LYS B 147 2.98 -36.23 14.60
N TYR B 148 3.46 -35.26 15.36
CA TYR B 148 2.63 -34.18 15.87
C TYR B 148 3.12 -32.87 15.29
N PHE B 149 2.18 -32.05 14.83
CA PHE B 149 2.53 -30.74 14.28
C PHE B 149 1.55 -29.71 14.81
N SER B 150 1.99 -28.46 14.77
CA SER B 150 1.16 -27.33 15.18
C SER B 150 0.31 -26.88 14.01
N VAL B 151 -0.98 -26.71 14.26
CA VAL B 151 -1.88 -26.12 13.28
C VAL B 151 -1.90 -24.61 13.49
N ILE B 152 -1.49 -23.88 12.47
CA ILE B 152 -1.51 -22.42 12.48
C ILE B 152 -2.45 -21.99 11.36
N SER B 153 -3.70 -21.71 11.72
CA SER B 153 -4.73 -21.42 10.73
C SER B 153 -5.10 -19.96 10.65
N ALA B 154 -5.15 -19.25 11.76
CA ALA B 154 -5.51 -17.84 11.75
C ALA B 154 -4.40 -17.03 12.40
N GLU B 155 -4.68 -15.74 12.59
CA GLU B 155 -3.66 -14.82 13.07
C GLU B 155 -3.19 -15.17 14.46
N GLU B 156 -4.11 -15.51 15.37
CA GLU B 156 -3.75 -15.66 16.77
C GLU B 156 -2.80 -16.84 16.97
N ASP B 157 -2.84 -17.82 16.06
CA ASP B 157 -1.99 -18.98 16.23
C ASP B 157 -0.52 -18.68 15.93
N VAL B 158 -0.23 -17.60 15.21
CA VAL B 158 1.13 -17.36 14.76
C VAL B 158 2.06 -17.12 15.95
N ALA B 159 1.62 -16.31 16.91
CA ALA B 159 2.46 -16.06 18.08
C ALA B 159 2.58 -17.31 18.93
N ASN B 160 1.45 -17.96 19.22
CA ASN B 160 1.42 -19.11 20.10
C ASN B 160 1.86 -20.34 19.34
N ALA B 161 3.18 -20.52 19.22
CA ALA B 161 3.76 -21.67 18.55
C ALA B 161 3.96 -22.79 19.57
N THR B 162 3.79 -24.03 19.10
CA THR B 162 3.84 -25.16 20.01
C THR B 162 4.89 -26.20 19.63
N SER B 163 5.70 -25.94 18.61
CA SER B 163 6.68 -26.92 18.16
C SER B 163 7.64 -26.24 17.19
N SER B 164 8.73 -26.94 16.89
CA SER B 164 9.67 -26.51 15.87
C SER B 164 9.34 -27.08 14.49
N ARG B 165 8.11 -27.55 14.30
CA ARG B 165 7.63 -27.99 13.01
C ARG B 165 6.26 -27.36 12.76
N TYR B 166 6.06 -26.84 11.55
CA TYR B 166 4.93 -25.96 11.28
C TYR B 166 4.03 -26.52 10.19
N LEU B 167 2.74 -26.20 10.31
CA LEU B 167 1.72 -26.48 9.32
C LEU B 167 1.04 -25.15 9.01
N LEU B 168 1.29 -24.63 7.81
CA LEU B 168 0.80 -23.31 7.40
C LEU B 168 -0.35 -23.49 6.43
N LYS B 169 -1.57 -23.30 6.90
CA LYS B 169 -2.76 -23.38 6.04
C LYS B 169 -3.01 -21.98 5.49
N VAL B 170 -2.45 -21.72 4.31
CA VAL B 170 -2.41 -20.36 3.79
C VAL B 170 -3.82 -19.81 3.58
N ALA B 171 -4.69 -20.60 2.99
CA ALA B 171 -6.02 -20.12 2.62
C ALA B 171 -7.03 -20.24 3.75
N GLY B 172 -6.61 -20.73 4.92
CA GLY B 172 -7.52 -20.90 6.03
C GLY B 172 -8.19 -22.26 6.03
N ASP B 173 -8.88 -22.54 7.12
CA ASP B 173 -9.50 -23.84 7.30
C ASP B 173 -10.88 -23.67 7.92
N PHE B 174 -11.69 -24.72 7.81
CA PHE B 174 -13.02 -24.75 8.38
C PHE B 174 -13.01 -25.20 9.84
N ARG B 175 -11.84 -25.20 10.48
CA ARG B 175 -11.72 -25.78 11.81
C ARG B 175 -12.58 -25.02 12.82
N LYS B 176 -12.41 -23.70 12.89
CA LYS B 176 -13.11 -22.90 13.89
C LYS B 176 -14.60 -22.81 13.65
N GLY B 177 -15.07 -23.20 12.48
CA GLY B 177 -16.47 -23.09 12.14
C GLY B 177 -16.64 -22.86 10.65
N PHE B 178 -17.81 -23.24 10.16
CA PHE B 178 -18.08 -23.21 8.72
C PHE B 178 -18.50 -21.80 8.29
N LYS B 179 -17.60 -20.85 8.52
CA LYS B 179 -17.89 -19.44 8.29
C LYS B 179 -16.87 -18.86 7.32
N GLY B 180 -17.35 -17.96 6.45
CA GLY B 180 -16.53 -17.52 5.33
C GLY B 180 -15.29 -16.75 5.73
N GLU B 181 -15.37 -15.94 6.79
CA GLU B 181 -14.26 -15.08 7.16
C GLU B 181 -12.99 -15.85 7.46
N ASN B 182 -13.09 -17.11 7.86
CA ASN B 182 -11.92 -17.89 8.23
C ASN B 182 -11.19 -18.47 7.04
N VAL B 183 -11.72 -18.30 5.83
CA VAL B 183 -11.18 -18.96 4.65
C VAL B 183 -11.17 -17.95 3.51
N VAL B 184 -10.34 -18.20 2.50
CA VAL B 184 -10.11 -17.28 1.41
C VAL B 184 -10.84 -17.82 0.17
N LEU B 185 -11.92 -17.17 -0.21
CA LEU B 185 -12.76 -17.57 -1.35
C LEU B 185 -12.98 -16.47 -2.36
N LYS B 186 -13.15 -15.22 -1.91
CA LYS B 186 -13.54 -14.11 -2.76
C LYS B 186 -12.35 -13.21 -3.08
N GLU B 187 -12.30 -12.72 -4.32
CA GLU B 187 -11.12 -11.96 -4.74
C GLU B 187 -11.04 -10.62 -4.02
N ASP B 188 -12.10 -10.22 -3.29
CA ASP B 188 -11.91 -9.18 -2.29
C ASP B 188 -10.92 -9.64 -1.23
N ASP B 189 -11.07 -10.86 -0.75
CA ASP B 189 -10.08 -11.40 0.17
C ASP B 189 -8.73 -11.55 -0.52
N TYR B 190 -8.74 -11.84 -1.82
CA TYR B 190 -7.51 -11.99 -2.58
C TYR B 190 -6.79 -10.67 -2.78
N LEU B 191 -7.53 -9.55 -2.79
CA LEU B 191 -6.95 -8.23 -2.94
C LEU B 191 -6.57 -7.62 -1.60
N ASN B 192 -7.40 -7.79 -0.57
CA ASN B 192 -7.06 -7.37 0.78
C ASN B 192 -6.32 -8.46 1.55
N TYR B 193 -5.65 -9.36 0.84
CA TYR B 193 -4.85 -10.39 1.50
C TYR B 193 -3.72 -9.77 2.32
N ASP B 194 -2.99 -8.82 1.73
CA ASP B 194 -1.89 -8.19 2.43
C ASP B 194 -2.38 -7.37 3.61
N GLN B 195 -3.50 -6.69 3.45
CA GLN B 195 -4.04 -5.88 4.53
C GLN B 195 -4.55 -6.72 5.70
N ASN B 196 -4.96 -7.95 5.45
CA ASN B 196 -5.57 -8.78 6.49
C ASN B 196 -4.62 -9.77 7.14
N TYR B 197 -3.75 -10.42 6.36
CA TYR B 197 -2.92 -11.54 6.85
C TYR B 197 -1.45 -11.22 6.61
N PRO B 198 -0.89 -10.30 7.37
CA PRO B 198 0.52 -9.92 7.14
C PRO B 198 1.50 -10.95 7.70
N LEU B 199 1.26 -11.42 8.92
CA LEU B 199 2.23 -12.27 9.57
C LEU B 199 2.34 -13.63 8.90
N ILE B 200 1.21 -14.16 8.41
CA ILE B 200 1.25 -15.41 7.66
C ILE B 200 2.09 -15.22 6.40
N SER B 201 1.93 -14.07 5.74
CA SER B 201 2.74 -13.79 4.56
C SER B 201 4.22 -13.76 4.90
N ASN B 202 4.56 -13.13 6.02
CA ASN B 202 5.96 -13.10 6.42
C ASN B 202 6.49 -14.50 6.72
N LEU B 203 5.68 -15.32 7.39
CA LEU B 203 6.11 -16.70 7.67
C LEU B 203 6.36 -17.46 6.38
N MET B 204 5.45 -17.32 5.41
CA MET B 204 5.64 -18.00 4.14
C MET B 204 6.90 -17.53 3.44
N LYS B 205 7.12 -16.21 3.42
CA LYS B 205 8.30 -15.69 2.75
C LYS B 205 9.56 -16.23 3.39
N THR B 206 9.64 -16.19 4.71
CA THR B 206 10.84 -16.64 5.39
C THR B 206 11.07 -18.13 5.20
N ILE B 207 10.01 -18.93 5.34
CA ILE B 207 10.18 -20.38 5.25
C ILE B 207 10.62 -20.75 3.85
N ILE B 208 10.09 -20.06 2.83
CA ILE B 208 10.55 -20.30 1.47
C ILE B 208 12.01 -19.93 1.33
N ALA B 209 12.40 -18.80 1.90
CA ALA B 209 13.78 -18.35 1.75
C ALA B 209 14.76 -19.31 2.42
N THR B 210 14.41 -19.82 3.60
CA THR B 210 15.40 -20.45 4.45
C THR B 210 15.67 -21.91 4.09
N HIS B 211 14.75 -22.60 3.44
CA HIS B 211 14.92 -24.02 3.16
C HIS B 211 14.67 -24.31 1.69
N THR B 212 14.79 -25.60 1.35
CA THR B 212 14.43 -26.10 0.03
C THR B 212 12.96 -26.48 0.01
N ILE B 213 12.24 -25.96 -0.97
CA ILE B 213 10.80 -26.11 -1.08
C ILE B 213 10.48 -26.87 -2.35
N VAL B 214 9.62 -27.88 -2.24
CA VAL B 214 9.24 -28.72 -3.37
C VAL B 214 7.73 -28.61 -3.55
N PHE B 215 7.31 -28.15 -4.72
CA PHE B 215 5.88 -28.09 -5.04
C PHE B 215 5.41 -29.39 -5.66
N ILE B 216 4.12 -29.67 -5.50
CA ILE B 216 3.51 -30.84 -6.10
C ILE B 216 2.00 -30.66 -6.05
N GLY B 217 1.28 -31.32 -6.95
CA GLY B 217 -0.16 -31.22 -7.01
C GLY B 217 -0.65 -29.84 -7.39
N TYR B 218 0.05 -29.19 -8.33
CA TYR B 218 -0.25 -27.81 -8.69
C TYR B 218 -0.20 -27.68 -10.20
N GLY B 219 -1.13 -26.91 -10.76
CA GLY B 219 -1.06 -26.57 -12.16
C GLY B 219 0.03 -25.55 -12.45
N LEU B 220 0.45 -25.48 -13.71
CA LEU B 220 1.48 -24.53 -14.08
C LEU B 220 1.01 -23.10 -13.92
N GLY B 221 -0.13 -22.73 -14.51
CA GLY B 221 -0.63 -21.39 -14.30
C GLY B 221 -1.21 -21.16 -12.92
N ASP B 222 -2.38 -21.74 -12.67
CA ASP B 222 -3.12 -21.57 -11.41
C ASP B 222 -3.17 -20.10 -11.01
N TYR B 223 -3.20 -19.84 -9.71
CA TYR B 223 -2.99 -18.47 -9.25
C TYR B 223 -1.77 -18.32 -8.35
N ASN B 224 -1.66 -19.08 -7.26
CA ASN B 224 -0.65 -18.79 -6.25
C ASN B 224 0.74 -18.80 -6.85
N ILE B 225 1.01 -19.76 -7.74
CA ILE B 225 2.31 -19.83 -8.42
C ILE B 225 2.69 -18.46 -8.95
N ASN B 226 1.73 -17.73 -9.51
CA ASN B 226 2.03 -16.41 -10.04
C ASN B 226 2.57 -15.48 -8.96
N MET B 227 1.91 -15.45 -7.79
CA MET B 227 2.38 -14.56 -6.74
C MET B 227 3.75 -14.97 -6.22
N LEU B 228 3.95 -16.25 -5.95
CA LEU B 228 5.25 -16.65 -5.44
C LEU B 228 6.35 -16.37 -6.45
N LEU B 229 6.13 -16.69 -7.74
CA LEU B 229 7.23 -16.43 -8.67
C LEU B 229 7.45 -14.94 -8.84
N ASN B 230 6.37 -14.16 -8.90
CA ASN B 230 6.50 -12.72 -9.12
C ASN B 230 7.31 -12.09 -8.00
N TRP B 231 7.05 -12.47 -6.75
CA TRP B 231 7.90 -11.95 -5.69
C TRP B 231 9.30 -12.52 -5.81
N VAL B 232 9.43 -13.85 -5.75
CA VAL B 232 10.70 -14.50 -5.52
C VAL B 232 11.72 -14.11 -6.58
N ARG B 233 11.36 -14.23 -7.86
CA ARG B 233 12.41 -14.19 -8.87
C ARG B 233 12.92 -12.77 -9.09
N LYS B 234 12.01 -11.83 -9.32
CA LYS B 234 12.44 -10.54 -9.84
C LYS B 234 13.13 -9.70 -8.78
N LEU B 235 12.59 -9.69 -7.55
CA LEU B 235 13.07 -8.72 -6.57
C LEU B 235 14.44 -9.08 -6.03
N GLN B 236 14.70 -10.34 -5.73
CA GLN B 236 15.95 -10.65 -5.06
C GLN B 236 17.11 -10.77 -6.05
N LYS B 237 18.29 -10.92 -5.48
CA LYS B 237 19.55 -11.01 -6.21
C LYS B 237 19.88 -12.48 -6.49
N ASP B 238 21.14 -12.75 -6.83
CA ASP B 238 21.59 -14.08 -7.27
C ASP B 238 21.94 -15.00 -6.10
N SER B 239 21.25 -14.89 -4.97
CA SER B 239 21.60 -15.62 -3.77
C SER B 239 20.43 -16.44 -3.21
N PHE B 240 19.76 -17.22 -4.07
CA PHE B 240 18.61 -18.00 -3.64
C PHE B 240 18.75 -19.44 -4.12
N HIS B 241 18.04 -20.34 -3.46
CA HIS B 241 17.94 -21.74 -3.88
C HIS B 241 16.68 -21.93 -4.71
N LYS B 242 16.86 -22.40 -5.93
CA LYS B 242 15.74 -22.50 -6.86
C LYS B 242 14.74 -23.55 -6.39
N PRO B 243 13.45 -23.23 -6.36
CA PRO B 243 12.44 -24.21 -5.97
C PRO B 243 12.23 -25.27 -7.03
N PHE B 244 11.62 -26.38 -6.60
CA PHE B 244 11.34 -27.53 -7.43
C PHE B 244 9.83 -27.70 -7.63
N PHE B 245 9.46 -28.22 -8.80
CA PHE B 245 8.07 -28.36 -9.20
C PHE B 245 7.89 -29.69 -9.91
N ILE B 246 6.72 -30.29 -9.71
CA ILE B 246 6.39 -31.60 -10.27
C ILE B 246 5.22 -31.39 -11.22
N ARG B 247 5.45 -31.62 -12.51
CA ARG B 247 4.40 -31.51 -13.51
C ARG B 247 3.84 -32.91 -13.81
N THR B 248 2.51 -33.01 -13.82
CA THR B 248 1.87 -34.30 -14.00
C THR B 248 0.74 -34.24 -15.02
N ASP B 249 0.80 -33.29 -15.93
CA ASP B 249 -0.21 -33.17 -16.97
C ASP B 249 -0.10 -34.33 -17.95
N PRO B 250 -1.15 -34.60 -18.72
CA PRO B 250 -1.06 -35.63 -19.75
C PRO B 250 -0.08 -35.28 -20.86
N SER B 251 -0.23 -34.10 -21.44
CA SER B 251 0.65 -33.68 -22.52
C SER B 251 2.05 -33.38 -21.97
N PRO B 252 3.09 -33.80 -22.68
CA PRO B 252 4.45 -33.51 -22.23
C PRO B 252 4.75 -32.02 -22.31
N ILE B 253 5.63 -31.58 -21.42
CA ILE B 253 6.04 -30.18 -21.44
C ILE B 253 7.02 -29.97 -22.59
N GLU B 254 6.77 -28.95 -23.39
CA GLU B 254 7.65 -28.67 -24.53
C GLU B 254 8.99 -28.16 -24.02
N ASN B 255 10.03 -28.40 -24.82
CA ASN B 255 11.39 -28.08 -24.40
C ASN B 255 11.55 -26.60 -24.07
N GLU B 256 10.90 -25.73 -24.85
CA GLU B 256 11.09 -24.30 -24.67
C GLU B 256 10.32 -23.80 -23.45
N THR B 257 9.22 -24.46 -23.12
CA THR B 257 8.52 -24.14 -21.88
C THR B 257 9.45 -24.37 -20.69
N LEU B 258 10.22 -25.45 -20.75
CA LEU B 258 11.23 -25.69 -19.72
C LEU B 258 12.18 -24.52 -19.62
N ILE B 259 12.62 -23.98 -20.75
CA ILE B 259 13.55 -22.86 -20.74
C ILE B 259 12.90 -21.64 -20.09
N TYR B 260 11.67 -21.34 -20.48
CA TYR B 260 11.02 -20.14 -19.97
C TYR B 260 10.84 -20.22 -18.47
N TYR B 261 10.39 -21.37 -17.97
CA TYR B 261 10.27 -21.50 -16.52
C TYR B 261 11.62 -21.63 -15.85
N GLU B 262 12.67 -21.97 -16.60
CA GLU B 262 14.00 -22.04 -16.03
C GLU B 262 14.54 -20.65 -15.76
N ASN B 263 14.32 -19.72 -16.69
CA ASN B 263 14.74 -18.34 -16.46
C ASN B 263 13.97 -17.74 -15.28
N LYS B 264 12.68 -18.05 -15.17
CA LYS B 264 11.86 -17.52 -14.09
C LYS B 264 12.21 -18.11 -12.74
N GLY B 265 13.00 -19.18 -12.69
CA GLY B 265 13.52 -19.66 -11.43
C GLY B 265 12.76 -20.80 -10.78
N LEU B 266 12.33 -21.77 -11.59
CA LEU B 266 11.73 -22.99 -11.09
C LEU B 266 12.31 -24.18 -11.85
N ARG B 267 12.52 -25.28 -11.14
CA ARG B 267 13.04 -26.49 -11.77
C ARG B 267 11.90 -27.49 -11.96
N ILE B 268 11.62 -27.82 -13.21
CA ILE B 268 10.51 -28.69 -13.58
C ILE B 268 11.00 -30.12 -13.61
N ILE B 269 10.21 -31.02 -13.05
CA ILE B 269 10.41 -32.45 -13.22
C ILE B 269 9.17 -32.99 -13.93
N ASP B 270 9.30 -33.30 -15.21
CA ASP B 270 8.13 -33.64 -16.01
C ASP B 270 7.82 -35.13 -15.92
N ALA B 271 6.54 -35.45 -15.73
CA ALA B 271 6.14 -36.84 -15.60
C ALA B 271 6.13 -37.55 -16.95
N ALA B 272 5.74 -36.85 -18.01
CA ALA B 272 5.47 -37.51 -19.29
C ALA B 272 6.69 -38.26 -19.83
N SER B 273 7.89 -37.86 -19.43
CA SER B 273 9.07 -38.63 -19.80
C SER B 273 9.34 -39.79 -18.85
N LEU B 274 8.54 -39.94 -17.79
CA LEU B 274 8.82 -40.97 -16.79
C LEU B 274 8.09 -42.27 -17.07
N ILE B 275 6.76 -42.24 -17.11
CA ILE B 275 5.95 -43.43 -17.27
C ILE B 275 4.86 -43.17 -18.30
N ASP B 276 4.55 -44.18 -19.11
CA ASP B 276 3.55 -44.06 -20.15
C ASP B 276 2.24 -44.74 -19.74
N SER B 277 1.13 -44.03 -19.92
CA SER B 277 -0.19 -44.54 -19.57
C SER B 277 -1.24 -43.74 -20.31
N ASN B 278 -2.48 -43.89 -19.87
CA ASN B 278 -3.60 -43.16 -20.46
C ASN B 278 -3.70 -41.76 -19.87
N GLU B 279 -4.75 -41.04 -20.27
CA GLU B 279 -4.90 -39.65 -19.85
C GLU B 279 -5.37 -39.54 -18.41
N TYR B 280 -6.29 -40.40 -18.00
CA TYR B 280 -7.04 -40.21 -16.75
C TYR B 280 -6.37 -40.81 -15.53
N ASP B 281 -5.23 -41.48 -15.68
CA ASP B 281 -4.63 -42.23 -14.58
C ASP B 281 -3.75 -41.31 -13.73
N TYR B 282 -4.42 -40.40 -13.03
CA TYR B 282 -3.73 -39.47 -12.13
C TYR B 282 -3.03 -40.21 -11.01
N LEU B 283 -3.69 -41.24 -10.47
CA LEU B 283 -3.08 -42.04 -9.41
C LEU B 283 -1.73 -42.56 -9.83
N GLU B 284 -1.63 -43.15 -11.03
CA GLU B 284 -0.38 -43.74 -11.46
C GLU B 284 0.72 -42.70 -11.62
N ARG B 285 0.41 -41.56 -12.22
CA ARG B 285 1.45 -40.58 -12.45
C ARG B 285 1.98 -40.02 -11.13
N TYR B 286 1.07 -39.62 -10.24
CA TYR B 286 1.51 -39.14 -8.93
C TYR B 286 2.34 -40.20 -8.22
N SER B 287 1.87 -41.44 -8.24
CA SER B 287 2.56 -42.52 -7.55
C SER B 287 3.96 -42.70 -8.12
N ALA B 288 4.07 -42.69 -9.45
CA ALA B 288 5.37 -42.91 -10.08
C ALA B 288 6.32 -41.78 -9.72
N VAL B 289 5.87 -40.53 -9.83
CA VAL B 289 6.76 -39.42 -9.58
C VAL B 289 7.24 -39.44 -8.14
N MET B 290 6.31 -39.66 -7.21
CA MET B 290 6.70 -39.67 -5.81
C MET B 290 7.58 -40.89 -5.55
N ASP B 291 7.39 -41.97 -6.32
CA ASP B 291 8.15 -43.19 -6.12
C ASP B 291 9.60 -43.01 -6.49
N LEU B 292 9.86 -42.36 -7.62
CA LEU B 292 11.24 -42.13 -8.03
C LEU B 292 12.02 -41.43 -6.92
N LEU B 293 11.32 -40.64 -6.11
CA LEU B 293 11.91 -40.11 -4.89
C LEU B 293 12.04 -41.19 -3.84
N ILE B 294 10.91 -41.81 -3.46
CA ILE B 294 10.85 -42.52 -2.19
C ILE B 294 11.70 -43.78 -2.20
N GLU B 295 11.74 -44.52 -3.32
CA GLU B 295 12.47 -45.79 -3.25
C GLU B 295 13.95 -45.53 -3.03
N SER B 296 14.46 -44.45 -3.60
CA SER B 296 15.88 -44.13 -3.50
C SER B 296 16.13 -43.09 -2.41
N GLN B 297 15.85 -43.47 -1.16
CA GLN B 297 16.33 -42.62 -0.08
C GLN B 297 17.85 -42.64 -0.16
N GLU B 298 18.48 -43.79 0.16
CA GLU B 298 19.57 -44.31 -0.65
C GLU B 298 19.74 -45.79 -0.33
N ASN B 299 19.04 -46.65 -1.04
CA ASN B 299 19.29 -48.08 -0.88
C ASN B 299 19.34 -48.84 -2.19
N LYS B 300 18.48 -48.51 -3.15
CA LYS B 300 18.23 -49.36 -4.31
C LYS B 300 18.94 -48.88 -5.56
N PHE B 301 19.01 -47.57 -5.78
CA PHE B 301 19.58 -47.05 -7.02
C PHE B 301 21.07 -47.35 -7.15
N ILE B 302 21.74 -47.66 -6.05
CA ILE B 302 23.16 -47.99 -6.10
C ILE B 302 23.36 -49.24 -6.94
N THR B 303 23.97 -49.09 -8.11
CA THR B 303 24.23 -50.21 -9.00
C THR B 303 25.70 -50.38 -9.33
N LYS B 304 26.38 -49.31 -9.75
CA LYS B 304 27.78 -49.44 -10.09
C LYS B 304 28.65 -49.46 -8.84
N ASP B 305 29.73 -50.25 -8.92
CA ASP B 305 30.59 -50.45 -7.76
C ASP B 305 31.29 -49.16 -7.34
N ASP B 306 31.35 -48.17 -8.23
CA ASP B 306 31.85 -46.86 -7.81
C ASP B 306 30.95 -46.22 -6.75
N GLU B 307 29.63 -46.32 -6.94
CA GLU B 307 28.72 -45.74 -5.96
C GLU B 307 28.98 -46.29 -4.58
N VAL B 308 29.32 -47.57 -4.48
CA VAL B 308 29.56 -48.19 -3.19
C VAL B 308 30.66 -47.43 -2.46
N ILE B 309 31.79 -47.22 -3.13
CA ILE B 309 32.92 -46.60 -2.46
C ILE B 309 32.66 -45.13 -2.17
N ASP B 310 32.03 -44.42 -3.11
CA ASP B 310 31.74 -43.02 -2.82
C ASP B 310 30.83 -42.89 -1.61
N TYR B 311 29.79 -43.71 -1.53
CA TYR B 311 28.85 -43.63 -0.42
C TYR B 311 29.52 -43.97 0.90
N ILE B 312 30.29 -45.07 0.93
CA ILE B 312 30.85 -45.50 2.21
C ILE B 312 31.89 -44.48 2.66
N TYR B 313 32.68 -43.96 1.72
CA TYR B 313 33.64 -42.92 2.08
C TYR B 313 32.94 -41.68 2.59
N GLY B 314 31.83 -41.30 1.96
CA GLY B 314 31.07 -40.17 2.46
C GLY B 314 30.60 -40.37 3.89
N LYS B 315 30.21 -41.60 4.23
CA LYS B 315 29.73 -41.86 5.58
C LYS B 315 30.83 -42.01 6.62
N ILE B 316 32.04 -42.41 6.22
CA ILE B 316 33.08 -42.67 7.23
C ILE B 316 34.14 -41.58 7.32
N SER B 317 34.46 -40.91 6.21
CA SER B 317 35.58 -39.98 6.19
C SER B 317 35.58 -38.95 7.32
N PRO B 318 34.45 -38.38 7.75
CA PRO B 318 34.54 -37.43 8.86
C PRO B 318 35.15 -38.03 10.12
N LEU B 319 34.85 -39.28 10.44
CA LEU B 319 35.36 -39.82 11.69
C LEU B 319 36.85 -40.14 11.65
N PHE B 320 37.54 -39.84 10.55
CA PHE B 320 38.97 -40.11 10.49
C PHE B 320 39.74 -39.37 11.57
N ALA B 321 39.22 -38.22 12.01
CA ALA B 321 39.96 -37.38 12.95
C ALA B 321 40.20 -38.09 14.28
N LEU B 322 39.17 -38.77 14.79
CA LEU B 322 39.29 -39.43 16.08
C LEU B 322 40.27 -40.61 15.99
N GLN B 323 40.71 -41.07 17.15
CA GLN B 323 41.65 -42.18 17.20
C GLN B 323 40.99 -43.52 16.95
N TYR B 324 39.77 -43.73 17.44
CA TYR B 324 39.09 -45.01 17.26
C TYR B 324 37.61 -44.79 17.52
N ILE B 325 36.80 -45.69 16.96
CA ILE B 325 35.34 -45.63 17.11
C ILE B 325 34.90 -46.90 17.81
N ARG B 326 34.11 -46.75 18.88
CA ARG B 326 33.62 -47.92 19.61
C ARG B 326 32.78 -48.77 18.69
N LYS B 327 33.15 -50.05 18.58
CA LYS B 327 32.56 -50.88 17.54
C LYS B 327 31.06 -51.10 17.79
N ILE B 328 30.67 -51.22 19.06
CA ILE B 328 29.26 -51.37 19.35
C ILE B 328 28.49 -50.13 18.89
N ASP B 329 29.10 -48.96 19.01
CA ASP B 329 28.44 -47.73 18.56
C ASP B 329 28.39 -47.60 17.05
N LEU B 330 29.26 -48.30 16.32
CA LEU B 330 29.28 -48.24 14.86
C LEU B 330 27.92 -48.43 14.23
N LYS B 331 26.97 -49.04 14.94
CA LYS B 331 25.64 -49.24 14.35
C LYS B 331 25.04 -47.90 13.96
N HIS B 332 25.12 -46.91 14.85
CA HIS B 332 24.58 -45.60 14.53
C HIS B 332 25.28 -44.99 13.34
N VAL B 333 26.51 -45.45 13.07
CA VAL B 333 27.27 -44.97 11.94
C VAL B 333 26.55 -45.24 10.63
N PHE B 334 25.69 -46.26 10.59
CA PHE B 334 24.99 -46.58 9.36
C PHE B 334 23.47 -46.59 9.54
N GLU B 335 22.95 -45.76 10.43
CA GLU B 335 21.51 -45.52 10.57
C GLU B 335 20.73 -46.82 10.73
N TYR B 336 21.27 -47.72 11.54
CA TYR B 336 20.65 -49.02 11.80
C TYR B 336 20.41 -49.80 10.51
N ASP B 337 21.50 -50.08 9.79
CA ASP B 337 21.40 -50.91 8.60
C ASP B 337 22.03 -52.28 8.80
N TYR B 338 23.14 -52.35 9.52
CA TYR B 338 23.82 -53.62 9.77
C TYR B 338 24.19 -53.70 11.25
N HIS B 339 24.31 -54.93 11.74
CA HIS B 339 24.80 -55.20 13.08
C HIS B 339 26.27 -55.57 13.00
N PHE B 340 27.09 -54.89 13.78
CA PHE B 340 28.51 -55.18 13.88
C PHE B 340 28.78 -55.84 15.23
N GLU B 341 29.19 -57.10 15.19
CA GLU B 341 29.42 -57.86 16.42
C GLU B 341 30.86 -57.67 16.89
N VAL B 342 31.03 -57.71 18.21
CA VAL B 342 32.31 -57.37 18.84
C VAL B 342 33.42 -58.27 18.35
N ASN B 343 33.08 -59.49 17.93
CA ASN B 343 34.10 -60.43 17.50
C ASN B 343 34.76 -59.93 16.21
N GLY B 344 33.98 -59.34 15.30
CA GLY B 344 34.54 -58.76 14.10
C GLY B 344 33.78 -59.06 12.82
N THR B 345 32.58 -59.60 12.95
CA THR B 345 31.76 -59.96 11.82
C THR B 345 30.77 -58.84 11.49
N VAL B 346 29.92 -59.08 10.50
CA VAL B 346 28.80 -58.20 10.18
C VAL B 346 27.57 -59.06 9.92
N VAL B 347 26.40 -58.47 10.12
CA VAL B 347 25.13 -59.12 9.81
C VAL B 347 24.20 -58.07 9.23
N ARG B 348 23.45 -58.45 8.20
CA ARG B 348 22.46 -57.56 7.62
C ARG B 348 21.18 -57.62 8.46
N HIS B 349 20.68 -56.46 8.85
CA HIS B 349 19.48 -56.39 9.68
C HIS B 349 18.39 -55.51 9.08
N LYS B 350 18.74 -54.40 8.45
CA LYS B 350 17.75 -53.50 7.88
C LYS B 350 18.06 -53.04 6.47
N ASN B 351 19.24 -53.33 5.93
CA ASN B 351 19.54 -52.91 4.58
C ASN B 351 18.64 -53.64 3.59
N LYS B 352 17.64 -52.94 3.07
CA LYS B 352 16.77 -53.51 2.05
C LYS B 352 17.22 -53.18 0.65
N GLY B 353 18.40 -52.59 0.48
CA GLY B 353 18.92 -52.25 -0.82
C GLY B 353 20.03 -53.16 -1.27
N PHE B 354 20.67 -52.77 -2.36
CA PHE B 354 21.84 -53.49 -2.86
C PHE B 354 22.94 -53.44 -1.81
N GLY B 355 23.45 -54.61 -1.44
CA GLY B 355 24.39 -54.70 -0.34
C GLY B 355 25.70 -53.96 -0.55
N TYR B 356 25.85 -52.82 0.13
CA TYR B 356 27.10 -52.09 0.05
C TYR B 356 28.12 -52.61 1.06
N MET B 357 27.68 -52.78 2.31
CA MET B 357 28.58 -53.31 3.34
C MET B 357 29.00 -54.73 2.98
N GLU B 358 28.09 -55.52 2.42
CA GLU B 358 28.48 -56.84 1.92
C GLU B 358 29.52 -56.72 0.83
N ARG B 359 29.31 -55.82 -0.12
CA ARG B 359 30.15 -55.77 -1.31
C ARG B 359 31.53 -55.25 -0.94
N PHE B 360 31.63 -54.50 0.16
CA PHE B 360 32.91 -53.97 0.59
C PHE B 360 33.87 -55.09 0.93
N PHE B 361 33.38 -56.12 1.62
CA PHE B 361 34.26 -57.24 1.96
C PHE B 361 34.77 -57.95 0.72
N GLU B 362 33.93 -58.08 -0.32
CA GLU B 362 34.44 -58.64 -1.57
C GLU B 362 35.50 -57.73 -2.17
N LEU B 363 35.31 -56.41 -2.10
CA LEU B 363 36.40 -55.52 -2.51
C LEU B 363 37.65 -55.76 -1.67
N LYS B 364 37.49 -56.10 -0.41
CA LYS B 364 38.64 -56.32 0.46
C LYS B 364 39.39 -57.58 0.06
N GLU B 365 38.67 -58.69 -0.10
CA GLU B 365 39.33 -59.96 -0.44
C GLU B 365 39.83 -59.94 -1.88
N SER B 366 39.24 -59.08 -2.71
CA SER B 366 39.52 -59.10 -4.14
C SER B 366 40.98 -58.78 -4.42
N CYS B 367 41.46 -59.29 -5.56
CA CYS B 367 42.82 -59.05 -6.01
C CYS B 367 42.85 -58.31 -7.34
N ASP B 368 42.17 -58.83 -8.36
CA ASP B 368 42.29 -58.25 -9.70
C ASP B 368 41.01 -57.54 -10.15
N GLU B 369 39.85 -57.91 -9.62
CA GLU B 369 38.63 -57.20 -9.99
C GLU B 369 38.56 -55.83 -9.34
N ARG B 370 39.51 -55.53 -8.44
CA ARG B 370 39.73 -54.16 -8.01
C ARG B 370 40.15 -53.26 -9.17
N SER B 371 40.76 -53.84 -10.20
CA SER B 371 41.23 -53.04 -11.32
C SER B 371 40.08 -52.37 -12.06
N LYS B 372 38.89 -52.94 -12.01
CA LYS B 372 37.73 -52.37 -12.68
C LYS B 372 37.26 -51.21 -11.81
N LEU B 373 38.08 -50.16 -11.78
CA LEU B 373 37.88 -49.02 -10.91
C LEU B 373 38.69 -47.85 -11.45
N SER B 374 38.36 -46.65 -10.97
CA SER B 374 39.00 -45.44 -11.47
C SER B 374 40.30 -45.17 -10.71
N LYS B 375 40.99 -44.11 -11.13
CA LYS B 375 42.27 -43.76 -10.52
C LYS B 375 42.11 -43.06 -9.18
N LYS B 376 41.12 -42.20 -9.02
CA LYS B 376 40.97 -41.40 -7.82
C LYS B 376 40.44 -42.20 -6.65
N GLN B 377 39.76 -43.32 -6.89
CA GLN B 377 39.14 -44.08 -5.83
C GLN B 377 40.09 -45.07 -5.16
N TYR B 378 41.22 -45.40 -5.81
CA TYR B 378 42.09 -46.43 -5.27
C TYR B 378 42.67 -46.03 -3.92
N GLU B 379 43.11 -44.77 -3.81
CA GLU B 379 43.58 -44.27 -2.53
C GLU B 379 42.47 -44.28 -1.50
N ARG B 380 41.23 -44.00 -1.94
CA ARG B 380 40.10 -44.06 -1.03
C ARG B 380 39.90 -45.46 -0.48
N PHE B 381 39.98 -46.47 -1.36
CA PHE B 381 39.82 -47.85 -0.91
C PHE B 381 40.95 -48.24 0.04
N ASN B 382 42.18 -47.80 -0.26
CA ASN B 382 43.29 -48.07 0.64
C ASN B 382 43.08 -47.43 2.01
N ALA B 383 42.61 -46.18 2.03
CA ALA B 383 42.38 -45.49 3.30
C ALA B 383 41.30 -46.20 4.11
N LEU B 384 40.20 -46.57 3.46
CA LEU B 384 39.17 -47.33 4.17
C LEU B 384 39.72 -48.65 4.68
N PHE B 385 40.60 -49.28 3.90
CA PHE B 385 41.27 -50.48 4.34
C PHE B 385 42.01 -50.25 5.65
N ASN B 386 42.82 -49.19 5.72
CA ASN B 386 43.54 -48.92 6.95
C ASN B 386 42.58 -48.62 8.09
N PHE B 387 41.50 -47.89 7.81
CA PHE B 387 40.56 -47.55 8.86
C PHE B 387 39.98 -48.81 9.50
N PHE B 388 39.43 -49.70 8.68
CA PHE B 388 38.83 -50.91 9.25
C PHE B 388 39.87 -51.84 9.83
N GLU B 389 41.10 -51.84 9.29
CA GLU B 389 42.12 -52.70 9.87
C GLU B 389 42.47 -52.23 11.28
N LYS B 390 42.67 -50.92 11.45
CA LYS B 390 42.96 -50.41 12.77
C LYS B 390 41.76 -50.56 13.70
N ASN B 391 40.56 -50.33 13.18
CA ASN B 391 39.36 -50.38 14.01
C ASN B 391 39.13 -51.77 14.57
N GLY B 392 39.29 -52.80 13.74
CA GLY B 392 39.05 -54.17 14.17
C GLY B 392 38.02 -54.92 13.36
N VAL B 393 37.48 -54.38 12.27
CA VAL B 393 36.63 -55.16 11.39
C VAL B 393 37.47 -56.17 10.64
N ILE B 394 37.01 -57.42 10.61
CA ILE B 394 37.73 -58.50 9.93
C ILE B 394 37.01 -58.92 8.64
N CYS B 395 35.81 -59.46 8.76
CA CYS B 395 35.18 -60.08 7.61
C CYS B 395 33.69 -60.26 7.88
N MET B 396 33.02 -61.01 7.00
CA MET B 396 31.58 -61.22 7.05
C MET B 396 31.25 -62.60 7.59
N ALA B 397 30.00 -62.75 8.07
CA ALA B 397 29.66 -63.79 9.01
C ALA B 397 29.94 -65.19 8.48
N LYS B 398 29.47 -65.51 7.26
CA LYS B 398 29.51 -66.90 6.82
C LYS B 398 30.95 -67.38 6.61
N ASP B 399 31.85 -66.46 6.26
CA ASP B 399 33.26 -66.82 6.09
C ASP B 399 34.07 -66.65 7.37
N ALA B 400 33.43 -66.27 8.47
CA ALA B 400 34.14 -66.00 9.72
C ALA B 400 34.50 -67.32 10.39
N GLY B 401 35.79 -67.62 10.44
CA GLY B 401 36.28 -68.83 11.09
C GLY B 401 37.07 -68.55 12.35
N THR B 402 38.38 -68.79 12.30
CA THR B 402 39.24 -68.48 13.45
C THR B 402 39.33 -66.97 13.63
N LEU B 403 38.96 -66.49 14.81
CA LEU B 403 38.83 -65.06 15.06
C LEU B 403 39.45 -64.69 16.40
N ASN B 404 40.67 -65.16 16.64
CA ASN B 404 41.39 -64.79 17.85
C ASN B 404 41.65 -63.28 17.81
N THR B 405 41.47 -62.63 18.96
CA THR B 405 41.57 -61.17 19.05
C THR B 405 42.50 -60.79 20.19
N SER B 406 43.34 -59.79 19.95
CA SER B 406 44.22 -59.23 20.97
C SER B 406 44.02 -57.72 20.99
N ILE B 407 43.84 -57.17 22.19
CA ILE B 407 43.58 -55.74 22.34
C ILE B 407 44.90 -55.02 22.51
N GLU B 408 44.96 -53.77 22.04
CA GLU B 408 46.14 -52.92 22.18
C GLU B 408 45.68 -51.51 22.48
N ILE B 409 45.81 -51.09 23.73
CA ILE B 409 45.52 -49.72 24.14
C ILE B 409 46.80 -48.91 24.04
N ASN B 410 46.88 -48.01 23.06
CA ASN B 410 48.13 -47.37 22.70
C ASN B 410 48.41 -46.10 23.49
N SER B 411 47.51 -45.70 24.38
CA SER B 411 47.75 -44.50 25.18
C SER B 411 48.88 -44.75 26.18
N LEU B 412 49.92 -43.92 26.11
CA LEU B 412 51.03 -44.04 27.06
C LEU B 412 50.59 -43.77 28.49
N ALA B 413 49.52 -42.99 28.68
CA ALA B 413 49.03 -42.73 30.02
C ALA B 413 48.55 -44.01 30.69
N TYR B 414 47.81 -44.84 29.94
CA TYR B 414 47.27 -46.06 30.53
C TYR B 414 48.39 -46.95 31.06
N HIS B 415 49.48 -47.02 30.30
CA HIS B 415 50.66 -47.72 30.78
C HIS B 415 51.21 -47.12 32.06
N GLY B 416 50.88 -45.87 32.36
CA GLY B 416 51.34 -45.25 33.57
C GLY B 416 52.82 -44.90 33.55
N LYS B 417 53.42 -44.85 32.36
CA LYS B 417 54.82 -44.48 32.22
C LYS B 417 54.88 -42.96 32.36
N TYR B 418 54.92 -42.50 33.60
CA TYR B 418 54.87 -41.07 33.88
C TYR B 418 56.12 -40.34 33.43
N ASP B 419 57.26 -41.05 33.33
CA ASP B 419 58.51 -40.41 32.97
C ASP B 419 58.41 -39.71 31.62
N VAL B 420 57.88 -40.41 30.62
CA VAL B 420 57.82 -39.85 29.28
C VAL B 420 56.92 -38.63 29.23
N MET B 421 55.89 -38.59 30.07
CA MET B 421 54.88 -37.55 29.97
C MET B 421 55.48 -36.17 30.20
N LYS B 422 56.28 -36.00 31.26
CA LYS B 422 56.82 -34.68 31.54
C LYS B 422 57.74 -34.21 30.43
N LYS B 423 58.56 -35.12 29.89
CA LYS B 423 59.39 -34.78 28.74
C LYS B 423 58.52 -34.37 27.55
N PHE B 424 57.37 -35.01 27.42
CA PHE B 424 56.45 -34.65 26.35
C PHE B 424 55.91 -33.24 26.54
N ILE B 425 55.62 -32.86 27.79
CA ILE B 425 55.07 -31.53 28.04
C ILE B 425 56.08 -30.45 27.72
N GLU B 426 57.32 -30.61 28.16
CA GLU B 426 58.32 -29.55 27.97
C GLU B 426 58.90 -29.60 26.56
N GLU B 427 57.99 -29.61 25.58
CA GLU B 427 58.36 -29.69 24.19
C GLU B 427 57.52 -28.70 23.39
N GLN B 428 58.13 -28.14 22.34
CA GLN B 428 57.44 -27.16 21.51
C GLN B 428 56.24 -27.79 20.82
N SER B 429 55.13 -27.07 20.81
CA SER B 429 53.90 -27.53 20.19
C SER B 429 53.98 -27.41 18.67
N VAL B 430 53.21 -28.25 17.98
CA VAL B 430 53.21 -28.24 16.53
C VAL B 430 51.82 -27.86 16.01
N SER B 431 50.78 -28.26 16.73
CA SER B 431 49.41 -28.07 16.24
C SER B 431 48.42 -28.24 17.36
N ILE B 432 47.14 -28.07 17.02
CA ILE B 432 46.07 -28.03 18.02
C ILE B 432 45.89 -29.39 18.68
N GLU B 433 45.85 -30.47 17.88
CA GLU B 433 45.61 -31.79 18.44
C GLU B 433 46.72 -32.18 19.41
N ASP B 434 47.96 -31.79 19.12
CA ASP B 434 49.03 -32.02 20.07
C ASP B 434 48.76 -31.27 21.37
N ASP B 435 48.22 -30.06 21.28
CA ASP B 435 47.85 -29.35 22.51
C ASP B 435 46.75 -30.08 23.27
N TYR B 436 45.83 -30.72 22.55
CA TYR B 436 44.78 -31.49 23.21
C TYR B 436 45.36 -32.66 23.97
N LYS B 437 46.24 -33.43 23.32
CA LYS B 437 46.91 -34.52 24.00
C LYS B 437 47.74 -34.00 25.17
N LYS B 438 48.34 -32.82 24.99
CA LYS B 438 49.10 -32.18 26.05
C LYS B 438 48.23 -31.92 27.26
N ALA B 439 47.03 -31.39 27.03
CA ALA B 439 46.12 -31.08 28.11
C ALA B 439 45.73 -32.34 28.86
N PHE B 440 45.39 -33.40 28.13
CA PHE B 440 45.03 -34.62 28.83
C PHE B 440 46.23 -35.14 29.61
N PHE B 441 47.42 -35.11 29.03
CA PHE B 441 48.60 -35.62 29.74
C PHE B 441 48.84 -34.84 31.02
N LEU B 442 48.71 -33.52 30.96
CA LEU B 442 48.84 -32.71 32.17
C LEU B 442 47.78 -33.10 33.20
N ALA B 443 46.55 -33.34 32.73
CA ALA B 443 45.51 -33.79 33.65
C ALA B 443 45.89 -35.10 34.30
N CYS B 444 46.48 -36.02 33.53
CA CYS B 444 47.00 -37.25 34.10
C CYS B 444 48.03 -36.95 35.17
N LEU B 445 48.82 -35.92 34.98
CA LEU B 445 49.70 -35.45 36.04
C LEU B 445 48.95 -34.70 37.14
N GLY B 446 47.66 -34.41 36.93
CA GLY B 446 46.88 -33.75 37.95
C GLY B 446 47.14 -32.27 38.09
N ARG B 447 47.92 -31.67 37.20
CA ARG B 447 48.18 -30.24 37.26
C ARG B 447 47.02 -29.50 36.59
N TRP B 448 45.99 -29.24 37.41
CA TRP B 448 44.68 -28.91 36.86
C TRP B 448 44.60 -27.47 36.37
N GLU B 449 45.25 -26.52 37.07
CA GLU B 449 44.96 -25.12 36.80
C GLU B 449 45.52 -24.67 35.45
N GLU B 450 46.80 -24.94 35.18
CA GLU B 450 47.33 -24.51 33.88
C GLU B 450 46.71 -25.30 32.75
N SER B 451 46.30 -26.54 33.02
CA SER B 451 45.54 -27.27 32.01
C SER B 451 44.23 -26.58 31.71
N TYR B 452 43.58 -26.03 32.74
CA TYR B 452 42.34 -25.29 32.52
C TYR B 452 42.59 -24.09 31.63
N ASP B 453 43.63 -23.31 31.96
CA ASP B 453 43.98 -22.20 31.07
C ASP B 453 44.31 -22.70 29.67
N LEU B 454 44.89 -23.88 29.57
CA LEU B 454 45.19 -24.46 28.27
C LEU B 454 43.91 -24.72 27.47
N TYR B 455 42.93 -25.40 28.07
CA TYR B 455 41.71 -25.66 27.31
C TYR B 455 41.01 -24.35 26.95
N SER B 456 41.08 -23.34 27.83
CA SER B 456 40.53 -22.05 27.45
C SER B 456 41.24 -21.50 26.22
N ASN B 457 42.56 -21.61 26.18
CA ASN B 457 43.30 -21.13 25.01
C ASN B 457 42.92 -21.92 23.77
N ILE B 458 42.77 -23.24 23.91
CA ILE B 458 42.44 -24.05 22.73
C ILE B 458 41.07 -23.72 22.19
N ILE B 459 40.07 -23.56 23.07
CA ILE B 459 38.75 -23.22 22.56
C ILE B 459 38.77 -21.85 21.92
N LEU B 460 39.58 -20.94 22.49
CA LEU B 460 39.72 -19.62 21.87
C LEU B 460 40.34 -19.72 20.48
N ASN B 461 41.33 -20.59 20.32
CA ASN B 461 42.09 -20.60 19.07
C ASN B 461 41.46 -21.46 17.98
N SER B 462 40.77 -22.53 18.35
CA SER B 462 40.31 -23.53 17.40
C SER B 462 38.95 -23.22 16.83
N ILE B 463 38.35 -22.08 17.18
CA ILE B 463 37.04 -21.76 16.62
C ILE B 463 37.16 -21.47 15.13
N ASP B 464 38.24 -20.81 14.72
CA ASP B 464 38.36 -20.34 13.34
C ASP B 464 38.65 -21.48 12.38
N GLU B 465 39.15 -22.61 12.87
CA GLU B 465 39.67 -23.66 12.01
C GLU B 465 38.52 -24.53 11.48
N SER B 466 38.87 -25.71 10.95
CA SER B 466 37.94 -26.58 10.25
C SER B 466 36.99 -27.26 11.22
N ASN B 467 36.31 -28.30 10.76
CA ASN B 467 35.33 -29.04 11.56
C ASN B 467 35.82 -29.22 12.99
N GLY B 468 35.03 -28.73 13.95
CA GLY B 468 35.51 -28.56 15.30
C GLY B 468 35.39 -29.76 16.19
N CYS B 469 35.86 -30.92 15.73
CA CYS B 469 35.93 -32.08 16.62
C CYS B 469 36.77 -31.73 17.84
N VAL B 470 37.90 -31.08 17.61
CA VAL B 470 38.74 -30.64 18.72
C VAL B 470 37.96 -29.71 19.63
N TYR B 471 37.14 -28.84 19.04
CA TYR B 471 36.39 -27.86 19.83
C TYR B 471 35.38 -28.56 20.74
N TYR B 472 34.58 -29.47 20.17
CA TYR B 472 33.55 -30.14 20.95
C TYR B 472 34.18 -30.97 22.06
N LEU B 473 35.23 -31.71 21.73
CA LEU B 473 35.91 -32.50 22.74
C LEU B 473 36.48 -31.61 23.83
N SER B 474 37.07 -30.48 23.45
CA SER B 474 37.61 -29.56 24.44
C SER B 474 36.51 -29.06 25.36
N GLN B 475 35.35 -28.72 24.80
CA GLN B 475 34.28 -28.21 25.63
C GLN B 475 33.82 -29.25 26.64
N ILE B 476 33.65 -30.50 26.19
CA ILE B 476 33.19 -31.54 27.10
C ILE B 476 34.23 -31.77 28.20
N ASN B 477 35.50 -31.87 27.82
CA ASN B 477 36.51 -32.13 28.84
C ASN B 477 36.61 -30.97 29.80
N ARG B 478 36.45 -29.74 29.32
CA ARG B 478 36.49 -28.59 30.22
C ARG B 478 35.39 -28.66 31.25
N TYR B 479 34.16 -28.96 30.82
CA TYR B 479 33.10 -29.15 31.79
C TYR B 479 33.48 -30.20 32.82
N ARG B 480 34.06 -31.31 32.35
CA ARG B 480 34.41 -32.40 33.26
C ARG B 480 35.43 -31.95 34.29
N ILE B 481 36.48 -31.23 33.86
CA ILE B 481 37.46 -30.73 34.82
C ILE B 481 36.81 -29.75 35.79
N TYR B 482 35.85 -28.97 35.32
CA TYR B 482 35.18 -28.07 36.25
C TYR B 482 34.53 -28.85 37.36
N GLN B 483 33.82 -29.93 37.01
CA GLN B 483 33.19 -30.73 38.05
C GLN B 483 34.23 -31.34 38.99
N SER B 484 35.35 -31.78 38.43
CA SER B 484 36.37 -32.39 39.28
C SER B 484 36.91 -31.39 40.27
N ILE B 485 37.19 -30.17 39.81
CA ILE B 485 37.66 -29.12 40.70
C ILE B 485 36.60 -28.80 41.75
N THR B 486 35.33 -28.81 41.36
CA THR B 486 34.27 -28.50 42.31
C THR B 486 34.24 -29.50 43.44
N GLN B 487 34.16 -30.78 43.10
CA GLN B 487 34.10 -31.82 44.13
C GLN B 487 35.40 -31.86 44.93
N ALA B 488 36.52 -31.60 44.28
CA ALA B 488 37.81 -31.65 44.96
C ALA B 488 37.91 -30.56 46.02
N VAL B 489 37.62 -29.32 45.64
CA VAL B 489 37.70 -28.24 46.61
C VAL B 489 36.63 -28.42 47.69
N THR B 490 35.47 -28.95 47.31
CA THR B 490 34.43 -29.22 48.29
C THR B 490 34.94 -30.15 49.38
N GLN B 491 35.47 -31.31 48.99
CA GLN B 491 35.97 -32.25 49.98
C GLN B 491 37.15 -31.68 50.75
N PHE B 492 38.07 -30.99 50.06
CA PHE B 492 39.27 -30.48 50.70
C PHE B 492 38.92 -29.49 51.80
N ASN B 493 38.11 -28.49 51.47
CA ASN B 493 37.76 -27.46 52.44
C ASN B 493 36.67 -27.90 53.42
N GLY B 494 36.00 -29.03 53.15
CA GLY B 494 35.10 -29.57 54.14
C GLY B 494 35.84 -30.39 55.19
N LEU B 495 36.92 -31.06 54.77
CA LEU B 495 37.67 -31.90 55.69
C LEU B 495 38.78 -31.13 56.42
N GLY B 496 39.33 -30.09 55.82
CA GLY B 496 40.29 -29.26 56.53
C GLY B 496 41.61 -29.97 56.79
N LEU B 497 42.22 -29.63 57.93
CA LEU B 497 43.52 -30.20 58.28
C LEU B 497 43.43 -31.71 58.50
N LEU B 498 42.26 -32.21 58.87
CA LEU B 498 42.11 -33.64 59.14
C LEU B 498 42.36 -34.50 57.91
N THR B 499 42.37 -33.89 56.72
CA THR B 499 42.57 -34.66 55.49
C THR B 499 43.93 -35.35 55.49
N PHE B 500 45.01 -34.57 55.51
CA PHE B 500 46.35 -35.12 55.52
C PHE B 500 47.16 -34.63 56.73
N GLY B 501 46.48 -34.25 57.81
CA GLY B 501 47.19 -33.67 58.94
C GLY B 501 47.79 -32.31 58.64
N ARG B 502 47.22 -31.59 57.68
CA ARG B 502 47.75 -30.30 57.27
C ARG B 502 46.63 -29.49 56.65
N HIS B 503 46.55 -28.22 57.04
CA HIS B 503 45.58 -27.29 56.45
C HIS B 503 46.09 -26.90 55.07
N TYR B 504 45.92 -27.82 54.12
CA TYR B 504 46.46 -27.64 52.77
C TYR B 504 45.40 -26.98 51.90
N LYS B 505 45.70 -25.76 51.44
CA LYS B 505 44.86 -25.08 50.47
C LYS B 505 45.49 -25.27 49.09
N PRO B 506 44.89 -26.10 48.24
CA PRO B 506 45.55 -26.46 46.97
C PRO B 506 45.73 -25.28 46.03
N PHE B 507 44.65 -24.60 45.68
CA PHE B 507 44.70 -23.51 44.73
C PHE B 507 44.46 -22.18 45.42
N THR B 508 44.47 -21.11 44.63
CA THR B 508 44.29 -19.76 45.14
C THR B 508 42.87 -19.28 44.86
N ASP B 509 42.46 -18.27 45.61
CA ASP B 509 41.12 -17.71 45.44
C ASP B 509 40.92 -17.15 44.05
N GLU B 510 42.01 -16.75 43.39
CA GLU B 510 41.91 -16.22 42.03
C GLU B 510 41.32 -17.26 41.08
N PHE B 511 41.86 -18.47 41.09
CA PHE B 511 41.36 -19.52 40.22
C PHE B 511 39.89 -19.82 40.50
N LEU B 512 39.55 -19.93 41.78
CA LEU B 512 38.17 -20.21 42.18
C LEU B 512 37.24 -19.13 41.63
N ALA B 513 37.55 -17.87 41.93
CA ALA B 513 36.66 -16.79 41.51
C ALA B 513 36.56 -16.72 40.00
N ARG B 514 37.67 -16.94 39.31
CA ARG B 514 37.66 -16.89 37.86
C ARG B 514 36.71 -17.93 37.30
N ILE B 515 36.84 -19.18 37.78
CA ILE B 515 35.99 -20.25 37.24
C ILE B 515 34.53 -20.02 37.64
N GLU B 516 34.28 -19.45 38.83
CA GLU B 516 32.90 -19.16 39.21
C GLU B 516 32.27 -18.12 38.29
N ARG B 517 32.90 -16.96 38.11
CA ARG B 517 32.20 -15.94 37.32
C ARG B 517 32.13 -16.36 35.85
N GLU B 518 33.16 -17.05 35.34
CA GLU B 518 33.08 -17.47 33.95
C GLU B 518 32.05 -18.59 33.77
N MET B 519 31.81 -19.38 34.81
CA MET B 519 31.15 -20.67 34.68
C MET B 519 29.63 -20.57 34.87
N THR B 520 29.16 -19.61 35.67
CA THR B 520 27.79 -19.70 36.18
C THR B 520 26.78 -19.51 35.05
N ASN B 521 26.82 -20.46 34.11
CA ASN B 521 26.05 -20.43 32.88
C ASN B 521 26.23 -21.78 32.22
N PHE B 522 25.83 -21.91 30.96
CA PHE B 522 26.28 -23.01 30.12
C PHE B 522 25.76 -24.34 30.64
N ASN B 523 24.44 -24.51 30.60
CA ASN B 523 23.80 -25.81 30.79
C ASN B 523 24.30 -26.70 29.66
N ILE B 524 25.07 -27.73 30.01
CA ILE B 524 25.68 -28.59 29.00
C ILE B 524 24.64 -29.27 28.11
N ASP B 525 23.41 -29.44 28.60
CA ASP B 525 22.43 -30.31 27.98
C ASP B 525 21.98 -29.85 26.60
N ASP B 526 22.53 -28.78 26.07
CA ASP B 526 22.19 -28.36 24.71
C ASP B 526 23.41 -28.12 23.83
N LEU B 527 24.61 -28.45 24.30
CA LEU B 527 25.80 -28.16 23.52
C LEU B 527 25.76 -28.88 22.18
N PHE B 528 25.33 -30.14 22.19
CA PHE B 528 25.21 -30.86 20.94
C PHE B 528 24.15 -30.24 20.04
N ASN B 529 23.11 -29.66 20.63
CA ASN B 529 22.13 -28.92 19.85
C ASN B 529 22.67 -27.56 19.38
N GLY B 530 23.81 -27.13 19.89
CA GLY B 530 24.33 -25.82 19.56
C GLY B 530 25.33 -25.81 18.42
N MET B 531 25.77 -26.97 18.00
CA MET B 531 26.81 -27.03 16.98
C MET B 531 26.16 -27.08 15.60
N PRO B 532 26.83 -26.56 14.57
CA PRO B 532 26.23 -26.52 13.23
C PRO B 532 25.72 -27.86 12.72
N PHE B 533 24.88 -27.78 11.69
CA PHE B 533 24.12 -28.94 11.24
C PHE B 533 25.02 -30.03 10.69
N GLU B 534 25.99 -29.67 9.84
CA GLU B 534 26.89 -30.68 9.30
C GLU B 534 27.65 -31.37 10.42
N PHE B 535 27.81 -30.68 11.55
CA PHE B 535 28.44 -31.33 12.70
C PHE B 535 27.55 -32.39 13.31
N GLN B 536 26.28 -32.07 13.57
CA GLN B 536 25.41 -33.07 14.17
C GLN B 536 25.15 -34.22 13.22
N LYS B 537 25.10 -33.95 11.92
CA LYS B 537 25.01 -35.04 10.97
C LYS B 537 26.28 -35.88 10.96
N LYS B 538 27.43 -35.21 10.94
CA LYS B 538 28.68 -35.88 10.59
C LYS B 538 29.27 -36.61 11.80
N TYR B 539 29.24 -35.99 12.98
CA TYR B 539 29.60 -36.65 14.24
C TYR B 539 28.43 -36.80 15.19
N LYS B 540 27.28 -37.26 14.69
CA LYS B 540 26.23 -37.66 15.62
C LYS B 540 26.75 -38.76 16.55
N ILE B 541 27.75 -39.49 16.08
CA ILE B 541 28.25 -40.67 16.79
C ILE B 541 28.71 -40.31 18.19
N LEU B 542 29.34 -39.15 18.34
CA LEU B 542 29.90 -38.77 19.63
C LEU B 542 28.84 -38.30 20.63
N GLU B 543 27.60 -38.11 20.19
CA GLU B 543 26.63 -37.39 21.01
C GLU B 543 26.47 -38.02 22.39
N PHE B 544 26.67 -39.33 22.50
CA PHE B 544 26.41 -40.02 23.76
C PHE B 544 27.31 -39.50 24.88
N LEU B 545 28.46 -38.91 24.54
CA LEU B 545 29.31 -38.36 25.58
C LEU B 545 28.65 -37.18 26.28
N SER B 546 27.69 -36.52 25.62
CA SER B 546 27.15 -35.27 26.16
C SER B 546 26.41 -35.50 27.47
N ASP B 547 25.51 -36.47 27.50
CA ASP B 547 24.69 -36.68 28.70
C ASP B 547 25.52 -37.27 29.82
N ASN B 548 25.07 -37.06 31.05
CA ASN B 548 25.69 -37.70 32.20
C ASN B 548 25.04 -39.06 32.47
N GLN B 549 24.87 -39.82 31.38
CA GLN B 549 24.16 -41.09 31.43
C GLN B 549 24.85 -42.15 30.59
N PHE B 550 26.07 -41.88 30.11
CA PHE B 550 26.60 -42.55 28.94
C PHE B 550 26.94 -44.02 29.17
N LEU B 551 27.49 -44.36 30.33
CA LEU B 551 27.73 -45.77 30.60
C LEU B 551 26.44 -46.58 30.76
N TYR B 552 25.41 -46.02 31.38
CA TYR B 552 24.30 -46.86 31.80
C TYR B 552 23.46 -47.31 30.62
N ASP B 553 24.08 -48.12 29.77
CA ASP B 553 23.38 -49.03 28.88
C ASP B 553 23.97 -50.43 28.92
N ASP B 554 25.20 -50.58 29.42
CA ASP B 554 25.89 -51.86 29.54
C ASP B 554 25.61 -52.56 30.84
N THR B 555 25.45 -51.81 31.94
CA THR B 555 25.10 -52.43 33.21
C THR B 555 23.83 -53.24 33.08
N VAL B 556 22.93 -52.84 32.19
CA VAL B 556 21.81 -53.65 31.75
C VAL B 556 22.26 -55.03 31.37
N LYS B 557 23.39 -55.12 30.66
CA LYS B 557 23.84 -56.42 30.17
C LYS B 557 24.56 -57.23 31.23
N LEU B 558 24.93 -56.64 32.37
CA LEU B 558 25.51 -57.44 33.44
C LEU B 558 24.47 -58.39 34.03
N PHE B 559 23.19 -57.98 34.04
CA PHE B 559 22.15 -58.86 34.54
C PHE B 559 22.07 -60.16 33.76
N GLU B 560 22.59 -60.17 32.53
CA GLU B 560 22.69 -61.41 31.76
C GLU B 560 23.41 -62.49 32.56
N LEU B 561 24.45 -62.13 33.30
CA LEU B 561 25.22 -63.11 34.05
C LEU B 561 24.81 -63.21 35.51
N THR B 562 23.80 -62.45 35.95
CA THR B 562 23.38 -62.52 37.33
C THR B 562 22.54 -63.77 37.61
N ASN B 563 21.69 -64.15 36.68
CA ASN B 563 20.93 -65.38 36.79
C ASN B 563 21.00 -66.21 35.52
N LYS B 564 21.00 -65.58 34.35
CA LYS B 564 20.98 -66.33 33.11
C LYS B 564 22.35 -66.86 32.72
N VAL B 565 23.40 -66.52 33.48
CA VAL B 565 24.70 -67.17 33.36
C VAL B 565 25.18 -67.55 34.75
N ARG B 566 24.37 -67.26 35.77
CA ARG B 566 24.67 -67.67 37.14
C ARG B 566 23.67 -68.69 37.68
N SER B 567 22.38 -68.37 37.69
CA SER B 567 21.42 -69.44 37.95
C SER B 567 21.45 -70.47 36.83
N GLU B 568 21.71 -70.01 35.59
CA GLU B 568 21.99 -70.94 34.50
C GLU B 568 23.33 -71.65 34.71
N MET B 569 24.25 -71.01 35.43
CA MET B 569 25.47 -71.72 35.83
C MET B 569 25.17 -72.89 36.75
N SER B 570 24.20 -72.74 37.65
CA SER B 570 23.70 -73.86 38.42
C SER B 570 22.92 -74.84 37.57
N GLU B 571 22.27 -74.35 36.50
CA GLU B 571 21.59 -75.25 35.57
C GLU B 571 22.55 -76.20 34.90
N GLY B 572 23.78 -75.74 34.60
CA GLY B 572 24.77 -76.57 33.96
C GLY B 572 24.71 -76.61 32.45
N SER B 573 23.86 -75.80 31.83
CA SER B 573 23.78 -75.77 30.38
C SER B 573 25.02 -75.09 29.80
N TYR B 574 25.32 -75.41 28.54
CA TYR B 574 26.48 -74.88 27.84
C TYR B 574 26.03 -73.98 26.70
N SER B 575 26.65 -72.81 26.60
CA SER B 575 26.37 -71.87 25.52
C SER B 575 27.29 -72.17 24.34
N PHE B 576 26.70 -72.37 23.16
CA PHE B 576 27.46 -72.73 21.98
C PHE B 576 27.92 -71.46 21.26
N GLY B 577 29.24 -71.34 21.06
CA GLY B 577 29.76 -70.23 20.30
C GLY B 577 30.10 -68.99 21.12
N MET B 578 29.17 -68.04 21.14
CA MET B 578 29.38 -66.71 21.69
C MET B 578 28.72 -66.62 23.06
N SER B 579 29.55 -66.62 24.11
CA SER B 579 29.10 -66.74 25.49
C SER B 579 29.13 -65.38 26.18
N SER B 580 28.26 -65.24 27.18
CA SER B 580 28.02 -63.93 27.78
C SER B 580 29.26 -63.38 28.47
N ASP B 581 30.02 -64.23 29.16
CA ASP B 581 31.19 -63.74 29.88
C ASP B 581 32.21 -63.13 28.93
N ILE B 582 32.51 -63.82 27.83
CA ILE B 582 33.54 -63.33 26.93
C ILE B 582 33.07 -62.06 26.24
N VAL B 583 31.79 -61.97 25.89
CA VAL B 583 31.31 -60.77 25.21
C VAL B 583 31.33 -59.58 26.16
N VAL B 584 30.98 -59.80 27.43
CA VAL B 584 31.05 -58.70 28.39
C VAL B 584 32.49 -58.28 28.58
N LEU B 585 33.42 -59.24 28.64
CA LEU B 585 34.82 -58.89 28.82
C LEU B 585 35.35 -58.12 27.60
N LEU B 586 34.86 -58.49 26.42
CA LEU B 586 35.20 -57.77 25.20
C LEU B 586 34.61 -56.37 25.16
N ARG B 587 33.38 -56.21 25.61
CA ARG B 587 32.82 -54.88 25.76
C ARG B 587 33.68 -54.06 26.72
N LEU B 588 34.23 -54.72 27.74
CA LEU B 588 35.11 -54.03 28.67
C LEU B 588 36.35 -53.51 27.98
N TYR B 589 37.08 -54.39 27.27
CA TYR B 589 38.21 -53.89 26.49
C TYR B 589 37.81 -52.75 25.58
N ASP B 590 36.70 -52.90 24.87
CA ASP B 590 36.32 -51.89 23.89
C ASP B 590 36.06 -50.56 24.56
N ASN B 591 35.37 -50.58 25.69
CA ASN B 591 35.07 -49.34 26.39
C ASN B 591 36.34 -48.66 26.88
N LEU B 592 37.25 -49.43 27.48
CA LEU B 592 38.48 -48.81 27.94
C LEU B 592 39.28 -48.23 26.78
N ARG B 593 39.34 -48.96 25.66
CA ARG B 593 40.10 -48.45 24.52
C ARG B 593 39.48 -47.16 24.01
N PHE B 594 38.16 -47.13 23.83
CA PHE B 594 37.52 -45.95 23.29
C PHE B 594 37.72 -44.76 24.22
N LEU B 595 37.63 -44.98 25.53
CA LEU B 595 37.77 -43.88 26.46
C LEU B 595 39.19 -43.36 26.48
N TYR B 596 40.17 -44.26 26.61
CA TYR B 596 41.54 -43.81 26.81
C TYR B 596 42.15 -43.27 25.53
N GLU B 597 42.05 -44.03 24.44
CA GLU B 597 42.72 -43.62 23.21
C GLU B 597 42.12 -42.34 22.65
N ASN B 598 40.90 -42.00 23.05
CA ASN B 598 40.34 -40.71 22.72
C ASN B 598 40.48 -39.70 23.85
N CYS B 599 41.13 -40.09 24.95
CA CYS B 599 41.63 -39.16 25.96
C CYS B 599 40.52 -38.29 26.55
N LEU B 600 39.43 -38.92 26.97
CA LEU B 600 38.36 -38.21 27.68
C LEU B 600 38.59 -38.35 29.18
N TRP B 601 38.29 -37.30 29.93
CA TRP B 601 38.58 -37.31 31.36
C TRP B 601 37.56 -38.11 32.16
N SER B 602 36.47 -38.55 31.52
CA SER B 602 35.44 -39.26 32.25
C SER B 602 35.95 -40.54 32.89
N VAL B 603 37.09 -41.06 32.44
CA VAL B 603 37.63 -42.28 33.02
C VAL B 603 37.98 -42.07 34.49
N SER B 604 38.27 -40.83 34.87
CA SER B 604 38.68 -40.59 36.25
C SER B 604 37.51 -40.69 37.22
N PHE B 605 36.29 -40.47 36.75
CA PHE B 605 35.17 -40.28 37.64
C PHE B 605 34.81 -41.56 38.40
N HIS B 606 34.10 -41.36 39.52
CA HIS B 606 33.71 -42.46 40.37
C HIS B 606 32.73 -43.40 39.67
N GLU B 607 31.85 -42.86 38.83
CA GLU B 607 30.83 -43.69 38.20
C GLU B 607 31.47 -44.72 37.27
N PHE B 608 32.45 -44.31 36.47
CA PHE B 608 33.16 -45.27 35.64
C PHE B 608 33.89 -46.28 36.50
N HIS B 609 34.46 -45.82 37.62
CA HIS B 609 35.11 -46.76 38.52
C HIS B 609 34.14 -47.81 39.01
N GLN B 610 32.92 -47.39 39.36
CA GLN B 610 31.91 -48.33 39.81
C GLN B 610 31.52 -49.29 38.70
N TYR B 611 31.42 -48.79 37.47
CA TYR B 611 31.05 -49.64 36.34
C TYR B 611 32.08 -50.75 36.15
N ILE B 612 33.35 -50.38 36.08
CA ILE B 612 34.38 -51.41 35.94
C ILE B 612 34.36 -52.33 37.15
N ARG B 613 34.13 -51.78 38.33
CA ARG B 613 34.05 -52.60 39.53
C ARG B 613 33.01 -53.69 39.36
N ASN B 614 31.80 -53.31 38.97
CA ASN B 614 30.73 -54.29 38.81
C ASN B 614 31.07 -55.29 37.73
N SER B 615 31.55 -54.81 36.59
CA SER B 615 31.83 -55.72 35.48
C SER B 615 32.87 -56.75 35.88
N MET B 616 34.01 -56.29 36.39
CA MET B 616 35.08 -57.18 36.78
C MET B 616 34.61 -58.15 37.85
N SER B 617 33.92 -57.63 38.88
CA SER B 617 33.52 -58.48 39.98
C SER B 617 32.54 -59.56 39.51
N LEU B 618 31.58 -59.18 38.68
CA LEU B 618 30.58 -60.15 38.29
C LEU B 618 31.16 -61.18 37.33
N LEU B 619 32.05 -60.75 36.44
CA LEU B 619 32.59 -61.71 35.47
C LEU B 619 33.61 -62.61 36.13
N ILE B 620 34.39 -62.10 37.09
CA ILE B 620 35.30 -62.96 37.82
C ILE B 620 34.54 -63.97 38.64
N GLU B 621 33.27 -63.70 38.96
CA GLU B 621 32.42 -64.69 39.62
C GLU B 621 31.93 -65.66 38.54
N LYS B 622 32.88 -66.36 37.97
CA LYS B 622 32.64 -67.49 37.09
C LYS B 622 33.46 -68.70 37.49
N ALA B 623 34.68 -68.50 37.98
CA ALA B 623 35.55 -69.60 38.36
C ALA B 623 35.00 -70.39 39.54
N GLU B 624 34.24 -69.75 40.41
CA GLU B 624 33.51 -70.48 41.44
C GLU B 624 32.60 -71.52 40.79
N TYR B 625 31.60 -71.07 40.05
CA TYR B 625 30.65 -71.94 39.38
C TYR B 625 30.18 -73.00 40.37
N GLU B 626 30.91 -74.12 40.46
CA GLU B 626 30.64 -75.12 41.47
C GLU B 626 31.89 -75.69 42.11
N ARG B 627 33.09 -75.26 41.69
CA ARG B 627 34.36 -75.75 42.22
C ARG B 627 34.41 -77.26 42.06
N THR B 628 34.56 -78.05 43.12
CA THR B 628 34.56 -79.49 42.99
C THR B 628 33.12 -79.94 42.79
N ARG B 629 32.69 -79.98 41.53
CA ARG B 629 31.31 -80.24 41.17
C ARG B 629 31.11 -81.73 40.91
N ASP B 630 29.87 -82.09 40.65
CA ASP B 630 29.57 -83.41 40.09
C ASP B 630 30.33 -83.55 38.78
N ILE B 631 31.26 -84.52 38.73
CA ILE B 631 32.17 -84.63 37.60
C ILE B 631 31.36 -84.98 36.36
N ASP B 632 31.25 -84.04 35.43
CA ASP B 632 30.50 -84.23 34.20
C ASP B 632 31.36 -84.91 33.14
N GLU B 633 30.73 -85.21 32.00
CA GLU B 633 31.42 -85.86 30.90
C GLU B 633 31.22 -85.09 29.61
N LEU B 634 30.13 -84.32 29.51
CA LEU B 634 29.84 -83.57 28.30
C LEU B 634 30.90 -82.49 28.06
N GLY B 635 31.35 -81.81 29.12
CA GLY B 635 32.31 -80.73 28.97
C GLY B 635 33.68 -81.18 28.53
N PHE B 636 34.05 -82.43 28.82
CA PHE B 636 35.37 -82.92 28.42
C PHE B 636 35.53 -82.97 26.92
N SER B 637 34.48 -83.40 26.21
CA SER B 637 34.56 -83.53 24.75
C SER B 637 34.79 -82.18 24.08
N PHE B 638 34.08 -81.15 24.54
CA PHE B 638 34.19 -79.82 23.94
C PHE B 638 35.30 -78.98 24.56
N PHE B 639 35.41 -79.00 25.89
CA PHE B 639 36.41 -78.22 26.61
C PHE B 639 37.29 -79.19 27.40
N GLY B 640 38.32 -79.70 26.75
CA GLY B 640 39.30 -80.55 27.39
C GLY B 640 40.60 -79.79 27.61
N LYS B 641 41.33 -80.17 28.67
CA LYS B 641 42.56 -79.49 29.08
C LYS B 641 42.27 -78.00 29.34
N LYS B 642 41.50 -77.78 30.41
CA LYS B 642 40.88 -76.51 30.74
C LYS B 642 41.75 -75.32 30.38
N SER B 643 41.18 -74.39 29.61
CA SER B 643 41.86 -73.15 29.29
C SER B 643 41.73 -72.17 30.45
N GLY B 644 42.72 -72.18 31.35
CA GLY B 644 42.68 -71.35 32.54
C GLY B 644 42.51 -69.88 32.23
N PHE B 645 41.62 -69.21 32.96
CA PHE B 645 41.39 -67.80 32.75
C PHE B 645 42.63 -67.01 33.15
N PHE B 646 43.40 -66.56 32.18
CA PHE B 646 44.69 -65.95 32.44
C PHE B 646 44.53 -64.53 32.94
N MET B 647 45.23 -64.23 34.03
CA MET B 647 45.18 -62.92 34.65
C MET B 647 46.23 -62.05 33.94
N GLU B 648 45.93 -61.72 32.69
CA GLU B 648 46.89 -61.00 31.87
C GLU B 648 47.06 -59.57 32.37
N TYR B 649 48.06 -58.90 31.82
CA TYR B 649 48.46 -57.60 32.35
C TYR B 649 47.35 -56.57 32.18
N TYR B 650 46.55 -56.70 31.12
CA TYR B 650 45.48 -55.72 30.88
C TYR B 650 44.48 -55.68 32.02
N ASP B 651 43.74 -56.77 32.24
CA ASP B 651 42.74 -56.75 33.29
C ASP B 651 43.37 -56.60 34.67
N PHE B 652 44.62 -57.03 34.83
CA PHE B 652 45.29 -56.82 36.10
C PHE B 652 45.46 -55.33 36.37
N VAL B 653 45.92 -54.59 35.36
CA VAL B 653 46.03 -53.14 35.49
C VAL B 653 44.65 -52.54 35.72
N ASN B 654 43.64 -53.06 35.02
CA ASN B 654 42.29 -52.53 35.19
C ASN B 654 41.85 -52.63 36.65
N ILE B 655 42.00 -53.82 37.23
CA ILE B 655 41.65 -54.01 38.64
C ILE B 655 42.46 -53.07 39.51
N SER B 656 43.75 -52.96 39.22
CA SER B 656 44.61 -52.10 40.03
C SER B 656 44.13 -50.67 40.02
N ARG B 657 43.79 -50.15 38.84
CA ARG B 657 43.36 -48.76 38.74
C ARG B 657 41.96 -48.51 39.27
N HIS B 658 41.10 -49.53 39.27
CA HIS B 658 39.70 -49.26 39.56
C HIS B 658 39.10 -50.15 40.64
N PHE B 659 39.86 -50.51 41.66
CA PHE B 659 39.34 -51.30 42.77
C PHE B 659 39.75 -50.67 44.09
N LYS B 660 38.83 -50.62 45.05
CA LYS B 660 39.20 -50.20 46.39
C LYS B 660 39.70 -51.40 47.20
N ILE B 661 40.38 -51.10 48.31
CA ILE B 661 41.05 -52.15 49.07
C ILE B 661 40.02 -53.08 49.71
N ASP B 662 38.91 -52.52 50.20
CA ASP B 662 37.85 -53.36 50.73
C ASP B 662 37.24 -54.22 49.63
N ASP B 663 37.20 -53.70 48.40
CA ASP B 663 36.77 -54.51 47.27
C ASP B 663 37.69 -55.71 47.09
N ILE B 664 39.00 -55.51 47.27
CA ILE B 664 39.92 -56.64 47.28
C ILE B 664 39.53 -57.61 48.38
N LYS B 665 39.18 -57.10 49.56
CA LYS B 665 38.75 -57.99 50.63
C LYS B 665 37.58 -58.86 50.20
N ASN B 666 36.55 -58.26 49.59
CA ASN B 666 35.39 -59.07 49.20
C ASN B 666 35.76 -60.08 48.12
N LEU B 667 36.57 -59.66 47.14
CA LEU B 667 36.87 -60.56 46.03
C LEU B 667 37.70 -61.74 46.49
N GLU B 668 38.58 -61.54 47.48
CA GLU B 668 39.28 -62.70 48.03
C GLU B 668 38.37 -63.53 48.93
N ARG B 669 37.50 -62.88 49.71
CA ARG B 669 36.68 -63.60 50.67
C ARG B 669 35.69 -64.52 49.97
N SER B 670 35.06 -64.03 48.91
CA SER B 670 33.99 -64.79 48.26
C SER B 670 34.55 -66.06 47.62
N CYS B 671 35.65 -65.94 46.87
CA CYS B 671 36.19 -67.03 46.08
C CYS B 671 37.69 -67.14 46.27
N SER B 672 38.21 -68.34 46.06
CA SER B 672 39.64 -68.60 46.17
C SER B 672 40.31 -68.27 44.83
N ILE B 673 40.75 -67.02 44.70
CA ILE B 673 41.34 -66.55 43.44
C ILE B 673 42.69 -67.22 43.16
N ASP B 674 43.31 -67.82 44.18
CA ASP B 674 44.62 -68.43 43.98
C ASP B 674 44.57 -69.58 42.98
N LYS B 675 43.38 -70.06 42.64
CA LYS B 675 43.22 -71.08 41.61
C LYS B 675 42.86 -70.42 40.28
N ILE B 676 43.31 -69.20 40.07
CA ILE B 676 43.17 -68.53 38.78
C ILE B 676 44.56 -68.19 38.26
N ARG B 677 44.87 -68.65 37.05
CA ARG B 677 46.20 -68.53 36.50
C ARG B 677 46.44 -67.11 36.01
N PHE B 678 47.72 -66.74 35.95
CA PHE B 678 48.16 -65.41 35.58
C PHE B 678 48.95 -65.49 34.28
N GLY B 679 48.74 -64.51 33.40
CA GLY B 679 49.53 -64.43 32.19
C GLY B 679 50.39 -63.19 32.13
N GLU B 680 51.51 -63.28 31.41
CA GLU B 680 52.40 -62.14 31.15
C GLU B 680 52.93 -61.54 32.45
N GLN B 681 53.69 -62.36 33.19
CA GLN B 681 54.25 -61.91 34.46
C GLN B 681 55.20 -60.72 34.27
N GLU B 682 55.91 -60.69 33.15
CA GLU B 682 56.96 -59.68 32.96
C GLU B 682 56.38 -58.27 32.92
N LYS B 683 55.25 -58.09 32.24
CA LYS B 683 54.63 -56.77 32.22
C LYS B 683 54.16 -56.37 33.60
N ILE B 684 53.67 -57.33 34.39
CA ILE B 684 53.35 -57.06 35.78
C ILE B 684 54.58 -56.52 36.48
N GLU B 685 55.71 -57.19 36.29
CA GLU B 685 56.94 -56.80 36.97
C GLU B 685 57.35 -55.39 36.59
N GLU B 686 57.29 -55.06 35.29
CA GLU B 686 57.61 -53.70 34.87
C GLU B 686 56.68 -52.69 35.49
N TYR B 687 55.38 -53.02 35.57
CA TYR B 687 54.45 -52.05 36.14
C TYR B 687 54.79 -51.79 37.61
N LEU B 688 55.11 -52.86 38.35
CA LEU B 688 55.43 -52.68 39.76
C LEU B 688 56.73 -51.90 39.95
N VAL B 689 57.75 -52.16 39.13
CA VAL B 689 58.97 -51.40 39.33
C VAL B 689 58.76 -49.95 38.94
N GLY B 690 57.91 -49.69 37.94
CA GLY B 690 57.56 -48.31 37.63
C GLY B 690 56.87 -47.63 38.80
N ILE B 691 55.96 -48.34 39.46
CA ILE B 691 55.30 -47.81 40.65
C ILE B 691 56.35 -47.49 41.70
N ALA B 692 57.30 -48.39 41.90
CA ALA B 692 58.35 -48.16 42.88
C ALA B 692 59.15 -46.92 42.55
N GLU B 693 59.57 -46.78 41.28
CA GLU B 693 60.36 -45.62 40.90
C GLU B 693 59.58 -44.34 41.12
N GLU B 694 58.30 -44.34 40.75
CA GLU B 694 57.49 -43.15 40.92
C GLU B 694 57.35 -42.78 42.39
N ILE B 695 57.14 -43.77 43.27
CA ILE B 695 56.93 -43.45 44.67
C ILE B 695 58.22 -42.96 45.31
N THR B 696 59.37 -43.55 44.95
CA THR B 696 60.63 -43.02 45.45
C THR B 696 60.83 -41.58 44.99
N LYS B 697 60.55 -41.31 43.72
CA LYS B 697 60.73 -39.95 43.22
C LYS B 697 59.81 -38.98 43.94
N GLN B 698 58.57 -39.39 44.20
CA GLN B 698 57.59 -38.53 44.83
C GLN B 698 58.02 -38.22 46.27
N PHE B 699 58.14 -39.26 47.09
CA PHE B 699 58.42 -39.06 48.51
C PHE B 699 59.87 -38.68 48.79
N SER B 700 60.75 -38.75 47.81
CA SER B 700 62.12 -38.28 47.97
C SER B 700 62.26 -36.79 47.72
N ALA B 701 61.19 -36.12 47.34
CA ALA B 701 61.21 -34.69 47.07
C ALA B 701 60.61 -33.92 48.23
N ASN B 702 60.66 -32.60 48.12
CA ASN B 702 60.04 -31.69 49.09
C ASN B 702 58.76 -31.06 48.57
N GLY B 703 58.42 -31.25 47.29
CA GLY B 703 57.19 -30.73 46.74
C GLY B 703 56.14 -31.81 46.59
N MET B 704 55.08 -31.73 47.37
CA MET B 704 54.02 -32.72 47.39
C MET B 704 52.88 -32.26 46.47
N ASN B 705 52.59 -33.05 45.45
CA ASN B 705 51.44 -32.83 44.58
C ASN B 705 50.28 -33.66 45.13
N VAL B 706 49.45 -33.01 45.96
CA VAL B 706 48.51 -33.74 46.79
C VAL B 706 47.39 -34.36 45.96
N VAL B 707 46.96 -33.66 44.90
CA VAL B 707 45.84 -34.18 44.11
C VAL B 707 46.23 -35.49 43.43
N PHE B 708 47.41 -35.50 42.82
CA PHE B 708 47.93 -36.72 42.20
C PHE B 708 48.25 -37.76 43.27
N TYR B 709 48.66 -37.29 44.45
CA TYR B 709 48.91 -38.14 45.61
C TYR B 709 47.66 -38.95 45.96
N THR B 710 46.50 -38.28 45.98
CA THR B 710 45.27 -38.90 46.44
C THR B 710 44.91 -40.11 45.59
N GLN B 711 44.91 -39.94 44.26
CA GLN B 711 44.61 -41.07 43.40
C GLN B 711 45.72 -42.11 43.44
N PHE B 712 46.98 -41.67 43.42
CA PHE B 712 48.08 -42.61 43.27
C PHE B 712 48.21 -43.54 44.46
N ILE B 713 47.99 -43.05 45.68
CA ILE B 713 48.23 -43.89 46.85
C ILE B 713 47.23 -45.04 46.92
N SER B 714 45.97 -44.77 46.58
CA SER B 714 45.01 -45.86 46.46
C SER B 714 45.49 -46.88 45.44
N GLU B 715 46.02 -46.39 44.31
CA GLU B 715 46.50 -47.30 43.27
C GLU B 715 47.62 -48.18 43.80
N ALA B 716 48.59 -47.56 44.48
CA ALA B 716 49.74 -48.28 44.98
C ALA B 716 49.34 -49.29 46.03
N LYS B 717 48.45 -48.88 46.95
CA LYS B 717 47.97 -49.79 47.97
C LYS B 717 47.32 -51.01 47.35
N ALA B 718 46.40 -50.80 46.41
CA ALA B 718 45.71 -51.92 45.78
C ALA B 718 46.70 -52.81 45.04
N ALA B 719 47.63 -52.21 44.29
CA ALA B 719 48.54 -52.99 43.47
C ALA B 719 49.47 -53.83 44.33
N LEU B 720 50.11 -53.21 45.32
CA LEU B 720 51.06 -53.97 46.12
C LEU B 720 50.36 -54.95 47.04
N TYR B 721 49.09 -54.70 47.37
CA TYR B 721 48.33 -55.73 48.09
C TYR B 721 48.05 -56.93 47.19
N PHE B 722 47.54 -56.68 45.99
CA PHE B 722 47.10 -57.75 45.10
C PHE B 722 48.25 -58.51 44.47
N ALA B 723 49.45 -57.94 44.43
CA ALA B 723 50.54 -58.55 43.67
C ALA B 723 51.01 -59.89 44.21
N LYS B 724 50.44 -60.38 45.32
CA LYS B 724 50.99 -61.58 45.94
C LYS B 724 50.96 -62.79 45.02
N TYR B 725 49.94 -62.89 44.16
CA TYR B 725 49.82 -64.03 43.26
C TYR B 725 50.95 -64.10 42.24
N VAL B 726 51.63 -62.99 41.99
CA VAL B 726 52.59 -62.90 40.91
C VAL B 726 53.96 -63.31 41.41
N LYS B 727 54.58 -64.28 40.73
CA LYS B 727 55.97 -64.60 41.00
C LYS B 727 56.86 -63.46 40.50
N LEU B 728 57.84 -63.09 41.31
CA LEU B 728 58.74 -61.99 40.97
C LEU B 728 60.19 -62.43 41.10
N SER B 729 61.02 -61.96 40.19
CA SER B 729 62.46 -62.18 40.30
C SER B 729 62.99 -61.47 41.54
N GLU B 730 64.07 -62.00 42.10
CA GLU B 730 64.68 -61.37 43.26
C GLU B 730 65.11 -59.95 42.93
N GLU B 731 65.69 -59.76 41.75
CA GLU B 731 66.00 -58.40 41.30
C GLU B 731 64.72 -57.58 41.16
N GLY B 732 63.67 -58.17 40.58
CA GLY B 732 62.41 -57.46 40.47
C GLY B 732 61.74 -57.24 41.81
N LEU B 733 61.80 -58.24 42.70
CA LEU B 733 61.24 -58.08 44.03
C LEU B 733 62.00 -57.03 44.83
N GLY B 734 63.24 -56.76 44.44
CA GLY B 734 64.03 -55.76 45.12
C GLY B 734 63.40 -54.39 45.20
N LYS B 735 63.32 -53.70 44.06
CA LYS B 735 62.82 -52.33 44.08
C LYS B 735 61.45 -52.26 44.73
N ILE B 736 60.64 -53.30 44.56
CA ILE B 736 59.34 -53.34 45.23
C ILE B 736 59.52 -53.34 46.74
N VAL B 737 60.44 -54.16 47.25
CA VAL B 737 60.55 -54.26 48.70
C VAL B 737 61.13 -52.98 49.30
N LYS B 738 62.12 -52.37 48.63
CA LYS B 738 62.58 -51.07 49.14
C LYS B 738 61.49 -50.00 49.06
N ALA B 739 60.72 -49.98 47.96
CA ALA B 739 59.69 -48.96 47.84
C ALA B 739 58.64 -49.10 48.94
N LEU B 740 58.24 -50.33 49.23
CA LEU B 740 57.32 -50.57 50.34
C LEU B 740 57.96 -50.20 51.67
N LEU B 741 59.20 -50.61 51.88
CA LEU B 741 59.79 -50.71 53.20
C LEU B 741 60.46 -49.41 53.63
N PHE B 742 60.66 -48.46 52.72
CA PHE B 742 61.33 -47.22 53.07
C PHE B 742 60.51 -46.00 52.69
N TYR B 743 59.71 -46.10 51.63
CA TYR B 743 59.11 -44.93 51.01
C TYR B 743 57.59 -44.91 51.04
N PHE B 744 56.94 -45.93 51.60
CA PHE B 744 55.49 -45.82 51.79
C PHE B 744 55.18 -45.02 53.04
N PRO B 745 54.36 -43.99 52.95
CA PRO B 745 54.18 -43.07 54.09
C PRO B 745 53.50 -43.75 55.26
N GLU B 746 53.86 -43.31 56.46
CA GLU B 746 53.15 -43.76 57.65
C GLU B 746 51.74 -43.20 57.70
N ARG B 747 51.49 -42.09 57.01
CA ARG B 747 50.17 -41.46 57.08
C ARG B 747 49.11 -42.34 56.44
N ASP B 748 49.36 -42.82 55.22
CA ASP B 748 48.40 -43.66 54.53
C ASP B 748 48.63 -45.14 54.75
N LEU B 749 49.66 -45.52 55.51
CA LEU B 749 49.97 -46.92 55.76
C LEU B 749 50.79 -46.99 57.05
N ASP B 750 50.18 -47.52 58.11
CA ASP B 750 50.89 -47.62 59.37
C ASP B 750 52.00 -48.67 59.27
N ILE B 751 52.77 -48.78 60.36
CA ILE B 751 53.84 -49.77 60.41
C ILE B 751 53.27 -51.19 60.40
N GLY B 752 52.03 -51.36 60.87
CA GLY B 752 51.44 -52.68 60.99
C GLY B 752 51.04 -53.28 59.65
N LYS B 753 50.20 -52.56 58.90
CA LYS B 753 49.83 -53.03 57.57
C LYS B 753 51.05 -53.16 56.68
N ARG B 754 52.12 -52.42 56.97
CA ARG B 754 53.36 -52.58 56.23
C ARG B 754 53.89 -54.01 56.37
N TYR B 755 53.97 -54.51 57.60
CA TYR B 755 54.42 -55.88 57.80
C TYR B 755 53.39 -56.88 57.29
N VAL B 756 52.11 -56.54 57.40
CA VAL B 756 51.06 -57.41 56.86
C VAL B 756 51.29 -57.64 55.38
N TRP B 757 51.56 -56.56 54.65
CA TRP B 757 51.75 -56.68 53.21
C TRP B 757 53.10 -57.29 52.88
N LEU B 758 54.10 -57.09 53.73
CA LEU B 758 55.37 -57.77 53.55
C LEU B 758 55.20 -59.28 53.61
N GLU B 759 54.49 -59.78 54.62
CA GLU B 759 54.25 -61.22 54.66
C GLU B 759 53.34 -61.65 53.52
N ARG B 760 52.37 -60.80 53.15
CA ARG B 760 51.52 -61.10 52.02
C ARG B 760 52.35 -61.36 50.76
N LEU B 761 53.41 -60.56 50.57
CA LEU B 761 54.29 -60.81 49.43
C LEU B 761 55.22 -61.99 49.67
N THR B 762 55.58 -62.30 50.92
CA THR B 762 56.50 -63.40 51.17
C THR B 762 55.85 -64.78 51.13
N LYS B 763 54.53 -64.88 51.28
CA LYS B 763 53.89 -66.19 51.15
C LYS B 763 54.30 -66.91 49.87
N CYS B 764 54.04 -66.28 48.72
CA CYS B 764 54.28 -66.97 47.46
C CYS B 764 55.77 -67.14 47.18
N ASN B 765 56.55 -66.08 47.33
CA ASN B 765 57.96 -66.10 46.97
C ASN B 765 58.85 -65.76 48.17
N GLU B 766 60.06 -66.29 48.14
CA GLU B 766 61.05 -66.08 49.18
C GLU B 766 61.81 -64.78 48.96
N LEU B 767 62.60 -64.41 49.96
CA LEU B 767 63.43 -63.20 49.91
C LEU B 767 64.84 -63.48 50.43
N PRO B 768 65.50 -64.50 49.88
CA PRO B 768 66.76 -64.97 50.49
C PRO B 768 67.91 -63.99 50.32
N LYS B 769 68.70 -63.84 51.39
CA LYS B 769 69.97 -63.15 51.36
C LYS B 769 69.82 -61.65 51.03
N SER B 770 69.48 -61.36 49.78
CA SER B 770 69.46 -59.96 49.33
C SER B 770 68.44 -59.14 50.10
N ILE B 771 67.19 -59.61 50.13
CA ILE B 771 66.15 -58.87 50.85
C ILE B 771 66.25 -59.04 52.35
N ILE B 772 66.86 -60.13 52.83
CA ILE B 772 67.12 -60.29 54.25
C ILE B 772 68.03 -59.16 54.74
N SER B 773 69.05 -58.84 53.95
CA SER B 773 69.96 -57.76 54.33
C SER B 773 69.21 -56.44 54.47
N ILE B 774 68.22 -56.20 53.62
CA ILE B 774 67.58 -54.89 53.61
C ILE B 774 66.47 -54.84 54.66
N ILE B 775 65.87 -55.98 55.00
CA ILE B 775 64.98 -55.96 56.16
C ILE B 775 65.80 -55.78 57.43
N ASP B 776 67.04 -56.29 57.46
CA ASP B 776 67.95 -55.97 58.54
C ASP B 776 68.26 -54.47 58.57
N ASP B 777 68.47 -53.87 57.40
CA ASP B 777 68.71 -52.42 57.34
C ASP B 777 67.53 -51.64 57.88
N PHE B 778 66.31 -52.06 57.53
CA PHE B 778 65.13 -51.42 58.09
C PHE B 778 65.07 -51.57 59.60
N LEU B 779 65.39 -52.77 60.12
CA LEU B 779 65.41 -52.96 61.57
C LEU B 779 66.42 -52.02 62.22
N VAL B 780 67.57 -51.83 61.58
CA VAL B 780 68.59 -50.93 62.11
C VAL B 780 68.07 -49.50 62.13
N LEU B 781 67.42 -49.07 61.04
CA LEU B 781 66.90 -47.71 60.99
C LEU B 781 65.81 -47.50 62.03
N GLN B 782 64.92 -48.49 62.19
CA GLN B 782 63.84 -48.39 63.16
C GLN B 782 64.42 -48.32 64.57
N ALA B 783 65.46 -49.11 64.85
CA ALA B 783 66.13 -49.03 66.15
C ALA B 783 66.77 -47.67 66.35
N GLU B 784 67.43 -47.14 65.31
CA GLU B 784 68.06 -45.82 65.41
C GLU B 784 67.01 -44.73 65.65
N LYS B 785 65.78 -44.96 65.19
CA LYS B 785 64.71 -43.99 65.42
C LYS B 785 64.27 -43.93 66.87
N HIS B 786 64.72 -44.84 67.74
CA HIS B 786 64.29 -44.88 69.12
C HIS B 786 65.23 -44.15 70.08
N ILE B 787 66.09 -43.27 69.56
CA ILE B 787 66.92 -42.47 70.46
C ILE B 787 66.07 -41.53 71.29
N ASP B 788 65.06 -40.92 70.69
CA ASP B 788 64.16 -40.03 71.42
C ASP B 788 63.34 -40.82 72.42
N GLN B 789 63.01 -40.16 73.53
CA GLN B 789 62.20 -40.76 74.59
C GLN B 789 60.71 -40.63 74.33
N ASN B 790 60.30 -39.96 73.26
CA ASN B 790 58.89 -39.78 72.94
C ASN B 790 58.45 -40.55 71.71
N TYR B 791 59.37 -40.95 70.84
CA TYR B 791 59.01 -41.69 69.63
C TYR B 791 58.58 -43.10 69.99
N SER B 792 57.44 -43.52 69.46
CA SER B 792 56.89 -44.84 69.74
C SER B 792 56.32 -45.42 68.45
N GLU B 793 55.59 -46.53 68.59
CA GLU B 793 55.00 -47.23 67.45
C GLU B 793 53.49 -47.33 67.63
N VAL B 794 52.76 -47.10 66.55
CA VAL B 794 51.30 -47.18 66.54
C VAL B 794 50.89 -48.18 65.47
N SER B 795 50.05 -49.14 65.84
CA SER B 795 49.54 -50.15 64.93
C SER B 795 48.02 -50.02 64.81
N SER B 796 47.47 -50.69 63.80
CA SER B 796 46.03 -50.63 63.55
C SER B 796 45.27 -51.70 64.33
N ASN B 797 45.54 -52.98 64.04
CA ASN B 797 45.03 -54.07 64.88
C ASN B 797 46.18 -55.04 65.14
N GLY B 798 47.04 -54.69 66.09
CA GLY B 798 47.93 -55.65 66.72
C GLY B 798 49.19 -55.91 65.94
N LEU B 799 50.33 -55.36 66.39
CA LEU B 799 51.63 -55.66 65.80
C LEU B 799 52.77 -54.93 66.48
N TYR B 800 54.00 -55.29 66.12
CA TYR B 800 55.23 -54.57 66.45
C TYR B 800 56.34 -55.17 65.59
N SER B 801 57.58 -54.72 65.77
CA SER B 801 58.69 -55.33 65.07
C SER B 801 58.94 -56.76 65.51
N ARG B 802 58.24 -57.23 66.54
CA ARG B 802 58.39 -58.61 66.99
C ARG B 802 58.11 -59.58 65.87
N ASP B 803 57.04 -59.35 65.11
CA ASP B 803 56.72 -60.26 64.02
C ASP B 803 57.62 -60.04 62.81
N TYR B 804 58.22 -58.84 62.68
CA TYR B 804 59.32 -58.67 61.73
C TYR B 804 60.44 -59.65 62.05
N GLY B 805 60.87 -59.66 63.31
CA GLY B 805 61.88 -60.63 63.72
C GLY B 805 61.40 -62.05 63.55
N ALA B 806 60.12 -62.29 63.80
CA ALA B 806 59.56 -63.63 63.62
C ALA B 806 59.69 -64.10 62.18
N LEU B 807 59.36 -63.23 61.22
CA LEU B 807 59.51 -63.57 59.82
C LEU B 807 60.97 -63.80 59.46
N ILE B 808 61.86 -62.95 59.99
CA ILE B 808 63.29 -63.13 59.70
C ILE B 808 63.76 -64.50 60.18
N LYS B 809 63.37 -64.89 61.40
CA LYS B 809 63.71 -66.23 61.89
C LYS B 809 63.02 -67.31 61.07
N HIS B 810 61.84 -67.01 60.53
CA HIS B 810 61.18 -67.97 59.64
C HIS B 810 62.04 -68.25 58.43
N PHE B 811 62.67 -67.21 57.88
CA PHE B 811 63.50 -67.39 56.68
C PHE B 811 64.84 -68.03 57.03
N GLU B 812 65.47 -67.62 58.13
CA GLU B 812 66.82 -68.06 58.45
C GLU B 812 66.88 -68.94 59.70
N LYS B 813 66.38 -68.44 60.83
CA LYS B 813 66.44 -69.04 62.16
C LYS B 813 67.85 -68.93 62.75
N ASN B 814 68.85 -68.50 61.98
CA ASN B 814 70.22 -68.33 62.46
C ASN B 814 70.79 -67.02 61.95
N PHE B 815 69.92 -66.04 61.72
CA PHE B 815 70.35 -64.70 61.33
C PHE B 815 70.93 -63.99 62.54
N ILE B 816 72.11 -63.42 62.38
CA ILE B 816 72.80 -62.71 63.46
C ILE B 816 72.90 -61.25 63.06
N SER B 817 72.33 -60.38 63.89
CA SER B 817 72.41 -58.94 63.65
C SER B 817 73.83 -58.44 63.86
N LYS B 818 74.26 -57.53 63.00
CA LYS B 818 75.59 -56.93 63.09
C LYS B 818 75.53 -55.48 63.49
N ARG B 819 74.81 -54.64 62.74
CA ARG B 819 74.67 -53.23 63.11
C ARG B 819 73.91 -53.10 64.42
N LEU B 820 72.84 -53.90 64.59
CA LEU B 820 72.06 -53.84 65.81
C LEU B 820 72.89 -54.27 67.02
N SER B 821 73.74 -55.28 66.85
CA SER B 821 74.58 -55.74 67.95
C SER B 821 75.51 -54.64 68.42
N GLU B 822 76.19 -53.97 67.48
CA GLU B 822 77.05 -52.86 67.84
C GLU B 822 76.26 -51.71 68.46
N ILE B 823 75.06 -51.44 67.94
CA ILE B 823 74.24 -50.36 68.50
C ILE B 823 73.90 -50.66 69.96
N THR B 824 73.54 -51.91 70.24
CA THR B 824 73.13 -52.29 71.59
C THR B 824 74.31 -52.53 72.52
N LEU B 825 75.53 -52.69 71.99
CA LEU B 825 76.69 -52.90 72.85
C LEU B 825 76.92 -51.73 73.79
N CYS B 826 76.82 -50.51 73.28
CA CYS B 826 77.04 -49.30 74.08
C CYS B 826 75.69 -48.76 74.55
N LEU B 827 75.14 -49.41 75.57
CA LEU B 827 73.84 -49.02 76.14
C LEU B 827 73.98 -48.21 77.41
N THR B 828 74.91 -48.58 78.30
CA THR B 828 75.09 -47.94 79.59
C THR B 828 73.79 -47.91 80.39
N GLN B 829 73.13 -46.76 80.43
CA GLN B 829 71.90 -46.59 81.19
C GLN B 829 71.18 -45.35 80.70
N ASP B 830 70.19 -44.90 81.46
CA ASP B 830 69.46 -43.65 81.24
C ASP B 830 68.94 -43.53 79.81
N LYS B 831 68.36 -44.61 79.30
CA LYS B 831 67.64 -44.60 78.03
C LYS B 831 66.14 -44.78 78.24
N GLN B 832 65.74 -45.88 78.87
CA GLN B 832 64.39 -46.09 79.40
C GLN B 832 63.33 -46.27 78.31
N LYS B 833 63.68 -46.01 77.05
CA LYS B 833 62.75 -46.25 75.95
C LYS B 833 63.34 -47.20 74.92
N GLN B 834 64.59 -46.93 74.49
CA GLN B 834 65.21 -47.75 73.46
C GLN B 834 65.50 -49.15 73.98
N ILE B 835 65.79 -49.29 75.27
CA ILE B 835 66.12 -50.59 75.84
C ILE B 835 64.94 -51.54 75.73
N ASP B 836 63.73 -51.04 75.98
CA ASP B 836 62.54 -51.89 75.86
C ASP B 836 62.38 -52.42 74.44
N PHE B 837 62.57 -51.55 73.44
CA PHE B 837 62.46 -52.00 72.06
C PHE B 837 63.55 -53.00 71.72
N LEU B 838 64.77 -52.76 72.21
CA LEU B 838 65.85 -53.72 71.97
C LEU B 838 65.55 -55.07 72.61
N PHE B 839 64.87 -55.08 73.76
CA PHE B 839 64.49 -56.32 74.41
C PHE B 839 63.49 -57.12 73.59
N LYS B 840 62.76 -56.47 72.68
CA LYS B 840 61.80 -57.20 71.85
C LYS B 840 62.50 -58.23 70.97
N LEU B 841 63.63 -57.86 70.38
CA LEU B 841 64.38 -58.76 69.51
C LEU B 841 65.42 -59.54 70.32
N LEU B 842 64.90 -60.29 71.30
CA LEU B 842 65.78 -61.12 72.12
C LEU B 842 66.50 -62.23 71.36
N PRO B 843 65.85 -63.01 70.47
CA PRO B 843 66.54 -64.18 69.90
C PRO B 843 67.57 -63.85 68.83
N LEU B 844 67.97 -62.58 68.73
CA LEU B 844 69.04 -62.16 67.84
C LEU B 844 70.06 -61.40 68.69
N LEU B 845 70.97 -60.68 68.01
CA LEU B 845 71.97 -59.77 68.61
C LEU B 845 73.23 -60.46 69.12
N SER B 846 73.54 -61.68 68.66
CA SER B 846 74.82 -62.34 68.89
C SER B 846 74.97 -62.85 70.33
N THR B 847 75.56 -64.04 70.49
CA THR B 847 75.53 -64.72 71.78
C THR B 847 76.28 -63.94 72.86
N ASN B 848 77.50 -63.51 72.57
CA ASN B 848 78.29 -62.81 73.58
C ASN B 848 77.64 -61.48 73.97
N ALA B 849 77.20 -60.71 72.97
CA ALA B 849 76.50 -59.47 73.25
C ALA B 849 75.19 -59.74 73.98
N LYS B 850 74.48 -60.80 73.59
CA LYS B 850 73.25 -61.20 74.29
C LYS B 850 73.53 -61.40 75.77
N SER B 851 74.53 -62.22 76.09
CA SER B 851 74.85 -62.50 77.48
C SER B 851 75.26 -61.24 78.23
N HIS B 852 76.03 -60.37 77.57
CA HIS B 852 76.49 -59.16 78.22
C HIS B 852 75.33 -58.23 78.57
N LEU B 853 74.36 -58.08 77.65
CA LEU B 853 73.34 -57.05 77.87
C LEU B 853 72.10 -57.58 78.58
N LEU B 854 71.71 -58.84 78.35
CA LEU B 854 70.53 -59.37 79.02
C LEU B 854 70.73 -59.42 80.53
N SER B 855 71.97 -59.67 80.97
CA SER B 855 72.25 -59.67 82.39
C SER B 855 72.02 -58.30 83.00
N PHE B 856 72.15 -57.24 82.20
CA PHE B 856 71.94 -55.89 82.70
C PHE B 856 70.45 -55.63 82.92
N LYS B 857 70.14 -54.91 84.00
CA LYS B 857 68.80 -54.47 84.39
C LYS B 857 67.75 -55.57 84.17
N SER B 858 68.00 -56.73 84.80
CA SER B 858 66.99 -57.77 84.84
C SER B 858 65.98 -57.47 85.95
N VAL B 859 65.01 -58.35 86.12
CA VAL B 859 63.97 -58.19 87.13
C VAL B 859 63.97 -59.42 88.03
N GLU B 860 63.83 -59.19 89.34
CA GLU B 860 63.89 -60.28 90.29
C GLU B 860 62.64 -60.39 91.17
N ASN B 861 61.99 -59.27 91.47
CA ASN B 861 60.76 -59.33 92.26
C ASN B 861 59.67 -60.05 91.48
N ILE B 862 58.91 -60.89 92.17
CA ILE B 862 57.96 -61.76 91.50
C ILE B 862 56.86 -60.96 90.82
N ASN B 863 56.39 -59.90 91.48
CA ASN B 863 55.21 -59.18 90.99
C ASN B 863 55.46 -58.61 89.61
N ASP B 864 56.65 -58.03 89.40
CA ASP B 864 57.08 -57.65 88.06
C ASP B 864 57.61 -58.84 87.27
N LEU B 865 58.00 -59.92 87.95
CA LEU B 865 58.56 -61.06 87.24
C LEU B 865 57.53 -61.73 86.34
N MET B 866 56.28 -61.84 86.77
CA MET B 866 55.30 -62.45 85.87
C MET B 866 55.02 -61.55 84.67
N ASN B 867 55.05 -60.23 84.86
CA ASN B 867 54.94 -59.33 83.73
C ASN B 867 56.13 -59.46 82.78
N GLY B 868 57.31 -59.77 83.33
CA GLY B 868 58.43 -60.09 82.46
C GLY B 868 58.23 -61.38 81.70
N ILE B 869 57.64 -62.38 82.36
CA ILE B 869 57.43 -63.69 81.74
C ILE B 869 56.40 -63.59 80.62
N ARG B 870 55.30 -62.88 80.86
CA ARG B 870 54.21 -62.83 79.88
C ARG B 870 54.65 -62.13 78.59
N ILE B 871 55.61 -61.20 78.69
CA ILE B 871 56.12 -60.53 77.50
C ILE B 871 57.29 -61.26 76.87
N GLY B 872 57.60 -62.47 77.34
CA GLY B 872 58.69 -63.25 76.77
C GLY B 872 60.07 -62.93 77.30
N LEU B 873 60.19 -61.99 78.25
CA LEU B 873 61.50 -61.66 78.80
C LEU B 873 62.10 -62.85 79.53
N ILE B 874 61.29 -63.57 80.30
CA ILE B 874 61.73 -64.77 81.02
C ILE B 874 60.89 -65.95 80.54
N ASP B 875 61.57 -67.01 80.11
CA ASP B 875 60.91 -68.22 79.67
C ASP B 875 61.27 -69.45 80.50
N GLU B 876 62.49 -69.53 81.01
CA GLU B 876 62.88 -70.65 81.86
C GLU B 876 62.37 -70.45 83.28
N PHE B 877 62.37 -71.54 84.04
CA PHE B 877 61.90 -71.54 85.42
C PHE B 877 62.99 -72.17 86.29
N THR B 878 63.93 -71.34 86.75
CA THR B 878 65.03 -71.80 87.56
C THR B 878 64.53 -72.22 88.95
N PRO B 879 65.29 -73.05 89.67
CA PRO B 879 64.88 -73.42 91.03
C PRO B 879 64.65 -72.22 91.94
N GLU B 880 65.46 -71.17 91.82
CA GLU B 880 65.17 -69.94 92.56
C GLU B 880 63.91 -69.26 92.03
N HIS B 881 63.77 -69.18 90.71
CA HIS B 881 62.55 -68.64 90.12
C HIS B 881 61.35 -69.52 90.44
N GLU B 882 61.52 -70.85 90.42
CA GLU B 882 60.44 -71.74 90.81
C GLU B 882 60.06 -71.54 92.27
N GLU B 883 61.04 -71.33 93.16
CA GLU B 883 60.74 -71.06 94.56
C GLU B 883 59.99 -69.74 94.72
N LEU B 884 60.38 -68.71 93.97
CA LEU B 884 59.66 -67.44 94.03
C LEU B 884 58.22 -67.58 93.52
N ILE B 885 58.03 -68.33 92.43
CA ILE B 885 56.69 -68.54 91.90
C ILE B 885 55.85 -69.38 92.86
N ILE B 886 56.46 -70.36 93.53
CA ILE B 886 55.74 -71.13 94.54
C ILE B 886 55.40 -70.26 95.73
N GLU B 887 56.26 -69.31 96.08
CA GLU B 887 55.92 -68.36 97.14
C GLU B 887 54.74 -67.48 96.74
N TYR B 888 54.72 -67.02 95.49
CA TYR B 888 53.57 -66.25 95.00
C TYR B 888 52.30 -67.08 95.05
N LEU B 889 52.38 -68.33 94.59
CA LEU B 889 51.21 -69.21 94.61
C LEU B 889 50.77 -69.54 96.02
N GLU B 890 51.71 -69.61 96.97
CA GLU B 890 51.36 -69.88 98.36
C GLU B 890 50.72 -68.66 99.02
N THR B 891 51.18 -67.45 98.69
CA THR B 891 50.49 -66.25 99.16
C THR B 891 49.08 -66.19 98.60
N ARG B 892 48.93 -66.50 97.31
CA ARG B 892 47.59 -66.54 96.71
C ARG B 892 46.73 -67.61 97.37
N LYS B 893 47.32 -68.76 97.68
CA LYS B 893 46.60 -69.85 98.36
C LYS B 893 46.18 -69.47 99.76
N VAL B 894 47.04 -68.78 100.51
CA VAL B 894 46.66 -68.32 101.85
C VAL B 894 45.51 -67.32 101.77
N ASN B 895 45.61 -66.37 100.83
CA ASN B 895 44.52 -65.42 100.63
C ASN B 895 43.24 -66.14 100.23
N TYR B 896 43.34 -67.16 99.38
CA TYR B 896 42.17 -67.91 98.95
C TYR B 896 41.56 -68.69 100.10
N ILE B 897 42.40 -69.26 100.98
CA ILE B 897 41.88 -69.99 102.14
C ILE B 897 41.14 -69.06 103.07
N VAL B 898 41.72 -67.88 103.33
CA VAL B 898 41.04 -66.90 104.18
C VAL B 898 39.75 -66.43 103.53
N GLU B 899 39.74 -66.27 102.19
CA GLU B 899 38.54 -65.84 101.48
C GLU B 899 37.45 -66.91 101.57
N LYS B 900 37.82 -68.17 101.38
CA LYS B 900 36.84 -69.25 101.49
C LYS B 900 36.29 -69.35 102.90
N GLU B 901 37.12 -69.06 103.90
CA GLU B 901 36.60 -68.94 105.26
C GLU B 901 35.61 -67.79 105.35
N LYS B 902 35.92 -66.65 104.72
CA LYS B 902 34.98 -65.54 104.67
C LYS B 902 33.87 -65.73 103.65
N GLY B 903 34.07 -66.63 102.68
CA GLY B 903 33.13 -66.77 101.59
C GLY B 903 33.38 -65.85 100.41
N ILE B 904 34.50 -65.14 100.39
CA ILE B 904 34.81 -64.19 99.33
C ILE B 904 35.60 -64.91 98.23
N GLN B 905 35.54 -64.36 97.02
CA GLN B 905 36.32 -64.87 95.89
C GLN B 905 36.92 -63.68 95.15
N THR B 906 38.25 -63.66 95.08
CA THR B 906 38.97 -62.56 94.44
C THR B 906 39.78 -63.08 93.27
N PHE B 907 39.78 -62.32 92.16
CA PHE B 907 40.53 -62.64 90.97
C PHE B 907 41.55 -61.54 90.70
N SER B 908 42.78 -61.92 90.39
CA SER B 908 43.79 -60.95 90.00
C SER B 908 43.42 -60.33 88.66
N SER B 909 43.83 -59.07 88.46
CA SER B 909 43.55 -58.38 87.21
C SER B 909 44.09 -59.17 86.02
N ASN B 910 45.35 -59.59 86.10
CA ASN B 910 45.88 -60.57 85.17
C ASN B 910 45.83 -61.93 85.85
N ASP B 911 45.12 -62.88 85.25
CA ASP B 911 44.89 -64.17 85.90
C ASP B 911 46.18 -64.98 85.91
N TYR B 912 47.13 -64.58 86.76
CA TYR B 912 48.44 -65.22 86.79
C TYR B 912 48.35 -66.67 87.27
N MET B 913 47.30 -67.00 88.02
CA MET B 913 46.99 -68.40 88.29
C MET B 913 46.62 -69.15 87.01
N SER B 914 45.85 -68.53 86.12
CA SER B 914 45.55 -69.14 84.84
C SER B 914 46.79 -69.24 83.95
N THR B 915 47.67 -68.23 83.99
CA THR B 915 48.93 -68.32 83.26
C THR B 915 49.79 -69.44 83.81
N PHE B 916 49.81 -69.62 85.14
CA PHE B 916 50.52 -70.75 85.72
C PHE B 916 49.94 -72.07 85.23
N GLY B 917 48.62 -72.17 85.17
CA GLY B 917 48.01 -73.38 84.63
C GLY B 917 48.40 -73.64 83.19
N ILE B 918 48.40 -72.59 82.37
CA ILE B 918 48.77 -72.73 80.96
C ILE B 918 50.21 -73.18 80.82
N TRP B 919 51.13 -72.54 81.56
CA TRP B 919 52.54 -72.88 81.46
C TRP B 919 52.81 -74.28 81.99
N TYR B 920 52.14 -74.66 83.07
CA TYR B 920 52.34 -75.99 83.63
C TYR B 920 51.74 -77.07 82.72
N PHE B 921 50.72 -76.72 81.95
CA PHE B 921 50.21 -77.65 80.94
C PHE B 921 51.26 -77.97 79.91
N LEU B 922 52.18 -77.03 79.64
CA LEU B 922 53.37 -77.28 78.84
C LEU B 922 54.54 -77.77 79.68
N GLU B 923 54.30 -78.04 80.96
CA GLU B 923 55.32 -78.56 81.87
C GLU B 923 56.50 -77.59 82.00
N GLU B 924 56.17 -76.33 82.22
CA GLU B 924 57.17 -75.29 82.44
C GLU B 924 57.56 -75.14 83.91
N ILE B 925 56.73 -75.60 84.83
CA ILE B 925 57.02 -75.58 86.26
C ILE B 925 56.89 -77.00 86.79
N ASN B 926 57.90 -77.45 87.52
CA ASN B 926 57.95 -78.81 88.05
C ASN B 926 57.87 -78.76 89.58
N ASN B 927 56.77 -79.25 90.13
CA ASN B 927 56.58 -79.30 91.57
C ASN B 927 55.39 -80.19 91.89
N SER B 928 55.55 -81.07 92.89
CA SER B 928 54.41 -81.83 93.38
C SER B 928 53.42 -80.95 94.12
N LYS B 929 53.85 -79.79 94.60
CA LYS B 929 52.93 -78.86 95.25
C LYS B 929 51.84 -78.39 94.30
N MET B 930 52.08 -78.50 92.99
CA MET B 930 51.04 -78.18 92.02
C MET B 930 49.85 -79.12 92.17
N GLU B 931 50.10 -80.38 92.50
CA GLU B 931 48.99 -81.29 92.83
C GLU B 931 48.30 -80.86 94.11
N GLU B 932 49.03 -80.23 95.04
CA GLU B 932 48.42 -79.67 96.23
C GLU B 932 47.65 -78.39 95.94
N PHE B 933 48.00 -77.69 94.86
CA PHE B 933 47.29 -76.49 94.45
C PHE B 933 45.99 -76.79 93.72
N ILE B 934 45.70 -78.07 93.44
CA ILE B 934 44.49 -78.42 92.72
C ILE B 934 43.27 -78.05 93.54
N GLY B 935 42.32 -77.37 92.89
CA GLY B 935 41.09 -76.95 93.55
C GLY B 935 40.91 -75.45 93.67
N MET B 936 41.81 -74.65 93.09
CA MET B 936 41.73 -73.20 93.18
C MET B 936 41.07 -72.57 91.96
N ASP B 937 41.40 -73.03 90.75
CA ASP B 937 40.93 -72.41 89.52
C ASP B 937 40.38 -73.47 88.59
N ASP B 938 39.29 -73.12 87.90
CA ASP B 938 38.68 -74.04 86.95
C ASP B 938 39.65 -74.37 85.81
N GLN B 939 40.33 -73.36 85.27
CA GLN B 939 41.29 -73.60 84.20
C GLN B 939 42.52 -74.33 84.72
N TYR B 940 42.95 -74.02 85.94
CA TYR B 940 44.10 -74.70 86.51
C TYR B 940 43.82 -76.19 86.70
N ASP B 941 42.66 -76.53 87.25
CA ASP B 941 42.30 -77.93 87.39
C ASP B 941 42.01 -78.56 86.03
N PHE B 942 41.57 -77.76 85.07
CA PHE B 942 41.37 -78.25 83.71
C PHE B 942 42.67 -78.69 83.08
N PHE B 943 43.75 -77.95 83.32
CA PHE B 943 45.04 -78.27 82.73
C PHE B 943 45.86 -79.27 83.55
N VAL B 944 45.71 -79.28 84.87
CA VAL B 944 46.57 -80.14 85.70
C VAL B 944 46.00 -81.55 85.78
N ASP B 945 44.73 -81.69 86.18
CA ASP B 945 44.11 -82.98 86.40
C ASP B 945 42.80 -83.05 85.61
N PRO B 946 42.88 -83.20 84.29
CA PRO B 946 41.63 -83.32 83.50
C PRO B 946 40.86 -84.59 83.77
N GLU B 947 41.48 -85.61 84.35
CA GLU B 947 40.80 -86.89 84.58
C GLU B 947 39.62 -86.72 85.53
N ASN B 948 39.82 -86.00 86.63
CA ASN B 948 38.78 -85.79 87.62
C ASN B 948 38.14 -84.41 87.53
N PHE B 949 38.48 -83.63 86.50
CA PHE B 949 37.93 -82.28 86.36
C PHE B 949 36.43 -82.34 86.08
N ASP B 950 35.70 -81.40 86.67
CA ASP B 950 34.26 -81.29 86.44
C ASP B 950 34.04 -80.51 85.15
N TYR B 951 33.63 -81.22 84.10
CA TYR B 951 33.50 -80.59 82.78
C TYR B 951 32.27 -79.72 82.67
N LYS B 952 31.35 -79.76 83.63
CA LYS B 952 30.19 -78.87 83.58
C LYS B 952 30.58 -77.42 83.83
N LYS B 953 31.73 -77.20 84.47
CA LYS B 953 32.23 -75.85 84.74
C LYS B 953 33.01 -75.26 83.58
N PHE B 954 33.21 -76.03 82.51
CA PHE B 954 34.03 -75.56 81.40
C PHE B 954 33.34 -74.42 80.65
N ILE B 955 34.07 -73.34 80.43
CA ILE B 955 33.61 -72.20 79.64
C ILE B 955 34.25 -72.32 78.26
N PRO B 956 33.47 -72.52 77.20
CA PRO B 956 34.08 -72.69 75.86
C PRO B 956 34.90 -71.51 75.40
N SER B 957 34.60 -70.30 75.88
CA SER B 957 35.31 -69.10 75.42
C SER B 957 36.80 -69.17 75.72
N TRP B 958 37.22 -69.99 76.68
CA TRP B 958 38.65 -70.15 76.95
C TRP B 958 39.40 -70.64 75.71
N LEU B 959 38.75 -71.44 74.87
CA LEU B 959 39.40 -71.93 73.65
C LEU B 959 39.81 -70.79 72.74
N LYS B 960 39.16 -69.62 72.87
CA LYS B 960 39.52 -68.49 72.03
C LYS B 960 40.87 -67.90 72.42
N ASN B 961 41.34 -68.15 73.65
CA ASN B 961 42.59 -67.57 74.10
C ASN B 961 43.80 -68.45 73.82
N TYR B 962 43.61 -69.59 73.17
CA TYR B 962 44.69 -70.56 72.98
C TYR B 962 45.36 -70.36 71.62
N ASN B 963 46.65 -70.68 71.55
CA ASN B 963 47.41 -70.56 70.32
C ASN B 963 47.67 -71.95 69.72
N ASP B 964 48.34 -71.94 68.56
CA ASP B 964 48.37 -73.13 67.70
C ASP B 964 49.06 -74.31 68.36
N LYS B 965 50.24 -74.09 68.94
CA LYS B 965 50.94 -75.17 69.61
C LYS B 965 50.15 -75.71 70.78
N LEU B 966 49.56 -74.82 71.58
CA LEU B 966 48.68 -75.26 72.67
C LEU B 966 47.46 -75.96 72.11
N LEU B 967 46.97 -75.56 70.94
CA LEU B 967 45.84 -76.26 70.33
C LEU B 967 46.22 -77.69 69.96
N GLY B 968 47.40 -77.89 69.39
CA GLY B 968 47.84 -79.25 69.09
C GLY B 968 48.04 -80.07 70.34
N LYS B 969 48.61 -79.47 71.38
CA LYS B 969 48.84 -80.19 72.63
C LYS B 969 47.53 -80.55 73.32
N ILE B 970 46.55 -79.62 73.31
CA ILE B 970 45.24 -79.89 73.87
C ILE B 970 44.39 -80.68 72.89
N ALA B 971 44.95 -81.03 71.74
CA ALA B 971 44.42 -82.16 70.99
C ALA B 971 45.13 -83.45 71.39
N GLY B 972 46.32 -83.36 71.98
CA GLY B 972 47.15 -84.53 72.25
C GLY B 972 46.86 -85.27 73.54
N ASN B 973 46.26 -84.61 74.55
CA ASN B 973 45.99 -85.29 75.81
C ASN B 973 44.79 -86.23 75.67
N LYS B 974 44.61 -87.11 76.64
CA LYS B 974 43.71 -88.26 76.49
C LYS B 974 42.31 -88.05 77.04
N HIS B 975 41.99 -86.89 77.61
CA HIS B 975 40.70 -86.71 78.26
C HIS B 975 39.75 -85.74 77.56
N MET B 976 40.28 -84.67 76.95
CA MET B 976 39.37 -83.60 76.53
C MET B 976 38.54 -84.01 75.33
N LYS B 977 38.92 -85.09 74.65
CA LYS B 977 38.49 -85.32 73.27
C LYS B 977 36.98 -85.33 73.14
N HIS B 978 36.33 -86.32 73.75
CA HIS B 978 34.89 -86.48 73.58
C HIS B 978 34.10 -85.30 74.16
N HIS B 979 34.48 -84.85 75.37
CA HIS B 979 33.74 -83.79 76.04
C HIS B 979 33.79 -82.50 75.23
N VAL B 980 35.00 -82.08 74.86
CA VAL B 980 35.16 -80.84 74.09
C VAL B 980 34.57 -80.99 72.69
N ILE B 981 34.58 -82.20 72.13
CA ILE B 981 33.94 -82.41 70.83
C ILE B 981 32.45 -82.15 70.93
N GLU B 982 31.82 -82.70 71.98
CA GLU B 982 30.39 -82.46 72.18
C GLU B 982 30.12 -80.98 72.44
N VAL B 983 30.98 -80.33 73.24
CA VAL B 983 30.79 -78.92 73.56
C VAL B 983 30.88 -78.06 72.30
N LEU B 984 31.87 -78.33 71.45
CA LEU B 984 32.04 -77.56 70.23
C LEU B 984 30.93 -77.84 69.22
N LYS B 985 30.46 -79.10 69.15
CA LYS B 985 29.32 -79.39 68.30
C LYS B 985 28.09 -78.61 68.74
N GLU B 986 27.83 -78.56 70.05
CA GLU B 986 26.72 -77.78 70.57
C GLU B 986 26.91 -76.29 70.28
N ARG B 987 28.15 -75.80 70.41
CA ARG B 987 28.45 -74.40 70.12
C ARG B 987 28.14 -74.08 68.66
N VAL B 988 28.56 -74.95 67.75
CA VAL B 988 28.29 -74.75 66.33
C VAL B 988 26.79 -74.77 66.08
N LYS B 989 26.08 -75.71 66.72
CA LYS B 989 24.64 -75.80 66.54
C LYS B 989 23.95 -74.51 67.01
N ASN B 990 24.36 -73.97 68.15
CA ASN B 990 23.66 -72.86 68.78
C ASN B 990 24.35 -71.51 68.56
N SER B 991 25.40 -71.46 67.74
CA SER B 991 26.07 -70.20 67.49
C SER B 991 26.63 -70.19 66.06
N ASN B 992 26.80 -68.99 65.53
CA ASN B 992 27.36 -68.79 64.19
C ASN B 992 28.81 -68.34 64.22
N ASP B 993 29.47 -68.44 65.37
CA ASP B 993 30.85 -67.99 65.50
C ASP B 993 31.77 -68.82 64.63
N LYS B 994 32.36 -68.20 63.59
CA LYS B 994 33.23 -68.91 62.68
C LYS B 994 34.52 -69.37 63.34
N ARG B 995 34.93 -68.72 64.43
CA ARG B 995 36.13 -69.15 65.15
C ARG B 995 35.95 -70.56 65.70
N TYR B 996 34.78 -70.84 66.28
CA TYR B 996 34.51 -72.18 66.81
C TYR B 996 34.57 -73.23 65.70
N LEU B 997 33.96 -72.92 64.54
CA LEU B 997 34.05 -73.82 63.40
C LEU B 997 35.51 -74.07 63.02
N GLU B 998 36.25 -72.99 62.76
CA GLU B 998 37.64 -73.11 62.31
C GLU B 998 38.46 -73.94 63.28
N ILE B 999 38.29 -73.70 64.58
CA ILE B 999 38.96 -74.54 65.58
C ILE B 999 38.52 -75.98 65.43
N LEU B 1000 37.24 -76.20 65.12
CA LEU B 1000 36.72 -77.56 65.04
C LEU B 1000 37.38 -78.35 63.93
N MET B 1001 37.37 -77.82 62.70
CA MET B 1001 37.89 -78.65 61.60
C MET B 1001 39.42 -78.60 61.53
N ASN B 1002 40.00 -77.44 61.88
CA ASN B 1002 41.46 -77.30 61.75
C ASN B 1002 42.19 -78.27 62.66
N TYR B 1003 41.72 -78.45 63.89
CA TYR B 1003 42.40 -79.28 64.87
C TYR B 1003 41.59 -80.49 65.32
N PHE B 1004 40.34 -80.28 65.73
CA PHE B 1004 39.55 -81.36 66.31
C PHE B 1004 39.05 -82.37 65.28
N ILE B 1005 39.05 -82.01 64.00
CA ILE B 1005 38.59 -82.93 62.96
C ILE B 1005 39.76 -83.39 62.10
N TYR C 11 -37.12 7.06 -38.75
CA TYR C 11 -36.10 6.82 -37.73
C TYR C 11 -36.38 7.61 -36.47
N GLY C 12 -36.74 8.89 -36.64
CA GLY C 12 -37.04 9.72 -35.48
C GLY C 12 -38.21 9.20 -34.68
N GLU C 13 -39.29 8.78 -35.36
CA GLU C 13 -40.41 8.17 -34.67
C GLU C 13 -40.03 6.84 -34.05
N LYS C 14 -39.10 6.12 -34.68
CA LYS C 14 -38.58 4.88 -34.08
C LYS C 14 -37.91 5.18 -32.75
N LEU C 15 -37.08 6.23 -32.70
CA LEU C 15 -36.44 6.59 -31.45
C LEU C 15 -37.45 7.12 -30.45
N LYS C 16 -38.51 7.79 -30.91
CA LYS C 16 -39.54 8.28 -29.99
C LYS C 16 -40.27 7.12 -29.33
N GLU C 17 -40.69 6.12 -30.11
CA GLU C 17 -41.35 4.96 -29.51
C GLU C 17 -40.37 4.19 -28.63
N VAL C 18 -39.11 4.07 -29.05
CA VAL C 18 -38.10 3.43 -28.19
C VAL C 18 -38.03 4.14 -26.85
N PHE C 19 -37.95 5.47 -26.88
CA PHE C 19 -38.00 6.27 -25.65
C PHE C 19 -39.23 5.94 -24.83
N LEU C 20 -40.37 5.76 -25.50
CA LEU C 20 -41.57 5.36 -24.80
C LEU C 20 -41.40 4.03 -24.09
N MET C 21 -40.59 3.12 -24.64
CA MET C 21 -40.34 1.84 -23.98
C MET C 21 -39.09 1.80 -23.10
N LEU C 22 -38.32 2.87 -22.99
CA LEU C 22 -37.22 2.87 -22.02
C LEU C 22 -37.71 3.10 -20.60
N ASP C 23 -37.01 2.49 -19.66
CA ASP C 23 -37.19 2.78 -18.24
C ASP C 23 -36.59 4.13 -17.90
N ASN C 24 -36.97 4.66 -16.74
CA ASN C 24 -36.52 5.99 -16.35
C ASN C 24 -35.00 6.08 -16.22
N ASN C 25 -34.34 4.96 -15.92
CA ASN C 25 -32.89 4.99 -15.73
C ASN C 25 -32.17 5.36 -17.01
N VAL C 26 -32.59 4.80 -18.15
CA VAL C 26 -31.99 5.18 -19.42
C VAL C 26 -32.20 6.67 -19.68
N VAL C 27 -33.40 7.16 -19.38
CA VAL C 27 -33.72 8.57 -19.58
C VAL C 27 -32.78 9.44 -18.76
N GLU C 28 -32.57 9.09 -17.49
CA GLU C 28 -31.75 9.93 -16.64
C GLU C 28 -30.29 9.90 -17.07
N CYS C 29 -29.76 8.74 -17.49
CA CYS C 29 -28.37 8.76 -17.92
C CYS C 29 -28.21 9.55 -19.20
N ILE C 30 -29.17 9.44 -20.12
CA ILE C 30 -29.08 10.23 -21.34
C ILE C 30 -29.15 11.72 -21.02
N LYS C 31 -30.04 12.13 -20.12
CA LYS C 31 -30.11 13.56 -19.81
C LYS C 31 -28.84 14.03 -19.13
N GLU C 32 -28.26 13.20 -18.26
CA GLU C 32 -27.01 13.57 -17.61
C GLU C 32 -25.90 13.74 -18.62
N ILE C 33 -25.79 12.81 -19.58
CA ILE C 33 -24.71 12.92 -20.56
C ILE C 33 -24.92 14.11 -21.48
N THR C 34 -26.17 14.41 -21.83
CA THR C 34 -26.42 15.59 -22.64
C THR C 34 -26.00 16.86 -21.88
N GLU C 35 -26.33 16.93 -20.60
CA GLU C 35 -25.93 18.09 -19.80
C GLU C 35 -24.41 18.18 -19.73
N SER C 36 -23.73 17.06 -19.47
CA SER C 36 -22.28 17.08 -19.31
C SER C 36 -21.58 17.39 -20.63
N SER C 37 -22.22 17.06 -21.74
CA SER C 37 -21.69 17.48 -23.04
C SER C 37 -21.89 18.97 -23.24
N ARG C 38 -23.04 19.48 -22.82
CA ARG C 38 -23.33 20.90 -23.03
C ARG C 38 -22.31 21.78 -22.33
N ASN C 39 -21.98 21.46 -21.08
CA ASN C 39 -21.01 22.25 -20.32
C ASN C 39 -19.58 21.99 -20.75
N GLY C 40 -19.35 21.19 -21.78
CA GLY C 40 -17.99 20.84 -22.16
C GLY C 40 -17.26 20.03 -21.11
N LYS C 41 -17.95 19.07 -20.49
CA LYS C 41 -17.40 18.23 -19.44
C LYS C 41 -17.62 16.76 -19.76
N LEU C 42 -17.27 16.35 -20.97
CA LEU C 42 -17.50 15.00 -21.44
C LEU C 42 -16.19 14.38 -21.90
N VAL C 43 -15.96 13.12 -21.53
CA VAL C 43 -14.80 12.36 -21.97
C VAL C 43 -15.25 10.96 -22.36
N PHE C 44 -14.77 10.49 -23.50
CA PHE C 44 -15.08 9.17 -24.02
C PHE C 44 -13.89 8.23 -23.89
N PHE C 45 -14.18 7.00 -23.48
CA PHE C 45 -13.22 5.91 -23.47
C PHE C 45 -13.53 5.01 -24.65
N VAL C 46 -12.71 5.10 -25.68
CA VAL C 46 -12.90 4.33 -26.90
C VAL C 46 -11.86 3.22 -26.93
N GLY C 47 -12.31 2.00 -27.20
CA GLY C 47 -11.47 0.84 -27.00
C GLY C 47 -11.34 -0.10 -28.19
N ALA C 48 -11.03 -1.36 -27.89
CA ALA C 48 -10.73 -2.32 -28.95
C ALA C 48 -11.93 -2.56 -29.86
N GLY C 49 -13.14 -2.41 -29.32
CA GLY C 49 -14.32 -2.69 -30.11
C GLY C 49 -14.39 -1.87 -31.39
N VAL C 50 -14.11 -0.56 -31.27
CA VAL C 50 -14.21 0.31 -32.43
C VAL C 50 -13.15 -0.05 -33.46
N SER C 51 -11.96 -0.46 -33.01
CA SER C 51 -10.94 -0.91 -33.95
C SER C 51 -11.39 -2.18 -34.65
N THR C 52 -12.02 -3.10 -33.92
CA THR C 52 -12.50 -4.33 -34.53
C THR C 52 -13.57 -4.08 -35.58
N LEU C 53 -14.47 -3.12 -35.35
CA LEU C 53 -15.49 -2.85 -36.37
C LEU C 53 -14.86 -2.47 -37.70
N SER C 54 -13.67 -1.88 -37.67
CA SER C 54 -12.97 -1.49 -38.88
C SER C 54 -12.18 -2.65 -39.48
N ASP C 55 -12.51 -3.89 -39.12
CA ASP C 55 -11.89 -5.08 -39.69
C ASP C 55 -10.39 -5.14 -39.42
N TYR C 56 -9.92 -4.32 -38.48
CA TYR C 56 -8.50 -4.31 -38.15
C TYR C 56 -8.12 -5.65 -37.51
N PRO C 57 -6.86 -6.07 -37.66
CA PRO C 57 -6.45 -7.34 -37.05
C PRO C 57 -6.64 -7.32 -35.54
N GLN C 58 -7.36 -8.32 -35.04
CA GLN C 58 -7.53 -8.47 -33.61
C GLN C 58 -6.24 -8.99 -32.99
N TRP C 59 -6.13 -8.84 -31.67
CA TRP C 59 -4.92 -9.17 -30.96
C TRP C 59 -4.75 -10.67 -30.76
N TRP C 60 -5.61 -11.48 -31.36
CA TRP C 60 -5.51 -12.93 -31.22
C TRP C 60 -4.88 -13.62 -32.41
N ARG C 61 -5.02 -13.07 -33.61
CA ARG C 61 -4.30 -13.62 -34.76
C ARG C 61 -2.80 -13.55 -34.52
N LEU C 62 -2.32 -12.49 -33.88
CA LEU C 62 -0.90 -12.39 -33.58
C LEU C 62 -0.47 -13.52 -32.67
N VAL C 63 -1.31 -13.87 -31.70
CA VAL C 63 -0.97 -14.97 -30.81
C VAL C 63 -0.84 -16.27 -31.59
N ASP C 64 -1.76 -16.53 -32.52
CA ASP C 64 -1.69 -17.79 -33.25
C ASP C 64 -0.48 -17.83 -34.19
N LYS C 65 -0.14 -16.70 -34.80
CA LYS C 65 1.06 -16.69 -35.64
C LYS C 65 2.32 -16.89 -34.81
N TYR C 66 2.36 -16.32 -33.60
CA TYR C 66 3.47 -16.61 -32.70
C TYR C 66 3.50 -18.09 -32.32
N HIS C 67 2.32 -18.65 -32.05
CA HIS C 67 2.15 -20.07 -31.76
C HIS C 67 2.53 -20.95 -32.93
N GLU C 68 2.60 -20.38 -34.13
CA GLU C 68 3.10 -21.11 -35.29
C GLU C 68 4.61 -20.97 -35.44
N GLU C 69 5.14 -19.77 -35.18
CA GLU C 69 6.59 -19.59 -35.23
C GLU C 69 7.30 -20.45 -34.19
N LEU C 70 6.69 -20.59 -33.02
CA LEU C 70 7.06 -21.62 -32.07
C LEU C 70 6.25 -22.88 -32.40
N TYR C 71 6.74 -24.03 -31.95
CA TYR C 71 6.07 -25.30 -32.21
C TYR C 71 5.84 -25.51 -33.70
N GLY C 72 4.86 -26.35 -34.06
CA GLY C 72 4.54 -26.56 -35.46
C GLY C 72 3.12 -26.27 -35.89
N SER C 73 2.15 -26.43 -34.98
CA SER C 73 0.74 -26.39 -35.32
C SER C 73 -0.04 -25.68 -34.24
N PRO C 74 -1.27 -25.21 -34.51
CA PRO C 74 -1.97 -24.42 -33.49
C PRO C 74 -2.74 -25.27 -32.49
N LYS C 75 -2.86 -24.72 -31.28
CA LYS C 75 -3.45 -25.45 -30.15
C LYS C 75 -4.87 -25.90 -30.47
N LYS C 76 -5.10 -27.20 -30.44
CA LYS C 76 -6.40 -27.76 -30.74
C LYS C 76 -7.38 -27.41 -29.63
N GLY C 77 -8.57 -26.95 -30.02
CA GLY C 77 -9.54 -26.49 -29.06
C GLY C 77 -9.25 -25.07 -28.63
N ASN C 78 -9.99 -24.63 -27.61
CA ASN C 78 -9.74 -23.31 -27.06
C ASN C 78 -8.32 -23.26 -26.51
N TYR C 79 -7.67 -22.12 -26.70
CA TYR C 79 -6.29 -21.90 -26.28
C TYR C 79 -6.07 -22.11 -24.79
N SER C 80 -6.59 -21.21 -23.94
CA SER C 80 -6.36 -21.28 -22.51
C SER C 80 -7.01 -20.14 -21.76
N SER C 81 -6.92 -20.18 -20.43
CA SER C 81 -7.11 -18.97 -19.64
C SER C 81 -5.78 -18.27 -19.34
N ASP C 82 -4.66 -18.97 -19.42
CA ASP C 82 -3.38 -18.41 -19.02
C ASP C 82 -2.37 -18.27 -20.16
N GLU C 83 -2.32 -19.24 -21.09
CA GLU C 83 -1.37 -19.11 -22.20
C GLU C 83 -1.63 -17.85 -23.01
N TYR C 84 -2.89 -17.42 -23.10
CA TYR C 84 -3.18 -16.18 -23.82
C TYR C 84 -2.36 -15.04 -23.25
N LEU C 85 -2.01 -15.14 -21.97
CA LEU C 85 -1.09 -14.22 -21.34
C LEU C 85 0.34 -14.70 -21.35
N ARG C 86 0.60 -16.00 -21.54
CA ARG C 86 1.95 -16.48 -21.34
C ARG C 86 2.77 -16.49 -22.63
N ILE C 87 2.19 -16.97 -23.73
CA ILE C 87 2.98 -17.22 -24.93
C ILE C 87 3.81 -16.01 -25.38
N PRO C 88 3.26 -14.80 -25.48
CA PRO C 88 4.06 -13.71 -26.07
C PRO C 88 5.35 -13.44 -25.31
N GLN C 89 5.31 -13.55 -23.99
CA GLN C 89 6.53 -13.37 -23.21
C GLN C 89 7.57 -14.44 -23.58
N ILE C 90 7.11 -15.68 -23.76
CA ILE C 90 8.03 -16.73 -24.17
C ILE C 90 8.63 -16.41 -25.53
N PHE C 91 7.79 -15.99 -26.46
CA PHE C 91 8.28 -15.68 -27.80
C PHE C 91 9.34 -14.59 -27.74
N TYR C 92 9.06 -13.52 -26.98
CA TYR C 92 10.03 -12.44 -26.87
C TYR C 92 11.32 -12.91 -26.22
N ASN C 93 11.21 -13.73 -25.16
CA ASN C 93 12.39 -14.07 -24.37
C ASN C 93 13.29 -15.04 -25.11
N VAL C 94 12.72 -16.08 -25.72
CA VAL C 94 13.56 -17.16 -26.23
C VAL C 94 13.42 -17.30 -27.73
N LYS C 95 13.09 -16.22 -28.43
CA LYS C 95 13.15 -16.30 -29.88
C LYS C 95 13.70 -15.02 -30.50
N GLY C 96 14.23 -14.10 -29.69
CA GLY C 96 14.85 -12.91 -30.23
C GLY C 96 13.93 -11.71 -30.33
N GLU C 97 14.48 -10.52 -30.08
CA GLU C 97 13.68 -9.30 -30.14
C GLU C 97 13.42 -8.85 -31.57
N MET C 98 14.38 -9.07 -32.48
CA MET C 98 14.21 -8.58 -33.84
C MET C 98 13.07 -9.31 -34.55
N ALA C 99 12.87 -10.59 -34.25
CA ALA C 99 11.78 -11.34 -34.87
C ALA C 99 10.42 -10.79 -34.49
N PHE C 100 10.25 -10.41 -33.22
CA PHE C 100 8.99 -9.82 -32.78
C PHE C 100 8.67 -8.55 -33.56
N ASP C 101 9.67 -7.67 -33.71
CA ASP C 101 9.47 -6.44 -34.47
C ASP C 101 9.17 -6.76 -35.93
N GLY C 102 9.85 -7.75 -36.49
CA GLY C 102 9.58 -8.14 -37.86
C GLY C 102 8.14 -8.58 -38.06
N ILE C 103 7.66 -9.44 -37.16
CA ILE C 103 6.28 -9.91 -37.26
C ILE C 103 5.30 -8.75 -37.10
N LEU C 104 5.58 -7.85 -36.14
CA LEU C 104 4.74 -6.67 -35.97
C LEU C 104 4.68 -5.86 -37.24
N LYS C 105 5.81 -5.71 -37.92
CA LYS C 105 5.82 -5.02 -39.20
C LYS C 105 4.96 -5.76 -40.22
N ASP C 106 5.07 -7.08 -40.27
CA ASP C 106 4.32 -7.82 -41.28
C ASP C 106 2.82 -7.71 -41.07
N PHE C 107 2.37 -7.65 -39.82
CA PHE C 107 0.93 -7.74 -39.56
C PHE C 107 0.34 -6.50 -38.90
N PHE C 108 1.01 -5.36 -38.95
CA PHE C 108 0.42 -4.13 -38.42
C PHE C 108 0.76 -2.93 -39.29
N GLN C 109 0.62 -3.09 -40.60
CA GLN C 109 0.93 -2.00 -41.53
C GLN C 109 -0.21 -1.69 -42.49
N VAL C 110 -1.29 -2.46 -42.49
CA VAL C 110 -2.35 -2.27 -43.47
C VAL C 110 -3.14 -1.03 -43.11
N ASP C 111 -3.35 -0.17 -44.11
CA ASP C 111 -4.12 1.04 -43.93
C ASP C 111 -5.57 0.78 -44.32
N LYS C 112 -6.50 1.17 -43.45
CA LYS C 112 -7.91 0.90 -43.63
C LYS C 112 -8.69 2.21 -43.56
N PRO C 113 -9.81 2.29 -44.27
CA PRO C 113 -10.65 3.48 -44.18
C PRO C 113 -11.45 3.50 -42.88
N THR C 114 -11.78 4.71 -42.45
CA THR C 114 -12.45 4.89 -41.17
C THR C 114 -13.87 4.32 -41.22
N ASN C 115 -14.44 4.16 -40.05
CA ASN C 115 -15.80 3.71 -39.87
C ASN C 115 -16.69 4.83 -39.36
N PRO C 116 -18.01 4.72 -39.57
CA PRO C 116 -18.91 5.79 -39.11
C PRO C 116 -18.87 6.03 -37.62
N ILE C 117 -18.63 4.98 -36.82
CA ILE C 117 -18.64 5.13 -35.38
C ILE C 117 -17.60 6.13 -34.94
N HIS C 118 -16.48 6.22 -35.65
CA HIS C 118 -15.51 7.27 -35.36
C HIS C 118 -16.16 8.64 -35.48
N ASP C 119 -16.90 8.87 -36.56
CA ASP C 119 -17.51 10.17 -36.76
C ASP C 119 -18.54 10.47 -35.69
N LYS C 120 -19.38 9.50 -35.37
CA LYS C 120 -20.35 9.72 -34.29
C LYS C 120 -19.65 10.01 -32.96
N ILE C 121 -18.57 9.29 -32.67
CA ILE C 121 -17.87 9.49 -31.40
C ILE C 121 -17.30 10.90 -31.33
N LEU C 122 -16.66 11.34 -32.41
CA LEU C 122 -16.10 12.69 -32.42
C LEU C 122 -17.17 13.76 -32.50
N ALA C 123 -18.40 13.39 -32.88
CA ALA C 123 -19.44 14.38 -33.07
C ALA C 123 -19.78 15.12 -31.78
N MET C 124 -19.83 14.41 -30.65
CA MET C 124 -20.41 14.96 -29.44
C MET C 124 -19.46 15.89 -28.68
N ASN C 125 -18.48 16.46 -29.37
CA ASN C 125 -17.51 17.39 -28.79
C ASN C 125 -16.72 16.71 -27.68
N PRO C 126 -15.89 15.74 -28.02
CA PRO C 126 -15.13 15.03 -26.99
C PRO C 126 -13.94 15.85 -26.51
N ALA C 127 -14.15 16.68 -25.49
CA ALA C 127 -13.12 17.56 -24.95
C ALA C 127 -11.76 16.88 -24.86
N HIS C 128 -11.66 15.76 -24.13
CA HIS C 128 -10.45 14.95 -24.06
C HIS C 128 -10.77 13.50 -24.35
N VAL C 129 -9.87 12.83 -25.05
CA VAL C 129 -10.09 11.45 -25.48
C VAL C 129 -8.95 10.57 -24.97
N ILE C 130 -9.30 9.53 -24.23
CA ILE C 130 -8.35 8.53 -23.73
C ILE C 130 -8.57 7.25 -24.52
N THR C 131 -7.53 6.75 -25.15
CA THR C 131 -7.66 5.65 -26.09
C THR C 131 -6.74 4.51 -25.71
N THR C 132 -7.32 3.32 -25.56
CA THR C 132 -6.52 2.11 -25.36
C THR C 132 -5.93 1.60 -26.67
N ASN C 133 -6.64 1.76 -27.77
CA ASN C 133 -6.18 1.22 -29.05
C ASN C 133 -4.82 1.79 -29.42
N TYR C 134 -3.96 0.93 -29.95
CA TYR C 134 -2.63 1.30 -30.41
C TYR C 134 -2.62 1.48 -31.92
N ASP C 135 -3.72 1.99 -32.47
CA ASP C 135 -3.85 2.17 -33.90
C ASP C 135 -4.45 3.54 -34.17
N ASN C 136 -3.82 4.31 -35.06
CA ASN C 136 -4.17 5.72 -35.22
C ASN C 136 -5.27 5.95 -36.26
N LEU C 137 -6.37 5.21 -36.14
CA LEU C 137 -7.54 5.55 -36.92
C LEU C 137 -8.27 6.73 -36.32
N ILE C 138 -8.28 6.85 -34.99
CA ILE C 138 -8.88 8.02 -34.36
C ILE C 138 -8.11 9.27 -34.75
N ASP C 139 -6.80 9.14 -34.99
CA ASP C 139 -6.02 10.28 -35.46
C ASP C 139 -6.53 10.75 -36.82
N THR C 140 -6.71 9.82 -37.75
CA THR C 140 -7.20 10.18 -39.08
C THR C 140 -8.60 10.76 -39.01
N ALA C 141 -9.45 10.21 -38.13
CA ALA C 141 -10.79 10.76 -37.96
C ALA C 141 -10.72 12.20 -37.47
N CYS C 142 -9.87 12.48 -36.50
CA CYS C 142 -9.72 13.85 -36.01
C CYS C 142 -9.21 14.76 -37.11
N TRP C 143 -8.29 14.25 -37.94
CA TRP C 143 -7.78 15.05 -39.04
C TRP C 143 -8.89 15.43 -40.01
N LYS C 144 -9.61 14.43 -40.51
CA LYS C 144 -10.63 14.71 -41.52
C LYS C 144 -11.76 15.53 -40.94
N ARG C 145 -12.07 15.35 -39.66
CA ARG C 145 -13.12 16.14 -39.05
C ARG C 145 -12.62 17.56 -38.76
N GLY C 146 -11.31 17.76 -38.70
CA GLY C 146 -10.71 19.08 -38.69
C GLY C 146 -10.76 19.88 -37.40
N LYS C 147 -10.72 19.21 -36.24
CA LYS C 147 -10.37 19.87 -34.97
C LYS C 147 -9.05 19.33 -34.45
N TYR C 148 -8.15 20.25 -34.09
CA TYR C 148 -6.81 19.92 -33.65
C TYR C 148 -6.84 19.27 -32.26
N PHE C 149 -5.88 18.38 -32.02
CA PHE C 149 -5.72 17.77 -30.71
C PHE C 149 -4.26 17.45 -30.47
N SER C 150 -3.91 17.26 -29.20
CA SER C 150 -2.56 16.94 -28.78
C SER C 150 -2.42 15.44 -28.60
N VAL C 151 -1.42 14.86 -29.27
CA VAL C 151 -1.19 13.42 -29.22
C VAL C 151 -0.01 13.18 -28.30
N ILE C 152 -0.30 13.01 -27.01
CA ILE C 152 0.74 12.68 -26.03
C ILE C 152 0.99 11.18 -26.17
N SER C 153 2.08 10.84 -26.87
CA SER C 153 2.33 9.46 -27.23
C SER C 153 2.91 8.67 -26.07
N ALA C 154 4.02 9.14 -25.52
CA ALA C 154 4.74 8.43 -24.46
C ALA C 154 5.17 9.39 -23.37
N GLU C 155 6.10 8.95 -22.52
CA GLU C 155 6.56 9.76 -21.40
C GLU C 155 7.09 11.11 -21.87
N GLU C 156 7.83 11.13 -22.98
CA GLU C 156 8.59 12.29 -23.41
C GLU C 156 7.72 13.42 -23.94
N ASP C 157 6.39 13.28 -23.88
CA ASP C 157 5.52 14.26 -24.50
C ASP C 157 4.69 15.08 -23.52
N VAL C 158 4.58 14.68 -22.26
CA VAL C 158 3.78 15.43 -21.31
C VAL C 158 4.35 16.82 -21.07
N ALA C 159 5.67 16.98 -21.17
CA ALA C 159 6.31 18.25 -20.89
C ALA C 159 6.13 19.27 -22.02
N ASN C 160 5.93 18.81 -23.25
CA ASN C 160 5.84 19.69 -24.40
C ASN C 160 4.42 19.78 -24.95
N ALA C 161 3.41 19.64 -24.10
CA ALA C 161 2.03 19.63 -24.57
C ALA C 161 1.65 20.97 -25.16
N THR C 162 1.55 21.05 -26.48
CA THR C 162 1.22 22.31 -27.14
C THR C 162 -0.27 22.44 -27.43
N SER C 163 -1.10 22.27 -26.40
CA SER C 163 -2.54 22.49 -26.50
C SER C 163 -3.15 22.25 -25.13
N SER C 164 -4.41 22.63 -24.99
CA SER C 164 -5.16 22.35 -23.78
C SER C 164 -6.15 21.21 -23.95
N ARG C 165 -6.23 20.63 -25.14
CA ARG C 165 -7.04 19.44 -25.38
C ARG C 165 -6.12 18.24 -25.56
N TYR C 166 -6.50 17.12 -24.96
CA TYR C 166 -5.64 15.95 -24.89
C TYR C 166 -6.26 14.75 -25.61
N LEU C 167 -5.44 14.09 -26.40
CA LEU C 167 -5.71 12.77 -26.99
C LEU C 167 -4.61 11.84 -26.48
N LEU C 168 -4.89 11.15 -25.38
CA LEU C 168 -3.87 10.36 -24.71
C LEU C 168 -4.03 8.88 -25.04
N LYS C 169 -2.96 8.29 -25.58
CA LYS C 169 -2.90 6.87 -25.89
C LYS C 169 -2.14 6.19 -24.77
N VAL C 170 -2.88 5.54 -23.87
CA VAL C 170 -2.25 4.94 -22.69
C VAL C 170 -1.32 3.82 -23.07
N ALA C 171 -1.74 2.98 -24.02
CA ALA C 171 -0.96 1.80 -24.38
C ALA C 171 0.34 2.13 -25.10
N GLY C 172 0.53 3.36 -25.56
CA GLY C 172 1.72 3.71 -26.30
C GLY C 172 1.61 3.30 -27.76
N ASP C 173 1.92 4.21 -28.67
CA ASP C 173 1.61 4.02 -30.08
C ASP C 173 2.89 3.91 -30.91
N PHE C 174 2.68 3.77 -32.22
CA PHE C 174 3.72 3.37 -33.16
C PHE C 174 4.33 4.55 -33.92
N ARG C 175 3.96 5.79 -33.58
CA ARG C 175 4.30 6.92 -34.43
C ARG C 175 5.81 7.04 -34.62
N LYS C 176 6.57 6.93 -33.52
CA LYS C 176 8.01 7.07 -33.62
C LYS C 176 8.64 5.97 -34.46
N GLY C 177 7.93 4.88 -34.70
CA GLY C 177 8.44 3.79 -35.49
C GLY C 177 7.95 2.45 -34.95
N PHE C 178 8.07 1.42 -35.77
CA PHE C 178 7.58 0.10 -35.43
C PHE C 178 8.67 -0.66 -34.69
N LYS C 179 8.68 -0.51 -33.36
CA LYS C 179 9.59 -1.25 -32.51
C LYS C 179 8.84 -1.69 -31.26
N GLY C 180 9.33 -2.75 -30.63
CA GLY C 180 8.64 -3.34 -29.50
C GLY C 180 8.58 -2.47 -28.27
N GLU C 181 9.64 -1.73 -27.98
CA GLU C 181 9.74 -1.01 -26.71
C GLU C 181 8.81 0.18 -26.62
N ASN C 182 8.17 0.58 -27.72
CA ASN C 182 7.25 1.72 -27.69
C ASN C 182 5.80 1.32 -27.49
N VAL C 183 5.50 0.02 -27.39
CA VAL C 183 4.12 -0.45 -27.29
C VAL C 183 4.01 -1.42 -26.14
N VAL C 184 2.84 -1.47 -25.51
CA VAL C 184 2.62 -2.30 -24.34
C VAL C 184 1.83 -3.52 -24.81
N LEU C 185 2.56 -4.57 -25.16
CA LEU C 185 1.97 -5.82 -25.60
C LEU C 185 2.43 -7.02 -24.79
N LYS C 186 3.69 -7.06 -24.36
CA LYS C 186 4.20 -8.16 -23.56
C LYS C 186 3.77 -8.00 -22.10
N GLU C 187 4.02 -9.03 -21.30
CA GLU C 187 3.57 -9.02 -19.92
C GLU C 187 4.57 -8.37 -18.97
N ASP C 188 5.86 -8.45 -19.29
CA ASP C 188 6.84 -7.76 -18.47
C ASP C 188 6.58 -6.26 -18.44
N ASP C 189 6.23 -5.70 -19.60
CA ASP C 189 5.82 -4.30 -19.66
C ASP C 189 4.55 -4.03 -18.87
N TYR C 190 3.77 -5.07 -18.55
CA TYR C 190 2.60 -4.90 -17.71
C TYR C 190 2.98 -4.80 -16.24
N LEU C 191 3.79 -5.75 -15.77
CA LEU C 191 4.15 -5.77 -14.35
C LEU C 191 4.94 -4.53 -13.97
N ASN C 192 5.70 -3.97 -14.92
CA ASN C 192 6.48 -2.76 -14.69
C ASN C 192 5.79 -1.52 -15.27
N TYR C 193 4.48 -1.59 -15.49
CA TYR C 193 3.77 -0.48 -16.11
C TYR C 193 3.85 0.77 -15.25
N ASP C 194 3.67 0.62 -13.94
CA ASP C 194 3.72 1.78 -13.06
C ASP C 194 5.08 2.45 -13.06
N GLN C 195 6.16 1.66 -13.13
CA GLN C 195 7.49 2.25 -13.10
C GLN C 195 7.80 3.00 -14.39
N ASN C 196 7.25 2.56 -15.52
CA ASN C 196 7.68 3.07 -16.81
C ASN C 196 6.86 4.25 -17.31
N TYR C 197 5.62 4.40 -16.86
CA TYR C 197 4.73 5.47 -17.34
C TYR C 197 4.03 6.15 -16.16
N PRO C 198 4.78 6.87 -15.33
CA PRO C 198 4.17 7.48 -14.13
C PRO C 198 3.24 8.64 -14.45
N LEU C 199 3.76 9.62 -15.20
CA LEU C 199 2.98 10.82 -15.47
C LEU C 199 1.75 10.51 -16.30
N ILE C 200 1.88 9.61 -17.27
CA ILE C 200 0.71 9.21 -18.04
C ILE C 200 -0.37 8.68 -17.10
N SER C 201 0.02 7.83 -16.17
CA SER C 201 -0.96 7.22 -15.28
C SER C 201 -1.63 8.25 -14.39
N ASN C 202 -0.84 9.14 -13.77
CA ASN C 202 -1.48 10.07 -12.83
C ASN C 202 -2.29 11.11 -13.58
N LEU C 203 -1.86 11.47 -14.80
CA LEU C 203 -2.67 12.35 -15.63
C LEU C 203 -3.98 11.70 -15.99
N MET C 204 -3.97 10.40 -16.29
CA MET C 204 -5.21 9.68 -16.54
C MET C 204 -6.10 9.70 -15.31
N LYS C 205 -5.49 9.47 -14.13
CA LYS C 205 -6.24 9.54 -12.89
C LYS C 205 -6.91 10.91 -12.73
N THR C 206 -6.15 11.98 -12.92
CA THR C 206 -6.69 13.32 -12.73
C THR C 206 -7.81 13.61 -13.71
N ILE C 207 -7.58 13.29 -14.99
CA ILE C 207 -8.59 13.54 -16.00
C ILE C 207 -9.87 12.80 -15.68
N ILE C 208 -9.76 11.54 -15.24
CA ILE C 208 -10.94 10.80 -14.83
C ILE C 208 -11.60 11.47 -13.64
N ALA C 209 -10.82 12.06 -12.75
CA ALA C 209 -11.38 12.66 -11.55
C ALA C 209 -12.25 13.87 -11.88
N THR C 210 -11.74 14.80 -12.70
CA THR C 210 -12.34 16.11 -12.83
C THR C 210 -13.23 16.25 -14.06
N HIS C 211 -13.78 15.14 -14.55
CA HIS C 211 -14.69 15.19 -15.69
C HIS C 211 -15.68 14.04 -15.57
N THR C 212 -16.53 13.91 -16.59
CA THR C 212 -17.46 12.80 -16.69
C THR C 212 -16.95 11.81 -17.72
N ILE C 213 -17.06 10.53 -17.42
CA ILE C 213 -16.46 9.46 -18.20
C ILE C 213 -17.56 8.58 -18.76
N VAL C 214 -17.51 8.31 -20.06
CA VAL C 214 -18.46 7.40 -20.70
C VAL C 214 -17.66 6.35 -21.45
N PHE C 215 -17.99 5.09 -21.22
CA PHE C 215 -17.23 3.98 -21.79
C PHE C 215 -17.94 3.41 -23.01
N ILE C 216 -17.17 3.11 -24.05
CA ILE C 216 -17.70 2.49 -25.25
C ILE C 216 -16.65 1.56 -25.84
N GLY C 217 -17.10 0.47 -26.45
CA GLY C 217 -16.20 -0.43 -27.13
C GLY C 217 -15.36 -1.29 -26.23
N TYR C 218 -15.78 -1.52 -24.99
CA TYR C 218 -15.04 -2.35 -24.07
C TYR C 218 -15.92 -3.49 -23.60
N GLY C 219 -15.28 -4.59 -23.20
CA GLY C 219 -16.01 -5.71 -22.66
C GLY C 219 -16.27 -5.55 -21.18
N LEU C 220 -16.72 -6.62 -20.52
CA LEU C 220 -16.95 -6.58 -19.07
C LEU C 220 -15.83 -7.30 -18.32
N GLY C 221 -14.72 -7.60 -18.99
CA GLY C 221 -13.64 -8.29 -18.34
C GLY C 221 -12.26 -7.81 -18.73
N ASP C 222 -12.19 -6.78 -19.58
CA ASP C 222 -10.90 -6.26 -19.98
C ASP C 222 -10.12 -5.79 -18.77
N TYR C 223 -8.83 -6.09 -18.76
CA TYR C 223 -8.02 -5.96 -17.55
C TYR C 223 -7.93 -4.50 -17.10
N ASN C 224 -7.77 -3.59 -18.05
CA ASN C 224 -7.65 -2.18 -17.70
C ASN C 224 -8.90 -1.67 -17.01
N ILE C 225 -10.07 -2.12 -17.48
CA ILE C 225 -11.31 -1.77 -16.81
C ILE C 225 -11.27 -2.23 -15.36
N ASN C 226 -10.76 -3.43 -15.14
CA ASN C 226 -10.67 -3.95 -13.78
C ASN C 226 -9.77 -3.09 -12.92
N MET C 227 -8.61 -2.70 -13.44
CA MET C 227 -7.68 -1.92 -12.62
C MET C 227 -8.27 -0.55 -12.27
N LEU C 228 -8.83 0.14 -13.27
CA LEU C 228 -9.38 1.47 -13.00
C LEU C 228 -10.56 1.38 -12.03
N LEU C 229 -11.43 0.38 -12.25
CA LEU C 229 -12.58 0.20 -11.37
C LEU C 229 -12.15 -0.08 -9.93
N ASN C 230 -11.19 -0.99 -9.76
CA ASN C 230 -10.71 -1.31 -8.41
C ASN C 230 -10.15 -0.07 -7.74
N TRP C 231 -9.31 0.68 -8.45
CA TRP C 231 -8.73 1.88 -7.88
C TRP C 231 -9.82 2.84 -7.43
N VAL C 232 -10.77 3.13 -8.31
CA VAL C 232 -11.83 4.09 -8.00
C VAL C 232 -12.61 3.63 -6.78
N ARG C 233 -13.06 2.38 -6.79
CA ARG C 233 -13.98 1.94 -5.75
C ARG C 233 -13.27 1.69 -4.42
N LYS C 234 -11.96 1.51 -4.43
CA LYS C 234 -11.30 1.19 -3.17
C LYS C 234 -10.67 2.42 -2.52
N LEU C 235 -10.06 3.29 -3.31
CA LEU C 235 -9.28 4.37 -2.69
C LEU C 235 -10.11 5.63 -2.47
N GLN C 236 -10.85 6.07 -3.49
CA GLN C 236 -11.68 7.26 -3.36
C GLN C 236 -12.84 7.00 -2.42
N LYS C 237 -13.16 7.99 -1.58
CA LYS C 237 -14.12 7.73 -0.50
C LYS C 237 -15.57 7.87 -0.97
N ASP C 238 -16.02 9.09 -1.22
CA ASP C 238 -17.40 9.28 -1.64
C ASP C 238 -17.61 10.45 -2.61
N SER C 239 -16.55 10.97 -3.22
CA SER C 239 -16.67 12.21 -3.97
C SER C 239 -16.25 12.04 -5.43
N PHE C 240 -16.69 10.95 -6.06
CA PHE C 240 -16.45 10.74 -7.48
C PHE C 240 -17.80 10.55 -8.17
N HIS C 241 -17.94 11.14 -9.35
CA HIS C 241 -19.14 10.91 -10.14
C HIS C 241 -19.10 9.50 -10.71
N LYS C 242 -20.19 8.76 -10.55
CA LYS C 242 -20.25 7.39 -11.01
C LYS C 242 -20.15 7.35 -12.53
N PRO C 243 -19.14 6.72 -13.10
CA PRO C 243 -19.00 6.75 -14.56
C PRO C 243 -20.01 5.84 -15.25
N PHE C 244 -20.04 5.97 -16.57
CA PHE C 244 -21.01 5.27 -17.41
C PHE C 244 -20.31 4.33 -18.39
N PHE C 245 -20.95 3.19 -18.61
CA PHE C 245 -20.46 2.12 -19.47
C PHE C 245 -21.61 1.68 -20.34
N ILE C 246 -21.31 1.43 -21.61
CA ILE C 246 -22.33 1.05 -22.59
C ILE C 246 -21.96 -0.36 -23.06
N ARG C 247 -22.84 -1.33 -22.78
CA ARG C 247 -22.55 -2.71 -23.15
C ARG C 247 -23.22 -3.05 -24.47
N THR C 248 -22.44 -3.58 -25.40
CA THR C 248 -22.89 -3.89 -26.75
C THR C 248 -22.51 -5.31 -27.12
N ASP C 249 -22.79 -6.26 -26.23
CA ASP C 249 -22.56 -7.67 -26.49
C ASP C 249 -23.87 -8.34 -26.89
N PRO C 250 -23.81 -9.39 -27.71
CA PRO C 250 -25.03 -10.01 -28.25
C PRO C 250 -25.73 -10.91 -27.24
N SER C 251 -26.05 -10.36 -26.08
CA SER C 251 -26.80 -11.09 -25.07
C SER C 251 -27.48 -10.07 -24.16
N PRO C 252 -28.75 -10.30 -23.79
CA PRO C 252 -29.42 -9.42 -22.83
C PRO C 252 -28.78 -9.52 -21.46
N ILE C 253 -28.72 -8.40 -20.74
CA ILE C 253 -28.19 -8.42 -19.38
C ILE C 253 -29.04 -9.29 -18.50
N GLU C 254 -28.40 -9.97 -17.54
CA GLU C 254 -29.12 -10.59 -16.44
C GLU C 254 -29.06 -9.70 -15.21
N ASN C 255 -30.19 -9.65 -14.50
CA ASN C 255 -30.45 -8.53 -13.60
C ASN C 255 -29.40 -8.45 -12.49
N GLU C 256 -29.01 -9.59 -11.92
CA GLU C 256 -28.10 -9.59 -10.79
C GLU C 256 -26.77 -8.91 -11.14
N THR C 257 -26.28 -9.14 -12.36
CA THR C 257 -25.06 -8.48 -12.80
C THR C 257 -25.22 -6.97 -12.76
N LEU C 258 -26.38 -6.47 -13.17
CA LEU C 258 -26.61 -5.03 -13.15
C LEU C 258 -26.53 -4.51 -11.73
N ILE C 259 -27.15 -5.20 -10.78
CA ILE C 259 -27.12 -4.75 -9.39
C ILE C 259 -25.69 -4.74 -8.86
N TYR C 260 -24.94 -5.82 -9.15
CA TYR C 260 -23.57 -5.90 -8.67
C TYR C 260 -22.74 -4.75 -9.21
N TYR C 261 -22.88 -4.46 -10.49
CA TYR C 261 -22.08 -3.39 -11.07
C TYR C 261 -22.48 -2.02 -10.52
N GLU C 262 -23.79 -1.76 -10.36
CA GLU C 262 -24.16 -0.47 -9.78
C GLU C 262 -23.61 -0.33 -8.36
N ASN C 263 -23.73 -1.37 -7.55
CA ASN C 263 -23.16 -1.31 -6.22
C ASN C 263 -21.65 -1.09 -6.28
N LYS C 264 -21.02 -1.59 -7.33
CA LYS C 264 -19.58 -1.52 -7.46
C LYS C 264 -19.12 -0.20 -8.07
N GLY C 265 -20.03 0.62 -8.55
CA GLY C 265 -19.74 2.00 -8.86
C GLY C 265 -19.81 2.45 -10.33
N LEU C 266 -20.47 1.71 -11.20
CA LEU C 266 -20.63 2.08 -12.59
C LEU C 266 -22.11 2.05 -12.94
N ARG C 267 -22.48 2.73 -14.03
CA ARG C 267 -23.86 2.70 -14.50
C ARG C 267 -23.89 2.27 -15.96
N ILE C 268 -24.71 1.27 -16.27
CA ILE C 268 -24.63 0.53 -17.52
C ILE C 268 -25.79 0.87 -18.44
N ILE C 269 -25.51 0.85 -19.74
CA ILE C 269 -26.49 1.12 -20.79
C ILE C 269 -26.59 -0.16 -21.62
N ASP C 270 -27.77 -0.76 -21.66
CA ASP C 270 -27.94 -2.03 -22.35
C ASP C 270 -28.50 -1.82 -23.75
N ALA C 271 -27.65 -2.00 -24.76
CA ALA C 271 -28.11 -1.91 -26.14
C ALA C 271 -29.14 -2.99 -26.44
N ALA C 272 -28.92 -4.20 -25.92
CA ALA C 272 -29.86 -5.29 -26.16
C ALA C 272 -31.26 -4.92 -25.71
N SER C 273 -31.38 -4.19 -24.60
CA SER C 273 -32.68 -3.68 -24.18
C SER C 273 -33.18 -2.56 -25.06
N LEU C 274 -32.35 -2.03 -25.96
CA LEU C 274 -32.72 -0.90 -26.79
C LEU C 274 -33.00 -1.27 -28.24
N ILE C 275 -32.60 -2.46 -28.68
CA ILE C 275 -32.79 -2.87 -30.06
C ILE C 275 -32.66 -4.38 -30.13
N ASP C 276 -33.33 -4.98 -31.12
CA ASP C 276 -33.27 -6.43 -31.32
C ASP C 276 -32.76 -6.68 -32.74
N SER C 277 -31.65 -7.42 -32.84
CA SER C 277 -31.07 -7.74 -34.14
C SER C 277 -30.33 -9.08 -34.02
N ASN C 278 -29.69 -9.48 -35.11
CA ASN C 278 -28.96 -10.75 -35.14
C ASN C 278 -27.60 -10.60 -34.47
N GLU C 279 -26.88 -11.72 -34.38
CA GLU C 279 -25.62 -11.75 -33.63
C GLU C 279 -24.58 -10.83 -34.25
N TYR C 280 -24.32 -10.99 -35.54
CA TYR C 280 -23.21 -10.28 -36.19
C TYR C 280 -23.70 -8.95 -36.78
N ASP C 281 -24.26 -8.13 -35.90
CA ASP C 281 -24.69 -6.79 -36.26
C ASP C 281 -24.16 -5.79 -35.23
N TYR C 282 -22.87 -5.94 -34.89
CA TYR C 282 -22.24 -5.03 -33.95
C TYR C 282 -22.36 -3.59 -34.43
N LEU C 283 -22.15 -3.37 -35.73
CA LEU C 283 -22.30 -2.03 -36.28
C LEU C 283 -23.72 -1.51 -36.08
N GLU C 284 -24.72 -2.36 -36.28
CA GLU C 284 -26.10 -1.91 -36.18
C GLU C 284 -26.43 -1.39 -34.80
N ARG C 285 -26.19 -2.20 -33.77
CA ARG C 285 -26.55 -1.79 -32.42
C ARG C 285 -25.62 -0.70 -31.89
N TYR C 286 -24.33 -0.76 -32.27
CA TYR C 286 -23.42 0.32 -31.93
C TYR C 286 -23.97 1.65 -32.44
N SER C 287 -24.29 1.70 -33.73
CA SER C 287 -24.79 2.93 -34.33
C SER C 287 -26.12 3.32 -33.71
N ALA C 288 -26.93 2.35 -33.31
CA ALA C 288 -28.17 2.68 -32.62
C ALA C 288 -27.88 3.44 -31.34
N VAL C 289 -26.91 2.95 -30.55
CA VAL C 289 -26.59 3.61 -29.30
C VAL C 289 -26.03 5.01 -29.56
N MET C 290 -25.06 5.11 -30.47
CA MET C 290 -24.52 6.43 -30.78
C MET C 290 -25.62 7.37 -31.23
N ASP C 291 -26.45 6.95 -32.18
CA ASP C 291 -27.50 7.82 -32.70
C ASP C 291 -28.46 8.27 -31.61
N LEU C 292 -28.84 7.36 -30.71
CA LEU C 292 -29.61 7.78 -29.55
C LEU C 292 -28.88 8.86 -28.77
N LEU C 293 -27.54 8.81 -28.75
CA LEU C 293 -26.81 9.89 -28.11
C LEU C 293 -26.78 11.17 -28.95
N ILE C 294 -26.78 11.07 -30.29
CA ILE C 294 -26.51 12.23 -31.13
C ILE C 294 -27.69 13.20 -31.19
N GLU C 295 -28.91 12.75 -30.90
CA GLU C 295 -30.05 13.63 -31.07
C GLU C 295 -30.06 14.69 -29.97
N SER C 296 -28.93 15.39 -29.91
CA SER C 296 -28.77 16.44 -28.89
C SER C 296 -29.86 17.46 -29.15
N GLN C 297 -30.80 17.09 -30.02
CA GLN C 297 -31.95 17.99 -30.23
C GLN C 297 -32.31 18.52 -28.85
N GLU C 298 -32.59 17.60 -27.92
CA GLU C 298 -33.06 17.94 -26.56
C GLU C 298 -34.42 18.59 -26.70
N ASN C 299 -34.54 19.50 -27.65
CA ASN C 299 -35.90 20.01 -27.95
C ASN C 299 -36.71 18.72 -28.12
N LYS C 300 -36.02 17.59 -28.37
CA LYS C 300 -36.89 16.42 -28.48
C LYS C 300 -37.34 15.91 -27.12
N PHE C 301 -36.79 16.43 -26.03
CA PHE C 301 -37.13 15.99 -24.69
C PHE C 301 -38.41 16.68 -24.22
N ILE C 302 -38.68 16.59 -22.91
CA ILE C 302 -39.80 17.23 -22.21
C ILE C 302 -41.02 16.33 -22.37
N THR C 303 -41.80 16.56 -23.43
CA THR C 303 -42.94 15.72 -23.80
C THR C 303 -44.02 15.65 -22.73
N LYS C 304 -43.88 16.41 -21.66
CA LYS C 304 -44.88 16.44 -20.59
C LYS C 304 -45.13 17.87 -20.15
N ASP C 305 -46.34 18.11 -19.63
CA ASP C 305 -46.75 19.46 -19.28
C ASP C 305 -45.88 20.05 -18.18
N ASP C 306 -45.58 19.25 -17.15
CA ASP C 306 -44.81 19.76 -16.03
C ASP C 306 -43.40 20.17 -16.40
N GLU C 307 -42.75 19.44 -17.31
CA GLU C 307 -41.35 19.72 -17.63
C GLU C 307 -41.17 21.06 -18.33
N VAL C 308 -42.20 21.58 -18.98
CA VAL C 308 -42.12 22.91 -19.57
C VAL C 308 -41.84 23.94 -18.49
N ILE C 309 -42.54 23.82 -17.36
CA ILE C 309 -42.35 24.77 -16.27
C ILE C 309 -40.92 24.71 -15.75
N ASP C 310 -40.39 23.51 -15.53
CA ASP C 310 -39.03 23.40 -15.03
C ASP C 310 -38.02 23.94 -16.03
N TYR C 311 -38.21 23.66 -17.32
CA TYR C 311 -37.29 24.19 -18.33
C TYR C 311 -37.29 25.72 -18.31
N ILE C 312 -38.47 26.32 -18.41
CA ILE C 312 -38.55 27.77 -18.43
C ILE C 312 -37.92 28.35 -17.18
N TYR C 313 -38.33 27.85 -16.01
CA TYR C 313 -37.84 28.39 -14.74
C TYR C 313 -36.33 28.25 -14.63
N GLY C 314 -35.80 27.06 -14.91
CA GLY C 314 -34.37 26.85 -14.83
C GLY C 314 -33.60 27.73 -15.79
N LYS C 315 -34.25 28.18 -16.86
CA LYS C 315 -33.57 29.13 -17.72
C LYS C 315 -33.70 30.58 -17.25
N ILE C 316 -34.83 30.97 -16.63
CA ILE C 316 -35.11 32.37 -16.42
C ILE C 316 -34.82 32.83 -15.00
N SER C 317 -35.09 32.01 -13.99
CA SER C 317 -35.12 32.48 -12.62
C SER C 317 -33.88 33.23 -12.16
N PRO C 318 -32.64 32.84 -12.52
CA PRO C 318 -31.49 33.63 -12.06
C PRO C 318 -31.52 35.08 -12.50
N LEU C 319 -32.32 35.42 -13.51
CA LEU C 319 -32.45 36.79 -13.96
C LEU C 319 -33.37 37.61 -13.07
N PHE C 320 -33.87 37.03 -11.98
CA PHE C 320 -34.77 37.75 -11.09
C PHE C 320 -34.09 38.86 -10.31
N ALA C 321 -32.76 38.93 -10.33
CA ALA C 321 -32.06 39.98 -9.59
C ALA C 321 -32.25 41.34 -10.24
N LEU C 322 -32.11 41.41 -11.56
CA LEU C 322 -32.29 42.67 -12.25
C LEU C 322 -33.75 43.12 -12.16
N GLN C 323 -33.96 44.41 -12.41
CA GLN C 323 -35.28 44.99 -12.19
C GLN C 323 -36.14 45.01 -13.44
N TYR C 324 -35.56 44.72 -14.60
CA TYR C 324 -36.26 44.65 -15.88
C TYR C 324 -35.26 44.21 -16.93
N ILE C 325 -35.77 43.58 -18.00
CA ILE C 325 -34.91 43.04 -19.04
C ILE C 325 -35.39 43.55 -20.39
N ARG C 326 -34.43 44.02 -21.21
CA ARG C 326 -34.76 44.48 -22.55
C ARG C 326 -35.35 43.34 -23.37
N LYS C 327 -36.47 43.63 -24.03
CA LYS C 327 -37.18 42.58 -24.75
C LYS C 327 -36.32 42.02 -25.86
N ILE C 328 -35.65 42.89 -26.62
CA ILE C 328 -34.82 42.47 -27.74
C ILE C 328 -33.64 41.62 -27.28
N ASP C 329 -33.47 41.46 -25.98
CA ASP C 329 -32.40 40.59 -25.47
C ASP C 329 -32.87 39.18 -25.19
N LEU C 330 -34.15 38.97 -24.85
CA LEU C 330 -34.58 37.62 -24.47
C LEU C 330 -34.37 36.62 -25.59
N LYS C 331 -34.22 37.10 -26.83
CA LYS C 331 -33.94 36.21 -27.94
C LYS C 331 -32.71 35.36 -27.66
N HIS C 332 -31.68 35.96 -27.06
CA HIS C 332 -30.48 35.20 -26.76
C HIS C 332 -30.70 34.23 -25.59
N VAL C 333 -31.67 34.51 -24.74
CA VAL C 333 -31.89 33.67 -23.56
C VAL C 333 -32.26 32.26 -23.98
N PHE C 334 -33.06 32.13 -25.03
CA PHE C 334 -33.58 30.83 -25.45
C PHE C 334 -32.79 30.24 -26.61
N GLU C 335 -31.60 30.76 -26.89
CA GLU C 335 -30.72 30.25 -27.93
C GLU C 335 -31.41 30.27 -29.30
N TYR C 336 -31.82 31.48 -29.71
CA TYR C 336 -32.38 31.75 -31.02
C TYR C 336 -33.59 30.90 -31.34
N ASP C 337 -34.24 30.33 -30.32
CA ASP C 337 -35.37 29.44 -30.56
C ASP C 337 -36.53 30.20 -31.20
N TYR C 338 -36.85 31.37 -30.68
CA TYR C 338 -37.97 32.16 -31.18
C TYR C 338 -37.49 33.57 -31.50
N HIS C 339 -38.42 34.41 -31.94
CA HIS C 339 -38.21 35.84 -32.08
C HIS C 339 -39.24 36.60 -31.26
N PHE C 340 -38.77 37.50 -30.40
CA PHE C 340 -39.65 38.36 -29.63
C PHE C 340 -39.72 39.72 -30.31
N GLU C 341 -40.94 40.20 -30.57
CA GLU C 341 -41.09 41.50 -31.18
C GLU C 341 -41.18 42.55 -30.09
N VAL C 342 -40.76 43.78 -30.42
CA VAL C 342 -40.64 44.79 -29.39
C VAL C 342 -41.99 45.15 -28.77
N ASN C 343 -43.09 44.92 -29.48
CA ASN C 343 -44.41 45.22 -28.97
C ASN C 343 -44.94 44.18 -27.99
N GLY C 344 -44.50 42.93 -28.12
CA GLY C 344 -44.96 41.90 -27.23
C GLY C 344 -45.55 40.70 -27.94
N THR C 345 -45.23 40.55 -29.22
CA THR C 345 -45.69 39.42 -30.02
C THR C 345 -44.53 38.46 -30.23
N VAL C 346 -44.69 37.23 -29.76
CA VAL C 346 -43.69 36.19 -29.92
C VAL C 346 -43.99 35.44 -31.21
N VAL C 347 -42.95 34.95 -31.88
CA VAL C 347 -43.11 34.16 -33.09
C VAL C 347 -42.07 33.05 -33.11
N ARG C 348 -42.44 31.91 -33.68
CA ARG C 348 -41.52 30.78 -33.77
C ARG C 348 -40.53 31.01 -34.91
N HIS C 349 -39.24 30.88 -34.59
CA HIS C 349 -38.17 31.15 -35.54
C HIS C 349 -37.36 29.90 -35.85
N LYS C 350 -36.87 29.20 -34.82
CA LYS C 350 -36.01 28.04 -35.01
C LYS C 350 -36.49 26.77 -34.32
N ASN C 351 -37.69 26.78 -33.73
CA ASN C 351 -38.15 25.62 -32.99
C ASN C 351 -38.47 24.46 -33.92
N LYS C 352 -37.99 23.27 -33.56
CA LYS C 352 -38.25 22.05 -34.34
C LYS C 352 -38.80 20.94 -33.46
N GLY C 353 -39.12 21.25 -32.21
CA GLY C 353 -39.66 20.26 -31.30
C GLY C 353 -40.89 20.80 -30.60
N PHE C 354 -41.18 20.27 -29.41
CA PHE C 354 -42.32 20.78 -28.65
C PHE C 354 -42.06 22.24 -28.26
N GLY C 355 -43.08 23.07 -28.48
CA GLY C 355 -42.97 24.50 -28.24
C GLY C 355 -43.37 24.93 -26.85
N TYR C 356 -42.38 25.22 -25.99
CA TYR C 356 -42.69 25.54 -24.60
C TYR C 356 -43.47 26.85 -24.49
N MET C 357 -43.15 27.83 -25.34
CA MET C 357 -43.78 29.13 -25.18
C MET C 357 -45.25 29.12 -25.57
N GLU C 358 -45.62 28.48 -26.69
CA GLU C 358 -47.04 28.42 -27.03
C GLU C 358 -47.83 27.59 -26.03
N ARG C 359 -47.21 26.54 -25.48
CA ARG C 359 -47.88 25.82 -24.41
C ARG C 359 -48.03 26.69 -23.16
N PHE C 360 -47.04 27.53 -22.87
CA PHE C 360 -47.09 28.38 -21.70
C PHE C 360 -48.15 29.47 -21.85
N PHE C 361 -48.20 30.10 -23.01
CA PHE C 361 -49.23 31.11 -23.25
C PHE C 361 -50.62 30.49 -23.14
N GLU C 362 -50.81 29.28 -23.69
CA GLU C 362 -52.14 28.68 -23.62
C GLU C 362 -52.49 28.27 -22.20
N LEU C 363 -51.51 27.79 -21.42
CA LEU C 363 -51.83 27.49 -20.03
C LEU C 363 -52.17 28.75 -19.26
N LYS C 364 -51.60 29.89 -19.64
CA LYS C 364 -52.10 31.14 -19.11
C LYS C 364 -53.55 31.36 -19.57
N GLU C 365 -53.82 31.06 -20.85
CA GLU C 365 -55.15 31.32 -21.40
C GLU C 365 -56.21 30.49 -20.70
N SER C 366 -55.92 29.21 -20.43
CA SER C 366 -56.87 28.35 -19.77
C SER C 366 -56.79 28.56 -18.25
N CYS C 367 -57.94 28.71 -17.61
CA CYS C 367 -57.97 28.94 -16.17
C CYS C 367 -58.30 27.69 -15.38
N ASP C 368 -59.04 26.74 -15.98
CA ASP C 368 -59.36 25.50 -15.27
C ASP C 368 -58.19 24.52 -15.28
N GLU C 369 -57.41 24.50 -16.36
CA GLU C 369 -56.32 23.54 -16.49
C GLU C 369 -55.18 23.82 -15.53
N ARG C 370 -55.16 24.98 -14.88
CA ARG C 370 -54.14 25.27 -13.88
C ARG C 370 -54.20 24.28 -12.72
N SER C 371 -55.39 23.75 -12.43
CA SER C 371 -55.52 22.76 -11.38
C SER C 371 -54.75 21.49 -11.71
N LYS C 372 -54.63 21.17 -13.00
CA LYS C 372 -53.93 19.96 -13.44
C LYS C 372 -52.42 20.20 -13.41
N LEU C 373 -51.94 20.62 -12.24
CA LEU C 373 -50.54 20.88 -12.02
C LEU C 373 -50.22 20.60 -10.56
N SER C 374 -48.94 20.36 -10.29
CA SER C 374 -48.49 20.05 -8.95
C SER C 374 -48.66 21.26 -8.03
N LYS C 375 -48.78 20.98 -6.74
CA LYS C 375 -48.83 22.06 -5.75
C LYS C 375 -47.54 22.87 -5.76
N LYS C 376 -46.39 22.19 -5.84
CA LYS C 376 -45.13 22.89 -5.98
C LYS C 376 -45.10 23.71 -7.27
N GLN C 377 -45.58 23.12 -8.36
CA GLN C 377 -45.68 23.85 -9.63
C GLN C 377 -46.93 24.71 -9.68
N TYR C 378 -47.18 25.44 -8.60
CA TYR C 378 -48.16 26.51 -8.57
C TYR C 378 -47.52 27.85 -8.24
N GLU C 379 -46.70 27.88 -7.19
CA GLU C 379 -45.93 29.09 -6.90
C GLU C 379 -44.94 29.39 -8.00
N ARG C 380 -44.38 28.35 -8.62
CA ARG C 380 -43.49 28.56 -9.77
C ARG C 380 -44.25 29.23 -10.91
N PHE C 381 -45.45 28.74 -11.20
CA PHE C 381 -46.26 29.37 -12.24
C PHE C 381 -46.59 30.82 -11.87
N ASN C 382 -46.94 31.05 -10.60
CA ASN C 382 -47.30 32.40 -10.19
C ASN C 382 -46.13 33.36 -10.34
N ALA C 383 -44.94 32.96 -9.89
CA ALA C 383 -43.78 33.82 -10.02
C ALA C 383 -43.40 34.05 -11.47
N LEU C 384 -43.47 32.99 -12.28
CA LEU C 384 -43.12 33.13 -13.69
C LEU C 384 -44.11 34.05 -14.40
N PHE C 385 -45.39 33.93 -14.05
CA PHE C 385 -46.41 34.82 -14.58
C PHE C 385 -46.16 36.27 -14.17
N ASN C 386 -45.83 36.49 -12.88
CA ASN C 386 -45.55 37.86 -12.43
C ASN C 386 -44.37 38.45 -13.18
N PHE C 387 -43.32 37.66 -13.38
CA PHE C 387 -42.18 38.12 -14.16
C PHE C 387 -42.60 38.49 -15.58
N PHE C 388 -43.15 37.54 -16.32
CA PHE C 388 -43.53 37.79 -17.70
C PHE C 388 -44.49 38.97 -17.84
N GLU C 389 -45.40 39.14 -16.88
CA GLU C 389 -46.26 40.31 -16.89
C GLU C 389 -45.44 41.58 -16.68
N LYS C 390 -44.44 41.54 -15.80
CA LYS C 390 -43.65 42.73 -15.52
C LYS C 390 -42.91 43.21 -16.75
N ASN C 391 -42.34 42.30 -17.52
CA ASN C 391 -41.64 42.69 -18.74
C ASN C 391 -42.58 42.88 -19.92
N GLY C 392 -43.87 42.60 -19.75
CA GLY C 392 -44.83 42.83 -20.80
C GLY C 392 -44.66 41.95 -22.01
N VAL C 393 -44.85 40.64 -21.84
CA VAL C 393 -44.91 39.70 -22.95
C VAL C 393 -46.35 39.21 -22.97
N ILE C 394 -47.17 39.80 -23.83
CA ILE C 394 -48.62 39.67 -23.68
C ILE C 394 -49.11 38.32 -24.21
N CYS C 395 -48.93 38.07 -25.50
CA CYS C 395 -49.60 36.92 -26.12
C CYS C 395 -48.81 36.48 -27.34
N MET C 396 -49.22 35.34 -27.90
CA MET C 396 -48.71 34.81 -29.14
C MET C 396 -49.16 35.69 -30.30
N ALA C 397 -48.37 35.68 -31.38
CA ALA C 397 -48.65 36.57 -32.51
C ALA C 397 -50.03 36.31 -33.10
N LYS C 398 -50.47 35.04 -33.14
CA LYS C 398 -51.74 34.72 -33.76
C LYS C 398 -52.92 35.29 -32.97
N ASP C 399 -52.83 35.30 -31.65
CA ASP C 399 -53.95 35.76 -30.82
C ASP C 399 -53.75 37.17 -30.29
N ALA C 400 -52.80 37.93 -30.83
CA ALA C 400 -52.56 39.29 -30.37
C ALA C 400 -53.70 40.21 -30.79
N GLY C 401 -54.26 40.94 -29.84
CA GLY C 401 -55.33 41.89 -30.10
C GLY C 401 -54.83 43.32 -30.21
N THR C 402 -55.66 44.24 -29.72
CA THR C 402 -55.31 45.65 -29.67
C THR C 402 -54.25 45.84 -28.59
N LEU C 403 -53.03 46.18 -29.00
CA LEU C 403 -51.92 46.32 -28.08
C LEU C 403 -51.67 47.78 -27.74
N ASN C 404 -51.64 48.07 -26.43
CA ASN C 404 -51.29 49.39 -25.93
C ASN C 404 -49.93 49.32 -25.26
N THR C 405 -49.25 50.46 -25.23
CA THR C 405 -47.93 50.53 -24.61
C THR C 405 -47.85 51.82 -23.80
N SER C 406 -47.71 51.67 -22.49
CA SER C 406 -47.48 52.80 -21.60
C SER C 406 -46.06 52.69 -21.05
N ILE C 407 -45.31 53.77 -21.15
CA ILE C 407 -43.90 53.78 -20.79
C ILE C 407 -43.80 54.25 -19.35
N GLU C 408 -43.23 53.40 -18.48
CA GLU C 408 -43.34 53.58 -17.04
C GLU C 408 -41.97 53.27 -16.41
N ILE C 409 -40.92 53.99 -16.83
CA ILE C 409 -39.69 53.88 -16.07
C ILE C 409 -39.91 54.34 -14.65
N ASN C 410 -39.43 53.55 -13.68
CA ASN C 410 -39.73 53.74 -12.28
C ASN C 410 -38.55 54.21 -11.45
N SER C 411 -37.32 54.07 -11.96
CA SER C 411 -36.15 54.54 -11.22
C SER C 411 -36.28 56.03 -10.90
N LEU C 412 -36.03 56.38 -9.64
CA LEU C 412 -36.34 57.72 -9.17
C LEU C 412 -35.59 58.78 -9.94
N ALA C 413 -34.40 58.46 -10.45
CA ALA C 413 -33.55 59.50 -11.01
C ALA C 413 -34.21 60.18 -12.20
N TYR C 414 -34.77 59.39 -13.12
CA TYR C 414 -35.39 59.96 -14.30
C TYR C 414 -36.49 60.95 -13.96
N HIS C 415 -37.18 60.76 -12.84
CA HIS C 415 -38.26 61.68 -12.52
C HIS C 415 -37.77 63.06 -12.14
N GLY C 416 -36.46 63.24 -11.99
CA GLY C 416 -35.90 64.55 -11.73
C GLY C 416 -36.17 65.09 -10.34
N LYS C 417 -36.69 64.26 -9.45
CA LYS C 417 -37.00 64.65 -8.08
C LYS C 417 -35.75 64.39 -7.25
N TYR C 418 -34.98 65.45 -7.02
CA TYR C 418 -33.68 65.32 -6.38
C TYR C 418 -33.74 65.31 -4.86
N ASP C 419 -34.63 66.11 -4.28
CA ASP C 419 -34.65 66.28 -2.83
C ASP C 419 -34.94 64.96 -2.13
N VAL C 420 -35.91 64.20 -2.64
CA VAL C 420 -36.22 62.90 -2.03
C VAL C 420 -34.99 62.01 -2.08
N MET C 421 -34.24 62.08 -3.17
CA MET C 421 -32.99 61.34 -3.22
C MET C 421 -32.01 61.86 -2.18
N LYS C 422 -32.03 63.16 -1.91
CA LYS C 422 -31.18 63.69 -0.85
C LYS C 422 -31.54 63.08 0.49
N LYS C 423 -32.84 62.93 0.77
CA LYS C 423 -33.26 62.27 2.00
C LYS C 423 -32.80 60.82 2.01
N PHE C 424 -32.90 60.14 0.86
CA PHE C 424 -32.53 58.73 0.80
C PHE C 424 -31.04 58.58 1.06
N ILE C 425 -30.23 59.48 0.51
CA ILE C 425 -28.78 59.35 0.61
C ILE C 425 -28.34 59.25 2.07
N GLU C 426 -28.90 60.10 2.92
CA GLU C 426 -28.56 60.10 4.34
C GLU C 426 -29.60 59.25 5.07
N GLU C 427 -29.39 57.93 5.02
CA GLU C 427 -30.29 57.00 5.69
C GLU C 427 -29.53 55.73 6.03
N GLN C 428 -30.10 54.95 6.95
CA GLN C 428 -29.46 53.73 7.41
C GLN C 428 -29.33 52.72 6.27
N SER C 429 -28.25 51.94 6.31
CA SER C 429 -28.00 50.87 5.35
C SER C 429 -28.41 49.54 5.97
N VAL C 430 -29.23 48.78 5.25
CA VAL C 430 -29.78 47.54 5.81
C VAL C 430 -29.46 46.35 4.92
N SER C 431 -29.04 46.61 3.68
CA SER C 431 -28.75 45.52 2.75
C SER C 431 -27.80 46.03 1.67
N ILE C 432 -27.23 45.09 0.91
CA ILE C 432 -26.29 45.43 -0.13
C ILE C 432 -27.00 46.12 -1.30
N GLU C 433 -28.19 45.65 -1.65
CA GLU C 433 -28.88 46.19 -2.82
C GLU C 433 -29.24 47.66 -2.61
N ASP C 434 -29.74 48.01 -1.42
CA ASP C 434 -30.01 49.42 -1.15
C ASP C 434 -28.71 50.21 -1.15
N ASP C 435 -27.61 49.58 -0.73
CA ASP C 435 -26.32 50.25 -0.83
C ASP C 435 -25.99 50.56 -2.28
N TYR C 436 -26.26 49.62 -3.18
CA TYR C 436 -26.04 49.84 -4.62
C TYR C 436 -26.89 51.00 -5.12
N LYS C 437 -28.15 51.03 -4.71
CA LYS C 437 -29.02 52.13 -5.14
C LYS C 437 -28.50 53.46 -4.62
N LYS C 438 -28.03 53.48 -3.36
CA LYS C 438 -27.44 54.69 -2.82
C LYS C 438 -26.22 55.11 -3.62
N ALA C 439 -25.37 54.15 -3.99
CA ALA C 439 -24.15 54.48 -4.73
C ALA C 439 -24.49 55.09 -6.08
N PHE C 440 -25.45 54.49 -6.78
CA PHE C 440 -25.88 55.06 -8.05
C PHE C 440 -26.42 56.47 -7.84
N PHE C 441 -27.18 56.67 -6.77
CA PHE C 441 -27.74 57.99 -6.49
C PHE C 441 -26.63 59.00 -6.22
N LEU C 442 -25.61 58.60 -5.46
CA LEU C 442 -24.46 59.48 -5.23
C LEU C 442 -23.79 59.84 -6.54
N ALA C 443 -23.58 58.83 -7.39
CA ALA C 443 -22.93 59.10 -8.68
C ALA C 443 -23.74 60.09 -9.49
N CYS C 444 -25.07 59.95 -9.45
CA CYS C 444 -25.90 60.91 -10.17
C CYS C 444 -25.77 62.30 -9.55
N LEU C 445 -25.64 62.39 -8.24
CA LEU C 445 -25.68 63.70 -7.58
C LEU C 445 -24.47 64.54 -7.94
N GLY C 446 -23.28 63.96 -7.85
CA GLY C 446 -22.08 64.72 -8.16
C GLY C 446 -20.98 64.58 -7.13
N ARG C 447 -21.29 63.98 -5.97
CA ARG C 447 -20.28 63.73 -4.94
C ARG C 447 -19.50 62.47 -5.33
N TRP C 448 -18.62 62.65 -6.32
CA TRP C 448 -17.92 61.52 -6.92
C TRP C 448 -17.00 60.84 -5.91
N GLU C 449 -16.41 61.62 -5.00
CA GLU C 449 -15.60 61.05 -3.93
C GLU C 449 -16.34 59.94 -3.22
N GLU C 450 -17.45 60.29 -2.57
CA GLU C 450 -18.20 59.33 -1.77
C GLU C 450 -18.74 58.19 -2.63
N SER C 451 -19.04 58.47 -3.90
CA SER C 451 -19.46 57.40 -4.79
C SER C 451 -18.36 56.35 -4.93
N TYR C 452 -17.13 56.80 -5.17
CA TYR C 452 -16.04 55.83 -5.26
C TYR C 452 -15.85 55.10 -3.94
N ASP C 453 -15.89 55.82 -2.82
CA ASP C 453 -15.66 55.13 -1.56
C ASP C 453 -16.73 54.06 -1.32
N LEU C 454 -18.00 54.40 -1.52
CA LEU C 454 -19.07 53.44 -1.31
C LEU C 454 -18.95 52.28 -2.28
N TYR C 455 -18.58 52.55 -3.53
CA TYR C 455 -18.41 51.46 -4.49
C TYR C 455 -17.30 50.51 -4.04
N SER C 456 -16.19 51.06 -3.57
CA SER C 456 -15.11 50.20 -3.10
C SER C 456 -15.57 49.34 -1.93
N ASN C 457 -16.29 49.95 -0.98
CA ASN C 457 -16.80 49.16 0.14
C ASN C 457 -17.74 48.08 -0.35
N ILE C 458 -18.57 48.39 -1.34
CA ILE C 458 -19.56 47.40 -1.77
C ILE C 458 -18.88 46.24 -2.50
N ILE C 459 -17.86 46.51 -3.32
CA ILE C 459 -17.19 45.38 -3.98
C ILE C 459 -16.46 44.55 -2.95
N LEU C 460 -15.84 45.20 -1.96
CA LEU C 460 -15.17 44.45 -0.91
C LEU C 460 -16.16 43.57 -0.15
N ASN C 461 -17.33 44.11 0.17
CA ASN C 461 -18.29 43.36 0.95
C ASN C 461 -18.88 42.20 0.16
N SER C 462 -19.37 42.48 -1.05
CA SER C 462 -20.30 41.56 -1.73
C SER C 462 -19.71 40.18 -1.98
N ILE C 463 -18.45 39.95 -1.63
CA ILE C 463 -17.80 38.68 -1.94
C ILE C 463 -18.46 37.51 -1.22
N ASP C 464 -18.94 37.73 0.02
CA ASP C 464 -19.40 36.62 0.84
C ASP C 464 -20.60 35.92 0.22
N GLU C 465 -21.55 36.68 -0.31
CA GLU C 465 -22.86 36.15 -0.68
C GLU C 465 -22.79 35.40 -2.00
N SER C 466 -23.93 34.84 -2.40
CA SER C 466 -24.06 34.09 -3.64
C SER C 466 -24.55 35.03 -4.75
N ASN C 467 -24.85 34.45 -5.92
CA ASN C 467 -25.41 35.11 -7.10
C ASN C 467 -24.91 36.53 -7.28
N GLY C 468 -23.60 36.72 -7.22
CA GLY C 468 -23.02 38.04 -7.17
C GLY C 468 -23.07 38.82 -8.47
N CYS C 469 -24.27 38.97 -9.04
CA CYS C 469 -24.44 39.92 -10.13
C CYS C 469 -24.03 41.31 -9.70
N VAL C 470 -24.20 41.59 -8.41
CA VAL C 470 -23.78 42.88 -7.86
C VAL C 470 -22.31 43.12 -8.14
N TYR C 471 -21.49 42.09 -8.00
CA TYR C 471 -20.06 42.25 -8.22
C TYR C 471 -19.80 42.73 -9.64
N TYR C 472 -20.45 42.09 -10.61
CA TYR C 472 -20.28 42.50 -12.01
C TYR C 472 -20.71 43.93 -12.23
N LEU C 473 -21.95 44.27 -11.85
CA LEU C 473 -22.41 45.59 -12.23
C LEU C 473 -21.64 46.66 -11.48
N SER C 474 -21.16 46.32 -10.28
CA SER C 474 -20.34 47.26 -9.53
C SER C 474 -19.00 47.48 -10.20
N GLN C 475 -18.40 46.42 -10.73
CA GLN C 475 -17.13 46.60 -11.44
C GLN C 475 -17.31 47.47 -12.65
N ILE C 476 -18.39 47.25 -13.41
CA ILE C 476 -18.63 48.11 -14.57
C ILE C 476 -18.81 49.55 -14.14
N ASN C 477 -19.60 49.77 -13.09
CA ASN C 477 -19.83 51.13 -12.63
C ASN C 477 -18.53 51.78 -12.17
N ARG C 478 -17.69 51.03 -11.47
CA ARG C 478 -16.41 51.56 -11.00
C ARG C 478 -15.54 51.99 -12.18
N TYR C 479 -15.42 51.13 -13.18
CA TYR C 479 -14.62 51.48 -14.34
C TYR C 479 -15.17 52.72 -15.01
N ARG C 480 -16.48 52.79 -15.19
CA ARG C 480 -17.05 53.92 -15.89
C ARG C 480 -16.86 55.22 -15.12
N ILE C 481 -16.99 55.18 -13.79
CA ILE C 481 -16.78 56.41 -13.05
C ILE C 481 -15.31 56.77 -13.04
N TYR C 482 -14.43 55.78 -13.17
CA TYR C 482 -12.99 56.10 -13.27
C TYR C 482 -12.70 56.86 -14.55
N GLN C 483 -13.25 56.40 -15.67
CA GLN C 483 -13.14 57.21 -16.90
C GLN C 483 -13.83 58.57 -16.74
N SER C 484 -14.94 58.62 -15.99
CA SER C 484 -15.62 59.90 -15.79
C SER C 484 -14.70 60.88 -15.08
N ILE C 485 -14.13 60.46 -13.95
CA ILE C 485 -13.25 61.33 -13.18
C ILE C 485 -12.02 61.69 -14.00
N THR C 486 -11.51 60.74 -14.80
CA THR C 486 -10.36 61.01 -15.63
C THR C 486 -10.64 62.11 -16.64
N GLN C 487 -11.78 62.01 -17.33
CA GLN C 487 -12.14 63.05 -18.29
C GLN C 487 -12.38 64.38 -17.59
N ALA C 488 -12.96 64.33 -16.40
CA ALA C 488 -13.23 65.55 -15.64
C ALA C 488 -11.94 66.27 -15.30
N VAL C 489 -10.94 65.53 -14.81
CA VAL C 489 -9.68 66.20 -14.45
C VAL C 489 -8.93 66.61 -15.70
N THR C 490 -9.12 65.89 -16.81
CA THR C 490 -8.54 66.31 -18.07
C THR C 490 -9.08 67.67 -18.51
N GLN C 491 -10.39 67.86 -18.42
CA GLN C 491 -11.00 69.09 -18.89
C GLN C 491 -10.81 70.25 -17.92
N PHE C 492 -11.03 70.00 -16.62
CA PHE C 492 -11.05 71.06 -15.62
C PHE C 492 -9.71 71.77 -15.52
N ASN C 493 -8.67 71.01 -15.16
CA ASN C 493 -7.34 71.59 -15.08
C ASN C 493 -6.81 71.98 -16.45
N GLY C 494 -7.31 71.35 -17.52
CA GLY C 494 -6.94 71.77 -18.84
C GLY C 494 -7.37 73.20 -19.14
N LEU C 495 -8.58 73.57 -18.69
CA LEU C 495 -9.06 74.91 -18.93
C LEU C 495 -8.59 75.91 -17.88
N GLY C 496 -8.51 75.50 -16.62
CA GLY C 496 -7.93 76.34 -15.58
C GLY C 496 -8.90 77.25 -14.85
N LEU C 497 -8.43 78.45 -14.49
CA LEU C 497 -9.23 79.37 -13.68
C LEU C 497 -10.46 79.84 -14.43
N LEU C 498 -10.35 80.03 -15.74
CA LEU C 498 -11.47 80.56 -16.53
C LEU C 498 -12.68 79.65 -16.49
N THR C 499 -12.51 78.39 -16.10
CA THR C 499 -13.65 77.46 -16.06
C THR C 499 -14.71 77.95 -15.09
N PHE C 500 -14.30 78.43 -13.92
CA PHE C 500 -15.24 78.88 -12.90
C PHE C 500 -14.76 80.15 -12.21
N GLY C 501 -13.94 80.95 -12.90
CA GLY C 501 -13.41 82.16 -12.30
C GLY C 501 -12.52 81.90 -11.12
N ARG C 502 -11.95 80.70 -11.02
CA ARG C 502 -11.15 80.30 -9.88
C ARG C 502 -10.39 79.03 -10.24
N HIS C 503 -9.13 78.95 -9.78
CA HIS C 503 -8.32 77.75 -9.96
C HIS C 503 -8.83 76.67 -9.00
N TYR C 504 -10.05 76.21 -9.27
CA TYR C 504 -10.75 75.29 -8.39
C TYR C 504 -10.48 73.86 -8.84
N LYS C 505 -9.74 73.12 -8.02
CA LYS C 505 -9.52 71.70 -8.27
C LYS C 505 -10.52 70.92 -7.43
N PRO C 506 -11.55 70.33 -8.04
CA PRO C 506 -12.52 69.56 -7.24
C PRO C 506 -11.88 68.39 -6.49
N PHE C 507 -10.91 67.73 -7.11
CA PHE C 507 -10.26 66.58 -6.50
C PHE C 507 -8.88 66.95 -5.99
N THR C 508 -8.41 66.21 -5.00
CA THR C 508 -7.09 66.39 -4.43
C THR C 508 -6.15 65.29 -4.92
N ASP C 509 -4.86 65.54 -4.78
CA ASP C 509 -3.86 64.58 -5.22
C ASP C 509 -3.98 63.24 -4.49
N GLU C 510 -4.58 63.24 -3.30
CA GLU C 510 -4.82 61.99 -2.59
C GLU C 510 -5.67 61.04 -3.44
N PHE C 511 -6.82 61.55 -3.93
CA PHE C 511 -7.71 60.74 -4.74
C PHE C 511 -7.05 60.33 -6.05
N LEU C 512 -6.39 61.28 -6.71
CA LEU C 512 -5.77 60.98 -8.00
C LEU C 512 -4.70 59.90 -7.85
N ALA C 513 -3.84 60.04 -6.83
CA ALA C 513 -2.79 59.07 -6.62
C ALA C 513 -3.37 57.70 -6.30
N ARG C 514 -4.38 57.66 -5.43
CA ARG C 514 -4.96 56.37 -5.04
C ARG C 514 -5.60 55.69 -6.25
N ILE C 515 -6.37 56.43 -7.04
CA ILE C 515 -7.02 55.81 -8.19
C ILE C 515 -5.98 55.38 -9.22
N GLU C 516 -4.92 56.18 -9.40
CA GLU C 516 -3.89 55.83 -10.37
C GLU C 516 -3.20 54.53 -9.99
N ARG C 517 -2.85 54.37 -8.71
CA ARG C 517 -2.21 53.10 -8.34
C ARG C 517 -3.22 51.97 -8.28
N GLU C 518 -4.51 52.26 -8.09
CA GLU C 518 -5.47 51.18 -7.94
C GLU C 518 -5.89 50.61 -9.30
N MET C 519 -6.50 51.43 -10.15
CA MET C 519 -7.10 50.90 -11.38
C MET C 519 -6.06 50.48 -12.39
N THR C 520 -4.92 51.17 -12.46
CA THR C 520 -3.96 50.89 -13.53
C THR C 520 -3.31 49.54 -13.28
N ASN C 521 -3.97 48.48 -13.74
CA ASN C 521 -3.60 47.09 -13.48
C ASN C 521 -4.74 46.20 -13.95
N PHE C 522 -5.97 46.71 -13.81
CA PHE C 522 -7.15 45.98 -14.21
C PHE C 522 -7.53 46.34 -15.63
N ASN C 523 -8.14 45.39 -16.34
CA ASN C 523 -8.63 45.62 -17.69
C ASN C 523 -10.07 45.15 -17.78
N ILE C 524 -10.86 45.84 -18.61
CA ILE C 524 -12.28 45.57 -18.74
C ILE C 524 -12.59 44.54 -19.82
N ASP C 525 -11.65 44.24 -20.70
CA ASP C 525 -11.97 43.47 -21.90
C ASP C 525 -11.98 41.97 -21.67
N ASP C 526 -11.70 41.48 -20.45
CA ASP C 526 -11.68 40.05 -20.22
C ASP C 526 -12.55 39.60 -19.06
N LEU C 527 -13.24 40.53 -18.38
CA LEU C 527 -13.86 40.20 -17.10
C LEU C 527 -14.90 39.10 -17.26
N PHE C 528 -15.70 39.17 -18.33
CA PHE C 528 -16.78 38.20 -18.51
C PHE C 528 -16.24 36.79 -18.64
N ASN C 529 -15.03 36.64 -19.18
CA ASN C 529 -14.37 35.34 -19.12
C ASN C 529 -14.01 34.99 -17.68
N GLY C 530 -13.65 35.99 -16.87
CA GLY C 530 -13.08 35.74 -15.56
C GLY C 530 -14.01 35.07 -14.57
N MET C 531 -15.27 35.49 -14.52
CA MET C 531 -16.21 34.94 -13.56
C MET C 531 -16.44 33.45 -13.89
N PRO C 532 -16.79 32.64 -12.89
CA PRO C 532 -16.95 31.21 -13.14
C PRO C 532 -18.03 30.90 -14.17
N PHE C 533 -17.99 29.65 -14.67
CA PHE C 533 -18.93 29.24 -15.70
C PHE C 533 -20.37 29.32 -15.24
N GLU C 534 -20.63 29.23 -13.95
CA GLU C 534 -22.01 29.33 -13.50
C GLU C 534 -22.61 30.67 -13.91
N PHE C 535 -21.92 31.76 -13.59
CA PHE C 535 -22.41 33.08 -13.97
C PHE C 535 -22.42 33.23 -15.48
N GLN C 536 -21.41 32.70 -16.16
CA GLN C 536 -21.29 32.90 -17.60
C GLN C 536 -22.41 32.17 -18.33
N LYS C 537 -22.86 31.04 -17.78
CA LYS C 537 -24.06 30.39 -18.29
C LYS C 537 -25.31 31.18 -17.97
N LYS C 538 -25.62 31.34 -16.67
CA LYS C 538 -26.95 31.84 -16.32
C LYS C 538 -27.12 33.30 -16.72
N TYR C 539 -26.03 34.03 -16.86
CA TYR C 539 -26.12 35.48 -16.99
C TYR C 539 -25.52 35.97 -18.28
N LYS C 540 -25.85 35.31 -19.39
CA LYS C 540 -25.24 35.67 -20.68
C LYS C 540 -25.58 37.10 -21.09
N ILE C 541 -26.72 37.64 -20.64
CA ILE C 541 -27.16 38.93 -21.14
C ILE C 541 -26.19 40.03 -20.73
N LEU C 542 -25.82 40.06 -19.45
CA LEU C 542 -25.06 41.18 -18.91
C LEU C 542 -23.59 41.11 -19.31
N GLU C 543 -23.38 41.05 -20.62
CA GLU C 543 -22.05 41.08 -21.19
C GLU C 543 -21.86 42.22 -22.16
N PHE C 544 -22.93 42.63 -22.84
CA PHE C 544 -22.82 43.74 -23.76
C PHE C 544 -22.48 45.03 -23.03
N LEU C 545 -22.68 45.08 -21.73
CA LEU C 545 -22.27 46.24 -20.96
C LEU C 545 -20.76 46.42 -20.99
N SER C 546 -20.02 45.31 -20.89
CA SER C 546 -18.56 45.40 -20.79
C SER C 546 -17.97 46.10 -21.99
N ASP C 547 -18.33 45.66 -23.19
CA ASP C 547 -17.94 46.34 -24.41
C ASP C 547 -18.97 47.42 -24.71
N ASN C 548 -18.90 47.98 -25.91
CA ASN C 548 -19.82 49.03 -26.31
C ASN C 548 -20.98 48.53 -27.16
N GLN C 549 -21.08 47.22 -27.38
CA GLN C 549 -21.94 46.72 -28.45
C GLN C 549 -23.39 47.15 -28.29
N PHE C 550 -23.97 46.97 -27.10
CA PHE C 550 -25.41 47.13 -26.95
C PHE C 550 -25.90 48.54 -27.23
N LEU C 551 -25.03 49.54 -27.13
CA LEU C 551 -25.50 50.89 -27.39
C LEU C 551 -25.64 51.20 -28.88
N TYR C 552 -25.21 50.29 -29.76
CA TYR C 552 -25.28 50.55 -31.20
C TYR C 552 -25.93 49.43 -31.99
N ASP C 553 -25.85 48.18 -31.53
CA ASP C 553 -26.44 47.08 -32.29
C ASP C 553 -27.92 47.30 -32.51
N ASP C 554 -28.58 48.00 -31.60
CA ASP C 554 -29.95 48.43 -31.86
C ASP C 554 -30.02 49.53 -32.91
N THR C 555 -28.92 50.24 -33.15
CA THR C 555 -28.97 51.49 -33.89
C THR C 555 -28.65 51.35 -35.37
N VAL C 556 -27.96 50.29 -35.78
CA VAL C 556 -27.82 50.03 -37.22
C VAL C 556 -29.19 49.88 -37.84
N LYS C 557 -30.10 49.21 -37.16
CA LYS C 557 -31.47 49.13 -37.61
C LYS C 557 -32.14 50.51 -37.60
N LEU C 558 -31.70 51.39 -36.69
CA LEU C 558 -32.22 52.75 -36.72
C LEU C 558 -31.77 53.49 -37.97
N PHE C 559 -30.52 53.29 -38.38
CA PHE C 559 -30.10 53.78 -39.70
C PHE C 559 -30.96 53.17 -40.80
N GLU C 560 -31.20 51.86 -40.72
CA GLU C 560 -31.99 51.17 -41.74
C GLU C 560 -33.39 51.75 -41.84
N LEU C 561 -33.92 52.27 -40.74
CA LEU C 561 -35.26 52.83 -40.77
C LEU C 561 -35.29 54.30 -41.14
N THR C 562 -34.25 55.06 -40.79
CA THR C 562 -34.30 56.49 -41.05
C THR C 562 -34.28 56.81 -42.54
N ASN C 563 -33.49 56.08 -43.32
CA ASN C 563 -33.46 56.35 -44.76
C ASN C 563 -34.79 55.97 -45.41
N LYS C 564 -35.39 54.87 -44.94
CA LYS C 564 -36.71 54.48 -45.46
C LYS C 564 -37.74 55.54 -45.15
N VAL C 565 -37.70 56.09 -43.93
CA VAL C 565 -38.63 57.16 -43.58
C VAL C 565 -38.37 58.39 -44.43
N ARG C 566 -37.09 58.71 -44.70
CA ARG C 566 -36.78 59.91 -45.46
C ARG C 566 -37.14 59.74 -46.93
N SER C 567 -37.11 58.51 -47.45
CA SER C 567 -37.58 58.27 -48.81
C SER C 567 -39.10 58.32 -48.86
N GLU C 568 -39.77 57.80 -47.83
CA GLU C 568 -41.22 57.92 -47.72
C GLU C 568 -41.61 59.39 -47.63
N MET C 569 -40.73 60.21 -47.05
CA MET C 569 -40.93 61.66 -46.98
C MET C 569 -41.38 62.22 -48.34
N SER C 570 -40.65 61.85 -49.40
CA SER C 570 -40.92 62.41 -50.73
C SER C 570 -41.88 61.54 -51.52
N GLU C 571 -41.75 60.21 -51.45
CA GLU C 571 -42.56 59.35 -52.31
C GLU C 571 -44.06 59.44 -52.00
N GLY C 572 -44.42 59.74 -50.76
CA GLY C 572 -45.82 60.00 -50.42
C GLY C 572 -46.70 58.78 -50.27
N SER C 573 -46.13 57.57 -50.24
CA SER C 573 -46.93 56.38 -49.98
C SER C 573 -47.41 56.38 -48.54
N TYR C 574 -48.18 55.36 -48.18
CA TYR C 574 -48.77 55.28 -46.86
C TYR C 574 -48.25 54.08 -46.08
N SER C 575 -47.93 54.32 -44.81
CA SER C 575 -47.47 53.28 -43.91
C SER C 575 -48.64 52.71 -43.12
N PHE C 576 -48.52 51.45 -42.74
CA PHE C 576 -49.62 50.75 -42.07
C PHE C 576 -49.06 49.84 -40.99
N GLY C 577 -49.93 49.53 -40.02
CA GLY C 577 -49.53 48.65 -38.94
C GLY C 577 -48.45 49.27 -38.07
N MET C 578 -47.54 48.43 -37.60
CA MET C 578 -46.42 48.88 -36.77
C MET C 578 -45.37 49.50 -37.69
N SER C 579 -45.60 50.76 -38.03
CA SER C 579 -44.69 51.48 -38.91
C SER C 579 -43.37 51.75 -38.18
N SER C 580 -42.43 52.33 -38.94
CA SER C 580 -41.08 52.54 -38.41
C SER C 580 -41.10 53.41 -37.17
N ASP C 581 -41.95 54.44 -37.14
CA ASP C 581 -41.98 55.34 -36.01
C ASP C 581 -42.36 54.62 -34.72
N ILE C 582 -43.35 53.73 -34.79
CA ILE C 582 -43.79 53.02 -33.60
C ILE C 582 -42.67 52.12 -33.07
N VAL C 583 -42.05 51.35 -33.95
CA VAL C 583 -41.02 50.41 -33.50
C VAL C 583 -39.82 51.18 -32.96
N VAL C 584 -39.47 52.30 -33.59
CA VAL C 584 -38.38 53.11 -33.06
C VAL C 584 -38.71 53.61 -31.68
N LEU C 585 -39.94 54.10 -31.49
CA LEU C 585 -40.31 54.68 -30.20
C LEU C 585 -40.26 53.64 -29.10
N LEU C 586 -40.86 52.46 -29.33
CA LEU C 586 -40.80 51.41 -28.32
C LEU C 586 -39.38 50.93 -28.05
N ARG C 587 -38.56 50.77 -29.08
CA ARG C 587 -37.18 50.34 -28.83
C ARG C 587 -36.43 51.37 -28.00
N LEU C 588 -36.60 52.65 -28.32
CA LEU C 588 -35.91 53.69 -27.59
C LEU C 588 -36.32 53.68 -26.13
N TYR C 589 -37.64 53.62 -25.88
CA TYR C 589 -38.12 53.60 -24.51
C TYR C 589 -37.63 52.37 -23.76
N ASP C 590 -37.60 51.21 -24.42
CA ASP C 590 -37.13 49.99 -23.77
C ASP C 590 -35.67 50.14 -23.33
N ASN C 591 -34.82 50.64 -24.23
CA ASN C 591 -33.41 50.80 -23.89
C ASN C 591 -33.24 51.73 -22.70
N LEU C 592 -33.93 52.87 -22.72
CA LEU C 592 -33.76 53.82 -21.63
C LEU C 592 -34.27 53.22 -20.33
N ARG C 593 -35.40 52.51 -20.40
CA ARG C 593 -35.97 51.90 -19.21
C ARG C 593 -34.97 50.97 -18.55
N PHE C 594 -34.41 50.04 -19.32
CA PHE C 594 -33.46 49.12 -18.72
C PHE C 594 -32.28 49.86 -18.12
N LEU C 595 -31.68 50.77 -18.89
CA LEU C 595 -30.43 51.36 -18.45
C LEU C 595 -30.59 52.15 -17.16
N TYR C 596 -31.65 52.94 -17.02
CA TYR C 596 -31.81 53.64 -15.75
C TYR C 596 -32.29 52.73 -14.64
N GLU C 597 -33.25 51.85 -14.90
CA GLU C 597 -33.83 51.08 -13.80
C GLU C 597 -32.77 50.21 -13.12
N ASN C 598 -31.90 49.57 -13.90
CA ASN C 598 -30.91 48.74 -13.22
C ASN C 598 -29.69 49.52 -12.74
N CYS C 599 -29.65 50.83 -12.95
CA CYS C 599 -28.66 51.72 -12.34
C CYS C 599 -27.23 51.37 -12.77
N LEU C 600 -26.97 51.50 -14.07
CA LEU C 600 -25.63 51.43 -14.64
C LEU C 600 -25.25 52.82 -15.12
N TRP C 601 -24.11 53.32 -14.65
CA TRP C 601 -23.83 54.75 -14.78
C TRP C 601 -23.65 55.21 -16.23
N SER C 602 -23.46 54.27 -17.16
CA SER C 602 -23.00 54.58 -18.51
C SER C 602 -23.83 55.66 -19.21
N VAL C 603 -25.03 55.93 -18.70
CA VAL C 603 -25.88 56.97 -19.29
C VAL C 603 -25.17 58.30 -19.35
N SER C 604 -24.14 58.47 -18.52
CA SER C 604 -23.37 59.70 -18.53
C SER C 604 -22.49 59.83 -19.76
N PHE C 605 -22.24 58.75 -20.48
CA PHE C 605 -21.36 58.80 -21.64
C PHE C 605 -22.11 59.36 -22.85
N HIS C 606 -21.34 59.80 -23.84
CA HIS C 606 -21.89 60.63 -24.91
C HIS C 606 -22.67 59.81 -25.93
N GLU C 607 -22.29 58.55 -26.16
CA GLU C 607 -22.90 57.81 -27.25
C GLU C 607 -24.38 57.54 -26.98
N PHE C 608 -24.73 57.33 -25.71
CA PHE C 608 -26.15 57.20 -25.37
C PHE C 608 -26.89 58.48 -25.71
N HIS C 609 -26.26 59.63 -25.45
CA HIS C 609 -26.88 60.89 -25.83
C HIS C 609 -27.06 60.98 -27.34
N GLN C 610 -26.07 60.55 -28.10
CA GLN C 610 -26.20 60.56 -29.55
C GLN C 610 -27.42 59.75 -29.98
N TYR C 611 -27.53 58.54 -29.44
CA TYR C 611 -28.61 57.64 -29.84
C TYR C 611 -29.97 58.25 -29.49
N ILE C 612 -30.13 58.66 -28.24
CA ILE C 612 -31.40 59.25 -27.82
C ILE C 612 -31.75 60.46 -28.67
N ARG C 613 -30.76 61.30 -28.98
CA ARG C 613 -31.10 62.57 -29.61
C ARG C 613 -31.48 62.36 -31.07
N ASN C 614 -30.73 61.50 -31.78
CA ASN C 614 -31.12 61.24 -33.16
C ASN C 614 -32.47 60.53 -33.23
N SER C 615 -32.74 59.61 -32.30
CA SER C 615 -34.04 58.95 -32.31
C SER C 615 -35.15 59.97 -32.13
N MET C 616 -34.99 60.86 -31.16
CA MET C 616 -35.98 61.90 -30.96
C MET C 616 -36.14 62.75 -32.21
N SER C 617 -35.02 63.06 -32.87
CA SER C 617 -35.07 63.87 -34.09
C SER C 617 -35.92 63.19 -35.15
N LEU C 618 -35.71 61.89 -35.35
CA LEU C 618 -36.51 61.16 -36.31
C LEU C 618 -37.98 61.22 -35.94
N LEU C 619 -38.27 61.10 -34.65
CA LEU C 619 -39.67 61.20 -34.21
C LEU C 619 -40.26 62.55 -34.58
N ILE C 620 -39.51 63.63 -34.36
CA ILE C 620 -40.04 64.96 -34.68
C ILE C 620 -40.29 65.11 -36.17
N GLU C 621 -39.37 64.63 -37.01
CA GLU C 621 -39.59 64.74 -38.44
C GLU C 621 -40.83 63.95 -38.86
N LYS C 622 -41.01 62.74 -38.30
CA LYS C 622 -42.17 61.95 -38.68
C LYS C 622 -43.46 62.64 -38.28
N ALA C 623 -43.49 63.22 -37.07
CA ALA C 623 -44.68 63.96 -36.64
C ALA C 623 -44.93 65.16 -37.54
N GLU C 624 -43.87 65.87 -37.94
CA GLU C 624 -44.04 67.02 -38.80
C GLU C 624 -44.64 66.63 -40.14
N TYR C 625 -44.23 65.48 -40.70
CA TYR C 625 -44.91 64.98 -41.88
C TYR C 625 -46.37 64.70 -41.56
N GLU C 626 -46.64 63.98 -40.48
CA GLU C 626 -48.01 63.57 -40.18
C GLU C 626 -48.93 64.78 -40.07
N ARG C 627 -48.40 65.92 -39.61
CA ARG C 627 -49.24 67.10 -39.42
C ARG C 627 -49.87 67.57 -40.74
N THR C 628 -49.09 67.60 -41.81
CA THR C 628 -49.55 68.17 -43.08
C THR C 628 -49.58 67.16 -44.22
N ARG C 629 -49.60 65.87 -43.92
CA ARG C 629 -49.71 64.87 -44.98
C ARG C 629 -51.03 65.02 -45.72
N ASP C 630 -50.97 64.92 -47.05
CA ASP C 630 -52.17 64.98 -47.87
C ASP C 630 -53.00 63.73 -47.66
N ILE C 631 -54.27 63.92 -47.28
CA ILE C 631 -55.16 62.80 -46.96
C ILE C 631 -55.89 62.38 -48.22
N ASP C 632 -55.62 61.16 -48.68
CA ASP C 632 -56.36 60.60 -49.80
C ASP C 632 -57.59 59.85 -49.28
N GLU C 633 -58.31 59.18 -50.20
CA GLU C 633 -59.51 58.46 -49.82
C GLU C 633 -59.18 57.33 -48.86
N LEU C 634 -58.13 56.55 -49.17
CA LEU C 634 -57.71 55.48 -48.27
C LEU C 634 -57.21 56.05 -46.95
N GLY C 635 -56.46 57.16 -47.01
CA GLY C 635 -55.98 57.78 -45.78
C GLY C 635 -57.11 58.29 -44.91
N PHE C 636 -58.14 58.87 -45.53
CA PHE C 636 -59.29 59.33 -44.75
C PHE C 636 -60.08 58.15 -44.20
N SER C 637 -60.16 57.06 -44.94
CA SER C 637 -60.88 55.88 -44.47
C SER C 637 -60.18 55.24 -43.29
N PHE C 638 -58.84 55.23 -43.29
CA PHE C 638 -58.10 54.48 -42.28
C PHE C 638 -57.68 55.35 -41.08
N PHE C 639 -57.09 56.51 -41.34
CA PHE C 639 -56.51 57.36 -40.29
C PHE C 639 -57.10 58.76 -40.33
N GLY C 640 -58.43 58.84 -40.39
CA GLY C 640 -59.09 60.13 -40.32
C GLY C 640 -58.94 60.77 -38.95
N LYS C 641 -59.23 62.07 -38.90
CA LYS C 641 -59.09 62.87 -37.69
C LYS C 641 -57.64 62.81 -37.18
N LYS C 642 -56.76 63.38 -37.99
CA LYS C 642 -55.31 63.37 -37.76
C LYS C 642 -54.95 63.49 -36.30
N SER C 643 -54.14 62.54 -35.82
CA SER C 643 -53.64 62.51 -34.45
C SER C 643 -52.12 62.49 -34.51
N GLY C 644 -51.51 63.66 -34.36
CA GLY C 644 -50.07 63.76 -34.43
C GLY C 644 -49.40 63.06 -33.26
N PHE C 645 -48.09 62.86 -33.40
CA PHE C 645 -47.30 62.23 -32.35
C PHE C 645 -47.30 63.09 -31.10
N PHE C 646 -47.97 62.60 -30.06
CA PHE C 646 -48.00 63.33 -28.80
C PHE C 646 -46.62 63.34 -28.16
N MET C 647 -46.26 64.47 -27.57
CA MET C 647 -45.04 64.58 -26.78
C MET C 647 -45.51 64.75 -25.34
N GLU C 648 -45.61 63.64 -24.63
CA GLU C 648 -46.05 63.67 -23.25
C GLU C 648 -44.84 63.82 -22.33
N TYR C 649 -45.05 63.62 -21.02
CA TYR C 649 -44.05 64.04 -20.04
C TYR C 649 -42.71 63.36 -20.27
N TYR C 650 -42.74 62.06 -20.55
CA TYR C 650 -41.48 61.34 -20.76
C TYR C 650 -40.70 61.92 -21.93
N ASP C 651 -41.40 62.23 -23.03
CA ASP C 651 -40.74 62.80 -24.19
C ASP C 651 -40.09 64.13 -23.85
N PHE C 652 -40.82 64.99 -23.12
CA PHE C 652 -40.24 66.26 -22.72
C PHE C 652 -39.02 66.05 -21.84
N VAL C 653 -39.05 65.01 -21.01
CA VAL C 653 -37.89 64.74 -20.16
C VAL C 653 -36.68 64.36 -21.01
N ASN C 654 -36.86 63.46 -21.98
CA ASN C 654 -35.72 63.12 -22.83
C ASN C 654 -35.20 64.36 -23.53
N ILE C 655 -36.13 65.17 -24.04
CA ILE C 655 -35.74 66.35 -24.81
C ILE C 655 -34.94 67.31 -23.93
N SER C 656 -35.41 67.55 -22.72
CA SER C 656 -34.72 68.47 -21.83
C SER C 656 -33.34 67.93 -21.44
N ARG C 657 -33.24 66.63 -21.19
CA ARG C 657 -32.01 66.11 -20.62
C ARG C 657 -30.95 65.82 -21.68
N HIS C 658 -31.33 65.69 -22.95
CA HIS C 658 -30.40 65.12 -23.91
C HIS C 658 -30.34 65.86 -25.24
N PHE C 659 -30.50 67.18 -25.24
CA PHE C 659 -30.27 67.97 -26.43
C PHE C 659 -29.41 69.17 -26.10
N LYS C 660 -28.52 69.52 -27.02
CA LYS C 660 -27.83 70.80 -26.96
C LYS C 660 -28.68 71.84 -27.68
N ILE C 661 -28.40 73.10 -27.37
CA ILE C 661 -29.25 74.19 -27.83
C ILE C 661 -29.38 74.20 -29.35
N ASP C 662 -28.26 74.01 -30.04
CA ASP C 662 -28.27 74.04 -31.50
C ASP C 662 -29.13 72.94 -32.08
N ASP C 663 -29.24 71.80 -31.38
CA ASP C 663 -30.17 70.77 -31.83
C ASP C 663 -31.61 71.27 -31.72
N ILE C 664 -31.91 72.02 -30.66
CA ILE C 664 -33.26 72.58 -30.53
C ILE C 664 -33.54 73.57 -31.66
N LYS C 665 -32.58 74.46 -31.96
CA LYS C 665 -32.78 75.38 -33.08
C LYS C 665 -32.85 74.65 -34.41
N ASN C 666 -32.13 73.54 -34.57
CA ASN C 666 -32.26 72.74 -35.78
C ASN C 666 -33.66 72.17 -35.89
N LEU C 667 -34.19 71.65 -34.79
CA LEU C 667 -35.57 71.16 -34.79
C LEU C 667 -36.53 72.28 -35.13
N GLU C 668 -36.29 73.48 -34.60
CA GLU C 668 -37.17 74.60 -34.88
C GLU C 668 -37.16 74.95 -36.36
N ARG C 669 -35.97 75.15 -36.94
CA ARG C 669 -35.92 75.50 -38.35
C ARG C 669 -36.33 74.34 -39.25
N SER C 670 -36.38 73.13 -38.71
CA SER C 670 -36.85 72.00 -39.48
C SER C 670 -38.33 71.72 -39.30
N CYS C 671 -38.87 71.98 -38.11
CA CYS C 671 -40.25 71.66 -37.81
C CYS C 671 -40.90 72.80 -37.05
N SER C 672 -42.15 73.11 -37.41
CA SER C 672 -42.96 74.09 -36.69
C SER C 672 -43.48 73.41 -35.43
N ILE C 673 -42.59 73.31 -34.43
CA ILE C 673 -42.96 72.65 -33.18
C ILE C 673 -44.10 73.39 -32.50
N ASP C 674 -44.30 74.66 -32.84
CA ASP C 674 -45.44 75.41 -32.33
C ASP C 674 -46.75 74.73 -32.68
N LYS C 675 -46.78 73.99 -33.78
CA LYS C 675 -47.99 73.34 -34.25
C LYS C 675 -48.11 71.90 -33.77
N ILE C 676 -47.52 71.57 -32.63
CA ILE C 676 -47.60 70.23 -32.05
C ILE C 676 -48.24 70.33 -30.67
N ARG C 677 -49.27 69.52 -30.43
CA ARG C 677 -50.03 69.55 -29.19
C ARG C 677 -49.34 68.70 -28.12
N PHE C 678 -49.58 69.08 -26.86
CA PHE C 678 -48.90 68.48 -25.72
C PHE C 678 -49.91 68.21 -24.62
N GLY C 679 -49.60 67.22 -23.77
CA GLY C 679 -50.47 66.82 -22.68
C GLY C 679 -49.73 66.66 -21.37
N GLU C 680 -50.50 66.25 -20.35
CA GLU C 680 -49.98 66.05 -18.99
C GLU C 680 -49.32 67.32 -18.47
N GLN C 681 -49.96 68.47 -18.73
CA GLN C 681 -49.32 69.74 -18.47
C GLN C 681 -48.97 69.92 -16.99
N GLU C 682 -49.76 69.30 -16.11
CA GLU C 682 -49.47 69.37 -14.68
C GLU C 682 -48.13 68.70 -14.37
N LYS C 683 -47.87 67.56 -15.01
CA LYS C 683 -46.61 66.87 -14.80
C LYS C 683 -45.43 67.74 -15.23
N ILE C 684 -45.56 68.37 -16.40
CA ILE C 684 -44.51 69.26 -16.87
C ILE C 684 -44.33 70.43 -15.90
N GLU C 685 -45.44 70.94 -15.38
CA GLU C 685 -45.38 72.03 -14.41
C GLU C 685 -44.57 71.63 -13.20
N GLU C 686 -44.82 70.42 -12.69
CA GLU C 686 -44.05 69.93 -11.55
C GLU C 686 -42.58 69.81 -11.91
N TYR C 687 -42.29 69.29 -13.11
CA TYR C 687 -40.90 69.18 -13.55
C TYR C 687 -40.20 70.54 -13.53
N LEU C 688 -40.81 71.54 -14.17
CA LEU C 688 -40.17 72.85 -14.23
C LEU C 688 -40.08 73.49 -12.85
N VAL C 689 -41.08 73.28 -12.01
CA VAL C 689 -41.03 73.84 -10.66
C VAL C 689 -39.85 73.26 -9.90
N GLY C 690 -39.66 71.94 -10.00
CA GLY C 690 -38.50 71.33 -9.37
C GLY C 690 -37.20 71.86 -9.91
N ILE C 691 -37.13 72.05 -11.23
CA ILE C 691 -35.92 72.60 -11.84
C ILE C 691 -35.62 73.97 -11.25
N ALA C 692 -36.64 74.82 -11.18
CA ALA C 692 -36.45 76.17 -10.66
C ALA C 692 -35.99 76.13 -9.20
N GLU C 693 -36.65 75.30 -8.39
CA GLU C 693 -36.30 75.26 -6.97
C GLU C 693 -34.87 74.77 -6.77
N GLU C 694 -34.46 73.76 -7.54
CA GLU C 694 -33.09 73.29 -7.44
C GLU C 694 -32.12 74.39 -7.86
N ILE C 695 -32.48 75.16 -8.89
CA ILE C 695 -31.65 76.27 -9.32
C ILE C 695 -31.45 77.25 -8.18
N THR C 696 -32.53 77.59 -7.48
CA THR C 696 -32.39 78.47 -6.32
C THR C 696 -31.52 77.83 -5.25
N LYS C 697 -31.64 76.52 -5.06
CA LYS C 697 -30.89 75.86 -3.99
C LYS C 697 -29.40 75.94 -4.26
N GLN C 698 -28.95 75.54 -5.45
CA GLN C 698 -27.52 75.56 -5.73
C GLN C 698 -26.98 76.99 -5.75
N PHE C 699 -27.80 77.94 -6.20
CA PHE C 699 -27.32 79.30 -6.44
C PHE C 699 -27.88 80.29 -5.43
N SER C 700 -28.03 79.84 -4.18
CA SER C 700 -28.25 80.74 -3.06
C SER C 700 -27.23 80.55 -1.95
N ALA C 701 -26.77 79.32 -1.73
CA ALA C 701 -25.80 79.03 -0.69
C ALA C 701 -24.39 79.36 -1.16
N ASN C 702 -23.48 79.49 -0.20
CA ASN C 702 -22.07 79.76 -0.50
C ASN C 702 -21.33 78.52 -0.95
N GLY C 703 -21.87 77.33 -0.71
CA GLY C 703 -21.25 76.10 -1.16
C GLY C 703 -21.92 75.52 -2.38
N MET C 704 -21.25 75.60 -3.52
CA MET C 704 -21.80 75.15 -4.79
C MET C 704 -20.98 73.98 -5.31
N ASN C 705 -21.64 72.86 -5.56
CA ASN C 705 -20.96 71.66 -6.05
C ASN C 705 -20.62 71.84 -7.51
N VAL C 706 -19.34 72.10 -7.79
CA VAL C 706 -18.89 72.42 -9.15
C VAL C 706 -19.20 71.27 -10.10
N VAL C 707 -19.02 70.03 -9.63
CA VAL C 707 -19.22 68.86 -10.48
C VAL C 707 -20.64 68.82 -11.01
N PHE C 708 -21.62 69.02 -10.14
CA PHE C 708 -23.02 68.93 -10.53
C PHE C 708 -23.38 70.03 -11.54
N TYR C 709 -22.61 71.12 -11.55
CA TYR C 709 -22.91 72.25 -12.42
C TYR C 709 -22.94 71.82 -13.88
N THR C 710 -21.91 71.09 -14.32
CA THR C 710 -21.79 70.78 -15.74
C THR C 710 -23.01 70.03 -16.25
N GLN C 711 -23.41 68.99 -15.52
CA GLN C 711 -24.55 68.20 -15.95
C GLN C 711 -25.88 68.90 -15.71
N PHE C 712 -25.97 69.81 -14.74
CA PHE C 712 -27.26 70.41 -14.44
C PHE C 712 -27.58 71.61 -15.31
N ILE C 713 -26.60 72.46 -15.62
CA ILE C 713 -26.88 73.62 -16.44
C ILE C 713 -27.30 73.18 -17.84
N SER C 714 -26.71 72.08 -18.32
CA SER C 714 -27.06 71.59 -19.65
C SER C 714 -28.51 71.18 -19.72
N GLU C 715 -29.01 70.51 -18.69
CA GLU C 715 -30.43 70.18 -18.64
C GLU C 715 -31.28 71.43 -18.47
N ALA C 716 -30.85 72.35 -17.60
CA ALA C 716 -31.66 73.52 -17.30
C ALA C 716 -31.89 74.38 -18.52
N LYS C 717 -30.82 74.64 -19.28
CA LYS C 717 -30.97 75.50 -20.45
C LYS C 717 -31.98 74.91 -21.41
N ALA C 718 -31.86 73.61 -21.72
CA ALA C 718 -32.80 72.99 -22.63
C ALA C 718 -34.22 73.08 -22.07
N ALA C 719 -34.38 72.82 -20.78
CA ALA C 719 -35.71 72.83 -20.20
C ALA C 719 -36.36 74.19 -20.34
N LEU C 720 -35.66 75.23 -19.89
CA LEU C 720 -36.25 76.57 -19.98
C LEU C 720 -36.48 76.99 -21.42
N TYR C 721 -35.57 76.66 -22.33
CA TYR C 721 -35.75 77.09 -23.71
C TYR C 721 -36.95 76.40 -24.35
N PHE C 722 -37.13 75.11 -24.10
CA PHE C 722 -38.26 74.41 -24.70
C PHE C 722 -39.55 74.56 -23.92
N ALA C 723 -39.50 75.20 -22.74
CA ALA C 723 -40.73 75.41 -21.98
C ALA C 723 -41.75 76.22 -22.76
N LYS C 724 -41.33 76.98 -23.78
CA LYS C 724 -42.20 77.96 -24.41
C LYS C 724 -43.49 77.33 -24.93
N TYR C 725 -43.39 76.14 -25.50
CA TYR C 725 -44.54 75.54 -26.19
C TYR C 725 -45.53 74.89 -25.23
N VAL C 726 -45.35 75.05 -23.92
CA VAL C 726 -46.20 74.42 -22.92
C VAL C 726 -46.93 75.50 -22.15
N LYS C 727 -48.26 75.41 -22.09
CA LYS C 727 -49.05 76.31 -21.27
C LYS C 727 -48.78 76.05 -19.80
N LEU C 728 -48.82 77.11 -19.00
CA LEU C 728 -48.48 77.02 -17.59
C LEU C 728 -49.51 77.78 -16.76
N SER C 729 -49.27 77.79 -15.45
CA SER C 729 -50.12 78.48 -14.49
C SER C 729 -49.50 79.81 -14.09
N GLU C 730 -50.13 80.48 -13.12
CA GLU C 730 -49.57 81.72 -12.59
C GLU C 730 -48.43 81.43 -11.62
N GLU C 731 -48.71 80.68 -10.55
CA GLU C 731 -47.66 80.37 -9.60
C GLU C 731 -46.62 79.46 -10.21
N GLY C 732 -47.00 78.65 -11.22
CA GLY C 732 -46.01 77.88 -11.93
C GLY C 732 -45.05 78.74 -12.71
N LEU C 733 -45.57 79.76 -13.40
CA LEU C 733 -44.71 80.70 -14.10
C LEU C 733 -43.86 81.51 -13.15
N GLY C 734 -44.38 81.79 -11.95
CA GLY C 734 -43.68 82.66 -11.02
C GLY C 734 -42.33 82.13 -10.61
N LYS C 735 -42.29 80.87 -10.17
CA LYS C 735 -41.02 80.31 -9.71
C LYS C 735 -39.99 80.32 -10.83
N ILE C 736 -40.39 79.92 -12.03
CA ILE C 736 -39.47 79.89 -13.16
C ILE C 736 -38.94 81.28 -13.47
N VAL C 737 -39.84 82.26 -13.49
CA VAL C 737 -39.41 83.60 -13.89
C VAL C 737 -38.47 84.19 -12.84
N LYS C 738 -38.76 83.99 -11.54
CA LYS C 738 -37.82 84.46 -10.53
C LYS C 738 -36.46 83.78 -10.70
N ALA C 739 -36.47 82.46 -10.87
CA ALA C 739 -35.22 81.73 -10.97
C ALA C 739 -34.38 82.24 -12.13
N LEU C 740 -35.00 82.45 -13.29
CA LEU C 740 -34.21 82.86 -14.44
C LEU C 740 -33.79 84.32 -14.32
N LEU C 741 -34.64 85.16 -13.72
CA LEU C 741 -34.36 86.58 -13.70
C LEU C 741 -33.30 86.96 -12.67
N PHE C 742 -33.26 86.29 -11.53
CA PHE C 742 -32.24 86.66 -10.55
C PHE C 742 -31.25 85.56 -10.24
N TYR C 743 -31.61 84.30 -10.40
CA TYR C 743 -30.78 83.21 -9.92
C TYR C 743 -30.11 82.39 -11.02
N PHE C 744 -30.32 82.74 -12.29
CA PHE C 744 -29.58 82.07 -13.34
C PHE C 744 -28.15 82.59 -13.39
N PRO C 745 -27.15 81.71 -13.40
CA PRO C 745 -25.75 82.16 -13.41
C PRO C 745 -25.47 83.03 -14.63
N GLU C 746 -24.69 84.08 -14.42
CA GLU C 746 -24.32 84.99 -15.50
C GLU C 746 -23.42 84.33 -16.53
N ARG C 747 -22.56 83.41 -16.12
CA ARG C 747 -21.49 82.95 -16.99
C ARG C 747 -22.03 82.22 -18.21
N ASP C 748 -22.92 81.25 -18.00
CA ASP C 748 -23.42 80.44 -19.10
C ASP C 748 -24.56 81.09 -19.85
N LEU C 749 -25.04 82.25 -19.40
CA LEU C 749 -26.18 82.90 -20.05
C LEU C 749 -26.05 84.40 -19.75
N ASP C 750 -25.64 85.17 -20.76
CA ASP C 750 -25.42 86.59 -20.56
C ASP C 750 -26.75 87.34 -20.49
N ILE C 751 -26.66 88.64 -20.20
CA ILE C 751 -27.83 89.47 -19.96
C ILE C 751 -28.77 89.46 -21.17
N GLY C 752 -28.21 89.68 -22.36
CA GLY C 752 -29.00 89.64 -23.57
C GLY C 752 -29.68 88.30 -23.73
N LYS C 753 -28.96 87.23 -23.38
CA LYS C 753 -29.56 85.91 -23.44
C LYS C 753 -30.73 85.78 -22.48
N ARG C 754 -30.60 86.31 -21.26
CA ARG C 754 -31.75 86.30 -20.35
C ARG C 754 -32.93 87.02 -20.99
N TYR C 755 -32.66 88.15 -21.66
CA TYR C 755 -33.76 88.86 -22.31
C TYR C 755 -34.41 88.02 -23.39
N VAL C 756 -33.60 87.35 -24.23
CA VAL C 756 -34.15 86.52 -25.29
C VAL C 756 -35.02 85.43 -24.71
N TRP C 757 -34.54 84.75 -23.68
CA TRP C 757 -35.29 83.66 -23.09
C TRP C 757 -36.57 84.15 -22.45
N LEU C 758 -36.51 85.25 -21.70
CA LEU C 758 -37.71 85.78 -21.07
C LEU C 758 -38.73 86.21 -22.11
N GLU C 759 -38.27 86.87 -23.17
CA GLU C 759 -39.18 87.25 -24.25
C GLU C 759 -39.81 86.03 -24.90
N ARG C 760 -39.02 84.97 -25.07
CA ARG C 760 -39.56 83.73 -25.63
C ARG C 760 -40.69 83.19 -24.75
N LEU C 761 -40.48 83.15 -23.43
CA LEU C 761 -41.51 82.59 -22.56
C LEU C 761 -42.72 83.51 -22.47
N THR C 762 -42.53 84.81 -22.67
CA THR C 762 -43.65 85.74 -22.52
C THR C 762 -44.78 85.46 -23.49
N LYS C 763 -44.49 84.92 -24.67
CA LYS C 763 -45.50 84.78 -25.70
C LYS C 763 -46.60 83.83 -25.26
N CYS C 764 -46.24 82.71 -24.64
CA CYS C 764 -47.19 81.64 -24.40
C CYS C 764 -48.34 82.07 -23.50
N ASN C 765 -48.03 82.79 -22.43
CA ASN C 765 -49.03 83.21 -21.45
C ASN C 765 -48.95 84.72 -21.25
N GLU C 766 -50.10 85.37 -21.17
CA GLU C 766 -50.13 86.80 -20.90
C GLU C 766 -49.59 87.06 -19.48
N LEU C 767 -48.97 88.23 -19.32
CA LEU C 767 -48.20 88.50 -18.12
C LEU C 767 -48.99 89.38 -17.16
N PRO C 768 -49.44 88.87 -16.02
CA PRO C 768 -50.20 89.71 -15.08
C PRO C 768 -49.31 90.67 -14.33
N LYS C 769 -49.89 91.41 -13.38
CA LYS C 769 -49.11 92.37 -12.61
C LYS C 769 -48.04 91.70 -11.75
N SER C 770 -48.27 90.44 -11.39
CA SER C 770 -47.31 89.74 -10.53
C SER C 770 -45.94 89.64 -11.20
N ILE C 771 -45.91 89.41 -12.50
CA ILE C 771 -44.63 89.18 -13.17
C ILE C 771 -43.99 90.48 -13.66
N ILE C 772 -44.79 91.47 -14.04
CA ILE C 772 -44.18 92.76 -14.32
C ILE C 772 -43.59 93.35 -13.05
N SER C 773 -44.18 93.03 -11.90
CA SER C 773 -43.56 93.42 -10.64
C SER C 773 -42.20 92.75 -10.47
N ILE C 774 -42.09 91.47 -10.83
CA ILE C 774 -40.81 90.78 -10.77
C ILE C 774 -39.80 91.46 -11.69
N ILE C 775 -40.25 91.82 -12.89
CA ILE C 775 -39.40 92.59 -13.80
C ILE C 775 -39.00 93.92 -13.16
N ASP C 776 -39.88 94.49 -12.34
CA ASP C 776 -39.56 95.72 -11.63
C ASP C 776 -38.40 95.48 -10.66
N ASP C 777 -38.44 94.38 -9.89
CA ASP C 777 -37.30 94.10 -9.02
C ASP C 777 -36.03 93.86 -9.83
N PHE C 778 -36.16 93.22 -10.99
CA PHE C 778 -35.00 93.03 -11.84
C PHE C 778 -34.41 94.37 -12.29
N LEU C 779 -35.28 95.29 -12.71
CA LEU C 779 -34.82 96.61 -13.11
C LEU C 779 -34.19 97.37 -11.95
N VAL C 780 -34.78 97.25 -10.76
CA VAL C 780 -34.23 97.91 -9.58
C VAL C 780 -32.86 97.36 -9.23
N LEU C 781 -32.71 96.03 -9.30
CA LEU C 781 -31.40 95.42 -9.03
C LEU C 781 -30.36 95.87 -10.05
N GLN C 782 -30.75 95.93 -11.32
CA GLN C 782 -29.83 96.42 -12.34
C GLN C 782 -29.45 97.87 -12.09
N ALA C 783 -30.42 98.69 -11.67
CA ALA C 783 -30.14 100.09 -11.37
C ALA C 783 -29.17 100.21 -10.20
N GLU C 784 -29.37 99.40 -9.16
CA GLU C 784 -28.45 99.40 -8.04
C GLU C 784 -27.06 98.97 -8.48
N LYS C 785 -26.98 98.01 -9.40
CA LYS C 785 -25.70 97.58 -9.94
C LYS C 785 -25.03 98.72 -10.70
N HIS C 786 -25.81 99.48 -11.47
CA HIS C 786 -25.27 100.55 -12.30
C HIS C 786 -24.87 101.79 -11.51
N ILE C 787 -24.90 101.72 -10.17
CA ILE C 787 -24.41 102.84 -9.38
C ILE C 787 -22.92 103.06 -9.62
N ASP C 788 -22.14 101.97 -9.66
CA ASP C 788 -20.71 102.08 -9.88
C ASP C 788 -20.42 102.64 -11.26
N GLN C 789 -19.47 103.59 -11.31
CA GLN C 789 -19.04 104.15 -12.58
C GLN C 789 -18.15 103.21 -13.38
N ASN C 790 -17.43 102.31 -12.72
CA ASN C 790 -16.57 101.35 -13.40
C ASN C 790 -17.29 100.08 -13.80
N TYR C 791 -18.53 99.89 -13.36
CA TYR C 791 -19.28 98.68 -13.71
C TYR C 791 -19.69 98.71 -15.18
N SER C 792 -19.60 97.55 -15.82
CA SER C 792 -19.98 97.41 -17.22
C SER C 792 -20.59 96.04 -17.42
N GLU C 793 -21.39 95.91 -18.47
CA GLU C 793 -22.09 94.68 -18.80
C GLU C 793 -21.62 94.14 -20.14
N VAL C 794 -21.97 92.88 -20.40
CA VAL C 794 -21.57 92.18 -21.62
C VAL C 794 -22.84 91.85 -22.41
N SER C 795 -22.73 91.95 -23.74
CA SER C 795 -23.85 91.68 -24.64
C SER C 795 -23.31 90.82 -25.78
N SER C 796 -23.61 89.52 -25.74
CA SER C 796 -23.14 88.62 -26.79
C SER C 796 -23.73 88.98 -28.14
N ASN C 797 -25.06 89.11 -28.20
CA ASN C 797 -25.74 89.52 -29.43
C ASN C 797 -26.04 91.01 -29.47
N GLY C 798 -26.04 91.67 -28.31
CA GLY C 798 -26.29 93.09 -28.21
C GLY C 798 -27.70 93.40 -27.77
N LEU C 799 -27.86 93.62 -26.46
CA LEU C 799 -29.15 93.84 -25.84
C LEU C 799 -28.90 94.51 -24.50
N TYR C 800 -29.84 95.33 -24.06
CA TYR C 800 -29.70 96.04 -22.79
C TYR C 800 -31.10 96.34 -22.27
N SER C 801 -31.15 97.19 -21.24
CA SER C 801 -32.39 97.49 -20.55
C SER C 801 -33.46 98.09 -21.46
N ARG C 802 -33.07 98.67 -22.60
CA ARG C 802 -34.08 99.24 -23.49
C ARG C 802 -35.02 98.16 -23.98
N ASP C 803 -34.51 96.94 -24.12
CA ASP C 803 -35.30 95.82 -24.62
C ASP C 803 -36.28 95.29 -23.59
N TYR C 804 -35.87 95.19 -22.32
CA TYR C 804 -36.84 94.90 -21.27
C TYR C 804 -37.88 96.00 -21.16
N GLY C 805 -37.46 97.26 -21.31
CA GLY C 805 -38.44 98.34 -21.36
C GLY C 805 -39.44 98.16 -22.47
N ALA C 806 -38.97 97.79 -23.66
CA ALA C 806 -39.89 97.53 -24.77
C ALA C 806 -40.83 96.37 -24.45
N LEU C 807 -40.30 95.31 -23.84
CA LEU C 807 -41.14 94.17 -23.49
C LEU C 807 -42.24 94.57 -22.51
N ILE C 808 -41.86 95.30 -21.46
CA ILE C 808 -42.84 95.74 -20.46
C ILE C 808 -43.83 96.74 -21.07
N LYS C 809 -43.40 97.47 -22.10
CA LYS C 809 -44.33 98.33 -22.81
C LYS C 809 -45.28 97.51 -23.68
N HIS C 810 -44.82 96.38 -24.20
CA HIS C 810 -45.64 95.58 -25.11
C HIS C 810 -46.87 95.03 -24.39
N PHE C 811 -46.73 94.70 -23.12
CA PHE C 811 -47.85 94.16 -22.34
C PHE C 811 -48.59 95.26 -21.58
N GLU C 812 -47.86 96.18 -20.95
CA GLU C 812 -48.45 97.18 -20.08
C GLU C 812 -48.25 98.58 -20.65
N LYS C 813 -49.31 99.39 -20.59
CA LYS C 813 -49.24 100.77 -21.06
C LYS C 813 -48.70 101.71 -19.99
N ASN C 814 -49.38 101.78 -18.85
CA ASN C 814 -49.03 102.74 -17.80
C ASN C 814 -48.09 102.10 -16.79
N PHE C 815 -46.85 101.90 -17.23
CA PHE C 815 -45.80 101.36 -16.37
C PHE C 815 -45.04 102.52 -15.74
N ILE C 816 -45.29 102.76 -14.46
CA ILE C 816 -44.56 103.77 -13.71
C ILE C 816 -44.01 103.14 -12.44
N SER C 817 -42.70 102.89 -12.42
CA SER C 817 -42.10 102.20 -11.28
C SER C 817 -41.74 103.19 -10.19
N LYS C 818 -42.33 102.98 -9.01
CA LYS C 818 -42.10 103.88 -7.88
C LYS C 818 -40.65 103.86 -7.42
N ARG C 819 -40.06 102.67 -7.37
CA ARG C 819 -38.69 102.56 -6.87
C ARG C 819 -37.71 103.33 -7.75
N LEU C 820 -37.78 103.12 -9.08
CA LEU C 820 -36.97 103.91 -9.98
C LEU C 820 -37.31 105.39 -9.88
N SER C 821 -38.59 105.71 -9.67
CA SER C 821 -38.99 107.10 -9.56
C SER C 821 -38.31 107.79 -8.39
N GLU C 822 -38.21 107.10 -7.26
CA GLU C 822 -37.55 107.70 -6.10
C GLU C 822 -36.03 107.73 -6.28
N ILE C 823 -35.45 106.64 -6.80
CA ILE C 823 -33.99 106.61 -6.92
C ILE C 823 -33.48 107.61 -7.95
N THR C 824 -34.23 107.84 -9.03
CA THR C 824 -33.72 108.66 -10.12
C THR C 824 -33.71 110.15 -9.78
N LEU C 825 -34.65 110.61 -8.95
CA LEU C 825 -34.72 112.04 -8.66
C LEU C 825 -33.50 112.56 -7.91
N CYS C 826 -32.72 111.68 -7.28
CA CYS C 826 -31.54 112.08 -6.53
C CYS C 826 -30.31 112.28 -7.41
N LEU C 827 -30.50 112.26 -8.73
CA LEU C 827 -29.39 112.46 -9.66
C LEU C 827 -29.10 113.95 -9.82
N THR C 828 -27.93 114.37 -9.35
CA THR C 828 -27.54 115.77 -9.48
C THR C 828 -26.33 115.90 -10.41
N GLN C 829 -25.23 115.22 -10.08
CA GLN C 829 -24.00 115.29 -10.85
C GLN C 829 -23.17 114.05 -10.55
N ASP C 830 -21.99 113.99 -11.19
CA ASP C 830 -20.97 112.96 -10.94
C ASP C 830 -21.55 111.55 -10.95
N LYS C 831 -22.43 111.28 -11.91
CA LYS C 831 -22.97 109.94 -12.10
C LYS C 831 -22.59 109.34 -13.44
N GLN C 832 -22.86 110.07 -14.54
CA GLN C 832 -22.42 109.70 -15.88
C GLN C 832 -23.04 108.38 -16.34
N LYS C 833 -22.64 107.27 -15.75
CA LYS C 833 -23.14 105.97 -16.17
C LYS C 833 -24.58 105.77 -15.72
N GLN C 834 -24.88 106.11 -14.47
CA GLN C 834 -26.23 105.90 -13.94
C GLN C 834 -27.25 106.79 -14.64
N ILE C 835 -26.88 108.04 -14.91
CA ILE C 835 -27.82 108.94 -15.59
C ILE C 835 -28.08 108.44 -17.01
N ASP C 836 -27.06 107.91 -17.67
CA ASP C 836 -27.26 107.34 -19.01
C ASP C 836 -28.18 106.13 -18.96
N PHE C 837 -27.95 105.24 -17.98
CA PHE C 837 -28.78 104.06 -17.85
C PHE C 837 -30.23 104.43 -17.63
N LEU C 838 -30.48 105.40 -16.73
CA LEU C 838 -31.85 105.81 -16.46
C LEU C 838 -32.46 106.61 -17.61
N PHE C 839 -31.63 107.31 -18.39
CA PHE C 839 -32.10 107.91 -19.62
C PHE C 839 -32.55 106.84 -20.60
N LYS C 840 -31.91 105.67 -20.57
CA LYS C 840 -32.35 104.57 -21.40
C LYS C 840 -33.75 104.10 -21.05
N LEU C 841 -34.26 104.50 -19.87
CA LEU C 841 -35.61 104.14 -19.43
C LEU C 841 -36.57 105.32 -19.54
N LEU C 842 -36.45 106.10 -20.60
CA LEU C 842 -37.33 107.25 -20.79
C LEU C 842 -38.82 106.93 -20.79
N PRO C 843 -39.31 105.87 -21.44
CA PRO C 843 -40.77 105.65 -21.44
C PRO C 843 -41.39 105.57 -20.06
N LEU C 844 -40.69 104.97 -19.09
CA LEU C 844 -41.17 104.92 -17.72
C LEU C 844 -40.73 106.21 -17.00
N LEU C 845 -40.75 106.19 -15.66
CA LEU C 845 -40.15 107.23 -14.82
C LEU C 845 -41.03 108.47 -14.73
N SER C 846 -42.33 108.30 -14.99
CA SER C 846 -43.43 109.16 -14.53
C SER C 846 -43.84 110.22 -15.55
N THR C 847 -43.09 111.33 -15.60
CA THR C 847 -43.42 112.60 -16.27
C THR C 847 -42.79 113.77 -15.53
N ASN C 848 -43.34 114.12 -14.36
CA ASN C 848 -42.82 115.26 -13.62
C ASN C 848 -41.37 115.05 -13.22
N ALA C 849 -41.07 113.91 -12.57
CA ALA C 849 -39.68 113.57 -12.31
C ALA C 849 -38.92 113.37 -13.62
N LYS C 850 -39.59 112.79 -14.62
CA LYS C 850 -38.99 112.62 -15.94
C LYS C 850 -38.61 113.96 -16.54
N SER C 851 -39.52 114.93 -16.48
CA SER C 851 -39.21 116.26 -17.02
C SER C 851 -38.07 116.90 -16.24
N HIS C 852 -38.07 116.74 -14.91
CA HIS C 852 -37.01 117.31 -14.09
C HIS C 852 -35.65 116.72 -14.47
N LEU C 853 -35.59 115.42 -14.70
CA LEU C 853 -34.31 114.78 -15.00
C LEU C 853 -33.92 114.85 -16.47
N LEU C 854 -34.84 115.21 -17.36
CA LEU C 854 -34.47 115.38 -18.76
C LEU C 854 -34.11 116.82 -19.08
N SER C 855 -34.75 117.79 -18.42
CA SER C 855 -34.29 119.16 -18.55
C SER C 855 -32.87 119.32 -18.03
N PHE C 856 -32.58 118.70 -16.88
CA PHE C 856 -31.21 118.56 -16.42
C PHE C 856 -30.48 117.54 -17.29
N LYS C 857 -29.26 117.89 -17.71
CA LYS C 857 -28.44 117.03 -18.56
C LYS C 857 -29.19 116.68 -19.85
N SER C 858 -29.47 117.70 -20.66
CA SER C 858 -30.13 117.50 -21.94
C SER C 858 -29.08 117.51 -23.05
N VAL C 859 -28.90 116.37 -23.71
CA VAL C 859 -27.91 116.24 -24.77
C VAL C 859 -28.52 115.48 -25.93
N GLU C 860 -28.21 115.91 -27.14
CA GLU C 860 -28.72 115.27 -28.36
C GLU C 860 -27.58 115.06 -29.35
N ASN C 861 -26.46 114.51 -28.85
CA ASN C 861 -25.30 114.29 -29.69
C ASN C 861 -25.45 112.98 -30.47
N ILE C 862 -24.39 112.63 -31.20
CA ILE C 862 -24.39 111.38 -31.98
C ILE C 862 -24.39 110.17 -31.06
N ASN C 863 -23.82 110.32 -29.85
CA ASN C 863 -23.67 109.18 -28.96
C ASN C 863 -25.02 108.72 -28.39
N ASP C 864 -26.04 109.58 -28.46
CA ASP C 864 -27.37 109.20 -28.03
C ASP C 864 -28.40 109.28 -29.17
N LEU C 865 -27.95 109.57 -30.39
CA LEU C 865 -28.90 109.80 -31.49
C LEU C 865 -29.70 108.55 -31.81
N MET C 866 -29.04 107.39 -31.89
CA MET C 866 -29.75 106.18 -32.29
C MET C 866 -30.82 105.82 -31.27
N ASN C 867 -30.52 105.98 -29.98
CA ASN C 867 -31.53 105.74 -28.96
C ASN C 867 -32.59 106.82 -28.94
N GLY C 868 -32.28 108.04 -29.39
CA GLY C 868 -33.27 109.10 -29.39
C GLY C 868 -34.49 108.78 -30.23
N ILE C 869 -34.27 108.26 -31.44
CA ILE C 869 -35.38 107.85 -32.28
C ILE C 869 -36.12 106.66 -31.66
N ARG C 870 -35.36 105.75 -31.04
CA ARG C 870 -35.96 104.56 -30.44
C ARG C 870 -36.90 104.93 -29.30
N ILE C 871 -36.53 105.91 -28.47
CA ILE C 871 -37.33 106.27 -27.30
C ILE C 871 -38.31 107.41 -27.58
N GLY C 872 -38.26 108.02 -28.77
CA GLY C 872 -39.21 109.05 -29.12
C GLY C 872 -38.89 110.44 -28.62
N LEU C 873 -37.61 110.74 -28.38
CA LEU C 873 -37.21 112.09 -27.98
C LEU C 873 -36.90 112.99 -29.17
N ILE C 874 -36.57 112.41 -30.32
CA ILE C 874 -36.19 113.15 -31.51
C ILE C 874 -37.23 112.86 -32.60
N ASP C 875 -38.49 112.76 -32.17
CA ASP C 875 -39.57 112.13 -32.95
C ASP C 875 -39.49 112.40 -34.45
N GLU C 876 -39.63 113.65 -34.87
CA GLU C 876 -39.71 113.91 -36.30
C GLU C 876 -38.33 113.98 -36.94
N PHE C 877 -37.58 115.05 -36.67
CA PHE C 877 -36.22 115.23 -37.17
C PHE C 877 -35.75 116.60 -36.70
N THR C 878 -34.44 116.84 -36.81
CA THR C 878 -33.87 118.18 -36.66
C THR C 878 -32.76 118.34 -37.70
N PRO C 879 -32.62 119.54 -38.27
CA PRO C 879 -31.52 119.75 -39.23
C PRO C 879 -30.16 119.72 -38.57
N GLU C 880 -30.05 120.11 -37.30
CA GLU C 880 -28.79 119.94 -36.59
C GLU C 880 -28.42 118.47 -36.47
N HIS C 881 -29.42 117.59 -36.47
CA HIS C 881 -29.12 116.17 -36.51
C HIS C 881 -28.70 115.73 -37.92
N GLU C 882 -29.18 116.40 -38.96
CA GLU C 882 -28.58 116.21 -40.28
C GLU C 882 -27.10 116.56 -40.24
N GLU C 883 -26.76 117.69 -39.60
CA GLU C 883 -25.36 118.08 -39.49
C GLU C 883 -24.55 117.06 -38.71
N LEU C 884 -25.11 116.55 -37.60
CA LEU C 884 -24.41 115.55 -36.81
C LEU C 884 -24.24 114.24 -37.57
N ILE C 885 -25.26 113.82 -38.33
CA ILE C 885 -25.14 112.61 -39.14
C ILE C 885 -24.09 112.79 -40.22
N ILE C 886 -24.05 113.96 -40.85
CA ILE C 886 -23.03 114.25 -41.84
C ILE C 886 -21.64 114.27 -41.22
N GLU C 887 -21.51 114.80 -40.00
CA GLU C 887 -20.22 114.77 -39.31
C GLU C 887 -19.80 113.34 -39.02
N TYR C 888 -20.72 112.51 -38.55
CA TYR C 888 -20.40 111.10 -38.30
C TYR C 888 -19.97 110.40 -39.58
N LEU C 889 -20.71 110.63 -40.67
CA LEU C 889 -20.38 110.01 -41.94
C LEU C 889 -19.08 110.54 -42.55
N GLU C 890 -18.71 111.80 -42.28
CA GLU C 890 -17.44 112.33 -42.75
C GLU C 890 -16.27 111.81 -41.94
N THR C 891 -16.44 111.67 -40.62
CA THR C 891 -15.44 110.98 -39.82
C THR C 891 -15.27 109.55 -40.29
N ARG C 892 -16.38 108.88 -40.60
CA ARG C 892 -16.32 107.55 -41.19
C ARG C 892 -15.63 107.57 -42.54
N LYS C 893 -15.87 108.62 -43.34
CA LYS C 893 -15.22 108.75 -44.63
C LYS C 893 -13.69 108.79 -44.48
N VAL C 894 -13.21 109.66 -43.60
CA VAL C 894 -11.76 109.79 -43.40
C VAL C 894 -11.19 108.51 -42.82
N ASN C 895 -11.86 107.95 -41.82
CA ASN C 895 -11.37 106.74 -41.16
C ASN C 895 -11.33 105.57 -42.12
N TYR C 896 -12.35 105.44 -42.98
CA TYR C 896 -12.39 104.32 -43.92
C TYR C 896 -11.43 104.54 -45.08
N ILE C 897 -11.18 105.79 -45.47
CA ILE C 897 -10.14 106.06 -46.45
C ILE C 897 -8.78 105.61 -45.91
N VAL C 898 -8.52 105.89 -44.63
CA VAL C 898 -7.29 105.40 -44.02
C VAL C 898 -7.30 103.87 -43.92
N GLU C 899 -8.43 103.28 -43.54
CA GLU C 899 -8.49 101.84 -43.29
C GLU C 899 -8.34 101.04 -44.58
N LYS C 900 -8.89 101.53 -45.69
CA LYS C 900 -8.72 100.83 -46.96
C LYS C 900 -7.25 100.79 -47.37
N GLU C 901 -6.50 101.84 -47.04
CA GLU C 901 -5.04 101.77 -47.14
C GLU C 901 -4.49 100.74 -46.16
N LYS C 902 -5.04 100.71 -44.94
CA LYS C 902 -4.63 99.71 -43.95
C LYS C 902 -5.19 98.33 -44.25
N GLY C 903 -6.25 98.23 -45.04
CA GLY C 903 -6.88 96.97 -45.34
C GLY C 903 -7.58 96.31 -44.16
N ILE C 904 -8.29 97.07 -43.35
CA ILE C 904 -9.03 96.56 -42.20
C ILE C 904 -10.50 96.94 -42.33
N GLN C 905 -11.38 95.95 -42.21
CA GLN C 905 -12.83 96.17 -42.21
C GLN C 905 -13.35 95.92 -40.81
N THR C 906 -13.87 96.96 -40.16
CA THR C 906 -14.35 96.88 -38.80
C THR C 906 -15.84 96.50 -38.80
N PHE C 907 -16.13 95.26 -38.41
CA PHE C 907 -17.52 94.80 -38.29
C PHE C 907 -18.03 95.16 -36.90
N SER C 908 -18.27 96.45 -36.70
CA SER C 908 -18.72 96.94 -35.41
C SER C 908 -20.13 96.47 -35.10
N SER C 909 -20.35 96.05 -33.86
CA SER C 909 -21.71 95.72 -33.42
C SER C 909 -22.59 96.96 -33.41
N ASN C 910 -22.00 98.14 -33.22
CA ASN C 910 -22.70 99.41 -33.30
C ASN C 910 -22.57 100.08 -34.66
N ASP C 911 -22.48 99.30 -35.74
CA ASP C 911 -22.40 99.84 -37.09
C ASP C 911 -23.78 100.37 -37.45
N TYR C 912 -24.12 101.53 -36.89
CA TYR C 912 -25.43 102.12 -37.11
C TYR C 912 -25.58 102.75 -38.48
N MET C 913 -24.50 102.81 -39.27
CA MET C 913 -24.61 103.34 -40.63
C MET C 913 -25.54 102.47 -41.48
N SER C 914 -25.61 101.18 -41.17
CA SER C 914 -26.60 100.32 -41.81
C SER C 914 -28.01 100.79 -41.52
N THR C 915 -28.28 101.18 -40.27
CA THR C 915 -29.62 101.66 -39.93
C THR C 915 -29.85 103.06 -40.47
N PHE C 916 -28.78 103.85 -40.62
CA PHE C 916 -28.88 105.10 -41.35
C PHE C 916 -29.37 104.87 -42.77
N GLY C 917 -28.77 103.92 -43.47
CA GLY C 917 -29.27 103.54 -44.79
C GLY C 917 -30.68 103.00 -44.74
N ILE C 918 -31.02 102.29 -43.66
CA ILE C 918 -32.37 101.74 -43.52
C ILE C 918 -33.41 102.87 -43.48
N TRP C 919 -33.17 103.89 -42.65
CA TRP C 919 -34.09 105.02 -42.65
C TRP C 919 -33.97 105.85 -43.92
N TYR C 920 -32.82 105.81 -44.59
CA TYR C 920 -32.70 106.53 -45.86
C TYR C 920 -33.61 105.93 -46.92
N PHE C 921 -33.67 104.61 -46.98
CA PHE C 921 -34.63 103.97 -47.89
C PHE C 921 -36.05 104.29 -47.46
N LEU C 922 -36.28 104.49 -46.17
CA LEU C 922 -37.57 104.98 -45.67
C LEU C 922 -37.81 106.44 -46.01
N GLU C 923 -36.87 107.09 -46.70
CA GLU C 923 -36.95 108.49 -47.10
C GLU C 923 -37.01 109.44 -45.91
N GLU C 924 -36.52 109.01 -44.75
CA GLU C 924 -36.38 109.90 -43.61
C GLU C 924 -35.15 110.78 -43.70
N ILE C 925 -34.24 110.48 -44.62
CA ILE C 925 -33.06 111.30 -44.88
C ILE C 925 -33.08 111.71 -46.34
N ASN C 926 -32.91 113.00 -46.61
CA ASN C 926 -33.04 113.52 -47.97
C ASN C 926 -31.81 114.34 -48.36
N ASN C 927 -30.67 114.09 -47.74
CA ASN C 927 -29.43 114.77 -48.09
C ASN C 927 -28.69 113.95 -49.15
N SER C 928 -28.10 114.64 -50.11
CA SER C 928 -27.48 113.99 -51.26
C SER C 928 -26.13 113.35 -50.93
N LYS C 929 -25.54 113.64 -49.77
CA LYS C 929 -24.20 113.15 -49.46
C LYS C 929 -24.15 111.64 -49.34
N MET C 930 -25.29 110.96 -49.16
CA MET C 930 -25.32 109.51 -49.19
C MET C 930 -24.80 108.96 -50.51
N GLU C 931 -24.98 109.72 -51.59
CA GLU C 931 -24.39 109.32 -52.87
C GLU C 931 -22.87 109.31 -52.79
N GLU C 932 -22.29 110.30 -52.09
CA GLU C 932 -20.85 110.33 -51.92
C GLU C 932 -20.35 109.19 -51.03
N PHE C 933 -21.21 108.65 -50.16
CA PHE C 933 -20.83 107.55 -49.28
C PHE C 933 -21.16 106.18 -49.87
N ILE C 934 -21.20 106.08 -51.21
CA ILE C 934 -21.46 104.81 -51.87
C ILE C 934 -20.14 104.05 -52.03
N GLY C 935 -20.21 102.73 -51.84
CA GLY C 935 -19.03 101.90 -51.92
C GLY C 935 -18.39 101.57 -50.59
N MET C 936 -19.14 101.67 -49.50
CA MET C 936 -18.60 101.54 -48.15
C MET C 936 -19.04 100.25 -47.47
N ASP C 937 -20.35 99.98 -47.45
CA ASP C 937 -20.90 98.74 -46.92
C ASP C 937 -21.91 98.18 -47.92
N ASP C 938 -21.97 96.85 -48.01
CA ASP C 938 -22.83 96.23 -49.01
C ASP C 938 -24.29 96.56 -48.78
N GLN C 939 -24.76 96.51 -47.53
CA GLN C 939 -26.14 96.84 -47.24
C GLN C 939 -26.43 98.31 -47.53
N TYR C 940 -25.50 99.19 -47.19
CA TYR C 940 -25.69 100.62 -47.45
C TYR C 940 -25.74 100.90 -48.94
N ASP C 941 -24.86 100.27 -49.72
CA ASP C 941 -24.90 100.45 -51.17
C ASP C 941 -26.18 99.90 -51.76
N PHE C 942 -26.64 98.76 -51.24
CA PHE C 942 -27.87 98.15 -51.72
C PHE C 942 -29.08 99.04 -51.45
N PHE C 943 -29.15 99.63 -50.26
CA PHE C 943 -30.28 100.49 -49.91
C PHE C 943 -30.21 101.86 -50.54
N VAL C 944 -29.01 102.40 -50.77
CA VAL C 944 -28.87 103.75 -51.30
C VAL C 944 -28.88 103.77 -52.82
N ASP C 945 -28.07 102.92 -53.45
CA ASP C 945 -27.97 102.86 -54.90
C ASP C 945 -28.11 101.41 -55.37
N PRO C 946 -29.33 100.87 -55.35
CA PRO C 946 -29.53 99.52 -55.89
C PRO C 946 -29.41 99.45 -57.40
N GLU C 947 -29.45 100.59 -58.09
CA GLU C 947 -29.40 100.59 -59.56
C GLU C 947 -28.11 99.97 -60.07
N ASN C 948 -26.96 100.45 -59.58
CA ASN C 948 -25.68 99.89 -59.96
C ASN C 948 -25.17 98.84 -58.97
N PHE C 949 -25.95 98.52 -57.95
CA PHE C 949 -25.51 97.55 -56.95
C PHE C 949 -25.44 96.16 -57.56
N ASP C 950 -24.31 95.49 -57.36
CA ASP C 950 -24.13 94.12 -57.84
C ASP C 950 -24.85 93.18 -56.90
N TYR C 951 -25.73 92.35 -57.45
CA TYR C 951 -26.51 91.41 -56.64
C TYR C 951 -25.84 90.06 -56.49
N LYS C 952 -24.65 89.87 -57.05
CA LYS C 952 -23.90 88.64 -56.79
C LYS C 952 -23.45 88.56 -55.34
N LYS C 953 -23.19 89.71 -54.71
CA LYS C 953 -22.78 89.72 -53.32
C LYS C 953 -23.94 89.45 -52.36
N PHE C 954 -25.14 89.27 -52.88
CA PHE C 954 -26.31 89.13 -52.03
C PHE C 954 -26.22 87.87 -51.17
N ILE C 955 -26.55 88.04 -49.90
CA ILE C 955 -26.69 86.94 -48.95
C ILE C 955 -28.12 86.96 -48.43
N PRO C 956 -28.89 85.88 -48.59
CA PRO C 956 -30.28 85.91 -48.13
C PRO C 956 -30.41 86.12 -46.62
N SER C 957 -29.30 86.06 -45.89
CA SER C 957 -29.35 86.16 -44.44
C SER C 957 -29.94 87.47 -43.95
N TRP C 958 -29.76 88.58 -44.68
CA TRP C 958 -30.34 89.83 -44.21
C TRP C 958 -31.85 89.83 -44.41
N LEU C 959 -32.34 89.03 -45.35
CA LEU C 959 -33.78 89.03 -45.64
C LEU C 959 -34.61 88.71 -44.40
N LYS C 960 -34.05 88.00 -43.44
CA LYS C 960 -34.79 87.67 -42.23
C LYS C 960 -35.06 88.89 -41.35
N ASN C 961 -34.15 89.86 -41.31
CA ASN C 961 -34.27 90.92 -40.32
C ASN C 961 -34.96 92.18 -40.84
N TYR C 962 -35.64 92.11 -41.98
CA TYR C 962 -36.50 93.19 -42.43
C TYR C 962 -37.93 92.95 -41.96
N ASN C 963 -38.60 94.03 -41.57
CA ASN C 963 -39.96 93.95 -41.08
C ASN C 963 -40.96 94.20 -42.20
N ASP C 964 -42.24 94.23 -41.85
CA ASP C 964 -43.30 94.27 -42.86
C ASP C 964 -43.24 95.54 -43.70
N LYS C 965 -43.03 96.70 -43.07
CA LYS C 965 -42.94 97.94 -43.84
C LYS C 965 -41.72 97.93 -44.74
N LEU C 966 -40.57 97.54 -44.19
CA LEU C 966 -39.33 97.53 -44.98
C LEU C 966 -39.44 96.52 -46.11
N LEU C 967 -39.98 95.33 -45.83
CA LEU C 967 -40.13 94.33 -46.89
C LEU C 967 -41.08 94.81 -47.97
N GLY C 968 -42.20 95.43 -47.58
CA GLY C 968 -43.13 95.94 -48.56
C GLY C 968 -42.54 97.01 -49.44
N LYS C 969 -41.79 97.95 -48.85
CA LYS C 969 -41.18 98.99 -49.65
C LYS C 969 -40.01 98.47 -50.48
N ILE C 970 -39.30 97.44 -50.02
CA ILE C 970 -38.29 96.80 -50.83
C ILE C 970 -38.92 96.16 -52.06
N ALA C 971 -40.04 95.46 -51.86
CA ALA C 971 -40.78 94.90 -52.98
C ALA C 971 -41.40 95.98 -53.86
N GLY C 972 -41.59 97.19 -53.33
CA GLY C 972 -42.17 98.28 -54.10
C GLY C 972 -41.22 98.88 -55.12
N ASN C 973 -39.91 98.71 -54.93
CA ASN C 973 -38.95 99.29 -55.86
C ASN C 973 -38.83 98.43 -57.11
N LYS C 974 -38.55 99.10 -58.24
CA LYS C 974 -38.49 98.41 -59.52
C LYS C 974 -37.15 97.73 -59.77
N HIS C 975 -36.10 98.08 -59.00
CA HIS C 975 -34.78 97.55 -59.29
C HIS C 975 -34.60 96.14 -58.72
N MET C 976 -34.86 95.97 -57.43
CA MET C 976 -34.46 94.73 -56.76
C MET C 976 -35.53 93.65 -56.83
N LYS C 977 -36.70 93.94 -57.41
CA LYS C 977 -37.79 92.97 -57.33
C LYS C 977 -37.43 91.66 -58.02
N HIS C 978 -37.01 91.72 -59.28
CA HIS C 978 -36.71 90.49 -60.01
C HIS C 978 -35.47 89.79 -59.49
N HIS C 979 -34.43 90.56 -59.15
CA HIS C 979 -33.21 89.95 -58.62
C HIS C 979 -33.50 89.19 -57.33
N VAL C 980 -34.17 89.85 -56.38
CA VAL C 980 -34.49 89.21 -55.12
C VAL C 980 -35.45 88.04 -55.33
N ILE C 981 -36.33 88.14 -56.33
CA ILE C 981 -37.21 87.01 -56.61
C ILE C 981 -36.40 85.79 -57.05
N GLU C 982 -35.43 85.98 -57.95
CA GLU C 982 -34.58 84.85 -58.35
C GLU C 982 -33.79 84.32 -57.16
N VAL C 983 -33.28 85.22 -56.32
CA VAL C 983 -32.51 84.78 -55.15
C VAL C 983 -33.39 83.95 -54.23
N LEU C 984 -34.63 84.38 -54.04
CA LEU C 984 -35.56 83.64 -53.19
C LEU C 984 -35.87 82.27 -53.79
N LYS C 985 -36.08 82.20 -55.11
CA LYS C 985 -36.22 80.90 -55.75
C LYS C 985 -35.04 79.99 -55.42
N GLU C 986 -33.83 80.51 -55.63
CA GLU C 986 -32.63 79.72 -55.40
C GLU C 986 -32.57 79.21 -53.97
N ARG C 987 -32.74 80.12 -53.01
CA ARG C 987 -32.63 79.75 -51.60
C ARG C 987 -33.72 78.74 -51.23
N VAL C 988 -34.93 78.92 -51.75
CA VAL C 988 -36.03 78.05 -51.34
C VAL C 988 -35.85 76.65 -51.91
N LYS C 989 -35.30 76.52 -53.12
CA LYS C 989 -35.10 75.15 -53.61
C LYS C 989 -33.84 74.55 -53.01
N ASN C 990 -32.94 75.39 -52.52
CA ASN C 990 -31.66 74.93 -52.02
C ASN C 990 -31.62 74.72 -50.51
N SER C 991 -32.75 74.89 -49.82
CA SER C 991 -32.76 74.82 -48.37
C SER C 991 -34.08 74.23 -47.89
N ASN C 992 -34.16 74.01 -46.58
CA ASN C 992 -35.36 73.51 -45.93
C ASN C 992 -35.98 74.51 -44.97
N ASP C 993 -35.41 75.70 -44.84
CA ASP C 993 -35.94 76.70 -43.93
C ASP C 993 -37.27 77.23 -44.46
N LYS C 994 -38.19 77.52 -43.54
CA LYS C 994 -39.51 78.01 -43.91
C LYS C 994 -39.57 79.53 -44.03
N ARG C 995 -38.62 80.25 -43.43
CA ARG C 995 -38.65 81.70 -43.45
C ARG C 995 -38.58 82.23 -44.88
N TYR C 996 -37.66 81.68 -45.69
CA TYR C 996 -37.56 82.12 -47.08
C TYR C 996 -38.83 81.83 -47.86
N LEU C 997 -39.42 80.65 -47.64
CA LEU C 997 -40.64 80.28 -48.36
C LEU C 997 -41.76 81.25 -48.02
N GLU C 998 -41.94 81.53 -46.73
CA GLU C 998 -42.96 82.49 -46.31
C GLU C 998 -42.72 83.86 -46.92
N ILE C 999 -41.48 84.35 -46.84
CA ILE C 999 -41.16 85.68 -47.38
C ILE C 999 -41.47 85.72 -48.86
N LEU C 1000 -41.18 84.63 -49.57
CA LEU C 1000 -41.48 84.58 -51.00
C LEU C 1000 -42.99 84.70 -51.24
N MET C 1001 -43.78 83.87 -50.54
CA MET C 1001 -45.21 83.86 -50.88
C MET C 1001 -45.89 85.16 -50.47
N ASN C 1002 -45.70 85.61 -49.24
CA ASN C 1002 -46.59 86.62 -48.68
C ASN C 1002 -46.41 87.97 -49.36
N TYR C 1003 -45.16 88.43 -49.47
CA TYR C 1003 -44.87 89.76 -49.99
C TYR C 1003 -44.56 89.74 -51.48
N PHE C 1004 -43.55 88.96 -51.88
CA PHE C 1004 -43.10 88.98 -53.26
C PHE C 1004 -44.07 88.29 -54.21
N ILE C 1005 -45.06 87.56 -53.70
CA ILE C 1005 -46.04 86.93 -54.56
C ILE C 1005 -47.43 87.47 -54.20
N TYR D 11 14.73 54.13 -5.89
CA TYR D 11 15.01 52.72 -5.63
C TYR D 11 15.30 52.06 -6.98
N GLY D 12 14.70 52.61 -8.03
CA GLY D 12 14.82 52.01 -9.35
C GLY D 12 16.25 51.94 -9.86
N GLU D 13 17.02 53.01 -9.63
CA GLU D 13 18.40 53.03 -10.13
C GLU D 13 19.26 52.00 -9.41
N LYS D 14 19.08 51.83 -8.11
CA LYS D 14 19.79 50.78 -7.39
C LYS D 14 19.41 49.41 -7.92
N LEU D 15 18.13 49.19 -8.21
CA LEU D 15 17.71 47.93 -8.80
C LEU D 15 18.37 47.71 -10.15
N LYS D 16 18.47 48.77 -10.95
CA LYS D 16 19.13 48.65 -12.25
C LYS D 16 20.59 48.29 -12.09
N GLU D 17 21.27 48.92 -11.13
CA GLU D 17 22.67 48.59 -10.88
C GLU D 17 22.82 47.14 -10.46
N VAL D 18 21.97 46.69 -9.53
CA VAL D 18 22.04 45.31 -9.07
C VAL D 18 21.84 44.35 -10.22
N PHE D 19 20.85 44.63 -11.08
CA PHE D 19 20.60 43.78 -12.24
C PHE D 19 21.83 43.78 -13.15
N LEU D 20 22.42 44.95 -13.37
CA LEU D 20 23.63 45.04 -14.18
C LEU D 20 24.76 44.18 -13.64
N MET D 21 24.89 44.05 -12.33
CA MET D 21 25.96 43.27 -11.74
C MET D 21 25.65 41.78 -11.77
N LEU D 22 24.41 41.40 -12.04
CA LEU D 22 23.98 40.00 -11.94
C LEU D 22 24.72 39.11 -12.93
N ASP D 23 24.90 37.86 -12.54
CA ASP D 23 25.58 36.87 -13.35
C ASP D 23 24.61 36.18 -14.31
N ASN D 24 25.17 35.51 -15.32
CA ASN D 24 24.36 34.81 -16.31
C ASN D 24 23.46 33.76 -15.66
N ASN D 25 23.87 33.22 -14.50
CA ASN D 25 23.05 32.26 -13.79
C ASN D 25 21.66 32.82 -13.49
N VAL D 26 21.62 34.01 -12.90
CA VAL D 26 20.33 34.66 -12.67
C VAL D 26 19.71 35.11 -13.98
N VAL D 27 20.52 35.57 -14.94
CA VAL D 27 19.98 36.17 -16.16
C VAL D 27 19.15 35.15 -16.93
N GLU D 28 19.70 33.95 -17.13
CA GLU D 28 18.96 32.92 -17.84
C GLU D 28 17.68 32.56 -17.10
N CYS D 29 17.75 32.46 -15.77
CA CYS D 29 16.56 32.08 -15.02
C CYS D 29 15.46 33.12 -15.16
N ILE D 30 15.81 34.41 -15.08
CA ILE D 30 14.77 35.43 -15.16
C ILE D 30 14.20 35.50 -16.57
N LYS D 31 15.05 35.31 -17.59
CA LYS D 31 14.53 35.26 -18.94
C LYS D 31 13.53 34.13 -19.10
N GLU D 32 13.86 32.95 -18.58
CA GLU D 32 12.94 31.84 -18.63
C GLU D 32 11.66 32.16 -17.86
N ILE D 33 11.80 32.80 -16.70
CA ILE D 33 10.64 33.08 -15.87
C ILE D 33 9.68 34.02 -16.59
N THR D 34 10.20 35.09 -17.17
CA THR D 34 9.31 36.03 -17.85
C THR D 34 8.71 35.41 -19.10
N GLU D 35 9.48 34.55 -19.79
CA GLU D 35 8.90 33.85 -20.94
C GLU D 35 7.71 33.01 -20.50
N SER D 36 7.87 32.25 -19.42
CA SER D 36 6.74 31.49 -18.90
C SER D 36 5.61 32.41 -18.46
N SER D 37 5.97 33.60 -17.96
CA SER D 37 4.96 34.55 -17.50
C SER D 37 4.07 35.00 -18.65
N ARG D 38 4.65 35.22 -19.81
CA ARG D 38 3.86 35.67 -20.95
C ARG D 38 2.84 34.62 -21.37
N ASN D 39 3.25 33.36 -21.42
CA ASN D 39 2.45 32.33 -22.08
C ASN D 39 1.32 31.78 -21.21
N GLY D 40 1.14 32.29 -20.00
CA GLY D 40 0.10 31.79 -19.13
C GLY D 40 0.37 30.37 -18.70
N LYS D 41 1.62 30.06 -18.38
CA LYS D 41 2.03 28.72 -18.00
C LYS D 41 2.80 28.74 -16.68
N LEU D 42 2.56 29.72 -15.83
CA LEU D 42 3.28 29.89 -14.56
C LEU D 42 2.35 29.60 -13.39
N VAL D 43 2.79 28.73 -12.49
CA VAL D 43 2.02 28.36 -11.31
C VAL D 43 2.90 28.57 -10.08
N PHE D 44 2.34 29.17 -9.04
CA PHE D 44 3.12 29.55 -7.88
C PHE D 44 2.87 28.64 -6.69
N PHE D 45 3.85 28.62 -5.79
CA PHE D 45 3.91 27.67 -4.67
C PHE D 45 4.26 28.50 -3.44
N VAL D 46 3.26 28.79 -2.62
CA VAL D 46 3.41 29.72 -1.50
C VAL D 46 3.56 28.94 -0.21
N GLY D 47 4.37 29.48 0.69
CA GLY D 47 4.67 28.80 1.93
C GLY D 47 4.47 29.61 3.20
N ALA D 48 5.07 29.15 4.29
CA ALA D 48 4.81 29.76 5.59
C ALA D 48 5.61 31.05 5.80
N GLY D 49 6.62 31.30 4.97
CA GLY D 49 7.42 32.48 5.18
C GLY D 49 6.62 33.77 5.04
N VAL D 50 5.82 33.87 3.99
CA VAL D 50 5.04 35.07 3.77
C VAL D 50 4.03 35.26 4.90
N SER D 51 3.42 34.17 5.36
CA SER D 51 2.53 34.26 6.50
C SER D 51 3.26 34.77 7.74
N THR D 52 4.48 34.29 7.97
CA THR D 52 5.26 34.80 9.08
C THR D 52 5.48 36.30 8.95
N LEU D 53 5.74 36.76 7.72
CA LEU D 53 5.90 38.20 7.50
C LEU D 53 4.69 38.99 7.96
N SER D 54 3.49 38.42 7.81
CA SER D 54 2.27 39.12 8.17
C SER D 54 1.91 38.98 9.64
N ASP D 55 2.88 38.66 10.50
CA ASP D 55 2.69 38.57 11.95
C ASP D 55 1.71 37.45 12.32
N TYR D 56 1.37 36.61 11.35
CA TYR D 56 0.57 35.44 11.63
C TYR D 56 1.29 34.55 12.63
N PRO D 57 0.57 33.84 13.50
CA PRO D 57 1.24 32.95 14.45
C PRO D 57 2.04 31.89 13.72
N GLN D 58 3.18 31.53 14.29
CA GLN D 58 4.07 30.55 13.69
C GLN D 58 4.32 29.39 14.66
N TRP D 59 4.70 28.25 14.09
CA TRP D 59 4.38 26.96 14.69
C TRP D 59 5.04 26.73 16.05
N TRP D 60 6.29 27.13 16.21
CA TRP D 60 7.00 26.81 17.43
C TRP D 60 6.30 27.38 18.65
N ARG D 61 5.66 28.55 18.50
CA ARG D 61 4.92 29.12 19.62
C ARG D 61 3.80 28.21 20.08
N LEU D 62 3.07 27.63 19.14
CA LEU D 62 1.91 26.82 19.50
C LEU D 62 2.36 25.45 20.03
N VAL D 63 3.47 24.95 19.51
CA VAL D 63 4.11 23.79 20.13
C VAL D 63 4.45 24.10 21.59
N ASP D 64 5.03 25.28 21.82
CA ASP D 64 5.34 25.68 23.18
C ASP D 64 4.08 25.74 24.04
N LYS D 65 2.97 26.16 23.45
CA LYS D 65 1.73 26.19 24.24
C LYS D 65 1.28 24.81 24.65
N TYR D 66 1.35 23.81 23.74
CA TYR D 66 1.07 22.46 24.22
C TYR D 66 2.03 22.07 25.33
N HIS D 67 3.32 22.39 25.16
CA HIS D 67 4.31 22.02 26.16
C HIS D 67 3.93 22.57 27.53
N GLU D 68 3.52 23.84 27.57
CA GLU D 68 3.09 24.45 28.82
C GLU D 68 1.78 23.85 29.31
N GLU D 69 0.92 23.41 28.41
CA GLU D 69 -0.35 22.87 28.84
C GLU D 69 -0.16 21.51 29.52
N LEU D 70 0.84 20.75 29.09
CA LEU D 70 1.12 19.48 29.75
C LEU D 70 2.10 19.60 30.91
N TYR D 71 2.81 20.71 31.01
CA TYR D 71 3.92 20.85 31.95
C TYR D 71 3.79 22.21 32.64
N GLY D 72 4.86 22.64 33.29
CA GLY D 72 4.88 23.94 33.91
C GLY D 72 5.88 24.89 33.30
N SER D 73 6.92 24.35 32.68
CA SER D 73 8.01 25.16 32.13
C SER D 73 8.42 24.59 30.77
N PRO D 74 8.93 25.42 29.88
CA PRO D 74 9.40 24.91 28.59
C PRO D 74 10.70 24.13 28.74
N LYS D 75 11.10 23.48 27.65
CA LYS D 75 12.35 22.74 27.65
C LYS D 75 13.51 23.70 27.88
N LYS D 76 14.40 23.33 28.78
CA LYS D 76 15.56 24.16 29.10
C LYS D 76 16.53 24.12 27.93
N GLY D 77 16.48 25.14 27.07
CA GLY D 77 17.20 25.15 25.83
C GLY D 77 16.31 24.74 24.66
N ASN D 78 16.96 24.48 23.53
CA ASN D 78 16.24 24.01 22.36
C ASN D 78 15.59 22.66 22.66
N TYR D 79 14.37 22.47 22.12
CA TYR D 79 13.57 21.31 22.46
C TYR D 79 14.28 20.03 22.06
N SER D 80 14.42 19.81 20.75
CA SER D 80 15.09 18.65 20.19
C SER D 80 15.07 18.78 18.68
N SER D 81 15.86 17.94 18.02
CA SER D 81 15.71 17.68 16.61
C SER D 81 14.72 16.54 16.35
N ASP D 82 14.13 16.00 17.42
CA ASP D 82 13.27 14.83 17.31
C ASP D 82 11.97 14.94 18.10
N GLU D 83 11.80 15.97 18.93
CA GLU D 83 10.63 16.03 19.80
C GLU D 83 9.54 16.91 19.20
N TYR D 84 9.88 17.73 18.20
CA TYR D 84 8.90 18.64 17.59
C TYR D 84 7.69 17.86 17.09
N LEU D 85 7.94 16.74 16.42
CA LEU D 85 6.85 15.97 15.85
C LEU D 85 6.22 15.03 16.87
N ARG D 86 6.53 15.17 18.17
CA ARG D 86 5.93 14.24 19.11
C ARG D 86 5.07 14.92 20.19
N ILE D 87 5.28 16.20 20.48
CA ILE D 87 4.43 16.85 21.49
C ILE D 87 2.95 16.83 21.11
N PRO D 88 2.53 17.33 19.93
CA PRO D 88 1.09 17.43 19.66
C PRO D 88 0.39 16.09 19.68
N GLN D 89 1.09 15.05 19.25
CA GLN D 89 0.63 13.68 19.43
C GLN D 89 0.21 13.42 20.86
N ILE D 90 1.12 13.67 21.80
CA ILE D 90 0.81 13.39 23.19
C ILE D 90 -0.37 14.23 23.63
N PHE D 91 -0.37 15.51 23.28
CA PHE D 91 -1.44 16.38 23.72
C PHE D 91 -2.79 15.86 23.25
N TYR D 92 -2.92 15.57 21.95
CA TYR D 92 -4.21 15.15 21.42
C TYR D 92 -4.62 13.79 21.96
N ASN D 93 -3.67 12.86 22.07
CA ASN D 93 -4.04 11.51 22.47
C ASN D 93 -4.44 11.45 23.93
N VAL D 94 -3.68 12.11 24.81
CA VAL D 94 -3.97 11.98 26.23
C VAL D 94 -4.99 13.00 26.72
N LYS D 95 -5.17 14.10 26.01
CA LYS D 95 -6.14 15.11 26.43
C LYS D 95 -7.45 15.04 25.68
N GLY D 96 -7.48 14.40 24.52
CA GLY D 96 -8.69 14.31 23.74
C GLY D 96 -8.82 15.42 22.71
N GLU D 97 -9.82 15.28 21.85
CA GLU D 97 -9.99 16.20 20.72
C GLU D 97 -10.39 17.59 21.20
N MET D 98 -11.23 17.68 22.23
CA MET D 98 -11.77 18.97 22.62
C MET D 98 -10.67 19.91 23.10
N ALA D 99 -9.67 19.38 23.80
CA ALA D 99 -8.61 20.25 24.32
C ALA D 99 -7.81 20.88 23.18
N PHE D 100 -7.37 20.07 22.22
CA PHE D 100 -6.61 20.58 21.10
C PHE D 100 -7.47 21.54 20.27
N ASP D 101 -8.75 21.21 20.10
CA ASP D 101 -9.64 22.12 19.39
C ASP D 101 -9.72 23.47 20.10
N GLY D 102 -9.81 23.45 21.43
CA GLY D 102 -9.85 24.70 22.17
C GLY D 102 -8.58 25.50 22.02
N ILE D 103 -7.43 24.82 22.04
CA ILE D 103 -6.16 25.53 21.88
C ILE D 103 -6.07 26.19 20.52
N LEU D 104 -6.45 25.46 19.47
CA LEU D 104 -6.45 26.04 18.13
C LEU D 104 -7.43 27.20 18.04
N LYS D 105 -8.62 27.02 18.63
CA LYS D 105 -9.61 28.09 18.70
C LYS D 105 -9.00 29.35 19.30
N ASP D 106 -8.27 29.17 20.40
CA ASP D 106 -7.70 30.32 21.10
C ASP D 106 -6.65 31.02 20.23
N PHE D 107 -5.71 30.26 19.69
CA PHE D 107 -4.56 30.90 19.03
C PHE D 107 -4.73 31.13 17.55
N PHE D 108 -5.90 30.86 16.97
CA PHE D 108 -6.04 31.03 15.54
C PHE D 108 -7.30 31.79 15.13
N GLN D 109 -8.14 32.22 16.07
CA GLN D 109 -9.32 33.02 15.75
C GLN D 109 -8.95 34.50 15.78
N VAL D 110 -8.15 34.91 14.80
CA VAL D 110 -7.70 36.29 14.68
C VAL D 110 -7.81 36.72 13.24
N ASP D 111 -7.90 38.02 13.02
CA ASP D 111 -7.87 38.61 11.69
C ASP D 111 -6.63 39.47 11.56
N LYS D 112 -5.93 39.32 10.44
CA LYS D 112 -4.66 39.98 10.18
C LYS D 112 -4.72 40.76 8.87
N PRO D 113 -3.86 41.75 8.71
CA PRO D 113 -3.79 42.46 7.42
C PRO D 113 -2.98 41.70 6.40
N THR D 114 -2.73 42.31 5.24
CA THR D 114 -1.98 41.68 4.17
C THR D 114 -0.72 42.49 3.88
N ASN D 115 0.40 41.79 3.67
CA ASN D 115 1.66 42.44 3.39
C ASN D 115 1.88 42.59 1.89
N PRO D 116 2.76 43.49 1.46
CA PRO D 116 2.86 43.78 0.02
C PRO D 116 3.26 42.58 -0.82
N ILE D 117 3.90 41.58 -0.22
CA ILE D 117 4.33 40.43 -1.00
C ILE D 117 3.15 39.68 -1.59
N HIS D 118 2.00 39.65 -0.90
CA HIS D 118 0.82 39.07 -1.52
C HIS D 118 0.41 39.83 -2.76
N ASP D 119 0.42 41.17 -2.69
CA ASP D 119 0.10 41.94 -3.88
C ASP D 119 1.04 41.62 -5.01
N LYS D 120 2.33 41.50 -4.69
CA LYS D 120 3.31 41.19 -5.74
C LYS D 120 3.05 39.80 -6.32
N ILE D 121 2.82 38.80 -5.47
CA ILE D 121 2.67 37.43 -5.94
C ILE D 121 1.42 37.32 -6.79
N LEU D 122 0.42 38.14 -6.52
CA LEU D 122 -0.70 38.22 -7.44
C LEU D 122 -0.36 38.97 -8.72
N ALA D 123 0.59 39.91 -8.65
CA ALA D 123 0.83 40.81 -9.77
C ALA D 123 1.34 40.08 -11.00
N MET D 124 1.90 38.88 -10.84
CA MET D 124 2.36 38.09 -11.97
C MET D 124 1.28 37.17 -12.51
N ASN D 125 0.01 37.52 -12.30
CA ASN D 125 -1.19 36.81 -12.74
C ASN D 125 -0.98 35.31 -12.79
N PRO D 126 -0.74 34.67 -11.66
CA PRO D 126 -0.44 33.24 -11.68
C PRO D 126 -1.62 32.41 -12.14
N ALA D 127 -1.32 31.42 -12.99
CA ALA D 127 -2.37 30.53 -13.49
C ALA D 127 -2.98 29.73 -12.35
N HIS D 128 -2.15 29.25 -11.43
CA HIS D 128 -2.64 28.60 -10.23
C HIS D 128 -1.74 28.98 -9.05
N VAL D 129 -2.34 28.97 -7.86
CA VAL D 129 -1.61 29.21 -6.62
C VAL D 129 -1.82 28.01 -5.73
N ILE D 130 -0.71 27.42 -5.27
CA ILE D 130 -0.73 26.21 -4.46
C ILE D 130 -0.02 26.52 -3.16
N THR D 131 -0.68 26.30 -2.04
CA THR D 131 -0.12 26.68 -0.75
C THR D 131 -0.19 25.53 0.24
N THR D 132 0.77 25.52 1.15
CA THR D 132 0.80 24.61 2.29
C THR D 132 0.43 25.30 3.59
N ASN D 133 -0.24 26.44 3.51
CA ASN D 133 -0.55 27.25 4.68
C ASN D 133 -1.96 26.97 5.18
N TYR D 134 -2.11 26.97 6.51
CA TYR D 134 -3.40 26.76 7.14
C TYR D 134 -4.30 27.99 7.05
N ASP D 135 -3.76 29.15 6.76
CA ASP D 135 -4.47 30.41 6.93
C ASP D 135 -5.42 30.65 5.77
N ASN D 136 -5.95 31.87 5.71
CA ASN D 136 -6.83 32.29 4.61
C ASN D 136 -6.42 33.63 4.03
N LEU D 137 -5.26 34.15 4.40
CA LEU D 137 -4.88 35.49 3.95
C LEU D 137 -4.78 35.56 2.43
N ILE D 138 -4.21 34.52 1.81
CA ILE D 138 -4.03 34.57 0.37
C ILE D 138 -5.38 34.57 -0.35
N ASP D 139 -6.40 33.98 0.25
CA ASP D 139 -7.72 34.00 -0.37
C ASP D 139 -8.27 35.41 -0.45
N THR D 140 -8.25 36.14 0.66
CA THR D 140 -8.69 37.53 0.65
C THR D 140 -7.79 38.36 -0.25
N ALA D 141 -6.51 38.02 -0.35
CA ALA D 141 -5.63 38.72 -1.28
C ALA D 141 -6.11 38.55 -2.71
N CYS D 142 -6.42 37.33 -3.11
CA CYS D 142 -6.93 37.09 -4.46
C CYS D 142 -8.27 37.79 -4.65
N TRP D 143 -9.10 37.82 -3.61
CA TRP D 143 -10.39 38.49 -3.71
C TRP D 143 -10.23 39.99 -3.97
N LYS D 144 -9.27 40.63 -3.29
CA LYS D 144 -9.22 42.09 -3.28
C LYS D 144 -8.89 42.66 -4.66
N ARG D 145 -8.00 42.01 -5.40
CA ARG D 145 -7.68 42.49 -6.74
C ARG D 145 -8.74 42.18 -7.77
N GLY D 146 -9.90 41.66 -7.35
CA GLY D 146 -11.01 41.45 -8.25
C GLY D 146 -10.98 40.13 -8.99
N LYS D 147 -9.87 39.42 -8.98
CA LYS D 147 -9.80 38.11 -9.61
C LYS D 147 -10.68 37.13 -8.86
N TYR D 148 -11.17 36.12 -9.58
CA TYR D 148 -11.91 35.02 -8.96
C TYR D 148 -11.16 33.72 -9.20
N PHE D 149 -10.97 32.96 -8.12
CA PHE D 149 -10.38 31.63 -8.20
C PHE D 149 -11.31 30.65 -7.51
N SER D 150 -11.22 29.39 -7.92
CA SER D 150 -11.96 28.32 -7.28
C SER D 150 -11.09 27.69 -6.21
N VAL D 151 -11.53 27.80 -4.96
CA VAL D 151 -10.82 27.23 -3.83
C VAL D 151 -11.06 25.73 -3.81
N ILE D 152 -9.99 24.96 -3.67
CA ILE D 152 -10.07 23.54 -3.38
C ILE D 152 -9.05 23.26 -2.29
N SER D 153 -9.56 22.95 -1.10
CA SER D 153 -8.72 22.53 0.01
C SER D 153 -9.23 21.26 0.70
N ALA D 154 -10.53 21.02 0.76
CA ALA D 154 -11.07 19.78 1.27
C ALA D 154 -11.41 18.88 0.10
N GLU D 155 -11.72 17.63 0.41
CA GLU D 155 -11.85 16.62 -0.63
C GLU D 155 -13.09 16.85 -1.49
N GLU D 156 -14.24 17.06 -0.86
CA GLU D 156 -15.53 16.90 -1.54
C GLU D 156 -15.68 17.84 -2.72
N ASP D 157 -14.93 18.95 -2.74
CA ASP D 157 -15.14 19.93 -3.78
C ASP D 157 -14.34 19.64 -5.05
N VAL D 158 -13.46 18.64 -5.02
CA VAL D 158 -12.65 18.35 -6.21
C VAL D 158 -13.54 18.06 -7.41
N ALA D 159 -14.73 17.50 -7.17
CA ALA D 159 -15.63 17.18 -8.27
C ALA D 159 -16.15 18.46 -8.93
N ASN D 160 -16.43 19.49 -8.14
CA ASN D 160 -17.07 20.68 -8.70
C ASN D 160 -16.05 21.53 -9.45
N ALA D 161 -15.10 22.08 -8.72
CA ALA D 161 -13.98 22.86 -9.22
C ALA D 161 -14.40 24.21 -9.78
N THR D 162 -15.70 24.39 -10.03
CA THR D 162 -16.39 25.68 -10.06
C THR D 162 -15.73 26.74 -10.92
N SER D 163 -14.68 26.38 -11.67
CA SER D 163 -13.89 27.36 -12.40
C SER D 163 -12.79 26.62 -13.15
N SER D 164 -12.11 27.35 -14.04
CA SER D 164 -10.92 26.85 -14.71
C SER D 164 -9.64 27.34 -14.07
N ARG D 165 -9.75 28.02 -12.93
CA ARG D 165 -8.60 28.43 -12.13
C ARG D 165 -8.69 27.74 -10.78
N TYR D 166 -7.63 27.02 -10.39
CA TYR D 166 -7.63 26.21 -9.19
C TYR D 166 -6.73 26.86 -8.13
N LEU D 167 -7.18 26.78 -6.88
CA LEU D 167 -6.38 27.19 -5.73
C LEU D 167 -6.31 25.99 -4.80
N LEU D 168 -5.22 25.23 -4.89
CA LEU D 168 -4.95 24.06 -4.05
C LEU D 168 -4.36 24.52 -2.74
N LYS D 169 -5.11 24.38 -1.63
CA LYS D 169 -4.42 24.31 -0.35
C LYS D 169 -4.15 22.85 -0.04
N VAL D 170 -2.87 22.50 0.06
CA VAL D 170 -2.47 21.14 0.35
C VAL D 170 -2.87 20.75 1.75
N ALA D 171 -2.75 21.67 2.69
CA ALA D 171 -2.94 21.35 4.10
C ALA D 171 -4.38 21.52 4.58
N GLY D 172 -5.26 22.05 3.74
CA GLY D 172 -6.63 22.29 4.17
C GLY D 172 -6.75 23.56 5.00
N ASP D 173 -8.00 23.96 5.24
CA ASP D 173 -8.29 25.20 5.94
C ASP D 173 -9.40 24.97 6.95
N PHE D 174 -9.57 25.94 7.85
CA PHE D 174 -10.58 25.88 8.90
C PHE D 174 -11.95 26.30 8.42
N ARG D 175 -12.19 26.39 7.12
CA ARG D 175 -13.40 27.08 6.67
C ARG D 175 -14.66 26.30 6.99
N LYS D 176 -14.57 25.01 7.27
CA LYS D 176 -15.73 24.23 7.66
C LYS D 176 -15.82 24.06 9.17
N GLY D 177 -15.12 24.89 9.93
CA GLY D 177 -15.09 24.82 11.37
C GLY D 177 -13.67 24.63 11.85
N PHE D 178 -13.36 25.27 12.98
CA PHE D 178 -12.02 25.17 13.57
C PHE D 178 -11.88 23.87 14.33
N LYS D 179 -11.76 22.79 13.56
CA LYS D 179 -11.60 21.44 14.07
C LYS D 179 -10.43 20.76 13.39
N GLY D 180 -9.96 19.66 13.98
CA GLY D 180 -8.73 19.04 13.53
C GLY D 180 -8.85 18.28 12.23
N GLU D 181 -10.02 17.68 11.96
CA GLU D 181 -10.14 16.79 10.81
C GLU D 181 -9.97 17.50 9.48
N ASN D 182 -10.12 18.81 9.44
CA ASN D 182 -10.07 19.55 8.20
C ASN D 182 -8.67 19.98 7.80
N VAL D 183 -7.67 19.72 8.64
CA VAL D 183 -6.32 20.23 8.42
C VAL D 183 -5.32 19.20 8.92
N VAL D 184 -4.13 19.21 8.30
CA VAL D 184 -3.04 18.33 8.68
C VAL D 184 -2.17 19.08 9.69
N LEU D 185 -2.20 18.60 10.92
CA LEU D 185 -1.35 19.12 11.99
C LEU D 185 -0.60 18.02 12.72
N LYS D 186 -1.14 16.81 12.77
CA LYS D 186 -0.55 15.69 13.50
C LYS D 186 0.15 14.72 12.55
N GLU D 187 1.02 13.89 13.13
CA GLU D 187 1.92 13.07 12.34
C GLU D 187 1.15 11.95 11.66
N ASP D 188 0.02 11.55 12.25
CA ASP D 188 -0.79 10.52 11.64
C ASP D 188 -1.43 11.02 10.35
N ASP D 189 -1.87 12.28 10.35
CA ASP D 189 -2.32 12.90 9.12
C ASP D 189 -1.19 13.00 8.10
N TYR D 190 0.06 12.94 8.55
CA TYR D 190 1.21 12.97 7.67
C TYR D 190 1.50 11.60 7.09
N LEU D 191 1.50 10.58 7.94
CA LEU D 191 1.81 9.22 7.53
C LEU D 191 0.64 8.58 6.80
N ASN D 192 -0.58 9.05 7.07
CA ASN D 192 -1.75 8.58 6.36
C ASN D 192 -2.20 9.55 5.27
N TYR D 193 -1.30 10.43 4.83
CA TYR D 193 -1.66 11.40 3.81
C TYR D 193 -2.14 10.74 2.54
N ASP D 194 -1.41 9.73 2.07
CA ASP D 194 -1.79 9.08 0.82
C ASP D 194 -3.14 8.40 0.94
N GLN D 195 -3.45 7.83 2.10
CA GLN D 195 -4.70 7.10 2.24
C GLN D 195 -5.90 8.05 2.26
N ASN D 196 -5.84 9.11 3.05
CA ASN D 196 -7.03 9.93 3.27
C ASN D 196 -7.30 10.90 2.12
N TYR D 197 -6.26 11.39 1.45
CA TYR D 197 -6.40 12.45 0.45
C TYR D 197 -5.77 12.02 -0.86
N PRO D 198 -6.34 11.03 -1.54
CA PRO D 198 -5.74 10.56 -2.79
C PRO D 198 -5.89 11.55 -3.94
N LEU D 199 -7.10 12.02 -4.19
CA LEU D 199 -7.34 12.88 -5.36
C LEU D 199 -6.56 14.19 -5.25
N ILE D 200 -6.47 14.74 -4.04
CA ILE D 200 -5.70 15.97 -3.88
C ILE D 200 -4.24 15.69 -4.24
N SER D 201 -3.75 14.51 -3.88
CA SER D 201 -2.39 14.14 -4.25
C SER D 201 -2.25 14.07 -5.76
N ASN D 202 -3.23 13.47 -6.43
CA ASN D 202 -3.15 13.35 -7.89
C ASN D 202 -3.19 14.72 -8.56
N LEU D 203 -4.00 15.63 -8.04
CA LEU D 203 -4.02 16.99 -8.59
C LEU D 203 -2.67 17.66 -8.43
N MET D 204 -2.06 17.52 -7.25
CA MET D 204 -0.72 18.06 -7.08
C MET D 204 0.23 17.42 -8.07
N LYS D 205 0.10 16.11 -8.28
CA LYS D 205 0.91 15.41 -9.27
C LYS D 205 0.85 16.11 -10.61
N THR D 206 -0.35 16.22 -11.17
CA THR D 206 -0.47 16.71 -12.54
C THR D 206 -0.05 18.16 -12.64
N ILE D 207 -0.44 18.98 -11.66
CA ILE D 207 -0.12 20.39 -11.75
C ILE D 207 1.37 20.62 -11.67
N ILE D 208 2.08 19.86 -10.83
CA ILE D 208 3.52 20.05 -10.74
C ILE D 208 4.21 19.43 -11.94
N ALA D 209 3.57 18.45 -12.59
CA ALA D 209 4.17 17.83 -13.75
C ALA D 209 4.04 18.70 -14.99
N THR D 210 2.99 19.51 -15.10
CA THR D 210 2.72 20.18 -16.36
C THR D 210 3.56 21.44 -16.56
N HIS D 211 3.40 22.46 -15.72
CA HIS D 211 3.90 23.80 -15.98
C HIS D 211 5.26 24.00 -15.33
N THR D 212 5.71 25.26 -15.34
CA THR D 212 6.91 25.69 -14.65
C THR D 212 6.54 26.23 -13.28
N ILE D 213 7.36 25.92 -12.28
CA ILE D 213 7.00 26.11 -10.88
C ILE D 213 8.08 26.93 -10.19
N VAL D 214 7.66 27.89 -9.37
CA VAL D 214 8.59 28.72 -8.61
C VAL D 214 8.22 28.70 -7.13
N PHE D 215 8.98 27.94 -6.35
CA PHE D 215 8.80 27.93 -4.91
C PHE D 215 9.18 29.29 -4.31
N ILE D 216 8.43 29.70 -3.30
CA ILE D 216 8.72 30.94 -2.57
C ILE D 216 8.64 30.63 -1.07
N GLY D 217 9.55 31.22 -0.31
CA GLY D 217 9.51 31.17 1.14
C GLY D 217 9.31 29.81 1.77
N TYR D 218 10.26 28.91 1.59
CA TYR D 218 10.27 27.65 2.31
C TYR D 218 11.65 27.42 2.90
N GLY D 219 11.69 26.78 4.06
CA GLY D 219 12.96 26.30 4.57
C GLY D 219 13.54 25.23 3.67
N LEU D 220 14.87 25.18 3.62
CA LEU D 220 15.50 24.21 2.73
C LEU D 220 15.20 22.78 3.16
N GLY D 221 15.08 22.53 4.46
CA GLY D 221 14.55 21.25 4.86
C GLY D 221 13.05 21.16 4.75
N ASP D 222 12.34 21.83 5.66
CA ASP D 222 10.90 22.02 5.63
C ASP D 222 10.12 20.80 5.14
N TYR D 223 10.58 19.61 5.50
CA TYR D 223 9.93 18.34 5.18
C TYR D 223 9.36 18.24 3.77
N ASN D 224 8.33 19.05 3.46
CA ASN D 224 7.58 18.86 2.23
C ASN D 224 8.47 18.96 0.99
N ILE D 225 9.52 19.79 1.05
CA ILE D 225 10.42 19.89 -0.07
C ILE D 225 11.12 18.56 -0.28
N ASN D 226 11.39 17.82 0.81
CA ASN D 226 11.98 16.50 0.66
C ASN D 226 11.04 15.56 -0.06
N MET D 227 9.74 15.61 0.27
CA MET D 227 8.80 14.73 -0.40
C MET D 227 8.72 15.06 -1.89
N LEU D 228 8.64 16.35 -2.22
CA LEU D 228 8.59 16.74 -3.62
C LEU D 228 9.83 16.25 -4.36
N LEU D 229 11.01 16.50 -3.79
CA LEU D 229 12.23 16.01 -4.42
C LEU D 229 12.21 14.50 -4.57
N ASN D 230 11.92 13.79 -3.47
CA ASN D 230 12.03 12.34 -3.46
C ASN D 230 11.16 11.72 -4.54
N TRP D 231 9.92 12.20 -4.66
CA TRP D 231 9.11 11.65 -5.73
C TRP D 231 9.65 12.10 -7.08
N VAL D 232 9.63 13.42 -7.33
CA VAL D 232 9.65 13.88 -8.72
C VAL D 232 11.02 13.63 -9.36
N ARG D 233 12.08 13.56 -8.56
CA ARG D 233 13.38 13.36 -9.19
C ARG D 233 13.73 11.88 -9.33
N LYS D 234 13.49 11.09 -8.30
CA LYS D 234 13.97 9.71 -8.31
C LYS D 234 13.14 8.85 -9.26
N LEU D 235 11.83 8.97 -9.21
CA LEU D 235 10.97 8.05 -9.98
C LEU D 235 10.92 8.40 -11.46
N GLN D 236 10.85 9.68 -11.82
CA GLN D 236 10.67 10.08 -13.20
C GLN D 236 11.96 9.96 -14.01
N LYS D 237 11.81 9.95 -15.33
CA LYS D 237 12.93 9.91 -16.24
C LYS D 237 13.39 11.33 -16.54
N ASP D 238 14.27 11.51 -17.53
CA ASP D 238 14.84 12.83 -17.82
C ASP D 238 13.91 13.71 -18.63
N SER D 239 12.60 13.58 -18.44
CA SER D 239 11.59 14.40 -19.09
C SER D 239 10.96 15.42 -18.14
N PHE D 240 11.75 16.01 -17.26
CA PHE D 240 11.25 16.91 -16.23
C PHE D 240 11.76 18.31 -16.59
N HIS D 241 10.93 19.32 -16.45
CA HIS D 241 11.42 20.71 -16.45
C HIS D 241 11.75 21.14 -15.03
N LYS D 242 13.04 21.29 -14.75
CA LYS D 242 13.52 21.41 -13.39
C LYS D 242 12.97 22.67 -12.73
N PRO D 243 12.62 22.58 -11.44
CA PRO D 243 11.99 23.71 -10.76
C PRO D 243 13.00 24.75 -10.27
N PHE D 244 12.45 25.89 -9.90
CA PHE D 244 13.20 27.01 -9.32
C PHE D 244 12.88 27.11 -7.83
N PHE D 245 13.80 27.75 -7.10
CA PHE D 245 13.66 27.95 -5.66
C PHE D 245 14.30 29.28 -5.33
N ILE D 246 13.63 30.07 -4.49
CA ILE D 246 14.09 31.39 -4.08
C ILE D 246 14.47 31.27 -2.60
N ARG D 247 15.78 31.30 -2.32
CA ARG D 247 16.28 31.18 -0.96
C ARG D 247 16.42 32.56 -0.33
N THR D 248 16.01 32.67 0.93
CA THR D 248 16.03 33.94 1.64
C THR D 248 16.73 33.80 2.98
N ASP D 249 17.62 32.84 3.10
CA ASP D 249 18.39 32.69 4.32
C ASP D 249 19.40 33.84 4.44
N PRO D 250 19.77 34.21 5.67
CA PRO D 250 20.73 35.30 5.84
C PRO D 250 22.12 34.97 5.29
N SER D 251 22.64 33.80 5.68
CA SER D 251 24.00 33.45 5.30
C SER D 251 24.08 33.19 3.80
N PRO D 252 25.24 33.47 3.19
CA PRO D 252 25.41 33.16 1.77
C PRO D 252 25.74 31.70 1.57
N ILE D 253 24.88 31.01 0.82
CA ILE D 253 25.00 29.56 0.65
C ILE D 253 26.34 29.24 0.01
N GLU D 254 26.94 28.14 0.43
CA GLU D 254 28.21 27.71 -0.13
C GLU D 254 27.97 27.01 -1.47
N ASN D 255 28.86 27.25 -2.43
CA ASN D 255 28.64 26.74 -3.77
C ASN D 255 28.68 25.22 -3.82
N GLU D 256 29.29 24.57 -2.82
CA GLU D 256 29.24 23.11 -2.77
C GLU D 256 27.80 22.64 -2.65
N THR D 257 27.03 23.28 -1.77
CA THR D 257 25.62 22.93 -1.62
C THR D 257 24.87 23.11 -2.93
N LEU D 258 25.32 24.05 -3.77
CA LEU D 258 24.66 24.29 -5.04
C LEU D 258 24.74 23.06 -5.94
N ILE D 259 25.89 22.41 -5.98
CA ILE D 259 26.04 21.22 -6.84
C ILE D 259 25.08 20.13 -6.40
N TYR D 260 25.04 19.84 -5.10
CA TYR D 260 24.16 18.77 -4.64
C TYR D 260 22.71 19.13 -4.90
N TYR D 261 22.31 20.35 -4.62
CA TYR D 261 20.91 20.69 -4.83
C TYR D 261 20.54 20.82 -6.31
N GLU D 262 21.50 20.98 -7.21
CA GLU D 262 21.11 20.95 -8.62
C GLU D 262 21.07 19.53 -9.14
N ASN D 263 21.91 18.66 -8.57
CA ASN D 263 21.89 17.26 -9.00
C ASN D 263 20.60 16.58 -8.61
N LYS D 264 19.97 17.00 -7.52
CA LYS D 264 18.62 16.56 -7.23
C LYS D 264 17.60 17.22 -8.13
N GLY D 265 17.99 18.27 -8.85
CA GLY D 265 17.10 18.88 -9.81
C GLY D 265 16.38 20.12 -9.34
N LEU D 266 17.11 21.05 -8.73
CA LEU D 266 16.57 22.36 -8.37
C LEU D 266 17.52 23.44 -8.84
N ARG D 267 16.96 24.60 -9.20
CA ARG D 267 17.75 25.77 -9.56
C ARG D 267 17.49 26.85 -8.53
N ILE D 268 18.55 27.26 -7.83
CA ILE D 268 18.44 28.13 -6.67
C ILE D 268 18.80 29.55 -7.07
N ILE D 269 18.03 30.51 -6.61
CA ILE D 269 18.31 31.93 -6.81
C ILE D 269 18.36 32.57 -5.43
N ASP D 270 19.56 32.71 -4.88
CA ASP D 270 19.73 33.22 -3.53
C ASP D 270 19.76 34.74 -3.54
N ALA D 271 19.10 35.34 -2.55
CA ALA D 271 19.16 36.79 -2.41
C ALA D 271 20.49 37.24 -1.83
N ALA D 272 21.20 36.33 -1.16
CA ALA D 272 22.50 36.69 -0.60
C ALA D 272 23.45 37.17 -1.69
N SER D 273 23.37 36.58 -2.87
CA SER D 273 24.08 37.12 -4.01
C SER D 273 23.53 38.49 -4.40
N LEU D 274 22.21 38.66 -4.33
CA LEU D 274 21.58 39.82 -4.95
C LEU D 274 21.92 41.11 -4.23
N ILE D 275 21.51 41.24 -2.97
CA ILE D 275 21.62 42.50 -2.25
C ILE D 275 22.28 42.25 -0.91
N ASP D 276 23.20 43.15 -0.53
CA ASP D 276 23.83 43.09 0.78
C ASP D 276 22.84 43.63 1.81
N SER D 277 22.70 42.93 2.93
CA SER D 277 21.68 43.27 3.91
C SER D 277 22.07 42.75 5.29
N ASN D 278 21.40 43.28 6.30
CA ASN D 278 21.58 42.84 7.69
C ASN D 278 20.86 41.51 7.88
N GLU D 279 21.00 40.94 9.08
CA GLU D 279 20.44 39.61 9.35
C GLU D 279 18.92 39.61 9.31
N TYR D 280 18.28 40.61 9.92
CA TYR D 280 16.87 40.52 10.26
C TYR D 280 15.94 41.28 9.32
N ASP D 281 16.42 41.83 8.21
CA ASP D 281 15.57 42.59 7.31
C ASP D 281 15.08 41.72 6.15
N TYR D 282 14.30 40.71 6.50
CA TYR D 282 13.84 39.75 5.50
C TYR D 282 12.95 40.40 4.45
N LEU D 283 12.04 41.29 4.87
CA LEU D 283 11.04 41.80 3.95
C LEU D 283 11.68 42.58 2.81
N GLU D 284 12.75 43.32 3.09
CA GLU D 284 13.53 43.92 2.01
C GLU D 284 14.10 42.87 1.07
N ARG D 285 14.52 41.72 1.59
CA ARG D 285 15.06 40.69 0.71
C ARG D 285 13.99 40.16 -0.23
N TYR D 286 12.83 39.79 0.31
CA TYR D 286 11.74 39.33 -0.54
C TYR D 286 11.35 40.42 -1.54
N SER D 287 11.31 41.67 -1.08
CA SER D 287 11.01 42.77 -1.98
C SER D 287 12.02 42.83 -3.12
N ALA D 288 13.30 42.67 -2.81
CA ALA D 288 14.32 42.77 -3.84
C ALA D 288 14.15 41.67 -4.88
N VAL D 289 13.98 40.43 -4.42
CA VAL D 289 13.92 39.34 -5.39
C VAL D 289 12.66 39.47 -6.25
N MET D 290 11.53 39.80 -5.63
CA MET D 290 10.31 39.87 -6.41
C MET D 290 10.26 41.10 -7.32
N ASP D 291 10.89 42.20 -6.92
CA ASP D 291 10.99 43.34 -7.80
C ASP D 291 11.93 43.05 -8.96
N LEU D 292 12.92 42.18 -8.76
CA LEU D 292 13.71 41.74 -9.89
C LEU D 292 12.83 41.10 -10.95
N LEU D 293 11.86 40.28 -10.53
CA LEU D 293 10.97 39.64 -11.48
C LEU D 293 10.00 40.64 -12.09
N ILE D 294 9.17 41.28 -11.27
CA ILE D 294 8.11 42.13 -11.82
C ILE D 294 8.70 43.31 -12.57
N GLU D 295 9.79 43.89 -12.07
CA GLU D 295 10.33 45.12 -12.62
C GLU D 295 10.69 44.95 -14.09
N SER D 296 11.49 43.95 -14.41
CA SER D 296 11.80 43.64 -15.80
C SER D 296 10.97 42.47 -16.29
N GLN D 297 9.64 42.64 -16.30
CA GLN D 297 8.82 41.67 -17.00
C GLN D 297 9.24 41.60 -18.46
N GLU D 298 9.08 42.70 -19.21
CA GLU D 298 10.16 43.25 -20.01
C GLU D 298 9.81 44.68 -20.42
N ASN D 299 10.22 45.67 -19.62
CA ASN D 299 10.05 47.05 -20.04
C ASN D 299 11.27 47.93 -19.75
N LYS D 300 11.89 47.75 -18.59
CA LYS D 300 12.84 48.74 -18.12
C LYS D 300 14.29 48.32 -18.23
N PHE D 301 14.58 47.02 -18.27
CA PHE D 301 15.98 46.62 -18.33
C PHE D 301 16.62 46.94 -19.67
N ILE D 302 15.85 47.29 -20.68
CA ILE D 302 16.36 47.52 -22.03
C ILE D 302 17.29 48.72 -22.04
N THR D 303 18.58 48.46 -22.25
CA THR D 303 19.58 49.52 -22.37
C THR D 303 20.34 49.46 -23.69
N LYS D 304 20.68 48.26 -24.18
CA LYS D 304 21.44 48.14 -25.40
C LYS D 304 20.53 48.13 -26.62
N ASP D 305 21.07 48.60 -27.74
CA ASP D 305 20.28 48.74 -28.96
C ASP D 305 19.85 47.39 -29.53
N ASP D 306 20.71 46.37 -29.44
CA ASP D 306 20.35 45.06 -29.96
C ASP D 306 19.11 44.53 -29.26
N GLU D 307 18.92 44.89 -28.00
CA GLU D 307 17.72 44.46 -27.29
C GLU D 307 16.47 45.00 -27.95
N VAL D 308 16.51 46.25 -28.39
CA VAL D 308 15.34 46.84 -29.05
C VAL D 308 14.97 46.01 -30.28
N ILE D 309 15.96 45.70 -31.12
CA ILE D 309 15.64 45.03 -32.37
C ILE D 309 15.17 43.60 -32.12
N ASP D 310 15.79 42.89 -31.16
CA ASP D 310 15.33 41.53 -30.93
C ASP D 310 13.94 41.51 -30.32
N TYR D 311 13.65 42.45 -29.41
CA TYR D 311 12.32 42.53 -28.84
C TYR D 311 11.28 42.81 -29.92
N ILE D 312 11.58 43.76 -30.81
CA ILE D 312 10.65 44.08 -31.88
C ILE D 312 10.42 42.87 -32.76
N TYR D 313 11.51 42.17 -33.11
CA TYR D 313 11.39 41.01 -33.98
C TYR D 313 10.52 39.94 -33.34
N GLY D 314 10.72 39.68 -32.05
CA GLY D 314 10.03 38.57 -31.41
C GLY D 314 8.53 38.65 -31.52
N LYS D 315 7.98 39.86 -31.62
CA LYS D 315 6.53 40.03 -31.72
C LYS D 315 6.06 40.37 -33.12
N ILE D 316 6.92 40.93 -33.98
CA ILE D 316 6.47 41.32 -35.32
C ILE D 316 6.75 40.25 -36.37
N SER D 317 7.73 39.38 -36.14
CA SER D 317 8.03 38.32 -37.09
C SER D 317 6.85 37.42 -37.45
N PRO D 318 6.07 36.89 -36.51
CA PRO D 318 5.06 35.90 -36.92
C PRO D 318 4.01 36.47 -37.84
N LEU D 319 3.66 37.74 -37.71
CA LEU D 319 2.65 38.33 -38.57
C LEU D 319 3.06 38.37 -40.03
N PHE D 320 4.24 37.85 -40.39
CA PHE D 320 4.68 37.92 -41.77
C PHE D 320 3.85 37.07 -42.72
N ALA D 321 3.12 36.08 -42.19
CA ALA D 321 2.42 35.15 -43.07
C ALA D 321 1.36 35.85 -43.89
N LEU D 322 0.61 36.77 -43.29
CA LEU D 322 -0.41 37.48 -44.02
C LEU D 322 0.22 38.53 -44.93
N GLN D 323 -0.63 39.36 -45.53
CA GLN D 323 -0.16 40.40 -46.43
C GLN D 323 -0.25 41.80 -45.85
N TYR D 324 -1.29 42.11 -45.08
CA TYR D 324 -1.47 43.46 -44.58
C TYR D 324 -2.25 43.44 -43.28
N ILE D 325 -1.91 44.38 -42.41
CA ILE D 325 -2.51 44.53 -41.10
C ILE D 325 -3.14 45.91 -41.03
N ARG D 326 -4.40 45.98 -40.60
CA ARG D 326 -5.04 47.28 -40.44
C ARG D 326 -4.39 48.05 -39.31
N LYS D 327 -4.33 49.37 -39.45
CA LYS D 327 -3.51 50.15 -38.54
C LYS D 327 -4.15 50.26 -37.17
N ILE D 328 -5.46 50.45 -37.10
CA ILE D 328 -6.11 50.65 -35.80
C ILE D 328 -5.90 49.45 -34.89
N ASP D 329 -5.84 48.25 -35.46
CA ASP D 329 -5.67 47.08 -34.62
C ASP D 329 -4.25 46.90 -34.12
N LEU D 330 -3.27 47.58 -34.72
CA LEU D 330 -1.86 47.27 -34.47
C LEU D 330 -1.48 47.37 -33.00
N LYS D 331 -2.19 48.16 -32.22
CA LYS D 331 -1.83 48.30 -30.81
C LYS D 331 -1.96 46.98 -30.07
N HIS D 332 -2.91 46.13 -30.47
CA HIS D 332 -2.97 44.80 -29.88
C HIS D 332 -1.63 44.08 -29.98
N VAL D 333 -0.92 44.26 -31.09
CA VAL D 333 0.34 43.56 -31.30
C VAL D 333 1.33 43.91 -30.22
N PHE D 334 1.23 45.11 -29.65
CA PHE D 334 2.20 45.56 -28.65
C PHE D 334 1.58 45.72 -27.28
N GLU D 335 0.39 45.16 -27.06
CA GLU D 335 -0.25 45.16 -25.75
C GLU D 335 -0.37 46.58 -25.18
N TYR D 336 -1.10 47.42 -25.91
CA TYR D 336 -1.62 48.68 -25.37
C TYR D 336 -0.52 49.68 -25.03
N ASP D 337 0.74 49.40 -25.37
CA ASP D 337 1.81 50.30 -24.97
C ASP D 337 1.86 51.55 -25.83
N TYR D 338 1.28 51.52 -27.03
CA TYR D 338 1.31 52.67 -27.92
C TYR D 338 -0.02 52.80 -28.65
N HIS D 339 -0.31 54.04 -29.04
CA HIS D 339 -1.45 54.38 -29.86
C HIS D 339 -0.96 54.66 -31.28
N PHE D 340 -1.47 53.90 -32.24
CA PHE D 340 -1.14 54.12 -33.64
C PHE D 340 -2.27 54.91 -34.27
N GLU D 341 -1.98 56.14 -34.65
CA GLU D 341 -2.99 57.07 -35.12
C GLU D 341 -3.16 56.89 -36.62
N VAL D 342 -4.41 56.84 -37.07
CA VAL D 342 -4.75 56.48 -38.44
C VAL D 342 -3.99 57.31 -39.47
N ASN D 343 -3.58 58.52 -39.13
CA ASN D 343 -2.75 59.33 -40.00
C ASN D 343 -1.39 58.68 -40.27
N GLY D 344 -0.79 58.05 -39.27
CA GLY D 344 0.49 57.41 -39.47
C GLY D 344 1.54 57.88 -38.50
N THR D 345 1.12 58.37 -37.34
CA THR D 345 2.03 58.75 -36.28
C THR D 345 1.98 57.70 -35.18
N VAL D 346 2.79 57.91 -34.14
CA VAL D 346 2.83 57.03 -32.98
C VAL D 346 2.70 57.88 -31.72
N VAL D 347 1.98 57.35 -30.72
CA VAL D 347 1.72 58.05 -29.48
C VAL D 347 2.05 57.11 -28.32
N ARG D 348 2.75 57.64 -27.32
CA ARG D 348 3.14 56.85 -26.15
C ARG D 348 2.02 56.92 -25.13
N HIS D 349 1.36 55.79 -24.89
CA HIS D 349 0.17 55.73 -24.04
C HIS D 349 0.42 54.99 -22.74
N LYS D 350 0.86 53.73 -22.79
CA LYS D 350 1.12 52.95 -21.60
C LYS D 350 2.56 52.50 -21.43
N ASN D 351 3.38 52.56 -22.48
CA ASN D 351 4.77 52.12 -22.37
C ASN D 351 5.51 52.96 -21.36
N LYS D 352 5.84 52.36 -20.21
CA LYS D 352 6.52 53.08 -19.14
C LYS D 352 8.03 53.10 -19.30
N GLY D 353 8.63 51.99 -19.73
CA GLY D 353 10.07 51.88 -19.79
C GLY D 353 10.66 52.60 -20.98
N PHE D 354 11.94 52.30 -21.23
CA PHE D 354 12.64 52.87 -22.38
C PHE D 354 11.92 52.52 -23.67
N GLY D 355 11.36 53.54 -24.31
CA GLY D 355 10.55 53.32 -25.49
C GLY D 355 11.29 52.60 -26.60
N TYR D 356 10.96 51.33 -26.79
CA TYR D 356 11.62 50.56 -27.85
C TYR D 356 11.08 50.94 -29.22
N MET D 357 9.79 51.21 -29.33
CA MET D 357 9.25 51.66 -30.61
C MET D 357 9.86 52.99 -31.02
N GLU D 358 10.11 53.87 -30.05
CA GLU D 358 10.70 55.16 -30.36
C GLU D 358 12.13 54.99 -30.89
N ARG D 359 12.90 54.12 -30.25
CA ARG D 359 14.32 54.01 -30.55
C ARG D 359 14.53 53.37 -31.91
N PHE D 360 13.63 52.48 -32.33
CA PHE D 360 13.73 51.86 -33.65
C PHE D 360 13.77 52.90 -34.75
N PHE D 361 12.86 53.87 -34.69
CA PHE D 361 12.81 54.81 -35.80
C PHE D 361 13.97 55.79 -35.76
N GLU D 362 14.55 56.02 -34.57
CA GLU D 362 15.77 56.81 -34.52
C GLU D 362 16.91 56.06 -35.21
N LEU D 363 16.96 54.73 -35.04
CA LEU D 363 17.82 53.94 -35.92
C LEU D 363 17.44 54.13 -37.37
N LYS D 364 16.13 54.26 -37.65
CA LYS D 364 15.68 54.30 -39.04
C LYS D 364 16.23 55.51 -39.78
N GLU D 365 16.05 56.72 -39.23
CA GLU D 365 16.51 57.88 -40.00
C GLU D 365 18.02 58.00 -39.94
N SER D 366 18.64 57.44 -38.91
CA SER D 366 20.09 57.49 -38.79
C SER D 366 20.75 56.59 -39.82
N CYS D 367 21.96 56.95 -40.24
CA CYS D 367 22.75 56.14 -41.15
C CYS D 367 23.96 55.52 -40.45
N ASP D 368 24.82 56.35 -39.85
CA ASP D 368 26.04 55.86 -39.23
C ASP D 368 25.74 55.08 -37.96
N GLU D 369 24.80 55.56 -37.14
CA GLU D 369 24.52 54.91 -35.87
C GLU D 369 24.03 53.48 -36.06
N ARG D 370 23.57 53.15 -37.26
CA ARG D 370 23.22 51.76 -37.57
C ARG D 370 24.44 50.85 -37.59
N SER D 371 25.65 51.43 -37.71
CA SER D 371 26.84 50.60 -37.83
C SER D 371 27.17 49.89 -36.53
N LYS D 372 26.88 50.51 -35.39
CA LYS D 372 27.33 50.00 -34.09
C LYS D 372 26.46 48.83 -33.62
N LEU D 373 26.35 47.83 -34.48
CA LEU D 373 25.46 46.70 -34.23
C LEU D 373 26.04 45.44 -34.86
N SER D 374 25.55 44.29 -34.41
CA SER D 374 26.13 43.00 -34.77
C SER D 374 25.85 42.69 -36.24
N LYS D 375 26.27 41.49 -36.67
CA LYS D 375 26.15 41.14 -38.08
C LYS D 375 24.78 40.56 -38.41
N LYS D 376 24.29 39.62 -37.62
CA LYS D 376 23.04 38.92 -37.90
C LYS D 376 21.82 39.83 -37.91
N GLN D 377 21.99 41.12 -37.67
CA GLN D 377 20.87 42.03 -37.53
C GLN D 377 20.68 42.97 -38.70
N TYR D 378 21.62 43.06 -39.64
CA TYR D 378 21.36 43.92 -40.80
C TYR D 378 20.12 43.46 -41.54
N GLU D 379 20.06 42.17 -41.89
CA GLU D 379 18.88 41.65 -42.57
C GLU D 379 17.64 41.83 -41.71
N ARG D 380 17.80 41.68 -40.39
CA ARG D 380 16.67 41.92 -39.50
C ARG D 380 16.14 43.34 -39.63
N PHE D 381 17.02 44.33 -39.56
CA PHE D 381 16.60 45.72 -39.62
C PHE D 381 15.98 46.04 -40.98
N ASN D 382 16.58 45.55 -42.05
CA ASN D 382 15.97 45.77 -43.37
C ASN D 382 14.59 45.14 -43.46
N ALA D 383 14.42 43.95 -42.89
CA ALA D 383 13.12 43.30 -42.94
C ALA D 383 12.08 44.10 -42.17
N LEU D 384 12.42 44.55 -40.97
CA LEU D 384 11.46 45.34 -40.21
C LEU D 384 11.12 46.64 -40.93
N PHE D 385 12.13 47.29 -41.49
CA PHE D 385 11.88 48.50 -42.25
C PHE D 385 10.93 48.25 -43.41
N ASN D 386 11.14 47.14 -44.12
CA ASN D 386 10.27 46.81 -45.23
C ASN D 386 8.84 46.59 -44.77
N PHE D 387 8.67 45.82 -43.69
CA PHE D 387 7.34 45.56 -43.17
C PHE D 387 6.66 46.84 -42.73
N PHE D 388 7.44 47.80 -42.21
CA PHE D 388 6.83 49.04 -41.75
C PHE D 388 6.46 49.98 -42.88
N GLU D 389 7.27 50.04 -43.96
CA GLU D 389 6.85 50.96 -45.01
C GLU D 389 5.69 50.35 -45.78
N LYS D 390 5.72 49.04 -46.00
CA LYS D 390 4.59 48.37 -46.63
C LYS D 390 3.35 48.49 -45.75
N ASN D 391 3.52 48.38 -44.43
CA ASN D 391 2.42 48.57 -43.52
C ASN D 391 1.91 50.01 -43.56
N GLY D 392 2.81 50.97 -43.65
CA GLY D 392 2.47 52.36 -43.68
C GLY D 392 2.83 53.16 -42.45
N VAL D 393 3.63 52.62 -41.54
CA VAL D 393 4.10 53.37 -40.39
C VAL D 393 5.36 54.13 -40.80
N ILE D 394 5.37 55.44 -40.55
CA ILE D 394 6.41 56.32 -41.08
C ILE D 394 7.28 56.90 -39.97
N CYS D 395 6.71 57.70 -39.07
CA CYS D 395 7.53 58.47 -38.14
C CYS D 395 6.68 59.01 -37.00
N MET D 396 7.32 59.79 -36.12
CA MET D 396 6.69 60.31 -34.92
C MET D 396 5.66 61.38 -35.26
N ALA D 397 4.84 61.73 -34.25
CA ALA D 397 3.91 62.82 -34.38
C ALA D 397 4.62 64.17 -34.37
N LYS D 398 5.73 64.28 -33.64
CA LYS D 398 6.42 65.57 -33.59
C LYS D 398 7.06 65.88 -34.93
N ASP D 399 7.59 64.87 -35.61
CA ASP D 399 8.16 65.04 -36.94
C ASP D 399 7.12 65.03 -38.05
N ALA D 400 5.85 64.81 -37.69
CA ALA D 400 4.79 64.60 -38.69
C ALA D 400 4.48 65.92 -39.39
N GLY D 401 5.07 66.11 -40.57
CA GLY D 401 4.79 67.27 -41.39
C GLY D 401 3.87 66.95 -42.53
N THR D 402 4.41 66.87 -43.74
CA THR D 402 3.61 66.45 -44.89
C THR D 402 3.46 64.94 -44.89
N LEU D 403 2.22 64.48 -44.86
CA LEU D 403 1.92 63.06 -44.77
C LEU D 403 0.79 62.68 -45.72
N ASN D 404 0.88 63.15 -46.96
CA ASN D 404 -0.09 62.76 -47.98
C ASN D 404 -0.11 61.24 -48.12
N THR D 405 -1.31 60.66 -48.03
CA THR D 405 -1.49 59.23 -48.04
C THR D 405 -2.23 58.82 -49.30
N SER D 406 -1.65 57.88 -50.05
CA SER D 406 -2.27 57.33 -51.24
C SER D 406 -2.62 55.87 -50.98
N ILE D 407 -3.89 55.54 -51.20
CA ILE D 407 -4.42 54.21 -50.89
C ILE D 407 -4.52 53.42 -52.19
N GLU D 408 -3.84 52.28 -52.23
CA GLU D 408 -3.89 51.38 -53.37
C GLU D 408 -4.22 49.98 -52.85
N ILE D 409 -5.07 49.26 -53.58
CA ILE D 409 -5.33 47.85 -53.28
C ILE D 409 -4.84 47.02 -54.45
N ASN D 410 -3.89 46.12 -54.20
CA ASN D 410 -3.29 45.33 -55.26
C ASN D 410 -4.05 44.06 -55.58
N SER D 411 -5.00 43.66 -54.74
CA SER D 411 -5.83 42.51 -55.04
C SER D 411 -6.65 42.78 -56.29
N LEU D 412 -6.58 41.87 -57.26
CA LEU D 412 -7.25 42.08 -58.53
C LEU D 412 -8.76 42.05 -58.40
N ALA D 413 -9.29 41.41 -57.37
CA ALA D 413 -10.74 41.22 -57.27
C ALA D 413 -11.48 42.54 -57.21
N TYR D 414 -10.97 43.48 -56.40
CA TYR D 414 -11.60 44.80 -56.33
C TYR D 414 -11.61 45.47 -57.69
N HIS D 415 -10.54 45.30 -58.46
CA HIS D 415 -10.44 45.96 -59.76
C HIS D 415 -11.42 45.40 -60.78
N GLY D 416 -12.08 44.29 -60.47
CA GLY D 416 -13.17 43.79 -61.29
C GLY D 416 -12.75 43.40 -62.70
N LYS D 417 -11.60 42.77 -62.82
CA LYS D 417 -11.12 42.21 -64.08
C LYS D 417 -11.24 40.70 -63.94
N TYR D 418 -12.26 40.13 -64.60
CA TYR D 418 -12.61 38.74 -64.36
C TYR D 418 -11.92 37.77 -65.32
N ASP D 419 -11.44 38.24 -66.47
CA ASP D 419 -10.71 37.34 -67.34
C ASP D 419 -9.37 36.94 -66.73
N VAL D 420 -8.70 37.87 -66.04
CA VAL D 420 -7.48 37.51 -65.32
C VAL D 420 -7.81 36.51 -64.25
N MET D 421 -8.98 36.68 -63.63
CA MET D 421 -9.50 35.64 -62.74
C MET D 421 -9.52 34.31 -63.45
N LYS D 422 -9.96 34.31 -64.71
CA LYS D 422 -10.15 33.05 -65.41
C LYS D 422 -8.83 32.39 -65.79
N LYS D 423 -7.84 33.16 -66.26
CA LYS D 423 -6.60 32.47 -66.61
C LYS D 423 -5.73 32.21 -65.37
N PHE D 424 -6.05 32.83 -64.24
CA PHE D 424 -5.41 32.37 -63.02
C PHE D 424 -6.05 31.09 -62.54
N ILE D 425 -7.37 30.97 -62.72
CA ILE D 425 -8.08 29.84 -62.14
C ILE D 425 -7.65 28.54 -62.83
N GLU D 426 -7.26 28.63 -64.10
CA GLU D 426 -6.68 27.49 -64.82
C GLU D 426 -5.17 27.67 -64.88
N GLU D 427 -4.52 27.36 -63.75
CA GLU D 427 -3.07 27.32 -63.69
C GLU D 427 -2.68 26.35 -62.58
N GLN D 428 -1.57 25.65 -62.79
CA GLN D 428 -1.18 24.59 -61.86
C GLN D 428 -0.73 25.16 -60.53
N SER D 429 -1.08 24.46 -59.46
CA SER D 429 -0.72 24.87 -58.12
C SER D 429 0.77 24.62 -57.85
N VAL D 430 1.35 25.46 -57.00
CA VAL D 430 2.76 25.33 -56.65
C VAL D 430 2.89 25.26 -55.13
N SER D 431 1.95 25.87 -54.42
CA SER D 431 2.07 25.96 -52.97
C SER D 431 0.69 26.10 -52.35
N ILE D 432 0.64 25.89 -51.03
CA ILE D 432 -0.63 25.95 -50.32
C ILE D 432 -1.19 27.36 -50.35
N GLU D 433 -0.34 28.37 -50.19
CA GLU D 433 -0.82 29.74 -50.20
C GLU D 433 -1.44 30.09 -51.55
N ASP D 434 -0.81 29.64 -52.63
CA ASP D 434 -1.40 29.85 -53.95
C ASP D 434 -2.75 29.15 -54.04
N ASP D 435 -2.89 27.97 -53.43
CA ASP D 435 -4.18 27.29 -53.44
C ASP D 435 -5.23 28.08 -52.68
N TYR D 436 -4.84 28.69 -51.55
CA TYR D 436 -5.77 29.51 -50.79
C TYR D 436 -6.26 30.68 -51.62
N LYS D 437 -5.35 31.37 -52.30
CA LYS D 437 -5.75 32.46 -53.16
C LYS D 437 -6.64 31.97 -54.30
N LYS D 438 -6.32 30.79 -54.83
CA LYS D 438 -7.14 30.20 -55.88
C LYS D 438 -8.56 29.95 -55.39
N ALA D 439 -8.69 29.43 -54.17
CA ALA D 439 -10.01 29.14 -53.63
C ALA D 439 -10.80 30.42 -53.45
N PHE D 440 -10.17 31.46 -52.91
CA PHE D 440 -10.86 32.73 -52.78
C PHE D 440 -11.28 33.26 -54.15
N PHE D 441 -10.41 33.10 -55.14
CA PHE D 441 -10.69 33.59 -56.48
C PHE D 441 -11.92 32.89 -57.04
N LEU D 442 -11.99 31.57 -56.85
CA LEU D 442 -13.17 30.82 -57.24
C LEU D 442 -14.40 31.32 -56.52
N ALA D 443 -14.27 31.60 -55.23
CA ALA D 443 -15.40 32.09 -54.46
C ALA D 443 -15.95 33.38 -55.08
N CYS D 444 -15.05 34.27 -55.48
CA CYS D 444 -15.49 35.44 -56.21
C CYS D 444 -16.12 35.06 -57.55
N LEU D 445 -15.61 33.99 -58.19
CA LEU D 445 -16.19 33.52 -59.44
C LEU D 445 -17.50 32.77 -59.25
N GLY D 446 -17.71 32.11 -58.13
CA GLY D 446 -19.01 31.55 -57.80
C GLY D 446 -19.17 30.07 -58.03
N ARG D 447 -18.15 29.36 -58.48
CA ARG D 447 -18.25 27.92 -58.54
C ARG D 447 -18.13 27.35 -57.13
N TRP D 448 -19.23 27.48 -56.35
CA TRP D 448 -19.14 27.30 -54.91
C TRP D 448 -18.75 25.88 -54.52
N GLU D 449 -19.31 24.88 -55.19
CA GLU D 449 -18.99 23.51 -54.83
C GLU D 449 -17.51 23.23 -55.04
N GLU D 450 -16.94 23.73 -56.14
CA GLU D 450 -15.52 23.55 -56.39
C GLU D 450 -14.70 24.24 -55.31
N SER D 451 -15.12 25.44 -54.91
CA SER D 451 -14.42 26.15 -53.85
C SER D 451 -14.47 25.35 -52.54
N TYR D 452 -15.61 24.76 -52.22
CA TYR D 452 -15.73 23.97 -51.00
C TYR D 452 -14.80 22.77 -51.05
N ASP D 453 -14.76 22.09 -52.19
CA ASP D 453 -13.85 20.96 -52.34
C ASP D 453 -12.41 21.41 -52.13
N LEU D 454 -12.02 22.50 -52.79
CA LEU D 454 -10.63 22.95 -52.68
C LEU D 454 -10.28 23.32 -51.24
N TYR D 455 -11.17 24.04 -50.57
CA TYR D 455 -10.94 24.37 -49.16
C TYR D 455 -10.78 23.09 -48.35
N SER D 456 -11.55 22.06 -48.69
CA SER D 456 -11.41 20.80 -47.97
C SER D 456 -10.00 20.24 -48.12
N ASN D 457 -9.47 20.20 -49.34
CA ASN D 457 -8.14 19.60 -49.45
C ASN D 457 -7.08 20.52 -48.87
N ILE D 458 -7.32 21.84 -48.86
CA ILE D 458 -6.35 22.73 -48.21
C ILE D 458 -6.30 22.46 -46.72
N ILE D 459 -7.46 22.38 -46.07
CA ILE D 459 -7.45 22.11 -44.64
C ILE D 459 -6.88 20.72 -44.37
N LEU D 460 -7.04 19.79 -45.32
CA LEU D 460 -6.47 18.47 -45.15
C LEU D 460 -4.95 18.51 -45.20
N ASN D 461 -4.38 19.16 -46.23
CA ASN D 461 -2.96 19.04 -46.49
C ASN D 461 -2.11 20.03 -45.73
N SER D 462 -2.68 21.11 -45.21
CA SER D 462 -1.89 22.12 -44.53
C SER D 462 -1.74 21.87 -43.03
N ILE D 463 -2.49 20.91 -42.47
CA ILE D 463 -2.51 20.75 -41.03
C ILE D 463 -1.15 20.29 -40.49
N ASP D 464 -0.45 19.46 -41.26
CA ASP D 464 0.74 18.79 -40.72
C ASP D 464 1.92 19.75 -40.55
N GLU D 465 1.90 20.89 -41.23
CA GLU D 465 3.05 21.79 -41.27
C GLU D 465 3.11 22.64 -40.00
N SER D 466 3.90 23.70 -40.04
CA SER D 466 4.08 24.62 -38.92
C SER D 466 2.86 25.51 -38.79
N ASN D 467 3.00 26.64 -38.08
CA ASN D 467 1.90 27.47 -37.61
C ASN D 467 0.72 27.52 -38.57
N GLY D 468 -0.48 27.28 -38.06
CA GLY D 468 -1.65 27.09 -38.89
C GLY D 468 -2.45 28.35 -39.16
N CYS D 469 -1.76 29.46 -39.38
CA CYS D 469 -2.44 30.67 -39.83
C CYS D 469 -3.29 30.36 -41.06
N VAL D 470 -2.69 29.69 -42.04
CA VAL D 470 -3.43 29.27 -43.22
C VAL D 470 -4.58 28.37 -42.81
N TYR D 471 -4.35 27.49 -41.82
CA TYR D 471 -5.40 26.58 -41.41
C TYR D 471 -6.60 27.33 -40.86
N TYR D 472 -6.35 28.29 -39.96
CA TYR D 472 -7.45 29.01 -39.33
C TYR D 472 -8.21 29.84 -40.35
N LEU D 473 -7.50 30.50 -41.25
CA LEU D 473 -8.18 31.23 -42.31
C LEU D 473 -9.03 30.29 -43.14
N SER D 474 -8.51 29.10 -43.44
CA SER D 474 -9.25 28.15 -44.25
C SER D 474 -10.52 27.72 -43.56
N GLN D 475 -10.45 27.45 -42.25
CA GLN D 475 -11.65 27.06 -41.52
C GLN D 475 -12.69 28.17 -41.54
N ILE D 476 -12.24 29.41 -41.35
CA ILE D 476 -13.19 30.53 -41.34
C ILE D 476 -13.90 30.61 -42.69
N ASN D 477 -13.13 30.54 -43.77
CA ASN D 477 -13.76 30.59 -45.09
C ASN D 477 -14.68 29.40 -45.31
N ARG D 478 -14.32 28.24 -44.75
CA ARG D 478 -15.18 27.07 -44.87
C ARG D 478 -16.55 27.37 -44.27
N TYR D 479 -16.57 27.88 -43.04
CA TYR D 479 -17.87 28.14 -42.43
C TYR D 479 -18.64 29.20 -43.22
N ARG D 480 -17.95 30.25 -43.66
CA ARG D 480 -18.67 31.30 -44.37
C ARG D 480 -19.26 30.77 -45.67
N ILE D 481 -18.53 29.89 -46.36
CA ILE D 481 -19.06 29.34 -47.59
C ILE D 481 -20.24 28.43 -47.28
N TYR D 482 -20.21 27.72 -46.16
CA TYR D 482 -21.36 26.91 -45.77
C TYR D 482 -22.58 27.78 -45.59
N GLN D 483 -22.43 28.88 -44.87
CA GLN D 483 -23.57 29.77 -44.66
C GLN D 483 -24.08 30.31 -45.98
N SER D 484 -23.18 30.71 -46.87
CA SER D 484 -23.63 31.26 -48.14
C SER D 484 -24.41 30.23 -48.93
N ILE D 485 -23.94 28.98 -48.97
CA ILE D 485 -24.63 27.99 -49.79
C ILE D 485 -26.01 27.68 -49.20
N THR D 486 -26.11 27.55 -47.87
CA THR D 486 -27.43 27.26 -47.32
C THR D 486 -28.38 28.42 -47.53
N GLN D 487 -27.90 29.66 -47.37
CA GLN D 487 -28.76 30.81 -47.61
C GLN D 487 -29.21 30.85 -49.07
N ALA D 488 -28.29 30.61 -49.99
CA ALA D 488 -28.63 30.65 -51.40
C ALA D 488 -29.65 29.59 -51.76
N VAL D 489 -29.47 28.36 -51.25
CA VAL D 489 -30.41 27.30 -51.61
C VAL D 489 -31.76 27.58 -50.99
N THR D 490 -31.80 28.11 -49.77
CA THR D 490 -33.08 28.46 -49.16
C THR D 490 -33.79 29.50 -50.01
N GLN D 491 -33.09 30.55 -50.42
CA GLN D 491 -33.73 31.58 -51.23
C GLN D 491 -34.23 31.01 -52.55
N PHE D 492 -33.39 30.23 -53.22
CA PHE D 492 -33.74 29.70 -54.54
C PHE D 492 -34.96 28.80 -54.46
N ASN D 493 -34.93 27.81 -53.56
CA ASN D 493 -36.03 26.86 -53.45
C ASN D 493 -37.24 27.44 -52.74
N GLY D 494 -37.11 28.62 -52.12
CA GLY D 494 -38.28 29.27 -51.56
C GLY D 494 -39.01 30.10 -52.59
N LEU D 495 -38.25 30.81 -53.44
CA LEU D 495 -38.89 31.62 -54.46
C LEU D 495 -39.27 30.82 -55.69
N GLY D 496 -38.70 29.63 -55.88
CA GLY D 496 -39.13 28.75 -56.96
C GLY D 496 -38.88 29.34 -58.32
N LEU D 497 -39.80 29.04 -59.25
CA LEU D 497 -39.68 29.55 -60.62
C LEU D 497 -39.85 31.06 -60.67
N LEU D 498 -40.50 31.65 -59.67
CA LEU D 498 -40.76 33.08 -59.69
C LEU D 498 -39.50 33.91 -59.65
N THR D 499 -38.35 33.32 -59.32
CA THR D 499 -37.11 34.08 -59.22
C THR D 499 -36.67 34.59 -60.59
N PHE D 500 -36.45 33.69 -61.53
CA PHE D 500 -35.98 34.04 -62.87
C PHE D 500 -36.90 33.51 -63.96
N GLY D 501 -38.14 33.17 -63.63
CA GLY D 501 -39.01 32.57 -64.62
C GLY D 501 -38.65 31.15 -65.00
N ARG D 502 -37.78 30.52 -64.21
CA ARG D 502 -37.32 29.17 -64.49
C ARG D 502 -37.11 28.44 -63.17
N HIS D 503 -37.60 27.21 -63.08
CA HIS D 503 -37.42 26.39 -61.89
C HIS D 503 -35.96 25.92 -61.85
N TYR D 504 -35.09 26.82 -61.42
CA TYR D 504 -33.65 26.59 -61.46
C TYR D 504 -33.20 25.96 -60.15
N LYS D 505 -32.85 24.67 -60.20
CA LYS D 505 -32.14 24.02 -59.12
C LYS D 505 -30.67 24.06 -59.45
N PRO D 506 -29.88 24.95 -58.84
CA PRO D 506 -28.48 25.11 -59.25
C PRO D 506 -27.64 23.86 -59.01
N PHE D 507 -27.63 23.38 -57.78
CA PHE D 507 -26.76 22.29 -57.39
C PHE D 507 -27.54 20.98 -57.30
N THR D 508 -26.88 19.95 -56.80
CA THR D 508 -27.45 18.61 -56.70
C THR D 508 -27.68 18.25 -55.24
N ASP D 509 -28.61 17.32 -55.02
CA ASP D 509 -28.86 16.82 -53.68
C ASP D 509 -27.65 16.14 -53.08
N GLU D 510 -26.71 15.71 -53.92
CA GLU D 510 -25.47 15.09 -53.44
C GLU D 510 -24.69 16.05 -52.53
N PHE D 511 -24.44 17.27 -53.03
CA PHE D 511 -23.68 18.24 -52.26
C PHE D 511 -24.43 18.62 -50.98
N LEU D 512 -25.73 18.87 -51.08
CA LEU D 512 -26.50 19.24 -49.91
C LEU D 512 -26.46 18.15 -48.87
N ALA D 513 -26.62 16.90 -49.30
CA ALA D 513 -26.61 15.79 -48.35
C ALA D 513 -25.28 15.67 -47.64
N ARG D 514 -24.17 15.72 -48.39
CA ARG D 514 -22.87 15.57 -47.74
C ARG D 514 -22.58 16.72 -46.79
N ILE D 515 -22.83 17.96 -47.23
CA ILE D 515 -22.51 19.08 -46.36
C ILE D 515 -23.40 19.07 -45.11
N GLU D 516 -24.67 18.68 -45.28
CA GLU D 516 -25.56 18.58 -44.13
C GLU D 516 -25.07 17.51 -43.17
N ARG D 517 -24.61 16.37 -43.67
CA ARG D 517 -24.20 15.29 -42.79
C ARG D 517 -22.92 15.63 -42.05
N GLU D 518 -21.90 16.14 -42.75
CA GLU D 518 -20.64 16.40 -42.06
C GLU D 518 -20.70 17.67 -41.22
N MET D 519 -21.54 18.63 -41.59
CA MET D 519 -21.40 19.97 -41.05
C MET D 519 -22.21 20.24 -39.78
N THR D 520 -23.35 19.59 -39.62
CA THR D 520 -24.23 19.93 -38.49
C THR D 520 -23.65 19.38 -37.20
N ASN D 521 -22.76 20.16 -36.57
CA ASN D 521 -22.00 19.74 -35.41
C ASN D 521 -20.87 20.72 -35.06
N PHE D 522 -20.49 21.57 -36.00
CA PHE D 522 -19.26 22.34 -35.85
C PHE D 522 -19.62 23.76 -35.42
N ASN D 523 -19.07 24.20 -34.30
CA ASN D 523 -19.36 25.52 -33.72
C ASN D 523 -18.16 26.43 -33.88
N ILE D 524 -18.41 27.67 -34.32
CA ILE D 524 -17.37 28.66 -34.54
C ILE D 524 -16.78 29.22 -33.26
N ASP D 525 -17.61 29.46 -32.25
CA ASP D 525 -17.22 30.32 -31.13
C ASP D 525 -16.03 29.82 -30.34
N ASP D 526 -15.66 28.54 -30.47
CA ASP D 526 -14.55 28.00 -29.70
C ASP D 526 -13.34 27.67 -30.56
N LEU D 527 -13.42 27.86 -31.88
CA LEU D 527 -12.32 27.49 -32.77
C LEU D 527 -11.03 28.15 -32.34
N PHE D 528 -11.04 29.48 -32.19
CA PHE D 528 -9.85 30.20 -31.77
C PHE D 528 -9.38 29.72 -30.40
N ASN D 529 -10.30 29.28 -29.56
CA ASN D 529 -9.92 28.70 -28.27
C ASN D 529 -9.17 27.40 -28.48
N GLY D 530 -9.70 26.52 -29.35
CA GLY D 530 -9.12 25.19 -29.48
C GLY D 530 -7.77 25.17 -30.15
N MET D 531 -7.38 26.26 -30.77
CA MET D 531 -6.09 26.34 -31.44
C MET D 531 -4.97 26.41 -30.41
N PRO D 532 -3.78 25.93 -30.75
CA PRO D 532 -2.76 25.74 -29.74
C PRO D 532 -2.05 27.01 -29.30
N PHE D 533 -1.36 26.87 -28.17
CA PHE D 533 -1.00 28.03 -27.34
C PHE D 533 -0.18 29.05 -28.11
N GLU D 534 0.81 28.59 -28.87
CA GLU D 534 1.65 29.53 -29.61
C GLU D 534 0.82 30.32 -30.60
N PHE D 535 -0.31 29.78 -31.05
CA PHE D 535 -1.16 30.53 -31.98
C PHE D 535 -1.80 31.72 -31.27
N GLN D 536 -2.31 31.51 -30.04
CA GLN D 536 -2.88 32.63 -29.31
C GLN D 536 -1.81 33.61 -28.86
N LYS D 537 -0.59 33.12 -28.62
CA LYS D 537 0.47 34.04 -28.23
C LYS D 537 0.93 34.89 -29.42
N LYS D 538 1.13 34.26 -30.57
CA LYS D 538 1.72 34.95 -31.71
C LYS D 538 0.68 35.70 -32.53
N TYR D 539 -0.50 35.11 -32.70
CA TYR D 539 -1.48 35.68 -33.60
C TYR D 539 -2.74 36.10 -32.85
N LYS D 540 -2.56 36.79 -31.73
CA LYS D 540 -3.69 37.38 -31.03
C LYS D 540 -4.55 38.22 -31.96
N ILE D 541 -3.92 38.96 -32.87
CA ILE D 541 -4.61 40.01 -33.63
C ILE D 541 -5.74 39.45 -34.48
N LEU D 542 -5.63 38.18 -34.88
CA LEU D 542 -6.64 37.57 -35.73
C LEU D 542 -7.75 36.90 -34.96
N GLU D 543 -7.93 37.23 -33.67
CA GLU D 543 -8.94 36.55 -32.88
C GLU D 543 -10.35 36.87 -33.35
N PHE D 544 -10.51 37.98 -34.09
CA PHE D 544 -11.82 38.57 -34.30
C PHE D 544 -12.65 37.85 -35.36
N LEU D 545 -12.01 37.23 -36.36
CA LEU D 545 -12.79 36.64 -37.45
C LEU D 545 -13.73 35.56 -36.96
N SER D 546 -13.45 34.98 -35.79
CA SER D 546 -14.37 33.99 -35.24
C SER D 546 -15.71 34.61 -34.90
N ASP D 547 -15.70 35.80 -34.29
CA ASP D 547 -16.94 36.43 -33.88
C ASP D 547 -17.66 37.01 -35.10
N ASN D 548 -18.98 36.95 -35.07
CA ASN D 548 -19.81 37.54 -36.11
C ASN D 548 -20.16 38.98 -35.79
N GLN D 549 -19.14 39.77 -35.48
CA GLN D 549 -19.36 41.15 -35.05
C GLN D 549 -18.29 42.12 -35.52
N PHE D 550 -17.32 41.68 -36.32
CA PHE D 550 -16.06 42.40 -36.39
C PHE D 550 -16.16 43.75 -37.07
N LEU D 551 -17.37 44.25 -37.36
CA LEU D 551 -17.52 45.58 -37.91
C LEU D 551 -18.07 46.57 -36.90
N TYR D 552 -18.59 46.09 -35.77
CA TYR D 552 -19.36 46.94 -34.87
C TYR D 552 -18.43 47.72 -33.94
N ASP D 553 -17.44 48.38 -34.51
CA ASP D 553 -16.57 49.28 -33.77
C ASP D 553 -16.37 50.60 -34.47
N ASP D 554 -16.48 50.63 -35.80
CA ASP D 554 -16.52 51.89 -36.53
C ASP D 554 -17.94 52.44 -36.59
N THR D 555 -18.94 51.55 -36.69
CA THR D 555 -20.33 52.01 -36.70
C THR D 555 -20.68 52.73 -35.41
N VAL D 556 -19.94 52.44 -34.34
CA VAL D 556 -19.92 53.26 -33.15
C VAL D 556 -19.74 54.73 -33.54
N LYS D 557 -18.70 55.01 -34.30
CA LYS D 557 -18.19 56.35 -34.46
C LYS D 557 -18.79 57.12 -35.62
N LEU D 558 -19.58 56.48 -36.46
CA LEU D 558 -20.27 57.26 -37.50
C LEU D 558 -21.13 58.34 -36.89
N PHE D 559 -21.62 58.10 -35.67
CA PHE D 559 -22.49 59.06 -35.01
C PHE D 559 -21.80 60.39 -34.77
N GLU D 560 -20.48 60.42 -34.82
CA GLU D 560 -19.76 61.68 -34.69
C GLU D 560 -20.05 62.62 -35.86
N LEU D 561 -20.63 62.13 -36.94
CA LEU D 561 -20.91 62.97 -38.10
C LEU D 561 -22.40 63.19 -38.34
N THR D 562 -23.26 62.68 -37.46
CA THR D 562 -24.68 62.93 -37.62
C THR D 562 -25.17 64.08 -36.75
N ASN D 563 -24.49 64.36 -35.67
CA ASN D 563 -24.72 65.62 -34.97
C ASN D 563 -23.43 66.32 -34.60
N LYS D 564 -22.38 65.57 -34.23
CA LYS D 564 -21.12 66.18 -33.82
C LYS D 564 -20.38 66.80 -35.01
N VAL D 565 -20.75 66.45 -36.24
CA VAL D 565 -20.26 67.16 -37.43
C VAL D 565 -21.46 67.45 -38.33
N ARG D 566 -22.67 67.26 -37.82
CA ARG D 566 -23.88 67.62 -38.56
C ARG D 566 -24.80 68.57 -37.80
N SER D 567 -24.79 68.55 -36.47
CA SER D 567 -25.33 69.65 -35.70
C SER D 567 -24.25 70.66 -35.33
N GLU D 568 -23.04 70.18 -35.03
CA GLU D 568 -21.90 71.08 -34.95
C GLU D 568 -21.64 71.71 -36.31
N MET D 569 -22.04 71.03 -37.38
CA MET D 569 -22.10 71.66 -38.70
C MET D 569 -22.89 72.96 -38.65
N SER D 570 -24.07 72.92 -38.04
CA SER D 570 -24.85 74.14 -37.85
C SER D 570 -24.16 75.08 -36.87
N GLU D 571 -23.44 74.53 -35.90
CA GLU D 571 -22.68 75.38 -34.97
C GLU D 571 -21.60 76.17 -35.70
N GLY D 572 -21.06 75.63 -36.79
CA GLY D 572 -20.11 76.36 -37.60
C GLY D 572 -18.68 76.39 -37.09
N SER D 573 -18.34 75.55 -36.14
CA SER D 573 -16.97 75.48 -35.65
C SER D 573 -16.08 74.74 -36.64
N TYR D 574 -14.78 74.99 -36.54
CA TYR D 574 -13.79 74.37 -37.40
C TYR D 574 -12.89 73.46 -36.57
N SER D 575 -12.59 72.28 -37.10
CA SER D 575 -11.75 71.31 -36.42
C SER D 575 -10.32 71.46 -36.89
N PHE D 576 -9.40 71.64 -35.94
CA PHE D 576 -7.99 71.83 -36.25
C PHE D 576 -7.26 70.49 -36.26
N GLY D 577 -6.34 70.34 -37.21
CA GLY D 577 -5.62 69.10 -37.36
C GLY D 577 -6.29 68.16 -38.33
N MET D 578 -7.05 67.19 -37.80
CA MET D 578 -7.80 66.24 -38.61
C MET D 578 -9.27 66.27 -38.19
N SER D 579 -10.14 66.38 -39.19
CA SER D 579 -11.58 66.40 -38.96
C SER D 579 -12.14 64.98 -38.98
N SER D 580 -13.38 64.85 -38.52
CA SER D 580 -13.99 63.52 -38.40
C SER D 580 -14.11 62.84 -39.75
N ASP D 581 -14.46 63.61 -40.79
CA ASP D 581 -14.65 63.01 -42.10
C ASP D 581 -13.40 62.31 -42.59
N ILE D 582 -12.23 62.91 -42.36
CA ILE D 582 -10.98 62.29 -42.77
C ILE D 582 -10.82 60.96 -42.05
N VAL D 583 -11.20 60.91 -40.77
CA VAL D 583 -11.15 59.65 -40.03
C VAL D 583 -12.03 58.61 -40.70
N VAL D 584 -13.25 58.99 -41.07
CA VAL D 584 -14.15 58.01 -41.69
C VAL D 584 -13.60 57.51 -43.01
N LEU D 585 -13.18 58.42 -43.89
CA LEU D 585 -12.60 57.98 -45.17
C LEU D 585 -11.42 57.03 -44.93
N LEU D 586 -10.47 57.43 -44.08
CA LEU D 586 -9.29 56.60 -43.93
C LEU D 586 -9.62 55.25 -43.31
N ARG D 587 -10.54 55.20 -42.36
CA ARG D 587 -10.87 53.93 -41.73
C ARG D 587 -11.59 53.01 -42.70
N LEU D 588 -12.51 53.56 -43.50
CA LEU D 588 -13.16 52.75 -44.52
C LEU D 588 -12.14 52.17 -45.47
N TYR D 589 -11.21 53.01 -45.93
CA TYR D 589 -10.18 52.53 -46.84
C TYR D 589 -9.36 51.41 -46.20
N ASP D 590 -8.97 51.59 -44.94
CA ASP D 590 -8.07 50.63 -44.30
C ASP D 590 -8.76 49.29 -44.11
N ASN D 591 -10.01 49.32 -43.61
CA ASN D 591 -10.72 48.06 -43.44
C ASN D 591 -10.95 47.38 -44.78
N LEU D 592 -11.29 48.15 -45.81
CA LEU D 592 -11.49 47.56 -47.13
C LEU D 592 -10.23 46.87 -47.61
N ARG D 593 -9.09 47.55 -47.45
CA ARG D 593 -7.83 46.98 -47.91
C ARG D 593 -7.55 45.68 -47.18
N PHE D 594 -7.72 45.69 -45.85
CA PHE D 594 -7.42 44.47 -45.10
C PHE D 594 -8.28 43.32 -45.57
N LEU D 595 -9.58 43.55 -45.71
CA LEU D 595 -10.46 42.43 -46.00
C LEU D 595 -10.24 41.90 -47.41
N TYR D 596 -9.89 42.76 -48.36
CA TYR D 596 -9.72 42.26 -49.73
C TYR D 596 -8.33 41.68 -49.97
N GLU D 597 -7.31 42.21 -49.31
CA GLU D 597 -5.96 41.70 -49.55
C GLU D 597 -5.79 40.27 -49.06
N ASN D 598 -6.18 39.99 -47.83
CA ASN D 598 -5.96 38.69 -47.21
C ASN D 598 -7.01 37.66 -47.60
N CYS D 599 -7.94 38.02 -48.46
CA CYS D 599 -8.83 37.05 -49.11
C CYS D 599 -9.71 36.32 -48.10
N LEU D 600 -10.44 37.08 -47.31
CA LEU D 600 -11.47 36.54 -46.43
C LEU D 600 -12.83 36.77 -47.08
N TRP D 601 -13.74 35.81 -46.91
CA TRP D 601 -14.94 35.81 -47.73
C TRP D 601 -16.02 36.76 -47.24
N SER D 602 -15.90 37.28 -46.01
CA SER D 602 -16.96 38.11 -45.46
C SER D 602 -17.25 39.32 -46.31
N VAL D 603 -16.48 39.55 -47.37
CA VAL D 603 -16.69 40.68 -48.25
C VAL D 603 -17.95 40.47 -49.07
N SER D 604 -18.63 39.35 -48.87
CA SER D 604 -19.89 39.11 -49.57
C SER D 604 -21.11 39.18 -48.67
N PHE D 605 -20.95 39.00 -47.36
CA PHE D 605 -22.08 38.91 -46.46
C PHE D 605 -22.79 40.25 -46.33
N HIS D 606 -23.95 40.21 -45.67
CA HIS D 606 -24.80 41.40 -45.58
C HIS D 606 -24.16 42.48 -44.72
N GLU D 607 -23.49 42.09 -43.64
CA GLU D 607 -23.05 43.07 -42.65
C GLU D 607 -22.06 44.06 -43.24
N PHE D 608 -21.06 43.56 -43.96
CA PHE D 608 -20.07 44.46 -44.56
C PHE D 608 -20.74 45.38 -45.56
N HIS D 609 -21.69 44.84 -46.33
CA HIS D 609 -22.39 45.63 -47.33
C HIS D 609 -23.15 46.76 -46.65
N GLN D 610 -23.83 46.46 -45.55
CA GLN D 610 -24.54 47.49 -44.81
C GLN D 610 -23.58 48.53 -44.25
N TYR D 611 -22.45 48.08 -43.71
CA TYR D 611 -21.51 49.03 -43.14
C TYR D 611 -21.08 50.05 -44.17
N ILE D 612 -20.62 49.55 -45.32
CA ILE D 612 -20.13 50.49 -46.33
C ILE D 612 -21.28 51.33 -46.86
N ARG D 613 -22.47 50.75 -46.98
CA ARG D 613 -23.64 51.52 -47.40
C ARG D 613 -23.83 52.74 -46.51
N ASN D 614 -24.09 52.51 -45.23
CA ASN D 614 -24.40 53.60 -44.33
C ASN D 614 -23.24 54.57 -44.22
N SER D 615 -22.01 54.06 -44.15
CA SER D 615 -20.88 54.96 -44.01
C SER D 615 -20.80 55.92 -45.18
N MET D 616 -20.81 55.38 -46.40
CA MET D 616 -20.71 56.25 -47.57
C MET D 616 -21.90 57.19 -47.65
N SER D 617 -23.09 56.67 -47.35
CA SER D 617 -24.28 57.50 -47.43
C SER D 617 -24.18 58.71 -46.51
N LEU D 618 -24.03 58.46 -45.21
CA LEU D 618 -23.94 59.57 -44.28
C LEU D 618 -22.74 60.45 -44.60
N LEU D 619 -21.68 59.88 -45.17
CA LEU D 619 -20.51 60.67 -45.50
C LEU D 619 -20.82 61.67 -46.60
N ILE D 620 -21.61 61.28 -47.61
CA ILE D 620 -21.89 62.24 -48.68
C ILE D 620 -22.93 63.26 -48.29
N GLU D 621 -23.62 63.09 -47.17
CA GLU D 621 -24.41 64.19 -46.62
C GLU D 621 -23.54 65.11 -45.78
N LYS D 622 -22.40 65.51 -46.34
CA LYS D 622 -21.51 66.48 -45.72
C LYS D 622 -21.29 67.68 -46.62
N ALA D 623 -21.13 67.46 -47.93
CA ALA D 623 -21.07 68.57 -48.87
C ALA D 623 -22.34 69.40 -48.84
N GLU D 624 -23.46 68.80 -48.42
CA GLU D 624 -24.64 69.56 -48.05
C GLU D 624 -24.26 70.77 -47.22
N TYR D 625 -23.64 70.51 -46.06
CA TYR D 625 -23.08 71.54 -45.21
C TYR D 625 -24.12 72.63 -44.97
N GLU D 626 -24.01 73.73 -45.70
CA GLU D 626 -25.06 74.72 -45.76
C GLU D 626 -25.31 75.20 -47.18
N ARG D 627 -24.61 74.67 -48.19
CA ARG D 627 -24.75 75.07 -49.59
C ARG D 627 -24.50 76.57 -49.67
N THR D 628 -25.45 77.38 -50.13
CA THR D 628 -25.28 78.83 -50.12
C THR D 628 -25.63 79.34 -48.72
N ARG D 629 -24.60 79.54 -47.90
CA ARG D 629 -24.76 79.89 -46.50
C ARG D 629 -24.48 81.38 -46.29
N ASP D 630 -24.53 81.78 -45.03
CA ASP D 630 -23.99 83.06 -44.62
C ASP D 630 -22.50 83.08 -44.97
N ILE D 631 -22.12 83.93 -45.92
CA ILE D 631 -20.76 83.92 -46.46
C ILE D 631 -19.77 84.26 -45.36
N ASP D 632 -18.95 83.29 -44.98
CA ASP D 632 -18.00 83.46 -43.90
C ASP D 632 -16.70 84.08 -44.41
N GLU D 633 -15.82 84.40 -43.47
CA GLU D 633 -14.53 85.00 -43.80
C GLU D 633 -13.40 84.21 -43.15
N LEU D 634 -13.70 83.52 -42.05
CA LEU D 634 -12.68 82.74 -41.36
C LEU D 634 -12.18 81.59 -42.22
N GLY D 635 -13.10 80.92 -42.93
CA GLY D 635 -12.72 79.77 -43.74
C GLY D 635 -11.86 80.10 -44.94
N PHE D 636 -11.96 81.33 -45.45
CA PHE D 636 -11.15 81.71 -46.61
C PHE D 636 -9.67 81.72 -46.28
N SER D 637 -9.30 82.19 -45.09
CA SER D 637 -7.89 82.27 -44.72
C SER D 637 -7.25 80.89 -44.64
N PHE D 638 -7.97 79.92 -44.05
CA PHE D 638 -7.42 78.58 -43.89
C PHE D 638 -7.70 77.68 -45.09
N PHE D 639 -8.93 77.72 -45.61
CA PHE D 639 -9.32 76.89 -46.75
C PHE D 639 -9.74 77.82 -47.89
N GLY D 640 -8.76 78.25 -48.68
CA GLY D 640 -9.01 79.05 -49.87
C GLY D 640 -8.87 78.19 -51.10
N LYS D 641 -9.66 78.51 -52.13
CA LYS D 641 -9.72 77.72 -53.37
C LYS D 641 -10.09 76.27 -53.04
N LYS D 642 -11.32 76.13 -52.58
CA LYS D 642 -11.84 74.88 -52.01
C LYS D 642 -11.36 73.66 -52.76
N SER D 643 -10.78 72.72 -52.02
CA SER D 643 -10.35 71.43 -52.58
C SER D 643 -11.59 70.58 -52.81
N GLY D 644 -11.90 70.32 -54.08
CA GLY D 644 -13.09 69.58 -54.44
C GLY D 644 -13.16 68.20 -53.82
N PHE D 645 -14.32 67.83 -53.29
CA PHE D 645 -14.53 66.49 -52.74
C PHE D 645 -14.66 65.53 -53.91
N PHE D 646 -13.55 64.90 -54.29
CA PHE D 646 -13.54 63.98 -55.42
C PHE D 646 -13.75 62.56 -54.96
N MET D 647 -14.32 61.73 -55.82
CA MET D 647 -14.28 60.28 -55.61
C MET D 647 -13.01 59.73 -56.26
N GLU D 648 -12.21 59.05 -55.46
CA GLU D 648 -11.13 58.21 -55.96
C GLU D 648 -11.74 57.05 -56.73
N TYR D 649 -10.96 56.49 -57.66
CA TYR D 649 -11.44 55.37 -58.46
C TYR D 649 -12.01 54.27 -57.58
N TYR D 650 -11.34 54.01 -56.46
CA TYR D 650 -11.86 53.03 -55.50
C TYR D 650 -13.25 53.44 -54.99
N ASP D 651 -13.50 54.75 -54.86
CA ASP D 651 -14.81 55.18 -54.39
C ASP D 651 -15.90 54.80 -55.38
N PHE D 652 -15.67 55.05 -56.67
CA PHE D 652 -16.68 54.64 -57.63
C PHE D 652 -16.84 53.13 -57.60
N VAL D 653 -15.72 52.41 -57.49
CA VAL D 653 -15.81 50.95 -57.46
C VAL D 653 -16.69 50.49 -56.31
N ASN D 654 -16.44 50.99 -55.10
CA ASN D 654 -17.17 50.49 -53.95
C ASN D 654 -18.62 50.94 -53.98
N ILE D 655 -18.86 52.19 -54.38
CA ILE D 655 -20.24 52.68 -54.45
C ILE D 655 -21.02 51.88 -55.48
N SER D 656 -20.34 51.37 -56.51
CA SER D 656 -21.01 50.49 -57.45
C SER D 656 -21.27 49.13 -56.82
N ARG D 657 -20.27 48.58 -56.13
CA ARG D 657 -20.38 47.22 -55.62
C ARG D 657 -21.44 47.09 -54.53
N HIS D 658 -21.61 48.11 -53.71
CA HIS D 658 -22.29 47.93 -52.44
C HIS D 658 -23.58 48.72 -52.27
N PHE D 659 -24.01 49.46 -53.28
CA PHE D 659 -25.21 50.27 -53.16
C PHE D 659 -26.28 49.78 -54.13
N LYS D 660 -27.46 49.51 -53.61
CA LYS D 660 -28.60 49.17 -54.46
C LYS D 660 -29.14 50.42 -55.13
N ILE D 661 -30.01 50.22 -56.12
CA ILE D 661 -30.54 51.33 -56.90
C ILE D 661 -31.34 52.27 -56.01
N ASP D 662 -32.21 51.72 -55.15
CA ASP D 662 -33.04 52.55 -54.30
C ASP D 662 -32.19 53.45 -53.42
N ASP D 663 -31.06 52.94 -52.94
CA ASP D 663 -30.18 53.78 -52.15
C ASP D 663 -29.66 54.94 -52.98
N ILE D 664 -29.34 54.71 -54.26
CA ILE D 664 -28.88 55.81 -55.08
C ILE D 664 -29.99 56.83 -55.26
N LYS D 665 -31.23 56.37 -55.42
CA LYS D 665 -32.33 57.32 -55.49
C LYS D 665 -32.42 58.15 -54.22
N ASN D 666 -32.25 57.52 -53.06
CA ASN D 666 -32.29 58.26 -51.81
C ASN D 666 -31.17 59.29 -51.77
N LEU D 667 -29.96 58.90 -52.18
CA LEU D 667 -28.83 59.82 -52.15
C LEU D 667 -29.07 61.00 -53.08
N GLU D 668 -29.62 60.73 -54.27
CA GLU D 668 -29.94 61.80 -55.21
C GLU D 668 -30.98 62.74 -54.63
N ARG D 669 -32.03 62.18 -54.02
CA ARG D 669 -33.10 63.00 -53.47
C ARG D 669 -32.60 63.88 -52.34
N SER D 670 -31.74 63.32 -51.48
CA SER D 670 -31.27 64.06 -50.32
C SER D 670 -30.32 65.18 -50.71
N CYS D 671 -29.21 64.83 -51.36
CA CYS D 671 -28.15 65.79 -51.66
C CYS D 671 -27.99 65.92 -53.17
N SER D 672 -27.56 67.10 -53.59
CA SER D 672 -27.24 67.34 -55.00
C SER D 672 -25.86 66.77 -55.28
N ILE D 673 -25.80 65.49 -55.65
CA ILE D 673 -24.52 64.87 -55.96
C ILE D 673 -23.95 65.45 -57.25
N ASP D 674 -24.82 65.90 -58.16
CA ASP D 674 -24.37 66.41 -59.45
C ASP D 674 -23.38 67.56 -59.33
N LYS D 675 -23.44 68.33 -58.24
CA LYS D 675 -22.53 69.44 -58.03
C LYS D 675 -21.25 69.00 -57.33
N ILE D 676 -20.89 67.73 -57.43
CA ILE D 676 -19.68 67.19 -56.80
C ILE D 676 -18.80 66.61 -57.89
N ARG D 677 -17.54 67.06 -57.92
CA ARG D 677 -16.65 66.72 -59.02
C ARG D 677 -16.09 65.30 -58.87
N PHE D 678 -15.47 64.83 -59.95
CA PHE D 678 -14.84 63.52 -59.99
C PHE D 678 -13.38 63.67 -60.38
N GLY D 679 -12.72 62.54 -60.62
CA GLY D 679 -11.34 62.55 -61.07
C GLY D 679 -10.97 61.28 -61.80
N GLU D 680 -9.77 61.30 -62.37
CA GLU D 680 -9.13 60.16 -63.02
C GLU D 680 -10.11 59.38 -63.92
N GLN D 681 -10.61 60.13 -64.91
CA GLN D 681 -11.67 59.60 -65.77
C GLN D 681 -11.24 58.35 -66.51
N GLU D 682 -9.92 58.16 -66.68
CA GLU D 682 -9.43 57.05 -67.49
C GLU D 682 -9.72 55.70 -66.83
N LYS D 683 -9.47 55.60 -65.53
CA LYS D 683 -9.76 54.38 -64.81
C LYS D 683 -11.25 54.09 -64.86
N ILE D 684 -12.08 55.13 -64.77
CA ILE D 684 -13.52 54.97 -64.91
C ILE D 684 -13.86 54.40 -66.27
N GLU D 685 -13.24 54.94 -67.32
CA GLU D 685 -13.48 54.46 -68.67
C GLU D 685 -13.20 52.98 -68.76
N GLU D 686 -12.02 52.56 -68.30
CA GLU D 686 -11.66 51.14 -68.38
C GLU D 686 -12.60 50.29 -67.55
N TYR D 687 -13.03 50.79 -66.38
CA TYR D 687 -13.93 50.03 -65.53
C TYR D 687 -15.26 49.75 -66.24
N LEU D 688 -15.90 50.80 -66.77
CA LEU D 688 -17.16 50.58 -67.45
C LEU D 688 -16.97 49.73 -68.70
N VAL D 689 -15.86 49.92 -69.41
CA VAL D 689 -15.61 49.14 -70.61
C VAL D 689 -15.52 47.66 -70.27
N GLY D 690 -14.78 47.34 -69.20
CA GLY D 690 -14.66 45.96 -68.78
C GLY D 690 -15.99 45.39 -68.30
N ILE D 691 -16.78 46.19 -67.61
CA ILE D 691 -18.08 45.71 -67.15
C ILE D 691 -18.96 45.38 -68.35
N ALA D 692 -18.99 46.26 -69.34
CA ALA D 692 -19.78 46.00 -70.54
C ALA D 692 -19.27 44.77 -71.27
N GLU D 693 -17.95 44.61 -71.35
CA GLU D 693 -17.38 43.46 -72.03
C GLU D 693 -17.76 42.17 -71.30
N GLU D 694 -17.73 42.19 -69.98
CA GLU D 694 -18.10 41.02 -69.21
C GLU D 694 -19.56 40.69 -69.41
N ILE D 695 -20.41 41.72 -69.47
CA ILE D 695 -21.82 41.51 -69.79
C ILE D 695 -21.95 40.86 -71.15
N THR D 696 -21.13 41.30 -72.11
CA THR D 696 -21.14 40.73 -73.45
C THR D 696 -20.84 39.24 -73.42
N LYS D 697 -19.75 38.86 -72.76
CA LYS D 697 -19.42 37.44 -72.64
C LYS D 697 -20.52 36.67 -71.92
N GLN D 698 -21.05 37.24 -70.83
CA GLN D 698 -22.04 36.50 -70.05
C GLN D 698 -23.30 36.22 -70.85
N PHE D 699 -23.88 37.25 -71.45
CA PHE D 699 -25.17 37.10 -72.12
C PHE D 699 -25.05 36.68 -73.58
N SER D 700 -23.83 36.61 -74.11
CA SER D 700 -23.64 35.99 -75.42
C SER D 700 -23.50 34.48 -75.34
N ALA D 701 -23.24 33.95 -74.15
CA ALA D 701 -23.05 32.53 -73.97
C ALA D 701 -24.38 31.80 -73.89
N ASN D 702 -24.31 30.47 -73.96
CA ASN D 702 -25.49 29.63 -73.81
C ASN D 702 -25.65 29.06 -72.41
N GLY D 703 -24.72 29.35 -71.51
CA GLY D 703 -24.88 28.91 -70.13
C GLY D 703 -24.81 30.06 -69.14
N MET D 704 -25.94 30.39 -68.52
CA MET D 704 -25.98 31.38 -67.44
C MET D 704 -25.69 30.63 -66.15
N ASN D 705 -24.53 30.88 -65.53
CA ASN D 705 -24.37 30.32 -64.20
C ASN D 705 -25.00 31.31 -63.23
N VAL D 706 -26.16 30.94 -62.70
CA VAL D 706 -27.10 31.90 -62.13
C VAL D 706 -26.51 32.63 -60.94
N VAL D 707 -25.81 31.91 -60.06
CA VAL D 707 -25.32 32.54 -58.84
C VAL D 707 -24.41 33.71 -59.16
N PHE D 708 -23.58 33.58 -60.19
CA PHE D 708 -22.65 34.63 -60.55
C PHE D 708 -23.41 35.77 -61.24
N TYR D 709 -24.46 35.39 -61.96
CA TYR D 709 -25.35 36.32 -62.66
C TYR D 709 -26.05 37.29 -61.70
N THR D 710 -26.65 36.75 -60.63
CA THR D 710 -27.38 37.63 -59.71
C THR D 710 -26.46 38.66 -59.08
N GLN D 711 -25.25 38.24 -58.71
CA GLN D 711 -24.31 39.18 -58.13
C GLN D 711 -23.91 40.24 -59.15
N PHE D 712 -23.64 39.83 -60.39
CA PHE D 712 -23.24 40.81 -61.40
C PHE D 712 -24.31 41.84 -61.73
N ILE D 713 -25.56 41.43 -61.83
CA ILE D 713 -26.56 42.34 -62.38
C ILE D 713 -26.69 43.58 -61.52
N SER D 714 -26.74 43.41 -60.20
CA SER D 714 -26.86 44.54 -59.30
C SER D 714 -25.69 45.49 -59.48
N GLU D 715 -24.48 44.95 -59.54
CA GLU D 715 -23.30 45.80 -59.64
C GLU D 715 -23.32 46.59 -60.93
N ALA D 716 -23.64 45.92 -62.05
CA ALA D 716 -23.63 46.61 -63.33
C ALA D 716 -24.67 47.72 -63.35
N LYS D 717 -25.86 47.43 -62.83
CA LYS D 717 -26.92 48.43 -62.80
C LYS D 717 -26.49 49.64 -61.99
N ALA D 718 -25.94 49.41 -60.80
CA ALA D 718 -25.51 50.54 -59.97
C ALA D 718 -24.42 51.34 -60.66
N ALA D 719 -23.47 50.65 -61.29
CA ALA D 719 -22.37 51.33 -61.94
C ALA D 719 -22.86 52.24 -63.06
N LEU D 720 -23.71 51.72 -63.94
CA LEU D 720 -24.15 52.55 -65.04
C LEU D 720 -25.27 53.49 -64.63
N TYR D 721 -25.75 53.39 -63.38
CA TYR D 721 -26.56 54.47 -62.83
C TYR D 721 -25.69 55.64 -62.44
N PHE D 722 -24.71 55.40 -61.58
CA PHE D 722 -23.86 56.49 -61.12
C PHE D 722 -22.90 56.96 -62.20
N ALA D 723 -22.86 56.28 -63.34
CA ALA D 723 -21.89 56.59 -64.37
C ALA D 723 -22.14 57.96 -65.01
N LYS D 724 -23.36 58.46 -64.97
CA LYS D 724 -23.69 59.58 -65.85
C LYS D 724 -22.85 60.81 -65.59
N TYR D 725 -22.25 60.92 -64.40
CA TYR D 725 -21.56 62.16 -64.05
C TYR D 725 -20.13 62.23 -64.59
N VAL D 726 -19.54 61.12 -65.04
CA VAL D 726 -18.15 61.16 -65.50
C VAL D 726 -18.14 61.45 -66.99
N LYS D 727 -17.19 62.30 -67.40
CA LYS D 727 -16.96 62.61 -68.80
C LYS D 727 -16.55 61.33 -69.52
N LEU D 728 -17.17 61.07 -70.66
CA LEU D 728 -16.98 59.82 -71.38
C LEU D 728 -16.52 60.09 -72.81
N SER D 729 -15.46 59.40 -73.21
CA SER D 729 -14.95 59.52 -74.57
C SER D 729 -15.83 58.75 -75.55
N GLU D 730 -15.80 59.17 -76.81
CA GLU D 730 -16.77 58.69 -77.78
C GLU D 730 -16.61 57.19 -78.01
N GLU D 731 -15.37 56.71 -78.10
CA GLU D 731 -15.17 55.28 -78.33
C GLU D 731 -15.72 54.46 -77.19
N GLY D 732 -15.50 54.90 -75.95
CA GLY D 732 -16.12 54.23 -74.83
C GLY D 732 -17.63 54.30 -74.88
N LEU D 733 -18.17 55.46 -75.26
CA LEU D 733 -19.62 55.61 -75.38
C LEU D 733 -20.20 54.61 -76.37
N GLY D 734 -19.53 54.38 -77.48
CA GLY D 734 -20.02 53.40 -78.44
C GLY D 734 -20.28 52.07 -77.77
N LYS D 735 -19.26 51.55 -77.08
CA LYS D 735 -19.40 50.26 -76.41
C LYS D 735 -20.48 50.29 -75.34
N ILE D 736 -20.54 51.34 -74.52
CA ILE D 736 -21.46 51.28 -73.39
C ILE D 736 -22.90 51.35 -73.86
N VAL D 737 -23.17 52.19 -74.86
CA VAL D 737 -24.53 52.21 -75.41
C VAL D 737 -24.83 50.91 -76.13
N LYS D 738 -23.84 50.32 -76.79
CA LYS D 738 -24.04 49.01 -77.40
C LYS D 738 -24.52 48.00 -76.38
N ALA D 739 -23.80 47.89 -75.26
CA ALA D 739 -24.18 46.93 -74.23
C ALA D 739 -25.50 47.32 -73.57
N LEU D 740 -25.75 48.62 -73.42
CA LEU D 740 -27.00 49.07 -72.83
C LEU D 740 -28.19 48.61 -73.65
N LEU D 741 -28.17 48.88 -74.95
CA LEU D 741 -29.37 48.73 -75.75
C LEU D 741 -29.52 47.34 -76.32
N PHE D 742 -28.45 46.55 -76.40
CA PHE D 742 -28.58 45.26 -77.09
C PHE D 742 -28.62 44.04 -76.18
N TYR D 743 -28.00 44.05 -75.00
CA TYR D 743 -27.72 42.79 -74.33
C TYR D 743 -28.29 42.58 -72.93
N PHE D 744 -28.76 43.61 -72.22
CA PHE D 744 -29.33 43.34 -70.90
C PHE D 744 -30.57 42.46 -71.00
N PRO D 745 -30.84 41.62 -70.00
CA PRO D 745 -32.03 40.77 -70.06
C PRO D 745 -33.28 41.55 -69.73
N GLU D 746 -34.33 41.33 -70.52
CA GLU D 746 -35.61 41.98 -70.25
C GLU D 746 -36.18 41.54 -68.91
N ARG D 747 -35.74 40.39 -68.39
CA ARG D 747 -36.21 39.96 -67.07
C ARG D 747 -35.77 40.92 -65.97
N ASP D 748 -34.50 41.32 -66.00
CA ASP D 748 -33.96 42.19 -64.96
C ASP D 748 -33.86 43.64 -65.39
N LEU D 749 -34.38 44.00 -66.57
CA LEU D 749 -34.34 45.39 -67.00
C LEU D 749 -35.45 45.59 -68.04
N ASP D 750 -36.48 46.31 -67.64
CA ASP D 750 -37.64 46.52 -68.50
C ASP D 750 -37.30 47.46 -69.64
N ILE D 751 -38.05 47.34 -70.74
CA ILE D 751 -37.72 48.05 -71.97
C ILE D 751 -37.81 49.57 -71.79
N GLY D 752 -38.75 50.03 -70.97
CA GLY D 752 -38.82 51.46 -70.66
C GLY D 752 -37.62 51.93 -69.86
N LYS D 753 -37.19 51.07 -68.93
CA LYS D 753 -36.01 51.41 -68.16
C LYS D 753 -34.81 51.61 -69.05
N ARG D 754 -34.66 50.80 -70.10
CA ARG D 754 -33.54 51.01 -71.02
C ARG D 754 -33.49 52.46 -71.49
N TYR D 755 -34.62 53.00 -71.92
CA TYR D 755 -34.59 54.34 -72.50
C TYR D 755 -34.39 55.41 -71.45
N VAL D 756 -35.08 55.30 -70.30
CA VAL D 756 -34.86 56.30 -69.26
C VAL D 756 -33.41 56.28 -68.80
N TRP D 757 -32.85 55.08 -68.64
CA TRP D 757 -31.42 54.90 -68.44
C TRP D 757 -30.64 55.66 -69.51
N LEU D 758 -31.04 55.49 -70.76
CA LEU D 758 -30.23 55.97 -71.87
C LEU D 758 -30.15 57.49 -71.84
N GLU D 759 -31.29 58.17 -71.67
CA GLU D 759 -31.19 59.62 -71.60
C GLU D 759 -30.54 60.06 -70.32
N ARG D 760 -30.55 59.22 -69.28
CA ARG D 760 -29.72 59.53 -68.13
C ARG D 760 -28.26 59.61 -68.55
N LEU D 761 -27.82 58.72 -69.45
CA LEU D 761 -26.46 58.84 -69.97
C LEU D 761 -26.32 59.88 -71.07
N THR D 762 -27.41 60.47 -71.57
CA THR D 762 -27.27 61.46 -72.62
C THR D 762 -27.14 62.88 -72.08
N LYS D 763 -27.26 63.09 -70.78
CA LYS D 763 -27.35 64.45 -70.26
C LYS D 763 -26.02 65.18 -70.37
N CYS D 764 -24.97 64.65 -69.74
CA CYS D 764 -23.71 65.37 -69.67
C CYS D 764 -23.05 65.51 -71.04
N ASN D 765 -23.12 64.47 -71.86
CA ASN D 765 -22.40 64.44 -73.12
C ASN D 765 -23.35 64.20 -74.28
N GLU D 766 -22.86 64.52 -75.48
CA GLU D 766 -23.56 64.24 -76.72
C GLU D 766 -23.09 62.91 -77.29
N LEU D 767 -23.88 62.37 -78.21
CA LEU D 767 -23.62 61.05 -78.79
C LEU D 767 -23.76 61.05 -80.31
N PRO D 768 -22.94 61.84 -81.00
CA PRO D 768 -23.20 62.09 -82.42
C PRO D 768 -22.89 60.89 -83.31
N LYS D 769 -23.63 60.81 -84.41
CA LYS D 769 -23.34 59.96 -85.57
C LYS D 769 -23.35 58.47 -85.23
N SER D 770 -22.26 57.98 -84.64
CA SER D 770 -22.13 56.54 -84.43
C SER D 770 -23.18 56.03 -83.46
N ILE D 771 -23.37 56.75 -82.36
CA ILE D 771 -24.41 56.35 -81.41
C ILE D 771 -25.78 56.56 -82.02
N ILE D 772 -25.95 57.63 -82.79
CA ILE D 772 -27.17 57.76 -83.59
C ILE D 772 -27.34 56.53 -84.46
N SER D 773 -26.25 56.07 -85.08
CA SER D 773 -26.31 54.89 -85.93
C SER D 773 -26.78 53.67 -85.14
N ILE D 774 -26.26 53.48 -83.93
CA ILE D 774 -26.63 52.29 -83.16
C ILE D 774 -28.05 52.41 -82.65
N ILE D 775 -28.52 53.64 -82.40
CA ILE D 775 -29.93 53.81 -82.05
C ILE D 775 -30.81 53.41 -83.23
N ASP D 776 -30.40 53.79 -84.44
CA ASP D 776 -31.11 53.33 -85.62
C ASP D 776 -31.11 51.81 -85.71
N ASP D 777 -29.97 51.20 -85.38
CA ASP D 777 -29.86 49.75 -85.42
C ASP D 777 -30.86 49.13 -84.45
N PHE D 778 -30.94 49.68 -83.25
CA PHE D 778 -31.90 49.17 -82.26
C PHE D 778 -33.33 49.32 -82.76
N LEU D 779 -33.64 50.47 -83.35
CA LEU D 779 -34.99 50.67 -83.87
C LEU D 779 -35.31 49.65 -84.96
N VAL D 780 -34.35 49.40 -85.85
CA VAL D 780 -34.56 48.44 -86.93
C VAL D 780 -34.77 47.04 -86.36
N LEU D 781 -33.97 46.67 -85.36
CA LEU D 781 -34.12 45.35 -84.75
C LEU D 781 -35.46 45.21 -84.06
N GLN D 782 -35.90 46.26 -83.38
CA GLN D 782 -37.22 46.26 -82.77
C GLN D 782 -38.30 46.08 -83.83
N ALA D 783 -38.18 46.80 -84.95
CA ALA D 783 -39.14 46.65 -86.04
C ALA D 783 -39.15 45.23 -86.57
N GLU D 784 -37.98 44.62 -86.71
CA GLU D 784 -37.91 43.23 -87.14
C GLU D 784 -38.59 42.31 -86.14
N LYS D 785 -38.49 42.65 -84.84
CA LYS D 785 -39.07 41.81 -83.81
C LYS D 785 -40.59 41.80 -83.80
N HIS D 786 -41.24 42.81 -84.38
CA HIS D 786 -42.70 42.88 -84.37
C HIS D 786 -43.34 42.30 -85.61
N ILE D 787 -42.66 41.38 -86.31
CA ILE D 787 -43.30 40.68 -87.42
C ILE D 787 -44.45 39.83 -86.90
N ASP D 788 -44.25 39.14 -85.78
CA ASP D 788 -45.28 38.29 -85.20
C ASP D 788 -46.45 39.13 -84.71
N GLN D 789 -47.64 38.53 -84.73
CA GLN D 789 -48.86 39.18 -84.28
C GLN D 789 -49.07 39.05 -82.78
N ASN D 790 -48.16 38.39 -82.06
CA ASN D 790 -48.27 38.25 -80.62
C ASN D 790 -47.18 39.00 -79.85
N TYR D 791 -46.03 39.27 -80.47
CA TYR D 791 -44.99 40.02 -79.79
C TYR D 791 -45.40 41.47 -79.63
N SER D 792 -45.06 42.05 -78.49
CA SER D 792 -45.46 43.42 -78.16
C SER D 792 -44.39 44.04 -77.27
N GLU D 793 -44.72 45.16 -76.64
CA GLU D 793 -43.83 45.86 -75.72
C GLU D 793 -44.56 46.14 -74.42
N VAL D 794 -43.88 45.91 -73.30
CA VAL D 794 -44.43 46.13 -71.97
C VAL D 794 -43.58 47.17 -71.27
N SER D 795 -44.23 48.21 -70.74
CA SER D 795 -43.55 49.29 -70.05
C SER D 795 -43.83 49.21 -68.56
N SER D 796 -42.88 49.72 -67.76
CA SER D 796 -43.01 49.70 -66.31
C SER D 796 -43.73 50.94 -65.80
N ASN D 797 -43.14 52.13 -65.99
CA ASN D 797 -43.85 53.39 -65.75
C ASN D 797 -43.63 54.28 -66.96
N GLY D 798 -44.36 54.00 -68.04
CA GLY D 798 -44.63 54.99 -69.07
C GLY D 798 -43.51 55.08 -70.08
N LEU D 799 -43.64 54.44 -71.25
CA LEU D 799 -42.67 54.56 -72.33
C LEU D 799 -43.09 53.70 -73.51
N TYR D 800 -42.54 54.05 -74.68
CA TYR D 800 -42.54 53.25 -75.90
C TYR D 800 -41.48 53.82 -76.85
N SER D 801 -41.46 53.35 -78.10
CA SER D 801 -40.44 53.80 -79.05
C SER D 801 -40.53 55.27 -79.37
N ARG D 802 -41.66 55.92 -79.07
CA ARG D 802 -41.85 57.32 -79.45
C ARG D 802 -40.78 58.21 -78.83
N ASP D 803 -40.45 57.95 -77.57
CA ASP D 803 -39.46 58.80 -76.92
C ASP D 803 -38.04 58.49 -77.37
N TYR D 804 -37.75 57.25 -77.79
CA TYR D 804 -36.52 57.00 -78.52
C TYR D 804 -36.44 57.88 -79.75
N GLY D 805 -37.54 57.94 -80.51
CA GLY D 805 -37.58 58.84 -81.65
C GLY D 805 -37.35 60.28 -81.25
N ALA D 806 -37.95 60.69 -80.13
CA ALA D 806 -37.80 62.06 -79.66
C ALA D 806 -36.35 62.38 -79.31
N LEU D 807 -35.68 61.43 -78.65
CA LEU D 807 -34.26 61.61 -78.34
C LEU D 807 -33.45 61.74 -79.61
N ILE D 808 -33.77 60.93 -80.62
CA ILE D 808 -33.09 61.08 -81.91
C ILE D 808 -33.30 62.49 -82.45
N LYS D 809 -34.54 62.97 -82.43
CA LYS D 809 -34.86 64.26 -83.05
C LYS D 809 -34.21 65.41 -82.29
N HIS D 810 -34.04 65.26 -80.98
CA HIS D 810 -33.46 66.36 -80.20
C HIS D 810 -32.06 66.71 -80.70
N PHE D 811 -31.25 65.70 -80.98
CA PHE D 811 -29.88 65.98 -81.44
C PHE D 811 -29.86 66.49 -82.87
N GLU D 812 -30.62 65.86 -83.78
CA GLU D 812 -30.49 66.13 -85.21
C GLU D 812 -31.65 66.94 -85.78
N LYS D 813 -32.88 66.47 -85.62
CA LYS D 813 -34.13 67.00 -86.16
C LYS D 813 -34.27 66.68 -87.65
N ASN D 814 -33.27 66.10 -88.30
CA ASN D 814 -33.34 65.75 -89.72
C ASN D 814 -32.76 64.35 -89.93
N PHE D 815 -33.15 63.41 -89.08
CA PHE D 815 -32.53 62.09 -89.06
C PHE D 815 -32.95 61.26 -90.28
N ILE D 816 -34.26 61.22 -90.56
CA ILE D 816 -34.85 60.54 -91.72
C ILE D 816 -34.98 59.05 -91.46
N SER D 817 -33.87 58.31 -91.59
CA SER D 817 -33.70 56.86 -91.41
C SER D 817 -33.64 56.14 -92.75
N LYS D 818 -32.81 55.11 -92.86
CA LYS D 818 -32.65 54.37 -94.11
C LYS D 818 -33.21 52.96 -94.05
N ARG D 819 -32.75 52.12 -93.13
CA ARG D 819 -33.18 50.72 -93.12
C ARG D 819 -34.66 50.60 -92.81
N LEU D 820 -35.14 51.36 -91.83
CA LEU D 820 -36.56 51.33 -91.50
C LEU D 820 -37.42 51.78 -92.67
N SER D 821 -36.90 52.70 -93.49
CA SER D 821 -37.64 53.14 -94.67
C SER D 821 -37.87 51.97 -95.62
N GLU D 822 -36.81 51.23 -95.94
CA GLU D 822 -36.96 50.06 -96.79
C GLU D 822 -37.85 49.01 -96.15
N ILE D 823 -37.76 48.86 -94.82
CA ILE D 823 -38.61 47.89 -94.15
C ILE D 823 -40.07 48.25 -94.31
N THR D 824 -40.40 49.53 -94.14
CA THR D 824 -41.78 49.99 -94.21
C THR D 824 -42.29 50.13 -95.64
N LEU D 825 -41.40 50.18 -96.62
CA LEU D 825 -41.84 50.28 -98.01
C LEU D 825 -42.67 49.06 -98.42
N CYS D 826 -42.22 47.86 -98.06
CA CYS D 826 -42.90 46.62 -98.43
C CYS D 826 -43.82 46.22 -97.28
N LEU D 827 -44.93 46.95 -97.15
CA LEU D 827 -45.91 46.71 -96.10
C LEU D 827 -47.14 45.96 -96.61
N THR D 828 -47.64 46.32 -97.78
CA THR D 828 -48.87 45.77 -98.33
C THR D 828 -50.02 45.93 -97.35
N GLN D 829 -50.35 44.86 -96.63
CA GLN D 829 -51.49 44.84 -95.72
C GLN D 829 -51.36 43.60 -94.83
N ASP D 830 -52.44 43.27 -94.13
CA ASP D 830 -52.58 42.05 -93.32
C ASP D 830 -51.40 41.84 -92.38
N LYS D 831 -50.99 42.92 -91.72
CA LYS D 831 -50.02 42.83 -90.63
C LYS D 831 -50.69 43.12 -89.29
N GLN D 832 -51.32 44.28 -89.14
CA GLN D 832 -52.23 44.60 -88.04
C GLN D 832 -51.50 44.76 -86.71
N LYS D 833 -50.22 44.41 -86.65
CA LYS D 833 -49.44 44.66 -85.44
C LYS D 833 -48.20 45.49 -85.72
N GLN D 834 -47.44 45.11 -86.75
CA GLN D 834 -46.23 45.84 -87.08
C GLN D 834 -46.56 47.25 -87.57
N ILE D 835 -47.63 47.38 -88.36
CA ILE D 835 -48.02 48.69 -88.85
C ILE D 835 -48.31 49.63 -87.70
N ASP D 836 -49.03 49.16 -86.68
CA ASP D 836 -49.34 50.01 -85.54
C ASP D 836 -48.07 50.57 -84.90
N PHE D 837 -47.01 49.76 -84.86
CA PHE D 837 -45.73 50.30 -84.41
C PHE D 837 -45.24 51.34 -85.41
N LEU D 838 -45.41 51.08 -86.71
CA LEU D 838 -44.84 51.97 -87.72
C LEU D 838 -45.45 53.37 -87.67
N PHE D 839 -46.67 53.52 -87.13
CA PHE D 839 -47.15 54.88 -86.90
C PHE D 839 -46.65 55.49 -85.60
N LYS D 840 -45.83 54.79 -84.84
CA LYS D 840 -45.19 55.44 -83.69
C LYS D 840 -44.09 56.39 -84.16
N LEU D 841 -43.30 55.99 -85.14
CA LEU D 841 -42.19 56.80 -85.65
C LEU D 841 -42.62 57.60 -86.88
N LEU D 842 -43.66 58.40 -86.70
CA LEU D 842 -44.18 59.21 -87.80
C LEU D 842 -43.21 60.26 -88.30
N PRO D 843 -42.55 61.08 -87.46
CA PRO D 843 -41.78 62.21 -88.01
C PRO D 843 -40.47 61.84 -88.66
N LEU D 844 -40.28 60.56 -88.96
CA LEU D 844 -39.10 60.11 -89.70
C LEU D 844 -39.54 59.33 -90.93
N LEU D 845 -38.60 58.61 -91.57
CA LEU D 845 -38.84 57.63 -92.63
C LEU D 845 -39.00 58.25 -94.02
N SER D 846 -38.49 59.47 -94.25
CA SER D 846 -38.30 60.04 -95.58
C SER D 846 -39.61 60.49 -96.23
N THR D 847 -39.58 61.64 -96.89
CA THR D 847 -40.81 62.33 -97.29
C THR D 847 -41.65 61.51 -98.26
N ASN D 848 -41.04 61.03 -99.34
CA ASN D 848 -41.80 60.29 -100.34
C ASN D 848 -42.36 59.00 -99.78
N ALA D 849 -41.49 58.22 -99.11
CA ALA D 849 -41.96 56.99 -98.48
C ALA D 849 -43.01 57.28 -97.42
N LYS D 850 -42.82 58.37 -96.67
CA LYS D 850 -43.80 58.79 -95.69
C LYS D 850 -45.15 58.92 -96.37
N SER D 851 -45.26 59.88 -97.29
CA SER D 851 -46.53 60.15 -97.95
C SER D 851 -47.14 58.87 -98.51
N HIS D 852 -46.31 58.03 -99.13
CA HIS D 852 -46.81 56.80 -99.75
C HIS D 852 -47.44 55.87 -98.72
N LEU D 853 -46.78 55.69 -97.57
CA LEU D 853 -47.29 54.70 -96.62
C LEU D 853 -48.36 55.29 -95.70
N LEU D 854 -48.17 56.51 -95.23
CA LEU D 854 -49.21 57.15 -94.42
C LEU D 854 -50.47 57.38 -95.22
N SER D 855 -50.35 57.49 -96.55
CA SER D 855 -51.55 57.57 -97.39
C SER D 855 -52.33 56.26 -97.33
N PHE D 856 -51.66 55.16 -97.03
CA PHE D 856 -52.33 53.86 -96.98
C PHE D 856 -53.21 53.74 -95.74
N LYS D 857 -54.43 53.25 -95.95
CA LYS D 857 -55.42 52.95 -94.91
C LYS D 857 -55.50 54.06 -93.85
N SER D 858 -55.89 55.25 -94.30
CA SER D 858 -56.18 56.33 -93.39
C SER D 858 -57.52 56.09 -92.71
N VAL D 859 -57.87 56.97 -91.75
CA VAL D 859 -59.11 56.88 -91.02
C VAL D 859 -59.92 58.14 -91.31
N GLU D 860 -61.23 57.97 -91.46
CA GLU D 860 -62.08 59.09 -91.85
C GLU D 860 -63.29 59.30 -90.94
N ASN D 861 -63.82 58.23 -90.35
CA ASN D 861 -64.97 58.38 -89.47
C ASN D 861 -64.59 59.17 -88.23
N ILE D 862 -65.48 60.07 -87.80
CA ILE D 862 -65.12 61.07 -86.79
C ILE D 862 -64.86 60.40 -85.44
N ASN D 863 -65.61 59.34 -85.12
CA ASN D 863 -65.45 58.70 -83.82
C ASN D 863 -64.07 58.08 -83.67
N ASP D 864 -63.61 57.36 -84.69
CA ASP D 864 -62.25 56.85 -84.68
C ASP D 864 -61.23 57.93 -85.02
N LEU D 865 -61.68 59.01 -85.68
CA LEU D 865 -60.79 60.13 -85.93
C LEU D 865 -60.35 60.79 -84.62
N MET D 866 -61.23 60.81 -83.62
CA MET D 866 -60.84 61.35 -82.31
C MET D 866 -59.68 60.56 -81.71
N ASN D 867 -59.78 59.23 -81.75
CA ASN D 867 -58.70 58.39 -81.22
C ASN D 867 -57.45 58.51 -82.07
N GLY D 868 -57.60 58.71 -83.38
CA GLY D 868 -56.44 58.95 -84.22
C GLY D 868 -55.74 60.25 -83.88
N ILE D 869 -56.50 61.30 -83.61
CA ILE D 869 -55.92 62.59 -83.25
C ILE D 869 -55.23 62.52 -81.90
N ARG D 870 -55.87 61.85 -80.92
CA ARG D 870 -55.34 61.87 -79.56
C ARG D 870 -53.99 61.18 -79.47
N ILE D 871 -53.74 60.20 -80.35
CA ILE D 871 -52.46 59.50 -80.34
C ILE D 871 -51.41 60.17 -81.22
N GLY D 872 -51.78 61.22 -81.95
CA GLY D 872 -50.85 61.94 -82.79
C GLY D 872 -50.87 61.57 -84.26
N LEU D 873 -51.73 60.65 -84.66
CA LEU D 873 -51.80 60.28 -86.08
C LEU D 873 -52.26 61.45 -86.94
N ILE D 874 -53.24 62.21 -86.46
CA ILE D 874 -53.75 63.38 -87.16
C ILE D 874 -53.48 64.61 -86.30
N ASP D 875 -52.84 65.61 -86.88
CA ASP D 875 -52.51 66.84 -86.16
C ASP D 875 -53.13 68.08 -86.79
N GLU D 876 -53.24 68.13 -88.12
CA GLU D 876 -53.86 69.26 -88.77
C GLU D 876 -55.38 69.12 -88.77
N PHE D 877 -56.06 70.25 -89.01
CA PHE D 877 -57.52 70.31 -89.02
C PHE D 877 -57.96 70.88 -90.36
N THR D 878 -58.13 70.00 -91.34
CA THR D 878 -58.51 70.42 -92.68
C THR D 878 -59.96 70.89 -92.68
N PRO D 879 -60.35 71.69 -93.68
CA PRO D 879 -61.76 72.13 -93.75
C PRO D 879 -62.75 70.99 -93.76
N GLU D 880 -62.46 69.88 -94.42
CA GLU D 880 -63.32 68.71 -94.32
C GLU D 880 -63.27 68.10 -92.92
N HIS D 881 -62.06 67.97 -92.36
CA HIS D 881 -61.93 67.50 -90.98
C HIS D 881 -62.56 68.48 -90.01
N GLU D 882 -62.40 69.78 -90.24
CA GLU D 882 -63.05 70.77 -89.40
C GLU D 882 -64.56 70.67 -89.48
N GLU D 883 -65.11 70.44 -90.68
CA GLU D 883 -66.55 70.26 -90.82
C GLU D 883 -67.04 69.00 -90.10
N LEU D 884 -66.28 67.91 -90.20
CA LEU D 884 -66.65 66.69 -89.48
C LEU D 884 -66.59 66.89 -87.97
N ILE D 885 -65.58 67.61 -87.48
CA ILE D 885 -65.49 67.89 -86.05
C ILE D 885 -66.62 68.81 -85.60
N ILE D 886 -66.99 69.78 -86.44
CA ILE D 886 -68.14 70.63 -86.12
C ILE D 886 -69.42 69.81 -86.11
N GLU D 887 -69.54 68.83 -87.00
CA GLU D 887 -70.69 67.92 -86.97
C GLU D 887 -70.73 67.12 -85.67
N TYR D 888 -69.58 66.62 -85.24
CA TYR D 888 -69.49 65.91 -83.97
C TYR D 888 -69.91 66.82 -82.81
N LEU D 889 -69.39 68.05 -82.80
CA LEU D 889 -69.75 69.01 -81.77
C LEU D 889 -71.24 69.35 -81.80
N GLU D 890 -71.82 69.45 -83.00
CA GLU D 890 -73.24 69.76 -83.11
C GLU D 890 -74.12 68.62 -82.66
N THR D 891 -73.74 67.38 -82.96
CA THR D 891 -74.46 66.23 -82.43
C THR D 891 -74.38 66.20 -80.91
N ARG D 892 -73.18 66.43 -80.37
CA ARG D 892 -73.03 66.47 -78.91
C ARG D 892 -73.84 67.61 -78.31
N LYS D 893 -73.90 68.75 -78.98
CA LYS D 893 -74.67 69.88 -78.47
C LYS D 893 -76.17 69.63 -78.55
N VAL D 894 -76.63 68.92 -79.59
CA VAL D 894 -78.03 68.52 -79.64
C VAL D 894 -78.37 67.59 -78.48
N ASN D 895 -77.49 66.62 -78.23
CA ASN D 895 -77.68 65.75 -77.07
C ASN D 895 -77.68 66.54 -75.78
N TYR D 896 -76.79 67.53 -75.65
CA TYR D 896 -76.72 68.34 -74.45
C TYR D 896 -77.97 69.19 -74.28
N ILE D 897 -78.51 69.73 -75.37
CA ILE D 897 -79.73 70.53 -75.28
C ILE D 897 -80.89 69.66 -74.84
N VAL D 898 -81.01 68.46 -75.42
CA VAL D 898 -82.07 67.55 -74.99
C VAL D 898 -81.89 67.16 -73.53
N GLU D 899 -80.63 66.97 -73.10
CA GLU D 899 -80.37 66.62 -71.71
C GLU D 899 -80.75 67.76 -70.77
N LYS D 900 -80.42 69.00 -71.13
CA LYS D 900 -80.79 70.15 -70.33
C LYS D 900 -82.30 70.30 -70.25
N GLU D 901 -83.00 70.01 -71.35
CA GLU D 901 -84.46 69.95 -71.30
C GLU D 901 -84.93 68.88 -70.33
N LYS D 902 -84.27 67.72 -70.34
CA LYS D 902 -84.55 66.67 -69.36
C LYS D 902 -83.94 66.98 -67.99
N GLY D 903 -82.86 67.74 -67.95
CA GLY D 903 -82.12 67.94 -66.71
C GLY D 903 -80.95 67.00 -66.52
N ILE D 904 -80.59 66.23 -67.54
CA ILE D 904 -79.51 65.26 -67.44
C ILE D 904 -78.21 65.92 -67.89
N GLN D 905 -77.09 65.34 -67.47
CA GLN D 905 -75.76 65.79 -67.88
C GLN D 905 -74.88 64.57 -68.09
N THR D 906 -74.47 64.34 -69.34
CA THR D 906 -73.66 63.18 -69.70
C THR D 906 -72.27 63.62 -70.14
N PHE D 907 -71.28 62.85 -69.75
CA PHE D 907 -69.88 63.11 -70.10
C PHE D 907 -69.33 61.92 -70.89
N SER D 908 -68.64 62.21 -71.99
CA SER D 908 -68.01 61.15 -72.76
C SER D 908 -66.89 60.50 -71.95
N SER D 909 -66.66 59.22 -72.22
CA SER D 909 -65.59 58.50 -71.53
C SER D 909 -64.25 59.19 -71.72
N ASN D 910 -63.89 59.47 -72.97
CA ASN D 910 -62.80 60.39 -73.26
C ASN D 910 -63.39 61.79 -73.43
N ASP D 911 -62.95 62.73 -72.59
CA ASP D 911 -63.54 64.05 -72.58
C ASP D 911 -63.14 64.81 -73.84
N TYR D 912 -63.72 64.43 -74.98
CA TYR D 912 -63.34 65.01 -76.25
C TYR D 912 -63.68 66.48 -76.35
N MET D 913 -64.66 66.97 -75.59
CA MET D 913 -64.89 68.41 -75.53
C MET D 913 -63.74 69.12 -74.83
N SER D 914 -63.19 68.49 -73.79
CA SER D 914 -62.00 69.04 -73.14
C SER D 914 -60.80 69.02 -74.08
N THR D 915 -60.63 67.94 -74.86
CA THR D 915 -59.56 67.91 -75.85
C THR D 915 -59.77 68.99 -76.90
N PHE D 916 -61.01 69.22 -77.32
CA PHE D 916 -61.31 70.31 -78.24
C PHE D 916 -60.92 71.65 -77.64
N GLY D 917 -61.23 71.86 -76.36
CA GLY D 917 -60.84 73.11 -75.70
C GLY D 917 -59.33 73.28 -75.65
N ILE D 918 -58.62 72.20 -75.34
CA ILE D 918 -57.16 72.27 -75.28
C ILE D 918 -56.58 72.60 -76.65
N TRP D 919 -57.06 71.91 -77.69
CA TRP D 919 -56.53 72.14 -79.03
C TRP D 919 -56.89 73.53 -79.53
N TYR D 920 -58.12 73.98 -79.24
CA TYR D 920 -58.55 75.29 -79.70
C TYR D 920 -57.82 76.41 -78.96
N PHE D 921 -57.40 76.15 -77.72
CA PHE D 921 -56.55 77.10 -77.03
C PHE D 921 -55.24 77.30 -77.77
N LEU D 922 -54.77 76.28 -78.47
CA LEU D 922 -53.62 76.38 -79.36
C LEU D 922 -54.01 76.79 -80.78
N GLU D 923 -55.27 77.21 -80.96
CA GLU D 923 -55.78 77.68 -82.25
C GLU D 923 -55.64 76.60 -83.32
N GLU D 924 -56.03 75.38 -82.96
CA GLU D 924 -56.04 74.26 -83.89
C GLU D 924 -57.36 74.11 -84.62
N ILE D 925 -58.44 74.68 -84.10
CA ILE D 925 -59.75 74.66 -84.74
C ILE D 925 -60.17 76.11 -84.98
N ASN D 926 -60.55 76.41 -86.21
CA ASN D 926 -60.88 77.78 -86.62
C ASN D 926 -62.33 77.81 -87.09
N ASN D 927 -63.21 78.38 -86.27
CA ASN D 927 -64.61 78.54 -86.60
C ASN D 927 -65.26 79.47 -85.60
N SER D 928 -66.12 80.36 -86.09
CA SER D 928 -66.89 81.23 -85.20
C SER D 928 -67.90 80.44 -84.37
N LYS D 929 -68.34 79.28 -84.86
CA LYS D 929 -69.30 78.47 -84.13
C LYS D 929 -68.74 78.01 -82.78
N MET D 930 -67.42 77.99 -82.64
CA MET D 930 -66.82 77.67 -81.34
C MET D 930 -67.25 78.68 -80.28
N GLU D 931 -67.40 79.95 -80.65
CA GLU D 931 -67.99 80.91 -79.73
C GLU D 931 -69.45 80.59 -79.45
N GLU D 932 -70.18 80.10 -80.45
CA GLU D 932 -71.55 79.65 -80.26
C GLU D 932 -71.63 78.38 -79.43
N PHE D 933 -70.53 77.65 -79.29
CA PHE D 933 -70.49 76.45 -78.45
C PHE D 933 -70.16 76.77 -77.00
N ILE D 934 -69.97 78.04 -76.65
CA ILE D 934 -69.62 78.41 -75.29
C ILE D 934 -70.80 78.12 -74.36
N GLY D 935 -70.52 77.42 -73.26
CA GLY D 935 -71.52 77.18 -72.24
C GLY D 935 -71.74 75.73 -71.85
N MET D 936 -70.95 74.79 -72.37
CA MET D 936 -71.16 73.38 -72.06
C MET D 936 -70.17 72.90 -71.01
N ASP D 937 -68.88 73.05 -71.27
CA ASP D 937 -67.83 72.47 -70.45
C ASP D 937 -67.06 73.58 -69.74
N ASP D 938 -66.77 73.36 -68.45
CA ASP D 938 -66.05 74.37 -67.68
C ASP D 938 -64.65 74.60 -68.23
N GLN D 939 -63.95 73.53 -68.59
CA GLN D 939 -62.61 73.69 -69.18
C GLN D 939 -62.69 74.34 -70.55
N TYR D 940 -63.69 73.97 -71.35
CA TYR D 940 -63.85 74.56 -72.67
C TYR D 940 -64.11 76.06 -72.57
N ASP D 941 -65.03 76.47 -71.69
CA ASP D 941 -65.30 77.90 -71.51
C ASP D 941 -64.09 78.60 -70.89
N PHE D 942 -63.35 77.90 -70.04
CA PHE D 942 -62.16 78.47 -69.42
C PHE D 942 -61.10 78.79 -70.47
N PHE D 943 -60.90 77.89 -71.44
CA PHE D 943 -59.93 78.12 -72.49
C PHE D 943 -60.42 79.06 -73.59
N VAL D 944 -61.71 79.05 -73.91
CA VAL D 944 -62.20 79.86 -75.02
C VAL D 944 -62.42 81.30 -74.60
N ASP D 945 -63.16 81.50 -73.51
CA ASP D 945 -63.51 82.85 -73.04
C ASP D 945 -63.13 82.99 -71.57
N PRO D 946 -61.83 83.11 -71.26
CA PRO D 946 -61.43 83.34 -69.87
C PRO D 946 -61.85 84.69 -69.33
N GLU D 947 -62.18 85.65 -70.20
CA GLU D 947 -62.57 86.98 -69.74
C GLU D 947 -63.86 86.92 -68.93
N ASN D 948 -64.84 86.15 -69.40
CA ASN D 948 -66.13 86.03 -68.72
C ASN D 948 -66.32 84.69 -68.04
N PHE D 949 -65.28 83.87 -67.95
CA PHE D 949 -65.39 82.59 -67.29
C PHE D 949 -65.58 82.76 -65.79
N ASP D 950 -66.40 81.90 -65.20
CA ASP D 950 -66.63 81.89 -63.76
C ASP D 950 -65.51 81.12 -63.10
N TYR D 951 -64.54 81.84 -62.53
CA TYR D 951 -63.38 81.19 -61.93
C TYR D 951 -63.72 80.47 -60.63
N LYS D 952 -64.92 80.68 -60.08
CA LYS D 952 -65.34 79.93 -58.91
C LYS D 952 -65.53 78.45 -59.22
N LYS D 953 -65.67 78.09 -60.50
CA LYS D 953 -65.78 76.69 -60.91
C LYS D 953 -64.42 76.05 -61.18
N PHE D 954 -63.32 76.80 -61.04
CA PHE D 954 -62.00 76.26 -61.31
C PHE D 954 -61.64 75.19 -60.29
N ILE D 955 -61.12 74.08 -60.77
CA ILE D 955 -60.59 72.98 -59.97
C ILE D 955 -59.09 72.86 -60.27
N PRO D 956 -58.21 72.96 -59.27
CA PRO D 956 -56.77 72.93 -59.55
C PRO D 956 -56.31 71.62 -60.19
N SER D 957 -57.13 70.57 -60.11
CA SER D 957 -56.70 69.24 -60.52
C SER D 957 -56.31 69.18 -62.00
N TRP D 958 -57.04 69.87 -62.88
CA TRP D 958 -56.68 69.76 -64.29
C TRP D 958 -55.32 70.40 -64.58
N LEU D 959 -54.81 71.21 -63.66
CA LEU D 959 -53.46 71.74 -63.84
C LEU D 959 -52.44 70.63 -63.88
N LYS D 960 -52.72 69.48 -63.25
CA LYS D 960 -51.81 68.35 -63.31
C LYS D 960 -51.84 67.67 -64.68
N ASN D 961 -52.84 67.95 -65.51
CA ASN D 961 -52.99 67.30 -66.79
C ASN D 961 -52.48 68.15 -67.96
N TYR D 962 -51.77 69.24 -67.69
CA TYR D 962 -51.27 70.11 -68.74
C TYR D 962 -49.76 69.90 -68.94
N ASN D 963 -49.33 70.04 -70.19
CA ASN D 963 -47.92 69.85 -70.52
C ASN D 963 -47.20 71.19 -70.64
N ASP D 964 -45.89 71.11 -70.93
CA ASP D 964 -45.01 72.26 -70.79
C ASP D 964 -45.45 73.42 -71.68
N LYS D 965 -45.70 73.15 -72.96
CA LYS D 965 -46.12 74.21 -73.86
C LYS D 965 -47.47 74.78 -73.45
N LEU D 966 -48.41 73.90 -73.06
CA LEU D 966 -49.71 74.37 -72.61
C LEU D 966 -49.57 75.16 -71.32
N LEU D 967 -48.64 74.78 -70.45
CA LEU D 967 -48.42 75.55 -69.24
C LEU D 967 -47.83 76.93 -69.55
N GLY D 968 -46.91 77.01 -70.50
CA GLY D 968 -46.40 78.31 -70.91
C GLY D 968 -47.49 79.19 -71.48
N LYS D 969 -48.34 78.62 -72.34
CA LYS D 969 -49.43 79.39 -72.92
C LYS D 969 -50.49 79.75 -71.89
N ILE D 970 -50.67 78.89 -70.87
CA ILE D 970 -51.62 79.20 -69.80
C ILE D 970 -51.09 80.34 -68.95
N ALA D 971 -49.76 80.42 -68.79
CA ALA D 971 -49.17 81.54 -68.07
C ALA D 971 -49.27 82.83 -68.86
N GLY D 972 -49.07 82.75 -70.18
CA GLY D 972 -49.00 83.95 -71.00
C GLY D 972 -50.29 84.73 -71.08
N ASN D 973 -51.41 84.17 -70.64
CA ASN D 973 -52.70 84.82 -70.81
C ASN D 973 -52.83 86.04 -69.89
N LYS D 974 -53.79 86.90 -70.20
CA LYS D 974 -53.93 88.17 -69.49
C LYS D 974 -55.02 88.16 -68.41
N HIS D 975 -55.96 87.22 -68.46
CA HIS D 975 -57.06 87.18 -67.50
C HIS D 975 -56.78 86.25 -66.33
N MET D 976 -56.55 84.97 -66.63
CA MET D 976 -56.46 83.93 -65.62
C MET D 976 -55.13 83.92 -64.88
N LYS D 977 -54.22 84.85 -65.20
CA LYS D 977 -52.97 84.96 -64.46
C LYS D 977 -53.22 85.12 -62.97
N HIS D 978 -53.83 86.24 -62.58
CA HIS D 978 -53.98 86.58 -61.17
C HIS D 978 -54.83 85.55 -60.44
N HIS D 979 -55.91 85.10 -61.09
CA HIS D 979 -56.80 84.13 -60.47
C HIS D 979 -56.08 82.81 -60.22
N VAL D 980 -55.26 82.37 -61.18
CA VAL D 980 -54.51 81.14 -60.96
C VAL D 980 -53.46 81.32 -59.86
N ILE D 981 -52.81 82.48 -59.80
CA ILE D 981 -51.89 82.73 -58.68
C ILE D 981 -52.63 82.61 -57.36
N GLU D 982 -53.81 83.22 -57.26
CA GLU D 982 -54.58 83.15 -56.02
C GLU D 982 -54.94 81.71 -55.67
N VAL D 983 -55.49 80.97 -56.63
CA VAL D 983 -55.97 79.63 -56.34
C VAL D 983 -54.81 78.72 -55.97
N LEU D 984 -53.69 78.83 -56.68
CA LEU D 984 -52.56 77.95 -56.39
C LEU D 984 -51.85 78.34 -55.10
N LYS D 985 -51.85 79.62 -54.73
CA LYS D 985 -51.38 79.99 -53.40
C LYS D 985 -52.25 79.35 -52.32
N GLU D 986 -53.57 79.41 -52.52
CA GLU D 986 -54.47 78.68 -51.64
C GLU D 986 -54.14 77.19 -51.63
N ARG D 987 -53.73 76.65 -52.78
CA ARG D 987 -53.47 75.23 -52.87
C ARG D 987 -52.27 74.87 -52.01
N VAL D 988 -51.16 75.60 -52.20
CA VAL D 988 -49.92 75.29 -51.50
C VAL D 988 -50.05 75.58 -50.01
N LYS D 989 -50.92 76.52 -49.64
CA LYS D 989 -51.10 76.82 -48.22
C LYS D 989 -51.56 75.59 -47.45
N ASN D 990 -52.24 74.65 -48.13
CA ASN D 990 -52.93 73.57 -47.46
C ASN D 990 -52.44 72.18 -47.88
N SER D 991 -51.22 72.06 -48.39
CA SER D 991 -50.76 70.75 -48.86
C SER D 991 -49.24 70.68 -48.92
N ASN D 992 -48.74 69.45 -48.97
CA ASN D 992 -47.34 69.16 -49.26
C ASN D 992 -47.13 68.63 -50.67
N ASP D 993 -48.13 68.77 -51.55
CA ASP D 993 -48.06 68.25 -52.91
C ASP D 993 -46.91 68.88 -53.68
N LYS D 994 -45.93 68.06 -54.06
CA LYS D 994 -44.71 68.59 -54.69
C LYS D 994 -44.93 68.96 -56.14
N ARG D 995 -45.81 68.26 -56.86
CA ARG D 995 -46.09 68.62 -58.25
C ARG D 995 -46.65 70.03 -58.35
N TYR D 996 -47.60 70.36 -57.49
CA TYR D 996 -48.18 71.71 -57.50
C TYR D 996 -47.11 72.75 -57.25
N LEU D 997 -46.34 72.62 -56.17
CA LEU D 997 -45.35 73.63 -55.83
C LEU D 997 -44.31 73.76 -56.93
N GLU D 998 -43.91 72.63 -57.54
CA GLU D 998 -43.04 72.70 -58.70
C GLU D 998 -43.66 73.54 -59.80
N ILE D 999 -44.96 73.35 -60.03
CA ILE D 999 -45.65 74.12 -61.07
C ILE D 999 -45.58 75.61 -60.78
N LEU D 1000 -45.78 76.00 -59.52
CA LEU D 1000 -45.59 77.41 -59.18
C LEU D 1000 -44.16 77.88 -59.46
N MET D 1001 -43.16 77.19 -58.92
CA MET D 1001 -41.80 77.74 -58.99
C MET D 1001 -41.32 77.84 -60.43
N ASN D 1002 -41.50 76.78 -61.22
CA ASN D 1002 -40.86 76.74 -62.52
C ASN D 1002 -41.57 77.65 -63.53
N TYR D 1003 -42.91 77.64 -63.54
CA TYR D 1003 -43.64 78.45 -64.52
C TYR D 1003 -44.19 79.75 -63.95
N PHE D 1004 -45.05 79.69 -62.94
CA PHE D 1004 -45.76 80.89 -62.52
C PHE D 1004 -44.86 81.85 -61.75
N ILE D 1005 -43.96 81.33 -60.93
CA ILE D 1005 -43.03 82.18 -60.20
C ILE D 1005 -41.79 82.39 -61.03
#